data_7UTR
#
_entry.id   7UTR
#
_cell.length_a   1.00
_cell.length_b   1.00
_cell.length_c   1.00
_cell.angle_alpha   90.00
_cell.angle_beta   90.00
_cell.angle_gamma   90.00
#
_symmetry.space_group_name_H-M   'P 1'
#
loop_
_entity.id
_entity.type
_entity.pdbx_description
1 polymer 'Capsid protein VP1'
2 polymer 'Light chain antibody fragment'
3 polymer 'Heavy chain antibody fragment'
#
loop_
_entity_poly.entity_id
_entity_poly.type
_entity_poly.pdbx_seq_one_letter_code
_entity_poly.pdbx_strand_id
1 'polypeptide(L)'
;GVGISTGTFNNQTEFKFLENGWVEITANSSRLVHLNMPESENYRRVVVNNMDKTAVNGNMALDDIHAQIVTPWSLVDANA
WGVWFNPGDWQLIVNTMSELHLVSFEQEIFNVVLKTVSESATQPPTKVYNNDLTASLMVALDSNNTMPFTPAAMRSETLG
FYPWKPTIPTPWRYYFQWDRTLIPSHTGTSGTPTNIYHGTDPDDVQFYTIENSVPVHLLRTGDEFATGTFFFDCKPCRLT
HTWQTNRALGLPPFLNSLPQSEGATNFGDIGVQQDKRRGVTQMGNTNYITEATIMRPAEVGYSAPYYSFEASTQGPFKTP
IAAGRGGAQTDENQAADGNPRYAFGRQHGQKTTTTGETPERFTYIAHQDTGRYPEGDWIQNINFNLPVTNDNVLLPTDPI
GGKTGINYTNIFNTYGPLTALNNVPPVYPNGQIWDKEFDTDLKPRLHVNAPFVCQNNCPGQLFVKVAPNLTNEYDPDASA
NMSRIVTYSDFWWKGKLVFKAKLRASHTWNPIQQMSINVDNQFNYVPSNIGGMKIVYEKSQLAPRKLY
;
G,A,E,F,C,D,I,B
2 'polypeptide(L)'
;(UNK)(UNK)(UNK)(UNK)(UNK)(UNK)(UNK)(UNK)(UNK)(UNK)(UNK)(UNK)(UNK)(UNK)(UNK)(UNK)
(UNK)(UNK)(UNK)(UNK)(UNK)(UNK)(UNK)(UNK)(UNK)(UNK)(UNK)(UNK)(UNK)(UNK)(UNK)(UNK)
(UNK)(UNK)(UNK)(UNK)(UNK)(UNK)(UNK)(UNK)(UNK)(UNK)(UNK)(UNK)(UNK)(UNK)(UNK)(UNK)
(UNK)(UNK)(UNK)(UNK)(UNK)(UNK)(UNK)(UNK)(UNK)(UNK)(UNK)(UNK)(UNK)(UNK)(UNK)(UNK)
(UNK)(UNK)(UNK)(UNK)(UNK)(UNK)(UNK)(UNK)(UNK)(UNK)(UNK)(UNK)(UNK)(UNK)(UNK)(UNK)
(UNK)(UNK)(UNK)(UNK)(UNK)(UNK)(UNK)(UNK)(UNK)(UNK)(UNK)(UNK)(UNK)(UNK)(UNK)
;
L
3 'polypeptide(L)'
;(UNK)(UNK)(UNK)(UNK)(UNK)(UNK)(UNK)(UNK)(UNK)(UNK)(UNK)(UNK)(UNK)(UNK)(UNK)(UNK)
(UNK)(UNK)(UNK)(UNK)(UNK)(UNK)(UNK)(UNK)(UNK)(UNK)(UNK)(UNK)(UNK)(UNK)(UNK)(UNK)
(UNK)(UNK)(UNK)(UNK)(UNK)(UNK)(UNK)(UNK)(UNK)(UNK)(UNK)(UNK)(UNK)(UNK)(UNK)(UNK)
(UNK)(UNK)(UNK)(UNK)(UNK)(UNK)(UNK)(UNK)(UNK)(UNK)(UNK)(UNK)(UNK)(UNK)(UNK)(UNK)
(UNK)(UNK)(UNK)(UNK)(UNK)(UNK)(UNK)(UNK)(UNK)(UNK)(UNK)(UNK)(UNK)(UNK)(UNK)(UNK)
(UNK)(UNK)(UNK)(UNK)(UNK)(UNK)(UNK)(UNK)(UNK)(UNK)(UNK)(UNK)(UNK)(UNK)(UNK)(UNK)
(UNK)(UNK)(UNK)(UNK)(UNK)(UNK)(UNK)(UNK)(UNK)(UNK)(UNK)
;
H
#
# COMPACT_ATOMS: atom_id res chain seq x y z
N GLY A 1 -47.87 36.15 41.56
CA GLY A 1 -48.98 35.51 42.33
C GLY A 1 -49.24 34.08 41.90
N VAL A 2 -49.38 33.18 42.89
CA VAL A 2 -49.59 31.77 42.60
C VAL A 2 -50.93 31.53 41.93
N GLY A 3 -51.91 32.41 42.15
CA GLY A 3 -53.25 32.17 41.63
C GLY A 3 -53.44 32.46 40.16
N ILE A 4 -52.48 33.09 39.49
CA ILE A 4 -52.71 33.54 38.12
C ILE A 4 -52.69 32.33 37.20
N SER A 5 -53.80 32.10 36.50
CA SER A 5 -53.83 31.09 35.45
C SER A 5 -52.88 31.49 34.35
N THR A 6 -52.17 30.49 33.79
CA THR A 6 -50.99 30.73 32.98
C THR A 6 -51.06 30.00 31.63
N GLY A 7 -52.26 29.80 31.09
CA GLY A 7 -52.42 29.20 29.78
C GLY A 7 -53.88 29.07 29.37
N THR A 8 -54.15 29.06 28.08
CA THR A 8 -55.50 29.06 27.53
C THR A 8 -55.79 27.78 26.76
N PHE A 9 -56.92 27.17 27.05
CA PHE A 9 -57.42 26.03 26.29
C PHE A 9 -57.63 26.45 24.84
N ASN A 10 -57.34 25.53 23.92
CA ASN A 10 -57.63 25.76 22.52
C ASN A 10 -57.72 24.41 21.82
N ASN A 11 -58.84 24.16 21.15
CA ASN A 11 -59.03 22.97 20.35
C ASN A 11 -59.65 23.29 19.00
N GLN A 12 -59.46 24.52 18.52
CA GLN A 12 -60.05 24.93 17.24
C GLN A 12 -59.16 24.49 16.11
N THR A 13 -59.74 23.79 15.13
CA THR A 13 -59.01 23.35 13.94
C THR A 13 -59.04 24.49 12.94
N GLU A 14 -57.91 25.19 12.83
CA GLU A 14 -57.78 26.27 11.88
C GLU A 14 -57.65 25.72 10.47
N PHE A 15 -58.10 26.50 9.50
CA PHE A 15 -57.87 26.20 8.08
C PHE A 15 -57.51 27.52 7.39
N LYS A 16 -56.23 27.71 7.12
CA LYS A 16 -55.73 28.88 6.41
C LYS A 16 -55.39 28.48 4.99
N PHE A 17 -55.73 29.36 4.04
CA PHE A 17 -55.67 29.08 2.62
C PHE A 17 -54.59 29.92 1.99
N LEU A 18 -53.68 29.29 1.26
CA LEU A 18 -52.50 29.92 0.69
C LEU A 18 -52.63 30.04 -0.82
N GLU A 19 -51.64 30.69 -1.43
CA GLU A 19 -51.57 30.81 -2.88
C GLU A 19 -51.38 29.44 -3.52
N ASN A 20 -51.89 29.32 -4.75
CA ASN A 20 -51.77 28.10 -5.56
C ASN A 20 -52.41 26.90 -4.88
N GLY A 21 -53.49 27.13 -4.14
CA GLY A 21 -54.35 26.05 -3.72
C GLY A 21 -53.88 25.20 -2.57
N TRP A 22 -52.71 25.49 -1.99
CA TRP A 22 -52.32 24.83 -0.76
C TRP A 22 -53.06 25.45 0.42
N VAL A 23 -53.42 24.60 1.39
CA VAL A 23 -54.12 25.04 2.60
C VAL A 23 -53.37 24.52 3.82
N GLU A 24 -53.15 25.40 4.79
CA GLU A 24 -52.48 25.05 6.04
C GLU A 24 -53.53 24.62 7.05
N ILE A 25 -53.80 23.33 7.07
CA ILE A 25 -54.56 22.77 8.18
C ILE A 25 -53.70 22.89 9.42
N THR A 26 -54.32 23.25 10.54
CA THR A 26 -53.55 23.47 11.77
C THR A 26 -54.45 23.18 12.96
N ALA A 27 -54.27 22.01 13.55
CA ALA A 27 -55.09 21.57 14.66
C ALA A 27 -54.41 21.93 15.96
N ASN A 28 -55.01 22.84 16.71
CA ASN A 28 -54.74 22.94 18.13
C ASN A 28 -55.52 21.83 18.83
N SER A 29 -54.99 21.37 19.94
CA SER A 29 -55.66 20.32 20.71
C SER A 29 -55.34 20.55 22.18
N SER A 30 -56.32 20.29 23.05
CA SER A 30 -56.16 20.50 24.47
C SER A 30 -56.96 19.46 25.24
N ARG A 31 -56.41 19.02 26.36
CA ARG A 31 -57.08 18.05 27.21
C ARG A 31 -56.60 18.23 28.65
N LEU A 32 -57.44 17.80 29.58
CA LEU A 32 -57.04 17.66 30.98
C LEU A 32 -56.43 16.28 31.20
N VAL A 33 -55.26 16.25 31.82
CA VAL A 33 -54.51 15.02 32.08
C VAL A 33 -54.43 14.82 33.57
N HIS A 34 -54.80 13.63 34.03
CA HIS A 34 -54.77 13.25 35.43
C HIS A 34 -53.65 12.25 35.63
N LEU A 35 -52.69 12.60 36.49
CA LEU A 35 -51.52 11.78 36.79
C LEU A 35 -51.61 11.38 38.26
N ASN A 36 -51.71 10.08 38.51
CA ASN A 36 -51.63 9.56 39.86
C ASN A 36 -50.18 9.28 40.20
N MET A 37 -49.90 9.21 41.49
CA MET A 37 -48.56 8.92 41.95
C MET A 37 -48.15 7.52 41.49
N PRO A 38 -46.87 7.28 41.16
CA PRO A 38 -46.50 5.94 40.69
C PRO A 38 -46.51 4.95 41.84
N GLU A 39 -47.22 3.83 41.64
CA GLU A 39 -47.26 2.81 42.67
C GLU A 39 -45.89 2.21 42.91
N SER A 40 -45.19 1.87 41.83
CA SER A 40 -43.81 1.43 41.94
C SER A 40 -42.93 2.62 42.29
N GLU A 41 -42.21 2.49 43.41
CA GLU A 41 -41.35 3.58 43.84
C GLU A 41 -40.20 3.80 42.88
N ASN A 42 -39.68 2.73 42.26
CA ASN A 42 -38.39 2.75 41.60
C ASN A 42 -38.44 1.90 40.34
N TYR A 43 -37.39 2.05 39.52
CA TYR A 43 -37.24 1.25 38.31
C TYR A 43 -37.26 -0.23 38.63
N ARG A 44 -37.78 -1.02 37.70
CA ARG A 44 -38.22 -2.38 37.99
C ARG A 44 -38.09 -3.23 36.74
N ARG A 45 -37.24 -4.24 36.78
CA ARG A 45 -37.22 -5.27 35.75
C ARG A 45 -38.33 -6.29 36.01
N VAL A 46 -38.90 -6.81 34.93
CA VAL A 46 -39.84 -7.92 35.02
C VAL A 46 -39.64 -8.78 33.79
N VAL A 47 -39.80 -10.09 33.96
CA VAL A 47 -39.93 -11.02 32.84
C VAL A 47 -41.32 -11.63 32.92
N VAL A 48 -42.05 -11.56 31.82
CA VAL A 48 -43.41 -12.07 31.71
C VAL A 48 -43.31 -13.44 31.07
N ASN A 49 -44.09 -14.39 31.58
CA ASN A 49 -44.01 -15.76 31.06
C ASN A 49 -45.35 -16.43 31.24
N ASN A 50 -46.09 -16.56 30.14
CA ASN A 50 -47.37 -17.27 30.11
C ASN A 50 -47.15 -18.72 29.71
N MET A 51 -46.37 -19.43 30.51
CA MET A 51 -45.87 -20.76 30.17
C MET A 51 -47.01 -21.74 29.92
N ASP A 52 -47.98 -21.81 30.84
CA ASP A 52 -49.07 -22.75 30.66
C ASP A 52 -49.91 -22.42 29.43
N LYS A 53 -50.17 -21.14 29.19
CA LYS A 53 -51.07 -20.76 28.10
C LYS A 53 -50.50 -21.07 26.72
N THR A 54 -49.21 -21.36 26.60
CA THR A 54 -48.59 -21.76 25.34
C THR A 54 -47.89 -23.12 25.40
N ALA A 55 -47.89 -23.80 26.55
CA ALA A 55 -47.27 -25.11 26.64
C ALA A 55 -48.15 -26.21 26.06
N VAL A 56 -49.47 -26.05 26.15
CA VAL A 56 -50.38 -26.99 25.51
C VAL A 56 -50.14 -26.93 24.00
N ASN A 57 -49.90 -28.09 23.40
CA ASN A 57 -49.38 -28.16 22.04
C ASN A 57 -50.33 -27.54 21.04
N GLY A 58 -49.77 -26.93 20.00
CA GLY A 58 -50.56 -26.28 18.98
C GLY A 58 -51.03 -24.88 19.32
N ASN A 59 -50.55 -24.29 20.42
CA ASN A 59 -50.90 -22.94 20.84
C ASN A 59 -49.67 -22.03 20.77
N MET A 60 -48.93 -22.12 19.68
CA MET A 60 -47.66 -21.40 19.57
C MET A 60 -47.87 -19.90 19.59
N ALA A 61 -48.89 -19.42 18.89
CA ALA A 61 -49.05 -17.99 18.68
C ALA A 61 -49.41 -17.24 19.97
N LEU A 62 -49.84 -17.93 21.01
CA LEU A 62 -50.19 -17.26 22.25
C LEU A 62 -48.98 -16.82 23.06
N ASP A 63 -47.76 -17.11 22.61
CA ASP A 63 -46.55 -16.82 23.37
C ASP A 63 -46.39 -15.34 23.64
N ASP A 64 -46.15 -15.00 24.90
CA ASP A 64 -45.98 -13.62 25.35
C ASP A 64 -44.70 -13.40 26.14
N ILE A 65 -43.69 -14.26 25.99
CA ILE A 65 -42.48 -14.08 26.78
C ILE A 65 -41.77 -12.80 26.32
N HIS A 66 -41.45 -11.95 27.27
CA HIS A 66 -40.64 -10.78 27.02
C HIS A 66 -40.13 -10.26 28.35
N ALA A 67 -39.10 -9.43 28.28
CA ALA A 67 -38.52 -8.79 29.44
C ALA A 67 -38.57 -7.28 29.23
N GLN A 68 -38.97 -6.58 30.28
CA GLN A 68 -39.28 -5.16 30.17
C GLN A 68 -38.91 -4.48 31.48
N ILE A 69 -38.51 -3.21 31.36
CA ILE A 69 -38.24 -2.35 32.51
C ILE A 69 -39.45 -1.45 32.66
N VAL A 70 -40.05 -1.46 33.84
CA VAL A 70 -41.19 -0.60 34.15
C VAL A 70 -40.72 0.42 35.16
N THR A 71 -41.17 1.65 34.98
CA THR A 71 -40.52 2.85 35.48
C THR A 71 -41.49 3.68 36.29
N PRO A 72 -41.00 4.62 37.10
CA PRO A 72 -41.93 5.53 37.77
C PRO A 72 -42.52 6.60 36.87
N TRP A 73 -42.06 6.72 35.63
CA TRP A 73 -42.51 7.78 34.74
C TRP A 73 -43.73 7.34 33.92
N SER A 74 -44.37 8.32 33.29
CA SER A 74 -45.52 8.09 32.43
C SER A 74 -45.42 9.00 31.22
N LEU A 75 -46.06 8.57 30.13
CA LEU A 75 -45.88 9.16 28.80
C LEU A 75 -47.18 9.81 28.35
N VAL A 76 -47.07 10.97 27.72
CA VAL A 76 -48.20 11.83 27.37
C VAL A 76 -48.34 11.88 25.84
N ASP A 77 -48.10 10.74 25.19
CA ASP A 77 -48.03 10.67 23.73
C ASP A 77 -49.33 11.12 23.08
N ALA A 78 -49.21 11.97 22.07
CA ALA A 78 -50.32 12.48 21.28
C ALA A 78 -50.30 11.97 19.84
N ASN A 79 -49.55 10.92 19.56
CA ASN A 79 -49.29 10.49 18.18
C ASN A 79 -50.41 9.61 17.64
N ALA A 80 -51.59 10.22 17.47
CA ALA A 80 -52.70 9.53 16.83
C ALA A 80 -53.69 10.57 16.33
N TRP A 81 -54.35 10.26 15.20
CA TRP A 81 -55.16 11.26 14.52
C TRP A 81 -56.35 11.70 15.37
N GLY A 82 -56.91 10.78 16.16
CA GLY A 82 -58.07 11.11 16.97
C GLY A 82 -57.80 12.17 18.02
N VAL A 83 -56.53 12.37 18.41
CA VAL A 83 -56.19 13.38 19.38
C VAL A 83 -56.30 14.79 18.82
N TRP A 84 -56.42 14.95 17.51
CA TRP A 84 -56.25 16.25 16.86
C TRP A 84 -57.44 16.68 16.03
N PHE A 85 -58.09 15.76 15.32
CA PHE A 85 -59.19 16.07 14.42
C PHE A 85 -60.47 15.41 14.91
N ASN A 86 -61.55 16.18 14.96
CA ASN A 86 -62.87 15.64 15.22
C ASN A 86 -63.38 14.99 13.95
N PRO A 87 -64.55 14.34 13.99
CA PRO A 87 -65.07 13.73 12.75
C PRO A 87 -65.35 14.73 11.64
N GLY A 88 -65.80 15.94 11.96
CA GLY A 88 -66.07 16.91 10.92
C GLY A 88 -64.80 17.37 10.24
N ASP A 89 -63.75 17.62 11.02
CA ASP A 89 -62.47 18.01 10.44
C ASP A 89 -61.94 16.93 9.51
N TRP A 90 -62.03 15.68 9.96
CA TRP A 90 -61.58 14.57 9.13
C TRP A 90 -62.41 14.48 7.86
N GLN A 91 -63.71 14.75 7.97
CA GLN A 91 -64.56 14.73 6.78
C GLN A 91 -64.09 15.76 5.77
N LEU A 92 -63.86 16.98 6.21
CA LEU A 92 -63.41 18.02 5.28
C LEU A 92 -62.06 17.67 4.69
N ILE A 93 -61.15 17.14 5.51
CA ILE A 93 -59.80 16.81 5.06
C ILE A 93 -59.85 15.73 3.98
N VAL A 94 -60.50 14.60 4.28
CA VAL A 94 -60.47 13.51 3.31
C VAL A 94 -61.30 13.85 2.09
N ASN A 95 -62.39 14.61 2.25
CA ASN A 95 -63.28 14.86 1.13
C ASN A 95 -62.84 16.00 0.24
N THR A 96 -61.81 16.77 0.63
CA THR A 96 -61.34 17.88 -0.19
C THR A 96 -59.85 17.84 -0.52
N MET A 97 -59.02 17.38 0.41
CA MET A 97 -57.58 17.37 0.19
C MET A 97 -57.16 16.17 -0.65
N SER A 98 -56.02 16.28 -1.31
CA SER A 98 -55.42 15.19 -2.06
C SER A 98 -54.07 14.79 -1.48
N GLU A 99 -53.11 15.71 -1.53
CA GLU A 99 -51.80 15.49 -0.94
C GLU A 99 -51.77 16.14 0.44
N LEU A 100 -50.96 15.58 1.33
CA LEU A 100 -50.86 16.06 2.70
C LEU A 100 -49.42 15.99 3.19
N HIS A 101 -48.94 17.08 3.75
CA HIS A 101 -47.59 17.22 4.29
C HIS A 101 -47.69 17.49 5.78
N LEU A 102 -47.00 16.69 6.58
CA LEU A 102 -46.88 16.94 8.00
C LEU A 102 -45.75 17.94 8.23
N VAL A 103 -46.09 19.11 8.78
CA VAL A 103 -45.16 20.23 8.79
C VAL A 103 -44.45 20.37 10.13
N SER A 104 -45.19 20.64 11.20
CA SER A 104 -44.56 20.98 12.47
C SER A 104 -45.49 20.66 13.62
N PHE A 105 -44.92 20.61 14.82
CA PHE A 105 -45.59 20.06 16.00
C PHE A 105 -45.01 20.69 17.25
N GLU A 106 -45.86 20.90 18.25
CA GLU A 106 -45.38 21.41 19.52
C GLU A 106 -46.37 21.11 20.62
N GLN A 107 -45.89 21.14 21.86
CA GLN A 107 -46.65 20.80 23.05
C GLN A 107 -46.30 21.74 24.18
N GLU A 108 -47.24 21.91 25.10
CA GLU A 108 -46.95 22.60 26.35
C GLU A 108 -47.85 22.05 27.44
N ILE A 109 -47.43 22.23 28.68
CA ILE A 109 -48.20 21.88 29.87
C ILE A 109 -48.38 23.15 30.68
N PHE A 110 -49.59 23.37 31.18
CA PHE A 110 -49.88 24.53 32.01
C PHE A 110 -50.98 24.23 33.00
N ASN A 111 -51.14 25.15 33.95
CA ASN A 111 -52.22 25.13 34.94
C ASN A 111 -52.21 23.84 35.76
N VAL A 112 -51.01 23.35 36.06
CA VAL A 112 -50.89 22.16 36.89
C VAL A 112 -51.38 22.45 38.30
N VAL A 113 -52.06 21.47 38.88
CA VAL A 113 -52.44 21.50 40.29
C VAL A 113 -52.07 20.15 40.90
N LEU A 114 -51.72 20.16 42.18
CA LEU A 114 -51.30 18.96 42.90
C LEU A 114 -52.00 18.90 44.24
N LYS A 115 -52.45 17.70 44.61
CA LYS A 115 -53.28 17.48 45.78
C LYS A 115 -52.78 16.29 46.58
N THR A 116 -53.00 16.36 47.89
CA THR A 116 -52.71 15.28 48.82
C THR A 116 -53.99 14.89 49.55
N VAL A 117 -54.31 13.61 49.53
CA VAL A 117 -55.52 13.08 50.12
C VAL A 117 -55.20 12.51 51.50
N SER A 118 -56.24 12.39 52.33
CA SER A 118 -56.12 11.84 53.67
C SER A 118 -57.48 11.29 54.09
N GLU A 119 -57.50 10.64 55.24
CA GLU A 119 -58.76 10.20 55.84
C GLU A 119 -59.56 11.39 56.37
N THR A 126 -64.33 9.11 56.21
CA THR A 126 -64.46 9.51 54.79
C THR A 126 -63.24 10.31 54.35
N LYS A 127 -62.94 10.25 53.06
CA LYS A 127 -61.73 10.85 52.53
C LYS A 127 -61.81 12.36 52.54
N VAL A 128 -60.63 12.98 52.45
CA VAL A 128 -60.47 14.43 52.38
C VAL A 128 -59.45 14.71 51.28
N TYR A 129 -59.67 15.80 50.54
CA TYR A 129 -58.77 16.25 49.48
C TYR A 129 -58.22 17.62 49.84
N ASN A 130 -56.90 17.75 49.75
CA ASN A 130 -56.19 18.95 50.19
C ASN A 130 -55.18 19.36 49.15
N ASN A 131 -55.02 20.67 48.97
CA ASN A 131 -54.00 21.19 48.09
C ASN A 131 -52.65 21.20 48.81
N ASP A 132 -51.58 21.01 48.02
CA ASP A 132 -50.20 21.10 48.49
C ASP A 132 -49.48 21.99 47.49
N LEU A 133 -49.33 23.27 47.83
CA LEU A 133 -48.71 24.20 46.91
C LEU A 133 -47.22 23.94 46.73
N THR A 134 -46.60 23.14 47.60
CA THR A 134 -45.17 22.87 47.53
C THR A 134 -44.82 21.69 46.63
N ALA A 135 -45.78 20.81 46.33
CA ALA A 135 -45.49 19.64 45.51
C ALA A 135 -45.19 20.06 44.08
N SER A 136 -44.58 19.14 43.32
CA SER A 136 -44.14 19.43 41.97
C SER A 136 -44.36 18.24 41.05
N LEU A 137 -44.97 18.53 39.91
CA LEU A 137 -44.87 17.65 38.76
C LEU A 137 -43.45 17.71 38.20
N MET A 138 -42.93 16.56 37.80
CA MET A 138 -41.68 16.45 37.08
C MET A 138 -42.02 16.27 35.61
N VAL A 139 -41.28 16.98 34.74
CA VAL A 139 -41.50 16.93 33.30
C VAL A 139 -40.15 16.84 32.62
N ALA A 140 -40.04 15.98 31.60
CA ALA A 140 -38.84 15.84 30.81
C ALA A 140 -39.22 15.60 29.36
N LEU A 141 -38.49 16.22 28.44
CA LEU A 141 -38.68 16.04 27.01
C LEU A 141 -37.38 15.54 26.41
N ASP A 142 -37.44 14.43 25.69
CA ASP A 142 -36.28 13.75 25.13
C ASP A 142 -35.91 14.38 23.79
N SER A 143 -35.26 15.54 23.88
CA SER A 143 -34.99 16.34 22.69
C SER A 143 -34.06 15.66 21.68
N ASN A 144 -33.26 14.67 22.10
CA ASN A 144 -32.34 13.96 21.23
C ASN A 144 -32.77 12.53 20.93
N ASN A 145 -33.96 12.12 21.37
CA ASN A 145 -34.44 10.74 21.20
C ASN A 145 -33.44 9.73 21.77
N THR A 146 -32.94 10.02 22.96
CA THR A 146 -32.08 9.08 23.65
C THR A 146 -32.84 7.81 24.01
N MET A 147 -34.04 7.96 24.54
CA MET A 147 -34.73 6.84 25.18
C MET A 147 -35.29 5.90 24.13
N PRO A 148 -35.71 4.70 24.52
CA PRO A 148 -36.48 3.86 23.60
C PRO A 148 -37.72 4.57 23.11
N PHE A 149 -37.92 4.53 21.80
CA PHE A 149 -39.12 5.11 21.21
C PHE A 149 -40.27 4.14 21.42
N THR A 150 -41.31 4.61 22.07
CA THR A 150 -42.42 3.78 22.53
C THR A 150 -43.73 4.46 22.17
N PRO A 151 -44.13 4.43 20.89
CA PRO A 151 -45.35 5.13 20.50
C PRO A 151 -46.56 4.42 21.08
N ALA A 152 -47.42 5.18 21.73
CA ALA A 152 -48.53 4.59 22.46
C ALA A 152 -49.64 4.09 21.55
N ALA A 153 -49.60 4.39 20.25
CA ALA A 153 -50.71 4.06 19.37
C ALA A 153 -50.91 2.55 19.24
N MET A 154 -49.81 1.80 19.10
CA MET A 154 -49.93 0.39 18.77
C MET A 154 -50.59 -0.42 19.88
N ARG A 155 -50.54 0.04 21.13
CA ARG A 155 -51.32 -0.53 22.22
C ARG A 155 -52.61 0.22 22.48
N SER A 156 -52.91 1.26 21.72
CA SER A 156 -54.03 2.16 21.99
C SER A 156 -53.93 2.72 23.41
N GLU A 157 -52.86 3.48 23.62
CA GLU A 157 -52.61 4.15 24.90
C GLU A 157 -52.29 5.63 24.73
N THR A 158 -52.68 6.23 23.61
CA THR A 158 -52.53 7.67 23.43
C THR A 158 -53.55 8.42 24.29
N LEU A 159 -53.48 9.74 24.24
CA LEU A 159 -54.46 10.58 24.91
C LEU A 159 -55.85 10.28 24.42
N GLY A 160 -56.83 10.49 25.29
CA GLY A 160 -58.22 10.24 24.90
C GLY A 160 -58.66 11.19 23.80
N PHE A 161 -59.46 10.67 22.89
CA PHE A 161 -59.81 11.44 21.70
C PHE A 161 -60.84 12.51 21.97
N TYR A 162 -61.66 12.35 23.00
CA TYR A 162 -62.67 13.35 23.29
C TYR A 162 -62.03 14.57 23.95
N PRO A 163 -62.28 15.80 23.48
CA PRO A 163 -61.64 16.94 24.16
C PRO A 163 -62.12 17.17 25.57
N TRP A 164 -63.42 17.06 25.83
CA TRP A 164 -63.96 17.44 27.12
C TRP A 164 -63.80 16.36 28.19
N LYS A 165 -63.65 15.10 27.81
CA LYS A 165 -63.42 14.06 28.81
C LYS A 165 -61.99 14.16 29.35
N PRO A 166 -61.75 13.92 30.63
CA PRO A 166 -60.36 13.83 31.10
C PRO A 166 -59.65 12.62 30.52
N THR A 167 -58.34 12.60 30.74
CA THR A 167 -57.45 11.56 30.23
C THR A 167 -56.47 11.18 31.32
N ILE A 168 -55.76 10.07 31.11
CA ILE A 168 -54.66 9.65 31.98
C ILE A 168 -53.46 9.32 31.10
N PRO A 169 -52.22 9.60 31.51
CA PRO A 169 -51.08 9.16 30.70
C PRO A 169 -50.71 7.73 31.06
N THR A 170 -50.27 6.98 30.06
CA THR A 170 -49.97 5.58 30.27
C THR A 170 -48.68 5.42 31.09
N PRO A 171 -48.60 4.47 32.02
CA PRO A 171 -47.31 4.21 32.67
C PRO A 171 -46.30 3.70 31.66
N TRP A 172 -45.08 4.22 31.75
CA TRP A 172 -44.07 4.00 30.73
C TRP A 172 -43.24 2.76 31.04
N ARG A 173 -42.85 2.06 29.99
CA ARG A 173 -42.00 0.88 30.11
C ARG A 173 -41.32 0.67 28.77
N TYR A 174 -40.25 -0.12 28.77
CA TYR A 174 -39.54 -0.43 27.53
C TYR A 174 -38.94 -1.82 27.62
N TYR A 175 -38.65 -2.37 26.45
CA TYR A 175 -38.15 -3.73 26.36
C TYR A 175 -36.69 -3.81 26.82
N PHE A 176 -36.42 -4.74 27.74
CA PHE A 176 -35.09 -5.22 28.01
C PHE A 176 -34.79 -6.33 27.00
N GLN A 177 -33.57 -6.87 27.03
CA GLN A 177 -33.22 -7.99 26.16
C GLN A 177 -33.56 -9.31 26.83
N TRP A 178 -33.87 -10.31 26.01
CA TRP A 178 -34.07 -11.66 26.50
C TRP A 178 -33.76 -12.64 25.39
N ASP A 179 -33.46 -13.86 25.80
CA ASP A 179 -33.18 -14.98 24.90
C ASP A 179 -34.23 -16.05 25.15
N ARG A 180 -34.90 -16.48 24.09
CA ARG A 180 -36.05 -17.38 24.24
C ARG A 180 -36.22 -18.19 22.97
N THR A 181 -36.61 -19.45 23.13
CA THR A 181 -36.88 -20.33 22.01
C THR A 181 -38.19 -21.07 22.27
N LEU A 182 -38.88 -21.38 21.18
CA LEU A 182 -40.16 -22.08 21.25
C LEU A 182 -40.29 -22.85 19.94
N ILE A 183 -40.02 -24.15 20.00
CA ILE A 183 -40.12 -24.99 18.81
C ILE A 183 -41.61 -25.23 18.58
N PRO A 184 -42.18 -24.89 17.42
CA PRO A 184 -43.64 -25.01 17.28
C PRO A 184 -44.09 -26.46 17.28
N SER A 185 -45.41 -26.64 17.34
CA SER A 185 -45.99 -27.96 17.43
C SER A 185 -47.41 -27.92 16.86
N HIS A 186 -48.13 -29.01 17.06
CA HIS A 186 -49.56 -29.09 16.73
C HIS A 186 -50.22 -29.98 17.75
N THR A 187 -51.54 -29.84 17.90
CA THR A 187 -52.25 -30.76 18.77
C THR A 187 -52.12 -32.15 18.22
N GLY A 188 -51.70 -33.08 19.08
CA GLY A 188 -51.27 -34.39 18.68
C GLY A 188 -49.78 -34.53 18.44
N THR A 189 -48.99 -33.52 18.71
CA THR A 189 -47.55 -33.71 18.76
C THR A 189 -47.20 -34.65 19.90
N SER A 190 -46.17 -35.47 19.71
CA SER A 190 -45.95 -36.61 20.59
C SER A 190 -45.52 -36.22 22.00
N GLY A 191 -45.02 -35.00 22.20
CA GLY A 191 -44.54 -34.65 23.52
C GLY A 191 -44.31 -33.15 23.63
N THR A 192 -43.68 -32.75 24.72
CA THR A 192 -43.39 -31.34 24.92
C THR A 192 -42.30 -30.91 23.95
N PRO A 193 -42.48 -29.83 23.18
CA PRO A 193 -41.35 -29.28 22.42
C PRO A 193 -40.41 -28.52 23.35
N THR A 194 -39.27 -28.13 22.80
CA THR A 194 -38.38 -27.25 23.53
C THR A 194 -39.04 -25.88 23.66
N ASN A 195 -39.25 -25.43 24.89
CA ASN A 195 -39.95 -24.18 25.16
C ASN A 195 -39.37 -23.62 26.47
N ILE A 196 -38.36 -22.75 26.32
CA ILE A 196 -37.51 -22.36 27.44
C ILE A 196 -37.02 -20.94 27.27
N TYR A 197 -36.59 -20.37 28.39
CA TYR A 197 -36.14 -18.99 28.50
C TYR A 197 -34.68 -18.98 28.92
N HIS A 198 -33.80 -18.50 28.04
CA HIS A 198 -32.36 -18.58 28.23
C HIS A 198 -31.80 -17.35 28.93
N GLY A 199 -32.58 -16.68 29.74
CA GLY A 199 -32.05 -15.53 30.44
C GLY A 199 -31.83 -14.37 29.50
N THR A 200 -30.75 -13.63 29.74
CA THR A 200 -30.39 -12.45 28.95
C THR A 200 -28.91 -12.50 28.63
N ASP A 201 -28.58 -12.10 27.41
CA ASP A 201 -27.18 -12.05 27.00
C ASP A 201 -26.52 -10.84 27.66
N PRO A 202 -25.35 -10.98 28.28
CA PRO A 202 -24.69 -9.78 28.82
C PRO A 202 -24.37 -8.73 27.78
N ASP A 203 -24.06 -9.12 26.55
CA ASP A 203 -23.40 -8.19 25.65
C ASP A 203 -24.30 -7.08 25.13
N ASP A 204 -25.61 -7.10 25.42
CA ASP A 204 -26.54 -6.16 24.81
C ASP A 204 -27.56 -5.60 25.80
N VAL A 205 -27.32 -5.68 27.11
CA VAL A 205 -28.21 -5.04 28.06
C VAL A 205 -28.11 -3.53 27.92
N GLN A 206 -29.26 -2.85 28.06
CA GLN A 206 -29.34 -1.39 27.98
C GLN A 206 -30.40 -0.93 28.99
N PHE A 207 -29.93 -0.54 30.17
CA PHE A 207 -30.79 0.00 31.22
C PHE A 207 -30.78 1.51 31.16
N TYR A 208 -31.68 2.07 30.37
CA TYR A 208 -31.84 3.52 30.33
C TYR A 208 -32.66 3.98 31.53
N THR A 209 -32.40 5.21 31.97
CA THR A 209 -33.21 5.87 32.98
C THR A 209 -33.45 7.31 32.58
N ILE A 210 -34.65 7.80 32.89
CA ILE A 210 -35.02 9.16 32.53
C ILE A 210 -34.13 10.15 33.27
N GLU A 211 -33.88 9.88 34.55
CA GLU A 211 -33.12 10.82 35.37
C GLU A 211 -31.72 11.06 34.82
N ASN A 212 -31.09 10.02 34.27
CA ASN A 212 -29.70 10.10 33.84
C ASN A 212 -29.54 10.65 32.44
N SER A 213 -30.53 10.47 31.57
CA SER A 213 -30.36 10.72 30.15
C SER A 213 -30.71 12.15 29.74
N VAL A 214 -31.70 12.76 30.39
CA VAL A 214 -32.37 13.96 29.88
C VAL A 214 -32.63 14.91 31.04
N PRO A 215 -32.68 16.23 30.78
CA PRO A 215 -33.05 17.15 31.86
C PRO A 215 -34.47 16.93 32.35
N VAL A 216 -34.69 17.21 33.62
CA VAL A 216 -36.01 17.20 34.23
C VAL A 216 -36.28 18.59 34.77
N HIS A 217 -37.41 19.18 34.38
CA HIS A 217 -37.91 20.41 34.98
C HIS A 217 -38.90 20.05 36.07
N LEU A 218 -38.92 20.87 37.13
CA LEU A 218 -39.89 20.76 38.21
C LEU A 218 -40.79 21.97 38.15
N LEU A 219 -42.09 21.73 38.02
CA LEU A 219 -43.02 22.79 37.67
C LEU A 219 -43.65 23.48 38.88
N ARG A 220 -43.64 22.85 40.05
CA ARG A 220 -44.01 23.40 41.35
C ARG A 220 -45.28 24.25 41.38
N THR A 221 -46.32 23.82 40.67
CA THR A 221 -47.68 24.27 40.89
C THR A 221 -47.93 25.72 40.44
N GLY A 222 -47.02 26.34 39.71
CA GLY A 222 -47.28 27.65 39.14
C GLY A 222 -46.59 28.00 37.84
N ASP A 223 -45.86 27.07 37.21
CA ASP A 223 -45.06 27.33 36.03
C ASP A 223 -45.62 26.63 34.79
N GLU A 224 -45.04 26.98 33.64
CA GLU A 224 -45.31 26.36 32.36
C GLU A 224 -44.08 25.63 31.85
N PHE A 225 -44.32 24.55 31.12
CA PHE A 225 -43.34 23.91 30.26
C PHE A 225 -43.80 24.14 28.84
N ALA A 226 -42.87 24.42 27.94
CA ALA A 226 -43.19 24.61 26.53
C ALA A 226 -42.12 23.95 25.68
N THR A 227 -42.55 23.08 24.77
CA THR A 227 -41.66 22.53 23.77
C THR A 227 -41.47 23.55 22.66
N GLY A 228 -40.29 23.54 22.07
CA GLY A 228 -40.09 24.30 20.86
C GLY A 228 -40.86 23.68 19.70
N THR A 229 -41.00 24.45 18.64
CA THR A 229 -41.61 23.92 17.43
C THR A 229 -40.64 22.94 16.76
N PHE A 230 -40.95 21.65 16.82
CA PHE A 230 -40.24 20.70 15.97
C PHE A 230 -40.80 20.78 14.56
N PHE A 231 -39.92 20.66 13.56
CA PHE A 231 -40.28 20.67 12.15
C PHE A 231 -39.99 19.30 11.56
N PHE A 232 -41.01 18.71 10.95
CA PHE A 232 -40.89 17.39 10.35
C PHE A 232 -40.18 17.47 9.01
N ASP A 233 -39.88 16.29 8.44
CA ASP A 233 -39.20 16.16 7.16
C ASP A 233 -39.78 15.04 6.31
N CYS A 234 -41.02 14.62 6.56
CA CYS A 234 -41.55 13.42 5.96
C CYS A 234 -41.92 13.62 4.49
N LYS A 235 -41.94 12.52 3.74
CA LYS A 235 -42.53 12.55 2.42
C LYS A 235 -44.05 12.70 2.56
N PRO A 236 -44.73 13.33 1.59
CA PRO A 236 -46.17 13.50 1.73
C PRO A 236 -46.93 12.19 1.64
N CYS A 237 -48.07 12.16 2.33
CA CYS A 237 -49.06 11.11 2.18
C CYS A 237 -50.05 11.50 1.10
N ARG A 238 -50.66 10.50 0.49
CA ARG A 238 -51.69 10.68 -0.52
C ARG A 238 -53.01 10.28 0.09
N LEU A 239 -54.01 11.15 -0.01
CA LEU A 239 -55.38 10.84 0.38
C LEU A 239 -56.21 10.34 -0.79
N THR A 240 -55.57 9.73 -1.79
CA THR A 240 -56.26 9.14 -2.93
C THR A 240 -55.66 7.79 -3.24
N HIS A 241 -56.50 6.83 -3.62
CA HIS A 241 -56.10 5.46 -3.85
C HIS A 241 -56.03 5.16 -5.34
N THR A 242 -55.37 4.04 -5.65
CA THR A 242 -55.19 3.56 -7.02
C THR A 242 -56.09 2.36 -7.25
N TRP A 243 -56.74 2.32 -8.42
CA TRP A 243 -57.57 1.18 -8.81
C TRP A 243 -56.90 0.26 -9.80
N GLN A 244 -56.00 0.78 -10.63
CA GLN A 244 -55.44 -0.02 -11.73
C GLN A 244 -54.58 -1.11 -11.14
N THR A 245 -55.12 -2.31 -11.11
CA THR A 245 -54.29 -3.49 -10.92
C THR A 245 -53.59 -3.81 -12.22
N ASN A 246 -52.81 -4.89 -12.24
CA ASN A 246 -51.85 -5.10 -13.31
C ASN A 246 -52.52 -5.29 -14.67
N ARG A 247 -53.68 -5.95 -14.71
CA ARG A 247 -54.35 -6.15 -15.98
C ARG A 247 -54.88 -4.86 -16.59
N ALA A 248 -55.01 -3.79 -15.83
CA ALA A 248 -55.62 -2.55 -16.29
C ALA A 248 -54.60 -1.48 -16.66
N LEU A 249 -53.32 -1.80 -16.70
CA LEU A 249 -52.32 -0.87 -17.17
C LEU A 249 -52.18 -0.99 -18.69
N GLY A 250 -51.96 0.14 -19.33
CA GLY A 250 -51.61 0.16 -20.74
C GLY A 250 -52.81 0.21 -21.67
N LEU A 251 -52.50 0.24 -22.96
CA LEU A 251 -53.55 0.40 -23.97
C LEU A 251 -54.37 -0.89 -24.06
N PRO A 252 -55.70 -0.84 -23.94
CA PRO A 252 -56.47 -2.07 -24.07
C PRO A 252 -56.43 -2.61 -25.48
N PRO A 253 -56.90 -3.84 -25.71
CA PRO A 253 -57.08 -4.34 -27.07
C PRO A 253 -58.07 -3.52 -27.86
N PHE A 254 -58.13 -3.71 -29.18
CA PHE A 254 -59.08 -3.01 -30.04
C PHE A 254 -60.27 -3.90 -30.34
N LEU A 255 -61.47 -3.37 -30.09
CA LEU A 255 -62.68 -4.07 -30.47
C LEU A 255 -62.78 -4.14 -31.98
N ASN A 256 -63.06 -5.34 -32.50
CA ASN A 256 -63.42 -5.50 -33.90
C ASN A 256 -64.92 -5.34 -34.11
N SER A 257 -65.73 -5.75 -33.15
CA SER A 257 -67.19 -5.76 -33.28
C SER A 257 -67.81 -5.29 -31.98
N LEU A 258 -68.20 -4.03 -31.91
CA LEU A 258 -68.91 -3.54 -30.75
C LEU A 258 -70.34 -4.07 -30.76
N PRO A 259 -71.00 -4.16 -29.61
CA PRO A 259 -72.38 -4.65 -29.60
C PRO A 259 -73.31 -3.62 -30.22
N GLN A 260 -74.44 -4.12 -30.72
CA GLN A 260 -75.39 -3.33 -31.49
C GLN A 260 -76.73 -3.14 -30.79
N SER A 261 -76.87 -3.54 -29.53
CA SER A 261 -78.10 -3.29 -28.80
C SER A 261 -77.80 -3.17 -27.32
N GLU A 262 -78.63 -2.39 -26.63
CA GLU A 262 -78.40 -2.04 -25.23
C GLU A 262 -78.90 -3.14 -24.31
N GLY A 263 -78.27 -3.24 -23.14
CA GLY A 263 -78.57 -4.26 -22.15
C GLY A 263 -77.30 -4.91 -21.67
N ALA A 264 -77.19 -5.15 -20.36
CA ALA A 264 -75.95 -5.63 -19.78
C ALA A 264 -75.56 -7.03 -20.27
N THR A 265 -76.51 -7.82 -20.78
CA THR A 265 -76.17 -9.14 -21.28
C THR A 265 -75.27 -9.09 -22.51
N ASN A 266 -75.31 -8.01 -23.28
CA ASN A 266 -74.52 -7.93 -24.49
C ASN A 266 -73.05 -7.69 -24.18
N PHE A 267 -72.18 -8.28 -25.00
CA PHE A 267 -70.73 -8.16 -24.84
C PHE A 267 -70.07 -7.90 -26.18
N GLY A 268 -69.02 -7.09 -26.16
CA GLY A 268 -68.22 -6.87 -27.36
C GLY A 268 -67.23 -7.99 -27.59
N ASP A 269 -66.85 -8.16 -28.85
CA ASP A 269 -66.02 -9.27 -29.29
C ASP A 269 -64.72 -8.76 -29.90
N ILE A 270 -63.60 -9.29 -29.41
CA ILE A 270 -62.36 -9.22 -30.17
C ILE A 270 -62.45 -10.24 -31.29
N GLY A 271 -62.21 -9.80 -32.51
CA GLY A 271 -62.43 -10.67 -33.66
C GLY A 271 -61.28 -11.60 -33.95
N VAL A 272 -60.06 -11.17 -33.65
CA VAL A 272 -58.89 -11.94 -34.09
C VAL A 272 -58.76 -13.20 -33.25
N GLN A 273 -58.26 -14.26 -33.88
CA GLN A 273 -58.12 -15.54 -33.20
C GLN A 273 -57.02 -15.47 -32.14
N GLN A 274 -56.91 -16.56 -31.38
CA GLN A 274 -56.12 -16.54 -30.14
C GLN A 274 -54.65 -16.29 -30.41
N ASP A 275 -54.09 -16.93 -31.44
CA ASP A 275 -52.67 -16.84 -31.75
C ASP A 275 -52.36 -15.86 -32.88
N LYS A 276 -53.37 -15.24 -33.50
CA LYS A 276 -53.16 -14.26 -34.57
C LYS A 276 -53.11 -12.82 -34.07
N ARG A 277 -53.22 -12.57 -32.77
CA ARG A 277 -53.14 -11.21 -32.25
C ARG A 277 -51.73 -10.65 -32.44
N ARG A 278 -51.60 -9.35 -32.20
CA ARG A 278 -50.35 -8.63 -32.26
C ARG A 278 -50.04 -8.05 -30.88
N GLY A 279 -48.76 -7.98 -30.55
CA GLY A 279 -48.32 -7.40 -29.30
C GLY A 279 -47.02 -8.02 -28.85
N VAL A 280 -46.69 -7.75 -27.60
CA VAL A 280 -45.47 -8.22 -26.96
C VAL A 280 -45.85 -9.00 -25.72
N THR A 281 -45.19 -10.13 -25.51
CA THR A 281 -45.38 -10.94 -24.31
C THR A 281 -44.02 -11.38 -23.81
N GLN A 282 -43.97 -11.75 -22.54
CA GLN A 282 -42.85 -12.49 -21.97
C GLN A 282 -43.00 -13.99 -22.15
N MET A 283 -44.03 -14.45 -22.86
CA MET A 283 -44.22 -15.85 -23.20
C MET A 283 -43.25 -16.22 -24.31
N GLY A 284 -41.99 -16.40 -23.92
CA GLY A 284 -40.91 -16.47 -24.89
C GLY A 284 -40.99 -17.65 -25.86
N ASN A 285 -41.78 -18.67 -25.53
CA ASN A 285 -41.90 -19.87 -26.35
C ASN A 285 -43.30 -20.14 -26.86
N THR A 286 -44.28 -19.29 -26.54
CA THR A 286 -45.69 -19.55 -26.84
C THR A 286 -46.33 -18.32 -27.42
N ASN A 287 -47.20 -18.53 -28.41
CA ASN A 287 -47.69 -17.47 -29.28
C ASN A 287 -48.96 -16.79 -28.80
N TYR A 288 -49.69 -17.38 -27.85
CA TYR A 288 -50.99 -16.85 -27.50
C TYR A 288 -50.84 -15.54 -26.73
N ILE A 289 -51.13 -14.42 -27.39
CA ILE A 289 -51.25 -13.14 -26.72
C ILE A 289 -52.65 -13.06 -26.12
N THR A 290 -52.71 -12.78 -24.83
CA THR A 290 -53.94 -12.65 -24.08
C THR A 290 -53.78 -11.47 -23.14
N GLU A 291 -54.89 -11.02 -22.57
CA GLU A 291 -54.78 -10.00 -21.55
C GLU A 291 -54.02 -10.49 -20.33
N ALA A 292 -54.00 -11.79 -20.07
CA ALA A 292 -53.22 -12.31 -18.96
C ALA A 292 -51.73 -12.39 -19.27
N THR A 293 -51.35 -12.46 -20.54
CA THR A 293 -49.97 -12.72 -20.93
C THR A 293 -49.25 -11.51 -21.51
N ILE A 294 -49.96 -10.47 -21.94
CA ILE A 294 -49.31 -9.31 -22.52
C ILE A 294 -48.45 -8.63 -21.47
N MET A 295 -47.28 -8.14 -21.90
CA MET A 295 -46.33 -7.50 -21.01
C MET A 295 -46.90 -6.18 -20.55
N ARG A 296 -47.33 -6.12 -19.31
CA ARG A 296 -47.68 -4.85 -18.71
C ARG A 296 -46.37 -4.17 -18.30
N PRO A 297 -46.37 -2.87 -18.05
CA PRO A 297 -45.09 -2.19 -17.85
C PRO A 297 -44.31 -2.63 -16.63
N ALA A 298 -44.99 -2.90 -15.53
CA ALA A 298 -44.35 -3.43 -14.34
C ALA A 298 -45.44 -3.95 -13.41
N GLU A 299 -45.03 -4.50 -12.28
CA GLU A 299 -45.93 -5.20 -11.39
C GLU A 299 -46.40 -4.28 -10.28
N VAL A 300 -47.70 -4.31 -10.00
CA VAL A 300 -48.30 -3.56 -8.90
C VAL A 300 -48.74 -4.53 -7.83
N GLY A 301 -48.33 -4.29 -6.60
CA GLY A 301 -48.61 -5.19 -5.51
C GLY A 301 -47.68 -6.39 -5.55
N TYR A 302 -47.76 -7.20 -4.51
CA TYR A 302 -47.00 -8.43 -4.48
C TYR A 302 -47.66 -9.41 -3.52
N SER A 303 -47.55 -10.68 -3.85
CA SER A 303 -47.96 -11.74 -2.95
C SER A 303 -46.86 -11.99 -1.94
N ALA A 304 -47.25 -12.23 -0.70
CA ALA A 304 -46.34 -12.46 0.42
C ALA A 304 -46.87 -13.65 1.20
N PRO A 305 -46.01 -14.38 1.88
CA PRO A 305 -46.47 -15.62 2.51
C PRO A 305 -47.37 -15.36 3.71
N TYR A 306 -48.66 -15.65 3.56
CA TYR A 306 -49.63 -15.15 4.53
C TYR A 306 -49.70 -16.04 5.76
N TYR A 307 -49.74 -15.37 6.92
CA TYR A 307 -49.66 -16.01 8.23
C TYR A 307 -48.42 -16.88 8.32
N SER A 308 -47.29 -16.23 8.05
CA SER A 308 -45.96 -16.81 8.20
C SER A 308 -45.34 -16.27 9.47
N PHE A 309 -44.85 -17.17 10.31
CA PHE A 309 -44.24 -16.83 11.59
C PHE A 309 -42.77 -17.22 11.56
N GLU A 310 -41.90 -16.32 11.96
CA GLU A 310 -40.45 -16.52 11.94
C GLU A 310 -39.87 -16.16 13.28
N ALA A 311 -38.77 -16.81 13.61
CA ALA A 311 -38.12 -16.70 14.91
C ALA A 311 -36.75 -16.06 14.78
N SER A 312 -36.55 -14.98 15.53
CA SER A 312 -35.22 -14.57 15.96
C SER A 312 -34.94 -15.26 17.28
N THR A 313 -33.80 -14.95 17.90
CA THR A 313 -33.55 -15.50 19.21
C THR A 313 -34.37 -14.83 20.30
N GLN A 314 -35.08 -13.75 20.01
CA GLN A 314 -36.03 -13.16 20.94
C GLN A 314 -37.42 -13.78 20.86
N GLY A 315 -37.62 -14.78 20.01
CA GLY A 315 -38.87 -15.51 19.94
C GLY A 315 -39.66 -15.22 18.69
N PRO A 316 -40.70 -16.00 18.44
CA PRO A 316 -41.40 -15.92 17.16
C PRO A 316 -42.24 -14.67 17.01
N PHE A 317 -42.43 -14.26 15.76
CA PHE A 317 -43.25 -13.10 15.43
C PHE A 317 -43.83 -13.28 14.04
N LYS A 318 -44.97 -12.62 13.80
CA LYS A 318 -45.65 -12.71 12.51
C LYS A 318 -44.95 -11.81 11.50
N THR A 319 -44.59 -12.38 10.37
CA THR A 319 -43.94 -11.60 9.33
C THR A 319 -44.95 -10.60 8.77
N PRO A 320 -44.64 -9.30 8.70
CA PRO A 320 -45.65 -8.34 8.26
C PRO A 320 -46.01 -8.51 6.79
N ILE A 321 -47.15 -7.93 6.44
CA ILE A 321 -47.66 -7.89 5.07
C ILE A 321 -47.98 -6.44 4.75
N ALA A 322 -47.77 -6.05 3.49
CA ALA A 322 -47.98 -4.66 3.12
C ALA A 322 -49.45 -4.37 2.89
N ALA A 323 -50.13 -5.19 2.08
CA ALA A 323 -51.51 -4.93 1.71
C ALA A 323 -52.15 -6.25 1.29
N GLY A 324 -53.48 -6.24 1.25
CA GLY A 324 -54.21 -7.42 0.81
C GLY A 324 -55.69 -7.14 0.73
N ARG A 325 -56.41 -8.08 0.14
CA ARG A 325 -57.85 -7.98 0.07
C ARG A 325 -58.46 -8.24 1.46
N ALA A 336 -59.84 -10.76 4.67
CA ALA A 336 -59.44 -11.78 5.68
C ALA A 336 -58.08 -11.46 6.27
N ASP A 337 -57.04 -11.63 5.46
CA ASP A 337 -55.66 -11.41 5.87
C ASP A 337 -55.17 -10.04 5.42
N GLY A 338 -54.06 -9.61 6.02
CA GLY A 338 -53.40 -8.39 5.59
C GLY A 338 -53.97 -7.08 6.11
N ASN A 339 -55.29 -6.93 6.06
CA ASN A 339 -55.90 -5.68 6.51
C ASN A 339 -55.75 -5.57 8.03
N PRO A 340 -55.36 -4.42 8.56
CA PRO A 340 -55.13 -4.34 10.01
C PRO A 340 -56.42 -4.38 10.79
N ARG A 341 -56.31 -4.85 12.03
CA ARG A 341 -57.43 -4.94 12.96
C ARG A 341 -57.07 -4.16 14.22
N TYR A 342 -57.91 -3.20 14.59
CA TYR A 342 -57.69 -2.31 15.70
C TYR A 342 -58.65 -2.67 16.83
N ALA A 343 -58.11 -2.81 18.04
CA ALA A 343 -58.89 -3.06 19.24
C ALA A 343 -58.67 -1.91 20.20
N PHE A 344 -59.77 -1.33 20.70
CA PHE A 344 -59.73 -0.03 21.36
C PHE A 344 -60.83 0.04 22.42
N GLY A 345 -60.64 0.97 23.38
CA GLY A 345 -61.42 1.04 24.59
C GLY A 345 -62.30 2.27 24.70
N ARG A 346 -62.67 2.58 25.95
CA ARG A 346 -63.63 3.64 26.25
C ARG A 346 -63.17 5.00 25.74
N GLN A 347 -61.94 5.39 26.07
CA GLN A 347 -61.45 6.71 25.69
C GLN A 347 -61.09 6.81 24.23
N HIS A 348 -61.06 5.70 23.49
CA HIS A 348 -60.51 5.66 22.14
C HIS A 348 -61.55 5.30 21.07
N GLY A 349 -62.84 5.45 21.37
CA GLY A 349 -63.88 5.37 20.36
C GLY A 349 -65.08 4.51 20.71
N GLN A 350 -65.00 3.71 21.77
CA GLN A 350 -66.16 2.95 22.19
C GLN A 350 -67.29 3.88 22.62
N LYS A 351 -68.50 3.36 22.55
CA LYS A 351 -69.62 4.06 23.18
C LYS A 351 -69.35 4.05 24.66
N THR A 352 -69.06 5.24 25.22
CA THR A 352 -68.47 5.33 26.54
C THR A 352 -69.35 4.73 27.64
N THR A 353 -70.66 4.69 27.44
CA THR A 353 -71.58 4.17 28.43
C THR A 353 -71.78 2.66 28.35
N THR A 354 -71.14 1.97 27.41
CA THR A 354 -71.26 0.51 27.33
C THR A 354 -70.45 -0.15 28.44
N THR A 355 -71.08 -1.04 29.18
CA THR A 355 -70.42 -1.72 30.30
C THR A 355 -69.56 -2.88 29.80
N GLY A 356 -68.74 -3.40 30.71
CA GLY A 356 -67.95 -4.58 30.44
C GLY A 356 -66.57 -4.26 29.89
N GLU A 357 -65.67 -5.22 30.08
CA GLU A 357 -64.26 -5.04 29.73
C GLU A 357 -63.95 -5.29 28.27
N THR A 358 -64.89 -5.83 27.50
CA THR A 358 -64.59 -6.24 26.13
C THR A 358 -64.31 -5.02 25.26
N PRO A 359 -63.20 -4.96 24.51
CA PRO A 359 -62.99 -3.82 23.63
C PRO A 359 -63.81 -3.93 22.36
N GLU A 360 -64.01 -2.78 21.72
CA GLU A 360 -64.62 -2.74 20.40
C GLU A 360 -63.54 -2.88 19.33
N ARG A 361 -63.92 -3.48 18.21
CA ARG A 361 -62.98 -3.90 17.19
C ARG A 361 -63.51 -3.60 15.81
N PHE A 362 -62.60 -3.24 14.90
CA PHE A 362 -62.88 -3.21 13.48
C PHE A 362 -61.65 -3.69 12.74
N THR A 363 -61.88 -4.18 11.52
CA THR A 363 -60.84 -4.43 10.54
C THR A 363 -61.00 -3.41 9.42
N TYR A 364 -59.93 -2.70 9.12
CA TYR A 364 -59.97 -1.60 8.15
C TYR A 364 -59.84 -2.16 6.75
N ILE A 365 -60.97 -2.39 6.10
CA ILE A 365 -60.99 -2.93 4.74
C ILE A 365 -60.72 -1.76 3.81
N ALA A 366 -59.46 -1.53 3.48
CA ALA A 366 -59.09 -0.35 2.72
C ALA A 366 -59.50 -0.47 1.27
N HIS A 367 -59.62 0.68 0.61
CA HIS A 367 -59.72 0.73 -0.84
C HIS A 367 -58.38 0.56 -1.54
N GLN A 368 -57.29 0.40 -0.81
CA GLN A 368 -55.96 0.32 -1.40
C GLN A 368 -55.84 -1.05 -2.07
N ASP A 369 -56.39 -1.13 -3.29
CA ASP A 369 -56.67 -2.37 -3.99
C ASP A 369 -55.47 -2.94 -4.75
N THR A 370 -54.24 -2.67 -4.30
CA THR A 370 -53.06 -3.30 -4.89
C THR A 370 -52.75 -4.64 -4.24
N GLY A 371 -53.73 -5.29 -3.61
CA GLY A 371 -53.49 -6.52 -2.91
C GLY A 371 -53.49 -7.72 -3.85
N ARG A 372 -53.74 -8.89 -3.26
CA ARG A 372 -53.68 -10.16 -3.96
C ARG A 372 -54.82 -11.03 -3.47
N TYR A 373 -55.18 -12.00 -4.32
CA TYR A 373 -56.30 -12.91 -4.11
C TYR A 373 -55.74 -14.31 -4.28
N PRO A 374 -55.25 -14.94 -3.20
CA PRO A 374 -54.54 -16.22 -3.36
C PRO A 374 -55.33 -17.35 -4.00
N GLU A 375 -56.66 -17.35 -3.89
CA GLU A 375 -57.43 -18.46 -4.45
C GLU A 375 -57.41 -18.50 -5.98
N GLY A 376 -56.95 -17.44 -6.65
CA GLY A 376 -56.93 -17.39 -8.10
C GLY A 376 -55.58 -17.63 -8.74
N ASP A 377 -54.52 -17.77 -7.96
CA ASP A 377 -53.19 -17.90 -8.52
C ASP A 377 -52.96 -19.31 -9.02
N TRP A 378 -51.99 -19.46 -9.91
CA TRP A 378 -51.51 -20.79 -10.26
C TRP A 378 -50.13 -20.69 -10.89
N ILE A 379 -49.47 -21.84 -10.93
CA ILE A 379 -48.22 -22.05 -11.66
C ILE A 379 -48.54 -23.02 -12.78
N GLN A 380 -47.76 -23.00 -13.85
CA GLN A 380 -47.83 -24.11 -14.78
C GLN A 380 -46.51 -24.26 -15.53
N ASN A 381 -46.32 -25.45 -16.07
CA ASN A 381 -45.03 -25.86 -16.58
C ASN A 381 -44.66 -25.04 -17.81
N ILE A 382 -43.35 -24.96 -18.06
CA ILE A 382 -42.81 -24.04 -19.04
C ILE A 382 -43.30 -24.33 -20.45
N ASN A 383 -43.62 -25.59 -20.76
CA ASN A 383 -44.00 -25.93 -22.12
C ASN A 383 -45.31 -25.27 -22.54
N PHE A 384 -46.21 -25.06 -21.58
CA PHE A 384 -47.42 -24.27 -21.79
C PHE A 384 -48.30 -24.83 -22.90
N ASN A 385 -48.39 -26.15 -22.98
CA ASN A 385 -49.41 -26.79 -23.78
C ASN A 385 -50.77 -26.45 -23.19
N LEU A 386 -51.53 -25.62 -23.91
CA LEU A 386 -52.51 -24.73 -23.26
C LEU A 386 -53.64 -25.45 -22.53
N PRO A 387 -54.37 -26.41 -23.12
CA PRO A 387 -55.39 -27.09 -22.29
C PRO A 387 -54.71 -28.04 -21.31
N VAL A 388 -54.21 -27.45 -20.23
CA VAL A 388 -53.14 -28.07 -19.45
C VAL A 388 -53.66 -29.24 -18.63
N THR A 389 -52.84 -30.28 -18.51
CA THR A 389 -53.16 -31.47 -17.75
C THR A 389 -52.72 -31.31 -16.30
N ASN A 390 -53.29 -32.15 -15.43
CA ASN A 390 -53.11 -32.00 -13.99
C ASN A 390 -51.65 -32.08 -13.57
N ASP A 391 -50.88 -32.93 -14.23
CA ASP A 391 -49.48 -33.09 -13.85
C ASP A 391 -48.63 -31.84 -14.13
N ASN A 392 -49.11 -30.90 -14.95
CA ASN A 392 -48.35 -29.71 -15.34
C ASN A 392 -48.87 -28.42 -14.71
N VAL A 393 -49.73 -28.50 -13.69
CA VAL A 393 -50.27 -27.32 -12.98
C VAL A 393 -50.06 -27.53 -11.50
N LEU A 394 -49.84 -26.42 -10.80
CA LEU A 394 -49.94 -26.34 -9.35
C LEU A 394 -51.00 -25.31 -9.01
N LEU A 395 -52.08 -25.76 -8.45
CA LEU A 395 -53.24 -24.95 -8.14
C LEU A 395 -53.21 -24.54 -6.67
N PRO A 396 -54.04 -23.61 -6.25
CA PRO A 396 -54.14 -23.31 -4.81
C PRO A 396 -54.75 -24.44 -4.00
N THR A 397 -55.38 -25.42 -4.63
CA THR A 397 -55.96 -26.55 -3.93
C THR A 397 -54.96 -27.69 -3.67
N ASP A 398 -53.76 -27.62 -4.25
CA ASP A 398 -52.82 -28.73 -4.14
C ASP A 398 -52.07 -28.67 -2.81
N PRO A 399 -51.88 -29.80 -2.10
CA PRO A 399 -51.11 -29.74 -0.85
C PRO A 399 -49.63 -29.47 -1.05
N ILE A 400 -49.03 -28.88 -0.03
CA ILE A 400 -47.58 -28.80 0.14
C ILE A 400 -47.21 -29.73 1.29
N GLY A 401 -46.20 -30.57 1.07
CA GLY A 401 -45.72 -31.46 2.11
C GLY A 401 -46.73 -32.42 2.65
N GLY A 402 -47.77 -32.72 1.89
CA GLY A 402 -48.86 -33.56 2.35
C GLY A 402 -49.86 -32.89 3.26
N LYS A 403 -49.60 -31.67 3.71
CA LYS A 403 -50.54 -30.96 4.57
C LYS A 403 -51.64 -30.38 3.70
N THR A 404 -52.84 -30.94 3.82
CA THR A 404 -53.93 -30.57 2.94
C THR A 404 -54.39 -29.13 3.11
N GLY A 405 -54.19 -28.53 4.27
CA GLY A 405 -54.64 -27.17 4.50
C GLY A 405 -53.69 -26.09 4.04
N ILE A 406 -52.48 -26.43 3.63
CA ILE A 406 -51.43 -25.47 3.27
C ILE A 406 -51.09 -25.69 1.82
N ASN A 407 -51.16 -24.63 1.03
CA ASN A 407 -50.97 -24.67 -0.42
C ASN A 407 -49.69 -23.92 -0.78
N TYR A 408 -49.41 -23.86 -2.08
CA TYR A 408 -48.18 -23.19 -2.51
C TYR A 408 -48.24 -21.70 -2.20
N THR A 409 -49.43 -21.11 -2.30
CA THR A 409 -49.56 -19.67 -2.11
C THR A 409 -49.23 -19.25 -0.70
N ASN A 410 -49.33 -20.16 0.27
CA ASN A 410 -48.89 -19.82 1.62
C ASN A 410 -47.40 -19.54 1.67
N ILE A 411 -46.60 -20.29 0.91
CA ILE A 411 -45.13 -20.16 0.94
C ILE A 411 -44.58 -19.27 -0.17
N PHE A 412 -45.43 -18.68 -1.00
CA PHE A 412 -45.00 -17.97 -2.19
C PHE A 412 -44.63 -16.54 -1.84
N ASN A 413 -43.71 -15.97 -2.63
CA ASN A 413 -43.33 -14.58 -2.45
C ASN A 413 -42.90 -14.01 -3.79
N THR A 414 -43.66 -13.06 -4.30
CA THR A 414 -43.38 -12.42 -5.58
C THR A 414 -42.80 -11.03 -5.43
N TYR A 415 -42.24 -10.69 -4.27
CA TYR A 415 -41.49 -9.46 -4.18
C TYR A 415 -40.31 -9.57 -5.13
N GLY A 416 -40.03 -8.47 -5.82
CA GLY A 416 -39.12 -8.49 -6.91
C GLY A 416 -38.76 -7.07 -7.26
N PRO A 417 -37.80 -6.90 -8.15
CA PRO A 417 -37.46 -5.54 -8.58
C PRO A 417 -38.62 -4.84 -9.25
N LEU A 418 -39.49 -5.56 -9.93
CA LEU A 418 -40.55 -4.92 -10.69
C LEU A 418 -41.70 -4.42 -9.83
N THR A 419 -41.74 -4.74 -8.54
CA THR A 419 -42.94 -4.50 -7.75
C THR A 419 -43.07 -3.03 -7.35
N ALA A 420 -44.32 -2.58 -7.24
CA ALA A 420 -44.65 -1.22 -6.84
C ALA A 420 -45.80 -1.26 -5.85
N LEU A 421 -45.83 -0.29 -4.95
CA LEU A 421 -46.77 -0.29 -3.84
C LEU A 421 -47.06 1.14 -3.42
N ASN A 422 -48.16 1.30 -2.71
CA ASN A 422 -48.53 2.58 -2.10
C ASN A 422 -48.22 2.57 -0.62
N ASN A 423 -48.24 3.75 -0.02
CA ASN A 423 -48.10 3.87 1.42
C ASN A 423 -49.31 3.24 2.10
N VAL A 424 -49.15 2.88 3.36
CA VAL A 424 -50.33 2.43 4.11
C VAL A 424 -51.30 3.59 4.26
N PRO A 425 -52.61 3.38 4.25
CA PRO A 425 -53.52 4.50 4.33
C PRO A 425 -53.59 5.03 5.74
N PRO A 426 -53.94 6.29 5.94
CA PRO A 426 -54.33 6.72 7.28
C PRO A 426 -55.62 6.02 7.66
N VAL A 427 -55.79 5.79 8.96
CA VAL A 427 -57.04 5.27 9.52
C VAL A 427 -57.39 6.09 10.74
N TYR A 428 -58.60 6.60 10.76
CA TYR A 428 -59.11 7.47 11.80
C TYR A 428 -60.07 6.67 12.66
N PRO A 429 -60.11 6.88 13.99
CA PRO A 429 -59.32 7.73 14.87
C PRO A 429 -58.10 7.05 15.44
N ASN A 430 -58.09 5.71 15.46
CA ASN A 430 -57.08 4.98 16.22
C ASN A 430 -55.72 4.92 15.52
N GLY A 431 -55.58 5.42 14.31
CA GLY A 431 -54.32 5.26 13.60
C GLY A 431 -53.24 6.19 14.11
N GLN A 432 -51.99 5.77 13.90
CA GLN A 432 -50.83 6.57 14.27
C GLN A 432 -50.52 7.60 13.19
N ILE A 433 -49.93 8.73 13.59
CA ILE A 433 -49.61 9.80 12.66
C ILE A 433 -48.19 9.69 12.12
N TRP A 434 -47.19 9.63 13.01
CA TRP A 434 -45.78 9.58 12.64
C TRP A 434 -45.07 8.41 13.30
N ASP A 435 -43.90 8.08 12.77
CA ASP A 435 -43.07 7.02 13.35
C ASP A 435 -41.64 7.23 12.93
N LYS A 436 -40.71 6.94 13.84
CA LYS A 436 -39.30 7.12 13.58
C LYS A 436 -38.76 5.97 12.75
N GLU A 437 -37.94 6.31 11.76
CA GLU A 437 -37.33 5.30 10.91
C GLU A 437 -36.31 4.49 11.70
N PHE A 438 -36.16 3.22 11.30
CA PHE A 438 -35.20 2.34 11.94
C PHE A 438 -33.79 2.87 11.71
N ASP A 439 -32.95 2.76 12.75
CA ASP A 439 -31.61 3.31 12.72
C ASP A 439 -30.61 2.28 12.20
N THR A 440 -30.84 1.83 10.97
CA THR A 440 -30.00 0.86 10.28
C THR A 440 -29.55 1.40 8.94
N ASP A 441 -28.43 0.90 8.44
CA ASP A 441 -27.86 1.41 7.20
C ASP A 441 -28.78 1.16 6.02
N LEU A 442 -29.47 0.03 5.98
CA LEU A 442 -30.52 -0.25 5.01
C LEU A 442 -31.86 -0.15 5.72
N LYS A 443 -32.72 0.77 5.25
CA LYS A 443 -33.93 1.16 5.93
C LYS A 443 -35.15 0.61 5.22
N PRO A 444 -36.25 0.33 5.92
CA PRO A 444 -37.41 -0.24 5.25
C PRO A 444 -38.08 0.79 4.36
N ARG A 445 -38.58 0.34 3.22
CA ARG A 445 -39.13 1.28 2.25
C ARG A 445 -40.45 1.89 2.70
N LEU A 446 -41.23 1.16 3.50
CA LEU A 446 -42.46 1.68 4.08
C LEU A 446 -42.60 1.17 5.49
N HIS A 447 -43.41 1.86 6.27
CA HIS A 447 -43.74 1.46 7.63
C HIS A 447 -45.20 1.07 7.67
N VAL A 448 -45.49 -0.10 8.21
CA VAL A 448 -46.85 -0.58 8.22
C VAL A 448 -47.72 0.22 9.19
N ASN A 449 -47.13 0.83 10.22
CA ASN A 449 -47.87 1.30 11.35
C ASN A 449 -48.28 2.77 11.27
N ALA A 450 -47.71 3.54 10.35
CA ALA A 450 -48.04 4.96 10.25
C ALA A 450 -47.70 5.44 8.86
N PRO A 451 -48.35 6.50 8.36
CA PRO A 451 -48.01 6.99 7.03
C PRO A 451 -46.72 7.78 6.95
N PHE A 452 -46.52 8.70 7.90
CA PHE A 452 -45.44 9.68 7.80
C PHE A 452 -44.21 9.16 8.52
N VAL A 453 -43.26 8.59 7.78
CA VAL A 453 -42.01 8.14 8.35
C VAL A 453 -41.09 9.34 8.54
N CYS A 454 -40.45 9.42 9.70
CA CYS A 454 -39.46 10.44 9.97
C CYS A 454 -38.13 10.07 9.35
N GLN A 455 -37.26 11.06 9.18
CA GLN A 455 -35.87 10.85 8.79
C GLN A 455 -34.87 11.30 9.84
N ASN A 456 -35.18 12.32 10.65
CA ASN A 456 -34.24 12.89 11.62
C ASN A 456 -34.97 13.32 12.88
N ASN A 457 -34.85 12.51 13.94
CA ASN A 457 -35.02 12.98 15.33
C ASN A 457 -36.41 13.55 15.60
N CYS A 458 -37.45 12.77 15.28
CA CYS A 458 -38.80 13.29 15.32
C CYS A 458 -39.37 13.22 16.75
N PRO A 459 -40.44 14.03 17.03
CA PRO A 459 -40.60 14.70 18.33
C PRO A 459 -40.20 13.98 19.60
N GLY A 460 -39.54 14.72 20.48
CA GLY A 460 -39.17 14.21 21.78
C GLY A 460 -40.37 13.75 22.57
N GLN A 461 -40.34 12.48 23.00
CA GLN A 461 -41.37 11.96 23.87
C GLN A 461 -41.35 12.74 25.18
N LEU A 462 -42.54 13.09 25.66
CA LEU A 462 -42.71 13.90 26.86
C LEU A 462 -43.10 12.99 28.01
N PHE A 463 -42.25 12.93 29.03
CA PHE A 463 -42.44 12.09 30.20
C PHE A 463 -42.80 12.95 31.39
N VAL A 464 -43.74 12.47 32.21
CA VAL A 464 -44.16 13.15 33.43
C VAL A 464 -44.19 12.17 34.59
N LYS A 465 -44.03 12.72 35.78
CA LYS A 465 -43.94 11.99 37.04
C LYS A 465 -44.21 13.00 38.14
N VAL A 466 -44.65 12.51 39.29
CA VAL A 466 -44.82 13.35 40.46
C VAL A 466 -43.57 13.22 41.32
N ALA A 467 -43.05 14.35 41.79
CA ALA A 467 -41.88 14.31 42.66
C ALA A 467 -42.27 13.63 43.97
N PRO A 468 -41.42 12.75 44.56
CA PRO A 468 -41.80 12.12 45.82
C PRO A 468 -42.01 13.10 46.95
N ASN A 469 -43.21 13.08 47.53
CA ASN A 469 -43.60 13.96 48.63
C ASN A 469 -43.62 13.13 49.92
N LEU A 470 -42.45 12.92 50.49
CA LEU A 470 -42.30 11.95 51.57
C LEU A 470 -42.68 12.51 52.93
N THR A 471 -43.03 11.59 53.83
CA THR A 471 -43.39 11.92 55.21
C THR A 471 -42.14 12.10 56.07
N ASN A 472 -42.37 12.40 57.36
CA ASN A 472 -41.27 12.55 58.29
C ASN A 472 -40.66 11.23 58.71
N GLU A 473 -41.35 10.10 58.48
CA GLU A 473 -40.87 8.82 58.96
C GLU A 473 -39.68 8.28 58.19
N TYR A 474 -39.29 8.91 57.08
CA TYR A 474 -38.43 8.28 56.09
C TYR A 474 -37.04 8.00 56.64
N ASP A 475 -36.47 6.90 56.17
CA ASP A 475 -35.11 6.49 56.53
C ASP A 475 -34.59 5.70 55.34
N PRO A 476 -33.80 6.30 54.43
CA PRO A 476 -33.36 5.55 53.25
C PRO A 476 -32.47 4.37 53.56
N ASP A 477 -31.86 4.30 54.75
CA ASP A 477 -31.07 3.13 55.09
C ASP A 477 -31.93 1.90 55.30
N ALA A 478 -33.19 2.07 55.69
CA ALA A 478 -34.09 0.93 55.77
C ALA A 478 -34.48 0.47 54.37
N SER A 479 -34.64 -0.84 54.21
CA SER A 479 -34.97 -1.41 52.92
C SER A 479 -36.45 -1.35 52.56
N ALA A 480 -37.31 -0.98 53.50
CA ALA A 480 -38.74 -0.93 53.21
C ALA A 480 -39.05 0.19 52.21
N ASN A 481 -40.16 0.03 51.49
CA ASN A 481 -40.58 1.03 50.52
C ASN A 481 -40.89 2.35 51.22
N MET A 482 -40.50 3.45 50.58
CA MET A 482 -40.62 4.76 51.20
C MET A 482 -42.09 5.18 51.30
N SER A 483 -42.43 5.83 52.40
CA SER A 483 -43.81 6.24 52.68
C SER A 483 -44.10 7.56 51.98
N ARG A 484 -44.81 7.51 50.86
CA ARG A 484 -45.28 8.72 50.20
C ARG A 484 -46.52 9.25 50.89
N ILE A 485 -46.65 10.57 50.94
CA ILE A 485 -47.96 11.16 51.16
C ILE A 485 -48.74 10.90 49.88
N VAL A 486 -49.84 10.18 50.00
CA VAL A 486 -50.60 9.78 48.81
C VAL A 486 -51.10 11.03 48.11
N THR A 487 -50.77 11.14 46.83
CA THR A 487 -50.88 12.41 46.11
C THR A 487 -51.18 12.13 44.66
N TYR A 488 -51.74 13.14 44.00
CA TYR A 488 -51.96 13.09 42.57
C TYR A 488 -52.00 14.51 42.05
N SER A 489 -52.00 14.62 40.72
CA SER A 489 -51.92 15.88 40.03
C SER A 489 -52.87 15.91 38.85
N ASP A 490 -53.32 17.10 38.52
CA ASP A 490 -54.02 17.39 37.28
C ASP A 490 -53.26 18.49 36.56
N PHE A 491 -53.11 18.35 35.25
CA PHE A 491 -52.55 19.43 34.46
C PHE A 491 -53.21 19.44 33.09
N TRP A 492 -53.21 20.62 32.48
CA TRP A 492 -53.77 20.82 31.16
C TRP A 492 -52.64 20.73 30.14
N TRP A 493 -52.81 19.85 29.15
CA TRP A 493 -51.87 19.68 28.05
C TRP A 493 -52.43 20.39 26.84
N LYS A 494 -51.55 21.00 26.05
CA LYS A 494 -51.97 21.66 24.84
C LYS A 494 -50.87 21.59 23.81
N GLY A 495 -51.26 21.42 22.54
CA GLY A 495 -50.31 21.31 21.46
C GLY A 495 -50.90 21.75 20.14
N LYS A 496 -50.01 22.02 19.20
CA LYS A 496 -50.34 22.57 17.89
C LYS A 496 -49.69 21.69 16.85
N LEU A 497 -50.49 21.20 15.88
CA LEU A 497 -50.03 20.31 14.83
C LEU A 497 -50.37 20.94 13.49
N VAL A 498 -49.34 21.23 12.69
CA VAL A 498 -49.45 22.01 11.47
C VAL A 498 -49.24 21.08 10.29
N PHE A 499 -50.16 21.14 9.33
CA PHE A 499 -50.04 20.45 8.05
C PHE A 499 -50.06 21.47 6.93
N LYS A 500 -49.79 20.97 5.72
CA LYS A 500 -50.02 21.70 4.49
C LYS A 500 -50.60 20.69 3.50
N ALA A 501 -51.64 21.08 2.78
CA ALA A 501 -52.41 20.14 1.97
C ALA A 501 -52.88 20.79 0.68
N LYS A 502 -53.04 19.98 -0.36
CA LYS A 502 -53.45 20.41 -1.69
C LYS A 502 -54.90 19.99 -1.93
N LEU A 503 -55.73 20.93 -2.36
CA LEU A 503 -57.13 20.64 -2.62
C LEU A 503 -57.31 19.87 -3.92
N ARG A 504 -58.37 19.08 -3.96
CA ARG A 504 -58.65 18.21 -5.10
C ARG A 504 -59.08 19.01 -6.32
N ALA A 505 -58.86 18.43 -7.50
CA ALA A 505 -59.36 18.96 -8.77
C ALA A 505 -60.20 17.89 -9.47
N SER A 506 -61.19 18.34 -10.24
CA SER A 506 -62.17 17.46 -10.86
C SER A 506 -61.69 17.02 -12.25
N HIS A 507 -60.70 16.13 -12.25
CA HIS A 507 -60.15 15.65 -13.51
C HIS A 507 -61.11 14.78 -14.30
N THR A 508 -62.11 14.19 -13.65
CA THR A 508 -62.97 13.16 -14.25
C THR A 508 -64.42 13.61 -14.25
N TRP A 509 -65.16 13.11 -15.23
CA TRP A 509 -66.57 13.46 -15.38
C TRP A 509 -67.40 12.93 -14.21
N ASN A 510 -67.23 11.67 -13.85
CA ASN A 510 -68.05 11.09 -12.81
C ASN A 510 -67.73 11.73 -11.46
N PRO A 511 -68.69 11.77 -10.53
CA PRO A 511 -68.33 12.17 -9.18
C PRO A 511 -67.51 11.11 -8.46
N ILE A 512 -66.63 11.57 -7.58
CA ILE A 512 -65.83 10.68 -6.75
C ILE A 512 -66.61 10.32 -5.50
N GLN A 513 -66.12 9.31 -4.77
CA GLN A 513 -66.75 8.82 -3.57
C GLN A 513 -66.77 9.87 -2.48
N GLN A 514 -67.97 10.30 -2.10
CA GLN A 514 -68.13 11.22 -0.98
C GLN A 514 -67.98 10.45 0.34
N MET A 515 -67.64 11.18 1.39
CA MET A 515 -67.90 10.75 2.76
C MET A 515 -69.03 11.61 3.30
N SER A 516 -70.03 10.97 3.90
CA SER A 516 -71.23 11.71 4.27
C SER A 516 -71.97 11.01 5.39
N ILE A 517 -72.61 11.81 6.22
CA ILE A 517 -73.62 11.32 7.15
C ILE A 517 -74.86 10.97 6.35
N ASN A 518 -75.53 9.89 6.74
CA ASN A 518 -76.66 9.38 6.00
C ASN A 518 -77.62 8.71 6.97
N VAL A 519 -78.74 8.25 6.43
CA VAL A 519 -79.84 7.72 7.24
C VAL A 519 -79.39 6.52 8.06
N ASP A 520 -78.44 5.74 7.56
CA ASP A 520 -77.95 4.57 8.25
C ASP A 520 -76.93 4.88 9.34
N ASN A 521 -76.53 6.15 9.51
CA ASN A 521 -75.67 6.52 10.64
C ASN A 521 -76.01 7.89 11.23
N GLN A 522 -77.18 8.48 10.90
CA GLN A 522 -77.55 9.80 11.43
C GLN A 522 -77.59 9.81 12.95
N PHE A 523 -77.94 8.69 13.58
CA PHE A 523 -77.89 8.53 15.02
C PHE A 523 -76.60 7.89 15.52
N ASN A 524 -75.52 7.93 14.73
CA ASN A 524 -74.24 7.36 15.14
C ASN A 524 -73.35 8.39 15.80
N TYR A 525 -73.08 9.50 15.10
CA TYR A 525 -72.13 10.50 15.58
C TYR A 525 -72.71 11.37 16.69
N VAL A 526 -74.02 11.61 16.68
CA VAL A 526 -74.64 12.50 17.65
C VAL A 526 -74.60 11.86 19.04
N PRO A 527 -74.40 12.59 20.14
CA PRO A 527 -74.36 11.94 21.45
C PRO A 527 -75.71 11.39 21.88
N SER A 528 -75.65 10.42 22.79
CA SER A 528 -76.83 9.72 23.29
C SER A 528 -77.47 10.48 24.46
N ASN A 529 -78.71 10.08 24.77
CA ASN A 529 -79.45 10.72 25.86
C ASN A 529 -78.80 10.45 27.21
N ILE A 530 -78.19 9.29 27.38
CA ILE A 530 -77.49 8.95 28.63
C ILE A 530 -76.11 9.61 28.69
N GLY A 531 -75.75 10.41 27.69
CA GLY A 531 -74.50 11.13 27.68
C GLY A 531 -73.34 10.40 27.06
N GLY A 532 -73.50 9.13 26.73
CA GLY A 532 -72.42 8.42 26.06
C GLY A 532 -72.23 8.88 24.63
N MET A 533 -71.00 8.74 24.14
CA MET A 533 -70.66 9.15 22.80
C MET A 533 -69.61 8.22 22.25
N LYS A 534 -69.51 8.17 20.92
CA LYS A 534 -68.65 7.22 20.23
C LYS A 534 -68.04 7.87 19.02
N ILE A 535 -66.86 7.39 18.64
CA ILE A 535 -66.23 7.69 17.37
C ILE A 535 -66.15 6.38 16.59
N VAL A 536 -66.80 6.34 15.44
CA VAL A 536 -66.69 5.18 14.55
C VAL A 536 -65.52 5.39 13.61
N TYR A 537 -64.99 4.28 13.09
CA TYR A 537 -63.90 4.38 12.14
C TYR A 537 -64.41 4.94 10.82
N GLU A 538 -63.50 5.57 10.09
CA GLU A 538 -63.82 6.23 8.83
C GLU A 538 -62.73 5.95 7.81
N LYS A 539 -63.13 5.85 6.54
CA LYS A 539 -62.17 5.67 5.47
C LYS A 539 -61.34 6.93 5.31
N SER A 540 -60.18 6.80 4.65
CA SER A 540 -59.27 7.91 4.41
C SER A 540 -59.06 8.21 2.93
N GLN A 541 -58.68 7.21 2.16
CA GLN A 541 -58.32 7.39 0.75
C GLN A 541 -59.56 7.13 -0.09
N LEU A 542 -60.28 8.20 -0.43
CA LEU A 542 -61.57 8.09 -1.10
C LEU A 542 -61.47 8.26 -2.62
N ALA A 543 -60.91 9.35 -3.09
CA ALA A 543 -60.99 9.60 -4.52
C ALA A 543 -59.99 8.70 -5.26
N PRO A 544 -60.30 8.25 -6.49
CA PRO A 544 -59.35 7.39 -7.20
C PRO A 544 -58.31 8.20 -7.98
N ARG A 545 -57.06 7.76 -7.90
CA ARG A 545 -55.94 8.35 -8.61
C ARG A 545 -55.51 7.41 -9.72
N LYS A 546 -55.33 7.96 -10.92
CA LYS A 546 -54.83 7.15 -12.02
C LYS A 546 -53.37 6.80 -11.77
N LEU A 547 -53.07 5.49 -11.75
CA LEU A 547 -51.71 5.06 -11.51
C LEU A 547 -50.84 5.24 -12.73
N TYR A 548 -51.41 5.11 -13.92
CA TYR A 548 -50.65 5.03 -15.15
C TYR A 548 -51.46 5.64 -16.28
N GLY B 1 20.94 9.36 -6.93
CA GLY B 1 21.97 8.34 -7.31
C GLY B 1 21.73 6.98 -6.70
N VAL B 2 22.67 6.06 -6.96
CA VAL B 2 22.53 4.68 -6.49
C VAL B 2 22.58 4.63 -4.96
N GLY B 3 23.46 5.40 -4.36
CA GLY B 3 23.74 5.27 -2.95
C GLY B 3 22.80 5.99 -2.00
N ILE B 4 21.79 6.70 -2.49
CA ILE B 4 20.95 7.56 -1.68
C ILE B 4 19.61 6.88 -1.45
N SER B 5 19.13 6.95 -0.22
CA SER B 5 17.80 6.46 0.13
C SER B 5 16.74 7.47 -0.27
N THR B 6 15.59 6.96 -0.69
CA THR B 6 14.54 7.79 -1.28
C THR B 6 13.45 8.17 -0.28
N GLY B 7 13.14 7.31 0.67
CA GLY B 7 12.04 7.56 1.59
C GLY B 7 12.24 6.90 2.94
N THR B 8 11.21 6.97 3.79
CA THR B 8 11.27 6.53 5.17
C THR B 8 10.20 5.48 5.44
N PHE B 9 10.55 4.56 6.32
CA PHE B 9 9.63 3.55 6.80
C PHE B 9 8.78 4.16 7.90
N ASN B 10 7.50 3.81 7.92
CA ASN B 10 6.59 4.34 8.92
C ASN B 10 5.44 3.35 9.06
N ASN B 11 5.16 2.96 10.31
CA ASN B 11 4.04 2.09 10.63
C ASN B 11 3.28 2.59 11.85
N GLN B 12 3.36 3.89 12.13
CA GLN B 12 2.61 4.45 13.22
C GLN B 12 1.14 4.57 12.86
N THR B 13 0.28 4.33 13.84
CA THR B 13 -1.12 4.74 13.78
C THR B 13 -1.27 5.96 14.67
N GLU B 14 -1.56 7.09 14.05
CA GLU B 14 -1.57 8.39 14.72
C GLU B 14 -3.01 8.83 14.88
N PHE B 15 -3.43 9.01 16.12
CA PHE B 15 -4.78 9.46 16.44
C PHE B 15 -4.72 10.96 16.72
N LYS B 16 -5.26 11.75 15.80
CA LYS B 16 -5.32 13.20 15.90
C LYS B 16 -6.76 13.60 16.19
N PHE B 17 -6.96 14.32 17.30
CA PHE B 17 -8.30 14.63 17.78
C PHE B 17 -8.75 15.99 17.28
N LEU B 18 -9.94 16.01 16.67
CA LEU B 18 -10.53 17.20 16.07
C LEU B 18 -11.68 17.70 16.95
N GLU B 19 -12.27 18.82 16.56
CA GLU B 19 -13.37 19.40 17.33
C GLU B 19 -14.61 18.54 17.23
N ASN B 20 -15.52 18.75 18.19
CA ASN B 20 -16.84 18.13 18.22
C ASN B 20 -16.77 16.60 18.23
N GLY B 21 -15.76 16.05 18.89
CA GLY B 21 -15.70 14.63 19.10
C GLY B 21 -15.30 13.79 17.91
N TRP B 22 -14.95 14.40 16.80
CA TRP B 22 -14.38 13.68 15.69
C TRP B 22 -12.89 13.46 15.92
N VAL B 23 -12.41 12.32 15.48
CA VAL B 23 -11.00 11.96 15.57
C VAL B 23 -10.57 11.37 14.24
N GLU B 24 -9.46 11.86 13.71
CA GLU B 24 -8.89 11.37 12.46
C GLU B 24 -7.77 10.40 12.80
N ILE B 25 -7.73 9.30 12.07
CA ILE B 25 -6.94 8.13 12.43
C ILE B 25 -6.09 7.80 11.21
N THR B 26 -4.86 8.30 11.20
CA THR B 26 -3.94 8.12 10.09
C THR B 26 -3.14 6.86 10.32
N ALA B 27 -3.45 5.81 9.57
CA ALA B 27 -2.73 4.55 9.65
C ALA B 27 -1.64 4.52 8.61
N ASN B 28 -0.40 4.69 9.04
CA ASN B 28 0.76 4.45 8.19
C ASN B 28 1.11 2.97 8.27
N SER B 29 1.57 2.41 7.16
CA SER B 29 2.01 1.03 7.12
C SER B 29 3.08 0.90 6.05
N SER B 30 4.07 0.07 6.32
CA SER B 30 5.19 -0.11 5.42
C SER B 30 5.67 -1.55 5.48
N ARG B 31 6.10 -2.08 4.35
CA ARG B 31 6.49 -3.47 4.22
C ARG B 31 7.62 -3.60 3.21
N LEU B 32 8.52 -4.54 3.46
CA LEU B 32 9.45 -4.98 2.45
C LEU B 32 8.76 -6.01 1.57
N VAL B 33 8.68 -5.72 0.27
CA VAL B 33 8.03 -6.58 -0.71
C VAL B 33 9.10 -7.26 -1.55
N HIS B 34 8.97 -8.57 -1.71
CA HIS B 34 9.93 -9.41 -2.43
C HIS B 34 9.25 -10.02 -3.64
N LEU B 35 9.89 -9.90 -4.81
CA LEU B 35 9.27 -10.19 -6.09
C LEU B 35 10.27 -10.92 -6.97
N ASN B 36 9.93 -12.12 -7.39
CA ASN B 36 10.70 -12.83 -8.39
C ASN B 36 10.24 -12.44 -9.79
N MET B 37 11.03 -12.84 -10.77
CA MET B 37 10.65 -12.59 -12.14
C MET B 37 9.45 -13.47 -12.49
N PRO B 38 8.73 -13.16 -13.57
CA PRO B 38 7.62 -14.02 -13.96
C PRO B 38 8.07 -15.42 -14.30
N GLU B 39 7.20 -16.39 -14.04
CA GLU B 39 7.47 -17.76 -14.47
C GLU B 39 7.60 -17.84 -15.98
N SER B 40 6.79 -17.08 -16.69
CA SER B 40 6.96 -16.89 -18.13
C SER B 40 6.34 -15.56 -18.50
N GLU B 41 6.93 -14.89 -19.49
CA GLU B 41 6.45 -13.57 -19.86
C GLU B 41 5.09 -13.62 -20.53
N ASN B 42 4.79 -14.70 -21.25
CA ASN B 42 3.59 -14.72 -22.07
C ASN B 42 2.33 -14.81 -21.23
N TYR B 43 1.30 -14.10 -21.65
CA TYR B 43 -0.03 -14.30 -21.08
C TYR B 43 -0.56 -15.65 -21.50
N ARG B 44 -1.04 -16.44 -20.55
CA ARG B 44 -1.59 -17.77 -20.81
C ARG B 44 -3.07 -17.79 -20.50
N ARG B 45 -3.88 -18.20 -21.48
CA ARG B 45 -5.31 -18.41 -21.30
C ARG B 45 -5.51 -19.86 -20.91
N VAL B 46 -5.63 -20.12 -19.61
CA VAL B 46 -5.63 -21.46 -19.07
C VAL B 46 -7.03 -21.80 -18.59
N VAL B 47 -7.50 -22.98 -18.96
CA VAL B 47 -8.80 -23.52 -18.55
C VAL B 47 -8.55 -24.59 -17.52
N VAL B 48 -9.29 -24.54 -16.42
CA VAL B 48 -9.17 -25.47 -15.30
C VAL B 48 -10.50 -26.19 -15.16
N ASN B 49 -10.44 -27.53 -15.09
CA ASN B 49 -11.62 -28.38 -15.19
C ASN B 49 -11.37 -29.61 -14.33
N ASN B 50 -11.91 -29.63 -13.12
CA ASN B 50 -11.79 -30.81 -12.27
C ASN B 50 -12.92 -31.76 -12.61
N MET B 51 -12.85 -32.30 -13.83
CA MET B 51 -13.92 -33.12 -14.39
C MET B 51 -14.22 -34.34 -13.53
N ASP B 52 -13.17 -35.06 -13.15
CA ASP B 52 -13.37 -36.30 -12.41
C ASP B 52 -13.96 -36.05 -11.03
N LYS B 53 -13.48 -35.01 -10.34
CA LYS B 53 -13.87 -34.81 -8.95
C LYS B 53 -15.35 -34.50 -8.81
N THR B 54 -15.95 -33.85 -9.81
CA THR B 54 -17.38 -33.56 -9.81
C THR B 54 -18.19 -34.53 -10.66
N ALA B 55 -17.55 -35.39 -11.45
CA ALA B 55 -18.31 -36.36 -12.23
C ALA B 55 -18.95 -37.42 -11.35
N VAL B 56 -18.31 -37.77 -10.24
CA VAL B 56 -18.94 -38.65 -9.27
C VAL B 56 -20.15 -37.93 -8.70
N ASN B 57 -21.24 -38.67 -8.49
CA ASN B 57 -22.49 -38.06 -8.07
C ASN B 57 -22.36 -37.47 -6.68
N GLY B 58 -23.18 -36.46 -6.41
CA GLY B 58 -23.20 -35.84 -5.10
C GLY B 58 -22.16 -34.75 -4.87
N ASN B 59 -21.15 -34.69 -5.74
CA ASN B 59 -20.03 -33.77 -5.58
C ASN B 59 -20.27 -32.47 -6.34
N MET B 60 -21.53 -32.07 -6.50
CA MET B 60 -21.83 -30.88 -7.32
C MET B 60 -21.18 -29.62 -6.77
N ALA B 61 -21.24 -29.42 -5.47
CA ALA B 61 -20.73 -28.18 -4.90
C ALA B 61 -19.22 -28.06 -4.96
N LEU B 62 -18.50 -29.14 -5.26
CA LEU B 62 -17.04 -29.13 -5.29
C LEU B 62 -16.50 -28.74 -6.65
N ASP B 63 -17.31 -28.08 -7.48
CA ASP B 63 -17.03 -27.86 -8.89
C ASP B 63 -16.07 -26.69 -9.12
N ASP B 64 -14.77 -26.98 -9.09
CA ASP B 64 -13.73 -25.97 -9.30
C ASP B 64 -13.37 -25.92 -10.78
N ILE B 65 -14.25 -25.26 -11.54
CA ILE B 65 -14.13 -25.15 -12.98
C ILE B 65 -14.21 -23.68 -13.36
N HIS B 66 -13.23 -23.22 -14.14
CA HIS B 66 -13.19 -21.85 -14.59
C HIS B 66 -12.10 -21.73 -15.64
N ALA B 67 -12.06 -20.55 -16.27
CA ALA B 67 -10.97 -20.15 -17.15
C ALA B 67 -10.42 -18.84 -16.65
N GLN B 68 -9.11 -18.64 -16.82
CA GLN B 68 -8.46 -17.42 -16.39
C GLN B 68 -7.30 -17.08 -17.30
N ILE B 69 -6.89 -15.82 -17.27
CA ILE B 69 -5.71 -15.32 -17.95
C ILE B 69 -4.62 -15.14 -16.89
N VAL B 70 -3.56 -15.91 -17.00
CA VAL B 70 -2.39 -15.74 -16.14
C VAL B 70 -1.46 -14.76 -16.81
N THR B 71 -0.97 -13.81 -16.03
CA THR B 71 -0.26 -12.64 -16.51
C THR B 71 1.17 -12.67 -15.98
N PRO B 72 2.11 -11.97 -16.62
CA PRO B 72 3.42 -11.83 -16.01
C PRO B 72 3.42 -10.93 -14.78
N TRP B 73 2.40 -10.13 -14.59
CA TRP B 73 2.43 -9.11 -13.55
C TRP B 73 2.05 -9.69 -12.18
N SER B 74 2.35 -8.92 -11.14
CA SER B 74 1.96 -9.21 -9.78
C SER B 74 1.33 -7.97 -9.15
N LEU B 75 0.49 -8.19 -8.15
CA LEU B 75 -0.37 -7.15 -7.57
C LEU B 75 0.07 -6.87 -6.14
N VAL B 76 0.17 -5.60 -5.80
CA VAL B 76 0.36 -5.15 -4.43
C VAL B 76 -0.97 -4.62 -3.95
N ASP B 77 -1.56 -5.28 -2.96
CA ASP B 77 -2.88 -4.96 -2.44
C ASP B 77 -2.82 -4.78 -0.94
N ALA B 78 -3.33 -3.65 -0.47
CA ALA B 78 -3.39 -3.30 0.94
C ALA B 78 -4.81 -3.26 1.47
N ASN B 79 -5.76 -3.88 0.77
CA ASN B 79 -7.17 -3.80 1.12
C ASN B 79 -7.55 -4.88 2.14
N ALA B 80 -6.92 -4.82 3.31
CA ALA B 80 -7.35 -5.62 4.44
C ALA B 80 -6.94 -4.92 5.73
N TRP B 81 -7.74 -5.12 6.79
CA TRP B 81 -7.54 -4.37 8.04
C TRP B 81 -6.18 -4.68 8.65
N GLY B 82 -5.76 -5.94 8.57
CA GLY B 82 -4.49 -6.32 9.18
C GLY B 82 -3.28 -5.61 8.60
N VAL B 83 -3.39 -5.14 7.36
CA VAL B 83 -2.29 -4.42 6.74
C VAL B 83 -2.01 -3.11 7.44
N TRP B 84 -2.98 -2.54 8.15
CA TRP B 84 -2.92 -1.18 8.65
C TRP B 84 -2.87 -1.09 10.17
N PHE B 85 -3.76 -1.76 10.87
CA PHE B 85 -3.94 -1.59 12.31
C PHE B 85 -3.42 -2.79 13.08
N ASN B 86 -2.67 -2.54 14.14
CA ASN B 86 -2.25 -3.58 15.06
C ASN B 86 -3.39 -3.87 16.04
N PRO B 87 -3.32 -4.95 16.81
CA PRO B 87 -4.41 -5.24 17.74
C PRO B 87 -4.65 -4.16 18.78
N GLY B 88 -3.61 -3.43 19.19
CA GLY B 88 -3.83 -2.32 20.11
C GLY B 88 -4.64 -1.21 19.48
N ASP B 89 -4.30 -0.87 18.23
CA ASP B 89 -5.08 0.13 17.51
C ASP B 89 -6.51 -0.32 17.34
N TRP B 90 -6.71 -1.60 17.03
CA TRP B 90 -8.06 -2.11 16.83
C TRP B 90 -8.84 -2.12 18.14
N GLN B 91 -8.17 -2.37 19.27
CA GLN B 91 -8.83 -2.25 20.56
C GLN B 91 -9.32 -0.84 20.77
N LEU B 92 -8.46 0.14 20.50
CA LEU B 92 -8.85 1.53 20.71
C LEU B 92 -10.01 1.91 19.81
N ILE B 93 -9.97 1.45 18.55
CA ILE B 93 -11.06 1.72 17.61
C ILE B 93 -12.37 1.14 18.11
N VAL B 94 -12.39 -0.16 18.38
CA VAL B 94 -13.66 -0.81 18.66
C VAL B 94 -14.20 -0.41 20.02
N ASN B 95 -13.35 -0.01 20.96
CA ASN B 95 -13.85 0.42 22.25
C ASN B 95 -14.32 1.86 22.24
N THR B 96 -13.58 2.77 21.61
CA THR B 96 -13.86 4.19 21.75
C THR B 96 -14.81 4.74 20.70
N MET B 97 -14.86 4.15 19.52
CA MET B 97 -15.48 4.76 18.36
C MET B 97 -16.87 4.17 18.12
N SER B 98 -17.84 5.06 17.83
CA SER B 98 -19.19 4.65 17.49
C SER B 98 -19.36 4.42 15.99
N GLU B 99 -18.87 5.35 15.17
CA GLU B 99 -19.05 5.30 13.74
C GLU B 99 -17.75 5.74 13.09
N LEU B 100 -17.51 5.22 11.89
CA LEU B 100 -16.21 5.32 11.23
C LEU B 100 -16.44 5.69 9.77
N HIS B 101 -15.63 6.62 9.27
CA HIS B 101 -15.69 7.08 7.89
C HIS B 101 -14.35 6.82 7.22
N LEU B 102 -14.40 6.47 5.94
CA LEU B 102 -13.21 6.15 5.16
C LEU B 102 -12.93 7.33 4.25
N VAL B 103 -11.76 7.95 4.40
CA VAL B 103 -11.49 9.29 3.88
C VAL B 103 -10.52 9.26 2.70
N SER B 104 -9.27 8.86 2.96
CA SER B 104 -8.22 9.00 1.95
C SER B 104 -7.23 7.85 2.02
N PHE B 105 -6.56 7.63 0.90
CA PHE B 105 -5.64 6.52 0.71
C PHE B 105 -4.49 7.00 -0.18
N GLU B 106 -3.31 6.48 0.09
CA GLU B 106 -2.12 6.91 -0.64
C GLU B 106 -1.10 5.78 -0.58
N GLN B 107 -0.22 5.72 -1.57
CA GLN B 107 0.87 4.76 -1.57
C GLN B 107 2.12 5.37 -2.16
N GLU B 108 3.25 4.72 -1.89
CA GLU B 108 4.41 4.84 -2.75
C GLU B 108 5.24 3.58 -2.65
N ILE B 109 5.85 3.18 -3.76
CA ILE B 109 6.91 2.18 -3.78
C ILE B 109 8.21 2.94 -3.83
N PHE B 110 9.11 2.61 -2.91
CA PHE B 110 10.31 3.41 -2.71
C PHE B 110 11.46 2.49 -2.32
N ASN B 111 12.68 2.96 -2.60
CA ASN B 111 13.91 2.25 -2.25
C ASN B 111 13.96 0.88 -2.92
N VAL B 112 13.82 0.88 -4.23
CA VAL B 112 13.84 -0.36 -5.01
C VAL B 112 15.27 -0.89 -5.08
N VAL B 113 15.38 -2.21 -5.13
CA VAL B 113 16.66 -2.91 -5.28
C VAL B 113 16.44 -4.08 -6.22
N LEU B 114 17.42 -4.35 -7.08
CA LEU B 114 17.35 -5.48 -8.01
C LEU B 114 18.67 -6.22 -8.05
N LYS B 115 18.58 -7.54 -8.10
CA LYS B 115 19.72 -8.44 -7.95
C LYS B 115 19.60 -9.57 -8.94
N THR B 116 20.74 -10.12 -9.33
CA THR B 116 20.84 -11.24 -10.27
C THR B 116 21.50 -12.42 -9.59
N VAL B 117 20.84 -13.58 -9.65
CA VAL B 117 21.43 -14.81 -9.15
C VAL B 117 22.45 -15.30 -10.16
N SER B 118 23.50 -15.98 -9.66
CA SER B 118 24.48 -16.61 -10.52
C SER B 118 25.02 -17.85 -9.84
N GLU B 119 25.44 -18.81 -10.64
CA GLU B 119 26.04 -20.04 -10.13
C GLU B 119 27.52 -19.84 -9.86
N THR B 126 27.40 -23.59 -5.84
CA THR B 126 26.88 -22.60 -4.86
C THR B 126 26.47 -21.30 -5.54
N LYS B 127 25.40 -20.68 -5.03
CA LYS B 127 24.90 -19.45 -5.61
C LYS B 127 25.75 -18.27 -5.19
N VAL B 128 25.83 -17.28 -6.08
CA VAL B 128 26.47 -15.99 -5.81
C VAL B 128 25.52 -14.89 -6.24
N TYR B 129 25.25 -13.96 -5.34
CA TYR B 129 24.28 -12.90 -5.56
C TYR B 129 25.02 -11.59 -5.82
N ASN B 130 24.53 -10.82 -6.80
CA ASN B 130 25.19 -9.60 -7.22
C ASN B 130 24.14 -8.57 -7.62
N ASN B 131 24.49 -7.30 -7.51
CA ASN B 131 23.59 -6.23 -7.87
C ASN B 131 23.57 -6.03 -9.37
N ASP B 132 22.44 -5.54 -9.87
CA ASP B 132 22.26 -5.10 -11.24
C ASP B 132 21.78 -3.66 -11.16
N LEU B 133 22.71 -2.72 -11.25
CA LEU B 133 22.38 -1.31 -11.15
C LEU B 133 21.65 -0.78 -12.39
N THR B 134 21.48 -1.57 -13.44
CA THR B 134 20.88 -1.15 -14.69
C THR B 134 19.48 -1.69 -14.90
N ALA B 135 19.09 -2.76 -14.24
CA ALA B 135 17.75 -3.32 -14.41
C ALA B 135 16.72 -2.38 -13.82
N SER B 136 15.44 -2.70 -14.08
CA SER B 136 14.33 -1.84 -13.68
C SER B 136 13.14 -2.67 -13.25
N LEU B 137 12.55 -2.29 -12.13
CA LEU B 137 11.22 -2.77 -11.76
C LEU B 137 10.19 -1.96 -12.51
N MET B 138 9.31 -2.63 -13.24
CA MET B 138 8.17 -1.98 -13.85
C MET B 138 7.08 -1.85 -12.80
N VAL B 139 6.44 -0.69 -12.74
CA VAL B 139 5.32 -0.43 -11.85
C VAL B 139 4.25 0.28 -12.65
N ALA B 140 3.01 -0.15 -12.49
CA ALA B 140 1.89 0.35 -13.28
C ALA B 140 0.68 0.54 -12.39
N LEU B 141 -0.02 1.66 -12.60
CA LEU B 141 -1.14 2.07 -11.75
C LEU B 141 -2.38 2.26 -12.61
N ASP B 142 -3.44 1.51 -12.30
CA ASP B 142 -4.69 1.57 -13.06
C ASP B 142 -5.58 2.67 -12.48
N SER B 143 -5.19 3.92 -12.78
CA SER B 143 -5.84 5.07 -12.17
C SER B 143 -7.32 5.19 -12.50
N ASN B 144 -7.78 4.61 -13.60
CA ASN B 144 -9.17 4.69 -14.04
C ASN B 144 -9.93 3.39 -13.86
N ASN B 145 -9.33 2.37 -13.24
CA ASN B 145 -9.97 1.07 -13.06
C ASN B 145 -10.39 0.45 -14.40
N THR B 146 -9.54 0.61 -15.42
CA THR B 146 -9.79 -0.05 -16.68
C THR B 146 -9.72 -1.57 -16.53
N MET B 147 -8.74 -2.05 -15.80
CA MET B 147 -8.55 -3.49 -15.66
C MET B 147 -9.61 -4.08 -14.75
N PRO B 148 -9.90 -5.38 -14.86
CA PRO B 148 -10.87 -5.98 -13.94
C PRO B 148 -10.37 -5.94 -12.52
N PHE B 149 -11.26 -5.59 -11.60
CA PHE B 149 -10.88 -5.44 -10.20
C PHE B 149 -10.79 -6.81 -9.55
N THR B 150 -9.85 -6.94 -8.62
CA THR B 150 -9.56 -8.23 -7.98
C THR B 150 -9.09 -7.98 -6.56
N PRO B 151 -10.01 -7.94 -5.58
CA PRO B 151 -9.57 -7.68 -4.21
C PRO B 151 -8.90 -8.91 -3.63
N ALA B 152 -7.64 -8.75 -3.20
CA ALA B 152 -6.84 -9.88 -2.75
C ALA B 152 -7.39 -10.54 -1.50
N ALA B 153 -8.22 -9.85 -0.73
CA ALA B 153 -8.60 -10.33 0.59
C ALA B 153 -9.43 -11.60 0.51
N MET B 154 -10.24 -11.75 -0.53
CA MET B 154 -11.14 -12.88 -0.60
C MET B 154 -10.43 -14.21 -0.81
N ARG B 155 -9.16 -14.22 -1.20
CA ARG B 155 -8.35 -15.44 -1.28
C ARG B 155 -7.10 -15.36 -0.42
N SER B 156 -7.08 -14.50 0.60
CA SER B 156 -5.97 -14.40 1.54
C SER B 156 -4.66 -14.09 0.84
N GLU B 157 -4.72 -13.31 -0.23
CA GLU B 157 -3.57 -12.96 -1.04
C GLU B 157 -3.00 -11.58 -0.72
N THR B 158 -3.55 -10.88 0.27
CA THR B 158 -3.19 -9.49 0.50
C THR B 158 -1.76 -9.40 1.03
N LEU B 159 -1.31 -8.17 1.24
CA LEU B 159 -0.01 -7.93 1.84
C LEU B 159 0.09 -8.56 3.21
N GLY B 160 1.31 -8.92 3.59
CA GLY B 160 1.54 -9.49 4.90
C GLY B 160 1.26 -8.51 6.01
N PHE B 161 0.68 -9.00 7.09
CA PHE B 161 0.16 -8.12 8.12
C PHE B 161 1.25 -7.64 9.07
N TYR B 162 2.23 -8.45 9.38
CA TYR B 162 3.16 -8.08 10.43
C TYR B 162 4.11 -7.00 9.91
N PRO B 163 4.42 -5.94 10.66
CA PRO B 163 5.24 -4.86 10.08
C PRO B 163 6.66 -5.23 9.70
N TRP B 164 7.27 -6.21 10.36
CA TRP B 164 8.69 -6.51 10.15
C TRP B 164 8.95 -7.60 9.13
N LYS B 165 8.17 -8.68 9.11
CA LYS B 165 8.42 -9.76 8.18
C LYS B 165 8.19 -9.29 6.75
N PRO B 166 9.03 -9.67 5.79
CA PRO B 166 8.72 -9.35 4.39
C PRO B 166 7.47 -10.07 3.92
N THR B 167 6.98 -9.63 2.76
CA THR B 167 5.76 -10.12 2.18
C THR B 167 5.94 -10.25 0.67
N ILE B 168 5.17 -11.15 0.07
CA ILE B 168 5.19 -11.34 -1.38
C ILE B 168 4.05 -10.54 -1.99
N PRO B 169 4.13 -10.13 -3.26
CA PRO B 169 2.92 -9.74 -3.99
C PRO B 169 2.32 -10.94 -4.70
N THR B 170 1.02 -10.93 -4.82
CA THR B 170 0.33 -12.08 -5.41
C THR B 170 0.49 -12.08 -6.93
N PRO B 171 0.77 -13.22 -7.56
CA PRO B 171 0.70 -13.24 -9.02
C PRO B 171 -0.72 -13.00 -9.48
N TRP B 172 -0.87 -12.17 -10.50
CA TRP B 172 -2.17 -11.63 -10.87
C TRP B 172 -2.82 -12.46 -11.95
N ARG B 173 -4.15 -12.53 -11.90
CA ARG B 173 -4.91 -13.28 -12.87
C ARG B 173 -6.35 -12.80 -12.79
N TYR B 174 -7.11 -13.04 -13.85
CA TYR B 174 -8.49 -12.57 -13.92
C TYR B 174 -9.32 -13.51 -14.76
N TYR B 175 -10.62 -13.41 -14.58
CA TYR B 175 -11.52 -14.38 -15.19
C TYR B 175 -11.74 -14.10 -16.66
N PHE B 176 -11.41 -15.08 -17.47
CA PHE B 176 -11.85 -15.16 -18.85
C PHE B 176 -13.28 -15.65 -18.86
N GLN B 177 -13.95 -15.51 -20.00
CA GLN B 177 -15.32 -15.99 -20.10
C GLN B 177 -15.34 -17.45 -20.50
N TRP B 178 -16.37 -18.16 -20.05
CA TRP B 178 -16.58 -19.52 -20.47
C TRP B 178 -18.06 -19.86 -20.37
N ASP B 179 -18.41 -20.96 -21.02
CA ASP B 179 -19.77 -21.48 -21.08
C ASP B 179 -19.78 -22.84 -20.42
N ARG B 180 -20.81 -23.13 -19.65
CA ARG B 180 -20.80 -24.31 -18.80
C ARG B 180 -22.22 -24.72 -18.42
N THR B 181 -22.40 -26.01 -18.21
CA THR B 181 -23.60 -26.56 -17.61
C THR B 181 -23.23 -27.74 -16.73
N LEU B 182 -23.98 -27.90 -15.64
CA LEU B 182 -23.75 -29.01 -14.70
C LEU B 182 -25.11 -29.35 -14.10
N ILE B 183 -25.72 -30.42 -14.60
CA ILE B 183 -27.00 -30.87 -14.07
C ILE B 183 -26.73 -31.62 -12.78
N PRO B 184 -27.29 -31.24 -11.63
CA PRO B 184 -26.93 -31.93 -10.39
C PRO B 184 -27.53 -33.33 -10.32
N SER B 185 -26.97 -34.15 -9.44
CA SER B 185 -27.45 -35.51 -9.26
C SER B 185 -27.01 -36.04 -7.91
N HIS B 186 -27.91 -36.73 -7.23
CA HIS B 186 -27.62 -37.31 -5.93
C HIS B 186 -26.89 -38.63 -6.09
N THR B 187 -26.21 -39.04 -5.03
CA THR B 187 -25.67 -40.39 -4.96
C THR B 187 -26.81 -41.39 -5.07
N GLY B 188 -26.61 -42.42 -5.87
CA GLY B 188 -27.67 -43.34 -6.22
C GLY B 188 -28.41 -43.02 -7.50
N THR B 189 -28.06 -41.93 -8.18
CA THR B 189 -28.60 -41.68 -9.50
C THR B 189 -28.11 -42.74 -10.47
N SER B 190 -28.93 -43.04 -11.48
CA SER B 190 -28.64 -44.10 -12.44
C SER B 190 -27.38 -43.86 -13.26
N GLY B 191 -26.88 -42.62 -13.31
CA GLY B 191 -25.65 -42.36 -14.03
C GLY B 191 -25.15 -40.98 -13.68
N THR B 192 -24.28 -40.47 -14.54
CA THR B 192 -23.79 -39.09 -14.43
C THR B 192 -24.53 -38.23 -15.44
N PRO B 193 -25.38 -37.29 -15.04
CA PRO B 193 -25.99 -36.40 -16.04
C PRO B 193 -24.96 -35.48 -16.68
N THR B 194 -25.49 -34.58 -17.51
CA THR B 194 -24.67 -33.81 -18.44
C THR B 194 -23.69 -32.90 -17.71
N ASN B 195 -22.45 -32.88 -18.20
CA ASN B 195 -21.39 -32.08 -17.58
C ASN B 195 -20.37 -31.77 -18.68
N ILE B 196 -20.52 -30.60 -19.30
CA ILE B 196 -19.79 -30.25 -20.52
C ILE B 196 -19.27 -28.83 -20.38
N TYR B 197 -17.99 -28.64 -20.71
CA TYR B 197 -17.38 -27.31 -20.83
C TYR B 197 -17.61 -26.85 -22.26
N HIS B 198 -18.59 -25.96 -22.44
CA HIS B 198 -19.06 -25.59 -23.78
C HIS B 198 -18.15 -24.58 -24.48
N GLY B 199 -16.95 -24.34 -23.98
CA GLY B 199 -16.05 -23.40 -24.63
C GLY B 199 -16.32 -21.99 -24.20
N THR B 200 -16.17 -21.03 -25.11
CA THR B 200 -16.26 -19.60 -24.78
C THR B 200 -17.06 -18.88 -25.84
N ASP B 201 -17.74 -17.82 -25.42
CA ASP B 201 -18.68 -17.11 -26.27
C ASP B 201 -17.93 -16.02 -27.01
N PRO B 202 -17.99 -15.95 -28.34
CA PRO B 202 -17.36 -14.80 -29.02
C PRO B 202 -17.98 -13.48 -28.64
N ASP B 203 -19.23 -13.48 -28.19
CA ASP B 203 -19.88 -12.24 -27.79
C ASP B 203 -19.20 -11.56 -26.62
N ASP B 204 -18.51 -12.32 -25.76
CA ASP B 204 -18.08 -11.85 -24.45
C ASP B 204 -16.58 -11.80 -24.26
N VAL B 205 -15.78 -12.08 -25.29
CA VAL B 205 -14.36 -12.28 -25.10
C VAL B 205 -13.67 -10.95 -24.84
N GLN B 206 -12.80 -10.93 -23.82
CA GLN B 206 -12.12 -9.71 -23.38
C GLN B 206 -10.75 -10.07 -22.81
N PHE B 207 -9.71 -9.94 -23.62
CA PHE B 207 -8.33 -10.15 -23.19
C PHE B 207 -7.75 -8.79 -22.82
N TYR B 208 -7.90 -8.40 -21.57
CA TYR B 208 -7.19 -7.24 -21.07
C TYR B 208 -5.71 -7.55 -21.01
N THR B 209 -4.89 -6.55 -21.34
CA THR B 209 -3.45 -6.65 -21.16
C THR B 209 -2.96 -5.35 -20.54
N ILE B 210 -2.02 -5.48 -19.61
CA ILE B 210 -1.57 -4.34 -18.81
C ILE B 210 -0.90 -3.31 -19.71
N GLU B 211 -0.13 -3.78 -20.69
CA GLU B 211 0.71 -2.89 -21.48
C GLU B 211 -0.10 -1.87 -22.24
N ASN B 212 -1.21 -2.29 -22.85
CA ASN B 212 -2.07 -1.36 -23.57
C ASN B 212 -3.04 -0.62 -22.65
N SER B 213 -3.24 -1.09 -21.43
CA SER B 213 -4.26 -0.48 -20.58
C SER B 213 -3.79 0.82 -19.95
N VAL B 214 -2.55 0.87 -19.47
CA VAL B 214 -2.11 1.90 -18.53
C VAL B 214 -0.73 2.39 -18.92
N PRO B 215 -0.33 3.57 -18.46
CA PRO B 215 1.10 3.88 -18.41
C PRO B 215 1.83 2.95 -17.46
N VAL B 216 3.14 2.83 -17.66
CA VAL B 216 4.01 2.04 -16.82
C VAL B 216 5.24 2.87 -16.52
N HIS B 217 5.70 2.83 -15.28
CA HIS B 217 6.92 3.49 -14.85
C HIS B 217 8.00 2.45 -14.62
N LEU B 218 9.21 2.75 -15.06
CA LEU B 218 10.36 1.89 -14.92
C LEU B 218 11.28 2.54 -13.89
N LEU B 219 11.51 1.85 -12.78
CA LEU B 219 12.03 2.51 -11.60
C LEU B 219 13.56 2.55 -11.54
N ARG B 220 14.24 1.62 -12.22
CA ARG B 220 15.68 1.71 -12.44
C ARG B 220 16.49 1.80 -11.13
N THR B 221 15.97 1.17 -10.07
CA THR B 221 16.66 0.93 -8.79
C THR B 221 17.30 2.18 -8.17
N GLY B 222 16.79 3.37 -8.49
CA GLY B 222 17.06 4.55 -7.70
C GLY B 222 15.93 5.55 -7.59
N ASP B 223 14.80 5.29 -8.26
CA ASP B 223 13.69 6.23 -8.30
C ASP B 223 12.62 5.83 -7.28
N GLU B 224 11.54 6.59 -7.25
CA GLU B 224 10.41 6.38 -6.37
C GLU B 224 9.15 6.76 -7.11
N PHE B 225 8.07 6.04 -6.80
CA PHE B 225 6.78 6.18 -7.47
C PHE B 225 5.71 6.32 -6.41
N ALA B 226 4.78 7.25 -6.60
CA ALA B 226 3.76 7.59 -5.62
C ALA B 226 2.39 7.53 -6.25
N THR B 227 1.53 6.67 -5.71
CA THR B 227 0.09 6.70 -5.97
C THR B 227 -0.46 7.87 -5.17
N GLY B 228 -0.48 9.04 -5.81
CA GLY B 228 -0.86 10.26 -5.11
C GLY B 228 -2.25 10.17 -4.52
N THR B 229 -2.45 10.88 -3.40
CA THR B 229 -3.58 10.70 -2.49
C THR B 229 -4.96 10.66 -3.17
N PHE B 230 -5.65 9.55 -2.99
CA PHE B 230 -7.02 9.35 -3.45
C PHE B 230 -7.99 9.70 -2.33
N PHE B 231 -9.23 10.07 -2.70
CA PHE B 231 -10.28 10.38 -1.75
C PHE B 231 -11.50 9.50 -2.03
N PHE B 232 -11.92 8.73 -1.03
CA PHE B 232 -13.09 7.88 -1.13
C PHE B 232 -14.36 8.72 -1.03
N ASP B 233 -15.51 8.04 -1.11
CA ASP B 233 -16.81 8.68 -1.02
C ASP B 233 -17.85 7.80 -0.31
N CYS B 234 -17.42 6.80 0.45
CA CYS B 234 -18.34 5.78 0.95
C CYS B 234 -19.25 6.32 2.05
N LYS B 235 -20.35 5.61 2.26
CA LYS B 235 -21.19 5.84 3.43
C LYS B 235 -20.48 5.32 4.69
N PRO B 236 -20.82 5.84 5.87
CA PRO B 236 -20.13 5.39 7.08
C PRO B 236 -20.42 3.96 7.46
N CYS B 237 -19.42 3.32 8.06
CA CYS B 237 -19.58 2.07 8.79
C CYS B 237 -19.88 2.42 10.24
N ARG B 238 -20.60 1.53 10.91
CA ARG B 238 -21.08 1.76 12.28
C ARG B 238 -20.63 0.60 13.15
N LEU B 239 -19.94 0.93 14.23
CA LEU B 239 -19.22 -0.06 15.04
C LEU B 239 -20.04 -0.51 16.24
N THR B 240 -21.36 -0.55 16.08
CA THR B 240 -22.29 -0.90 17.14
C THR B 240 -23.37 -1.80 16.56
N HIS B 241 -23.88 -2.71 17.38
CA HIS B 241 -24.79 -3.77 16.92
C HIS B 241 -26.20 -3.52 17.42
N THR B 242 -27.17 -3.76 16.53
CA THR B 242 -28.59 -3.70 16.88
C THR B 242 -29.00 -5.01 17.53
N TRP B 243 -29.51 -4.93 18.76
CA TRP B 243 -29.95 -6.11 19.51
C TRP B 243 -31.44 -6.36 19.37
N GLN B 244 -32.22 -5.33 19.15
CA GLN B 244 -33.67 -5.50 19.05
C GLN B 244 -34.01 -6.28 17.80
N THR B 245 -34.91 -7.22 17.94
CA THR B 245 -35.62 -7.86 16.85
C THR B 245 -37.09 -7.49 16.98
N ASN B 246 -37.94 -8.12 16.17
CA ASN B 246 -39.29 -7.63 15.98
C ASN B 246 -40.11 -7.60 17.25
N ARG B 247 -39.85 -8.51 18.18
CA ARG B 247 -40.58 -8.46 19.45
C ARG B 247 -40.16 -7.28 20.29
N ALA B 248 -38.89 -6.90 20.24
CA ALA B 248 -38.37 -5.83 21.08
C ALA B 248 -38.61 -4.45 20.49
N LEU B 249 -39.45 -4.31 19.47
CA LEU B 249 -39.81 -3.02 18.94
C LEU B 249 -41.04 -2.49 19.66
N GLY B 250 -41.05 -1.19 19.92
CA GLY B 250 -42.25 -0.55 20.43
C GLY B 250 -42.41 -0.67 21.93
N LEU B 251 -43.67 -0.62 22.36
CA LEU B 251 -44.04 -0.53 23.76
C LEU B 251 -44.47 -1.89 24.28
N PRO B 252 -43.89 -2.46 25.33
CA PRO B 252 -44.42 -3.72 25.88
C PRO B 252 -45.84 -3.56 26.39
N PRO B 253 -46.57 -4.65 26.61
CA PRO B 253 -47.89 -4.52 27.21
C PRO B 253 -47.79 -4.02 28.64
N PHE B 254 -48.84 -3.34 29.09
CA PHE B 254 -48.88 -2.91 30.48
C PHE B 254 -49.10 -4.11 31.39
N LEU B 255 -48.37 -4.15 32.49
CA LEU B 255 -48.42 -5.25 33.44
C LEU B 255 -49.29 -4.86 34.63
N ASN B 256 -50.42 -5.53 34.78
CA ASN B 256 -51.33 -5.24 35.89
C ASN B 256 -50.84 -5.81 37.22
N SER B 257 -49.97 -6.83 37.18
CA SER B 257 -49.40 -7.45 38.37
C SER B 257 -47.88 -7.37 38.30
N LEU B 258 -47.25 -7.26 39.47
CA LEU B 258 -45.80 -7.23 39.59
C LEU B 258 -45.39 -8.12 40.76
N PRO B 259 -44.30 -8.88 40.67
CA PRO B 259 -43.99 -9.82 41.75
C PRO B 259 -43.51 -9.11 43.00
N GLN B 260 -43.42 -9.89 44.09
CA GLN B 260 -43.10 -9.39 45.42
C GLN B 260 -41.85 -10.00 46.04
N SER B 261 -41.25 -11.03 45.42
CA SER B 261 -40.14 -11.78 45.99
C SER B 261 -39.02 -11.90 44.97
N GLU B 262 -37.79 -11.89 45.47
CA GLU B 262 -36.63 -11.91 44.59
C GLU B 262 -36.50 -13.23 43.86
N GLY B 263 -35.75 -13.22 42.77
CA GLY B 263 -35.26 -14.42 42.12
C GLY B 263 -35.96 -14.71 40.82
N ALA B 264 -35.25 -15.41 39.93
CA ALA B 264 -35.76 -15.72 38.60
C ALA B 264 -36.94 -16.67 38.60
N THR B 265 -37.19 -17.38 39.70
CA THR B 265 -38.34 -18.27 39.76
C THR B 265 -39.66 -17.51 39.65
N ASN B 266 -39.69 -16.26 40.09
CA ASN B 266 -40.89 -15.44 40.02
C ASN B 266 -40.99 -14.75 38.67
N PHE B 267 -42.23 -14.51 38.24
CA PHE B 267 -42.51 -13.87 36.96
C PHE B 267 -43.68 -12.90 37.14
N GLY B 268 -43.78 -11.97 36.19
CA GLY B 268 -44.92 -11.08 36.12
C GLY B 268 -46.00 -11.64 35.21
N ASP B 269 -47.25 -11.27 35.49
CA ASP B 269 -48.42 -11.73 34.75
C ASP B 269 -49.11 -10.53 34.11
N ILE B 270 -49.44 -10.66 32.83
CA ILE B 270 -50.32 -9.70 32.18
C ILE B 270 -51.73 -9.93 32.68
N GLY B 271 -52.43 -8.86 33.01
CA GLY B 271 -53.74 -9.01 33.62
C GLY B 271 -54.83 -9.41 32.66
N VAL B 272 -54.89 -8.75 31.51
CA VAL B 272 -56.03 -8.86 30.62
C VAL B 272 -55.94 -10.19 29.88
N GLN B 273 -57.09 -10.85 29.71
CA GLN B 273 -57.15 -12.12 29.00
C GLN B 273 -56.69 -11.95 27.55
N GLN B 274 -56.41 -13.07 26.91
CA GLN B 274 -55.77 -13.06 25.60
C GLN B 274 -56.64 -12.37 24.54
N ASP B 275 -57.93 -12.65 24.55
CA ASP B 275 -58.85 -12.11 23.54
C ASP B 275 -59.53 -10.81 23.96
N LYS B 276 -59.25 -10.28 25.15
CA LYS B 276 -59.78 -8.99 25.60
C LYS B 276 -58.77 -7.85 25.52
N ARG B 277 -57.53 -8.11 25.10
CA ARG B 277 -56.51 -7.07 25.11
C ARG B 277 -56.80 -6.00 24.08
N ARG B 278 -56.24 -4.82 24.33
CA ARG B 278 -56.30 -3.68 23.45
C ARG B 278 -55.01 -3.59 22.65
N GLY B 279 -55.12 -3.10 21.41
CA GLY B 279 -53.97 -2.95 20.53
C GLY B 279 -54.32 -3.28 19.10
N VAL B 280 -53.29 -3.23 18.26
CA VAL B 280 -53.42 -3.36 16.82
C VAL B 280 -52.76 -4.65 16.38
N THR B 281 -53.50 -5.46 15.64
CA THR B 281 -53.01 -6.72 15.10
C THR B 281 -53.32 -6.77 13.62
N GLN B 282 -52.32 -7.15 12.82
CA GLN B 282 -52.51 -7.33 11.39
C GLN B 282 -52.90 -8.77 11.06
N MET B 283 -53.98 -9.22 11.72
CA MET B 283 -54.61 -10.51 11.47
C MET B 283 -56.11 -10.23 11.44
N GLY B 284 -56.61 -9.94 10.24
CA GLY B 284 -57.92 -9.34 10.07
C GLY B 284 -59.09 -10.19 10.56
N ASN B 285 -58.90 -11.48 10.76
CA ASN B 285 -59.95 -12.40 11.19
C ASN B 285 -59.66 -13.02 12.55
N THR B 286 -58.77 -12.43 13.35
CA THR B 286 -58.29 -13.01 14.59
C THR B 286 -58.39 -11.98 15.70
N ASN B 287 -58.93 -12.39 16.85
CA ASN B 287 -59.17 -11.50 17.97
C ASN B 287 -58.09 -11.53 19.03
N TYR B 288 -57.22 -12.53 19.03
CA TYR B 288 -56.20 -12.63 20.07
C TYR B 288 -55.04 -11.69 19.75
N ILE B 289 -54.71 -10.83 20.71
CA ILE B 289 -53.52 -9.97 20.64
C ILE B 289 -52.46 -10.61 21.51
N THR B 290 -51.29 -10.86 20.92
CA THR B 290 -50.17 -11.49 21.59
C THR B 290 -48.92 -10.76 21.16
N GLU B 291 -47.83 -11.00 21.87
CA GLU B 291 -46.56 -10.43 21.46
C GLU B 291 -46.12 -10.94 20.09
N ALA B 292 -46.55 -12.15 19.71
CA ALA B 292 -46.24 -12.65 18.38
C ALA B 292 -47.10 -12.00 17.30
N THR B 293 -48.28 -11.50 17.66
CA THR B 293 -49.27 -11.04 16.69
C THR B 293 -49.44 -9.54 16.64
N ILE B 294 -49.03 -8.82 17.68
CA ILE B 294 -49.26 -7.37 17.71
C ILE B 294 -48.46 -6.71 16.61
N MET B 295 -49.02 -5.66 16.04
CA MET B 295 -48.37 -4.93 14.96
C MET B 295 -47.03 -4.40 15.42
N ARG B 296 -46.06 -4.49 14.53
CA ARG B 296 -44.75 -3.89 14.66
C ARG B 296 -44.53 -3.00 13.45
N PRO B 297 -43.66 -1.99 13.53
CA PRO B 297 -43.47 -1.11 12.37
C PRO B 297 -42.97 -1.81 11.13
N ALA B 298 -41.94 -2.64 11.27
CA ALA B 298 -41.24 -3.19 10.11
C ALA B 298 -40.47 -4.41 10.57
N GLU B 299 -39.91 -5.14 9.60
CA GLU B 299 -39.26 -6.41 9.87
C GLU B 299 -37.75 -6.23 9.93
N VAL B 300 -37.16 -6.73 11.00
CA VAL B 300 -35.70 -6.79 11.13
C VAL B 300 -35.23 -8.08 10.50
N GLY B 301 -34.28 -7.98 9.58
CA GLY B 301 -33.75 -9.17 8.98
C GLY B 301 -34.78 -9.84 8.09
N TYR B 302 -34.38 -10.99 7.56
CA TYR B 302 -35.26 -11.72 6.66
C TYR B 302 -34.78 -13.16 6.53
N SER B 303 -35.73 -14.07 6.38
CA SER B 303 -35.39 -15.44 6.04
C SER B 303 -35.02 -15.51 4.56
N ALA B 304 -34.05 -16.38 4.26
CA ALA B 304 -33.52 -16.52 2.92
C ALA B 304 -33.24 -18.00 2.70
N PRO B 305 -33.18 -18.46 1.46
CA PRO B 305 -33.08 -19.90 1.25
C PRO B 305 -31.68 -20.42 1.56
N TYR B 306 -31.54 -21.12 2.68
CA TYR B 306 -30.21 -21.44 3.16
C TYR B 306 -29.63 -22.65 2.46
N TYR B 307 -28.36 -22.53 2.07
CA TYR B 307 -27.67 -23.48 1.22
C TYR B 307 -28.46 -23.78 -0.04
N SER B 308 -28.74 -22.70 -0.77
CA SER B 308 -29.34 -22.74 -2.09
C SER B 308 -28.30 -22.39 -3.12
N PHE B 309 -28.24 -23.19 -4.18
CA PHE B 309 -27.32 -23.02 -5.28
C PHE B 309 -28.11 -22.79 -6.55
N GLU B 310 -27.62 -21.89 -7.39
CA GLU B 310 -28.25 -21.58 -8.66
C GLU B 310 -27.19 -21.53 -9.75
N ALA B 311 -27.60 -21.90 -10.95
CA ALA B 311 -26.75 -21.90 -12.12
C ALA B 311 -27.16 -20.78 -13.06
N SER B 312 -26.18 -20.03 -13.53
CA SER B 312 -26.29 -19.19 -14.71
C SER B 312 -25.43 -19.84 -15.77
N THR B 313 -25.12 -19.09 -16.82
CA THR B 313 -24.44 -19.68 -17.98
C THR B 313 -23.04 -20.21 -17.69
N GLN B 314 -22.45 -19.89 -16.54
CA GLN B 314 -21.05 -20.13 -16.27
C GLN B 314 -20.78 -21.10 -15.13
N GLY B 315 -21.81 -21.69 -14.53
CA GLY B 315 -21.66 -22.70 -13.51
C GLY B 315 -22.50 -22.39 -12.29
N PRO B 316 -22.64 -23.36 -11.38
CA PRO B 316 -23.46 -23.13 -10.19
C PRO B 316 -22.73 -22.30 -9.14
N PHE B 317 -23.52 -21.61 -8.31
CA PHE B 317 -22.95 -20.80 -7.25
C PHE B 317 -23.94 -20.66 -6.10
N LYS B 318 -23.40 -20.48 -4.90
CA LYS B 318 -24.23 -20.35 -3.71
C LYS B 318 -24.85 -18.96 -3.63
N THR B 319 -26.13 -18.89 -3.30
CA THR B 319 -26.79 -17.59 -3.23
C THR B 319 -26.34 -16.90 -1.95
N PRO B 320 -25.73 -15.71 -1.99
CA PRO B 320 -25.23 -15.14 -0.75
C PRO B 320 -26.37 -14.65 0.14
N ILE B 321 -26.10 -14.69 1.45
CA ILE B 321 -27.08 -14.36 2.48
C ILE B 321 -26.49 -13.25 3.33
N ALA B 322 -27.35 -12.39 3.88
CA ALA B 322 -26.88 -11.19 4.55
C ALA B 322 -26.54 -11.43 6.01
N ALA B 323 -27.19 -12.39 6.67
CA ALA B 323 -27.02 -12.59 8.10
C ALA B 323 -27.37 -14.02 8.45
N GLY B 324 -26.97 -14.44 9.65
CA GLY B 324 -27.20 -15.79 10.09
C GLY B 324 -27.31 -15.92 11.59
N ARG B 325 -27.32 -17.15 12.08
CA ARG B 325 -27.38 -17.44 13.51
C ARG B 325 -26.52 -18.66 13.80
N ALA B 336 -23.72 -23.39 12.68
CA ALA B 336 -23.90 -22.04 12.09
C ALA B 336 -24.08 -22.11 10.58
N ASP B 337 -24.82 -21.15 10.03
CA ASP B 337 -24.97 -20.99 8.60
C ASP B 337 -25.08 -19.52 8.29
N GLY B 338 -24.65 -19.13 7.09
CA GLY B 338 -24.69 -17.75 6.67
C GLY B 338 -23.52 -16.89 7.14
N ASN B 339 -23.10 -17.03 8.39
CA ASN B 339 -22.03 -16.21 8.89
C ASN B 339 -20.71 -16.57 8.19
N PRO B 340 -19.84 -15.60 7.91
CA PRO B 340 -18.68 -15.90 7.08
C PRO B 340 -17.63 -16.71 7.81
N ARG B 341 -17.00 -17.63 7.07
CA ARG B 341 -15.88 -18.42 7.53
C ARG B 341 -14.65 -18.00 6.77
N TYR B 342 -13.53 -17.92 7.48
CA TYR B 342 -12.27 -17.44 6.94
C TYR B 342 -11.23 -18.55 7.02
N ALA B 343 -10.26 -18.48 6.13
CA ALA B 343 -9.19 -19.46 6.06
C ALA B 343 -7.94 -18.75 5.58
N PHE B 344 -6.86 -18.87 6.34
CA PHE B 344 -5.68 -18.06 6.11
C PHE B 344 -4.46 -18.82 6.58
N GLY B 345 -3.30 -18.45 6.02
CA GLY B 345 -2.03 -19.05 6.33
C GLY B 345 -1.10 -18.09 7.04
N ARG B 346 0.19 -18.39 6.98
CA ARG B 346 1.18 -17.42 7.40
C ARG B 346 1.11 -16.19 6.51
N GLN B 347 1.67 -15.10 7.02
CA GLN B 347 1.51 -13.73 6.52
C GLN B 347 0.13 -13.15 6.79
N HIS B 348 -0.80 -13.94 7.31
CA HIS B 348 -2.20 -13.53 7.42
C HIS B 348 -2.81 -13.95 8.77
N GLY B 349 -1.97 -14.30 9.75
CA GLY B 349 -2.38 -14.40 11.14
C GLY B 349 -2.10 -15.74 11.80
N GLN B 350 -1.87 -16.81 11.06
CA GLN B 350 -1.58 -18.09 11.67
C GLN B 350 -0.23 -18.05 12.37
N LYS B 351 -0.10 -18.88 13.40
CA LYS B 351 1.18 -19.00 14.12
C LYS B 351 2.30 -19.38 13.18
N THR B 352 3.35 -18.55 13.16
CA THR B 352 4.43 -18.74 12.19
C THR B 352 5.17 -20.05 12.39
N THR B 353 5.20 -20.58 13.61
CA THR B 353 5.98 -21.77 13.88
C THR B 353 5.40 -23.02 13.22
N THR B 354 4.11 -23.05 12.94
CA THR B 354 3.42 -24.30 12.61
C THR B 354 3.93 -24.91 11.32
N THR B 355 4.03 -26.23 11.32
CA THR B 355 4.35 -26.98 10.11
C THR B 355 3.12 -27.09 9.23
N GLY B 356 3.32 -27.57 8.01
CA GLY B 356 2.24 -28.04 7.18
C GLY B 356 1.52 -26.92 6.44
N GLU B 357 0.75 -27.33 5.45
CA GLU B 357 -0.01 -26.42 4.60
C GLU B 357 -1.36 -26.02 5.21
N THR B 358 -1.79 -26.67 6.28
CA THR B 358 -3.15 -26.54 6.77
C THR B 358 -3.43 -25.12 7.29
N PRO B 359 -4.44 -24.41 6.79
CA PRO B 359 -4.70 -23.06 7.29
C PRO B 359 -5.39 -23.07 8.64
N GLU B 360 -5.31 -21.93 9.31
CA GLU B 360 -6.13 -21.64 10.48
C GLU B 360 -7.46 -21.04 10.02
N ARG B 361 -8.52 -21.30 10.80
CA ARG B 361 -9.88 -20.98 10.38
C ARG B 361 -10.70 -20.48 11.55
N PHE B 362 -11.61 -19.55 11.25
CA PHE B 362 -12.62 -19.14 12.23
C PHE B 362 -13.91 -18.84 11.50
N THR B 363 -14.99 -18.78 12.27
CA THR B 363 -16.27 -18.23 11.85
C THR B 363 -16.60 -17.04 12.73
N TYR B 364 -16.89 -15.90 12.09
CA TYR B 364 -17.19 -14.67 12.81
C TYR B 364 -18.68 -14.64 13.09
N ILE B 365 -19.03 -15.03 14.30
CA ILE B 365 -20.41 -15.02 14.76
C ILE B 365 -20.69 -13.63 15.29
N ALA B 366 -21.15 -12.74 14.42
CA ALA B 366 -21.27 -11.32 14.76
C ALA B 366 -22.33 -11.10 15.83
N HIS B 367 -22.14 -10.02 16.58
CA HIS B 367 -23.06 -9.71 17.67
C HIS B 367 -24.45 -9.32 17.19
N GLN B 368 -24.60 -8.91 15.94
CA GLN B 368 -25.89 -8.37 15.50
C GLN B 368 -26.95 -9.46 15.47
N ASP B 369 -28.17 -9.10 15.88
CA ASP B 369 -29.28 -10.02 16.03
C ASP B 369 -30.26 -9.96 14.87
N THR B 370 -29.76 -9.71 13.66
CA THR B 370 -30.61 -9.66 12.47
C THR B 370 -30.93 -11.03 11.90
N GLY B 371 -30.49 -12.11 12.53
CA GLY B 371 -30.57 -13.43 11.94
C GLY B 371 -31.95 -14.04 12.04
N ARG B 372 -32.01 -15.32 11.65
CA ARG B 372 -33.21 -16.12 11.77
C ARG B 372 -32.82 -17.50 12.28
N TYR B 373 -33.81 -18.17 12.85
CA TYR B 373 -33.65 -19.41 13.60
C TYR B 373 -34.64 -20.37 12.96
N PRO B 374 -34.27 -21.05 11.86
CA PRO B 374 -35.28 -21.76 11.06
C PRO B 374 -36.06 -22.83 11.80
N GLU B 375 -35.51 -23.43 12.85
CA GLU B 375 -36.25 -24.44 13.57
C GLU B 375 -37.46 -23.88 14.30
N GLY B 376 -37.52 -22.57 14.53
CA GLY B 376 -38.62 -21.94 15.22
C GLY B 376 -39.72 -21.38 14.34
N ASP B 377 -39.56 -21.41 13.02
CA ASP B 377 -40.53 -20.80 12.13
C ASP B 377 -41.71 -21.73 11.92
N TRP B 378 -42.86 -21.16 11.56
CA TRP B 378 -43.96 -21.99 11.10
C TRP B 378 -44.94 -21.18 10.27
N ILE B 379 -45.71 -21.89 9.46
CA ILE B 379 -46.77 -21.35 8.63
C ILE B 379 -48.06 -22.00 9.08
N GLN B 380 -49.17 -21.28 9.03
CA GLN B 380 -50.46 -21.88 9.36
C GLN B 380 -51.57 -21.24 8.55
N ASN B 381 -52.67 -21.99 8.46
CA ASN B 381 -53.75 -21.67 7.54
C ASN B 381 -54.45 -20.38 7.94
N ILE B 382 -55.01 -19.70 6.93
CA ILE B 382 -55.59 -18.38 7.09
C ILE B 382 -56.72 -18.37 8.10
N ASN B 383 -57.44 -19.48 8.26
CA ASN B 383 -58.55 -19.49 9.19
C ASN B 383 -58.10 -19.30 10.63
N PHE B 384 -56.97 -19.88 10.99
CA PHE B 384 -56.32 -19.72 12.29
C PHE B 384 -57.26 -19.99 13.46
N ASN B 385 -57.79 -21.20 13.50
CA ASN B 385 -58.39 -21.70 14.72
C ASN B 385 -57.28 -22.04 15.71
N LEU B 386 -57.52 -21.76 17.00
CA LEU B 386 -56.39 -21.48 17.90
C LEU B 386 -55.56 -22.71 18.21
N PRO B 387 -56.10 -23.76 18.85
CA PRO B 387 -55.21 -24.92 19.09
C PRO B 387 -55.01 -25.72 17.81
N VAL B 388 -54.12 -25.22 16.95
CA VAL B 388 -54.17 -25.56 15.52
C VAL B 388 -53.82 -27.03 15.28
N THR B 389 -54.52 -27.64 14.32
CA THR B 389 -54.40 -29.06 14.01
C THR B 389 -53.27 -29.32 13.03
N ASN B 390 -52.90 -30.61 12.91
CA ASN B 390 -51.75 -30.98 12.10
C ASN B 390 -51.93 -30.61 10.64
N ASP B 391 -53.14 -30.80 10.10
CA ASP B 391 -53.36 -30.53 8.69
C ASP B 391 -53.32 -29.05 8.34
N ASN B 392 -53.30 -28.14 9.33
CA ASN B 392 -53.33 -26.70 9.10
C ASN B 392 -52.03 -25.99 9.50
N VAL B 393 -50.93 -26.71 9.70
CA VAL B 393 -49.63 -26.12 10.00
C VAL B 393 -48.56 -26.78 9.16
N LEU B 394 -47.64 -25.96 8.65
CA LEU B 394 -46.42 -26.43 8.03
C LEU B 394 -45.27 -26.07 8.96
N LEU B 395 -44.49 -27.07 9.34
CA LEU B 395 -43.45 -26.97 10.35
C LEU B 395 -42.11 -27.33 9.72
N PRO B 396 -41.00 -27.07 10.41
CA PRO B 396 -39.73 -27.63 9.95
C PRO B 396 -39.69 -29.15 9.97
N THR B 397 -40.56 -29.80 10.73
CA THR B 397 -40.60 -31.27 10.77
C THR B 397 -41.13 -31.88 9.49
N ASP B 398 -41.74 -31.09 8.58
CA ASP B 398 -42.53 -31.61 7.48
C ASP B 398 -41.71 -31.67 6.20
N PRO B 399 -41.72 -32.75 5.42
CA PRO B 399 -40.93 -32.77 4.19
C PRO B 399 -41.50 -31.90 3.09
N ILE B 400 -40.62 -31.44 2.21
CA ILE B 400 -40.98 -30.85 0.92
C ILE B 400 -40.65 -31.87 -0.16
N GLY B 401 -41.63 -32.17 -1.00
CA GLY B 401 -41.40 -33.05 -2.14
C GLY B 401 -40.96 -34.45 -1.78
N GLY B 402 -41.30 -34.92 -0.58
CA GLY B 402 -40.91 -36.24 -0.14
C GLY B 402 -39.48 -36.38 0.35
N LYS B 403 -38.65 -35.37 0.20
CA LYS B 403 -37.29 -35.40 0.71
C LYS B 403 -37.34 -35.06 2.19
N THR B 404 -37.15 -36.08 3.04
CA THR B 404 -37.27 -35.90 4.48
C THR B 404 -36.23 -34.95 5.06
N GLY B 405 -35.11 -34.73 4.37
CA GLY B 405 -34.07 -33.86 4.89
C GLY B 405 -34.22 -32.39 4.56
N ILE B 406 -35.21 -32.01 3.76
CA ILE B 406 -35.41 -30.64 3.30
C ILE B 406 -36.80 -30.21 3.72
N ASN B 407 -36.88 -29.18 4.56
CA ASN B 407 -38.16 -28.66 5.04
C ASN B 407 -38.44 -27.33 4.35
N TYR B 408 -39.57 -26.72 4.73
CA TYR B 408 -40.04 -25.55 4.00
C TYR B 408 -39.08 -24.37 4.16
N THR B 409 -38.43 -24.25 5.32
CA THR B 409 -37.60 -23.08 5.58
C THR B 409 -36.39 -23.01 4.65
N ASN B 410 -36.00 -24.13 4.06
CA ASN B 410 -34.94 -24.09 3.07
C ASN B 410 -35.39 -23.36 1.80
N ILE B 411 -36.64 -23.53 1.40
CA ILE B 411 -37.12 -23.09 0.10
C ILE B 411 -37.88 -21.77 0.19
N PHE B 412 -37.60 -20.97 1.21
CA PHE B 412 -38.46 -19.87 1.64
C PHE B 412 -37.68 -18.57 1.65
N ASN B 413 -38.36 -17.47 1.39
CA ASN B 413 -37.71 -16.17 1.29
C ASN B 413 -38.72 -15.07 1.57
N THR B 414 -38.48 -14.34 2.65
CA THR B 414 -39.35 -13.27 3.12
C THR B 414 -38.68 -11.90 3.01
N TYR B 415 -37.82 -11.73 2.03
CA TYR B 415 -37.44 -10.38 1.68
C TYR B 415 -38.68 -9.66 1.21
N GLY B 416 -38.78 -8.40 1.59
CA GLY B 416 -39.99 -7.66 1.37
C GLY B 416 -39.71 -6.19 1.45
N PRO B 417 -40.68 -5.36 1.09
CA PRO B 417 -40.50 -3.92 1.27
C PRO B 417 -40.40 -3.50 2.72
N LEU B 418 -40.86 -4.33 3.66
CA LEU B 418 -40.80 -4.00 5.08
C LEU B 418 -39.48 -4.36 5.74
N THR B 419 -38.48 -4.86 5.03
CA THR B 419 -37.27 -5.39 5.66
C THR B 419 -36.20 -4.33 5.89
N ALA B 420 -35.48 -4.46 7.01
CA ALA B 420 -34.34 -3.63 7.39
C ALA B 420 -33.23 -4.54 7.89
N LEU B 421 -31.97 -4.23 7.55
CA LEU B 421 -30.94 -5.27 7.42
C LEU B 421 -29.59 -4.95 8.04
N ASN B 422 -29.42 -3.81 8.72
CA ASN B 422 -28.15 -3.36 9.30
C ASN B 422 -27.04 -3.39 8.24
N ASN B 423 -25.87 -3.98 8.51
CA ASN B 423 -24.74 -3.96 7.57
C ASN B 423 -23.74 -5.01 7.99
N VAL B 424 -22.76 -5.25 7.13
CA VAL B 424 -21.71 -6.24 7.41
C VAL B 424 -20.71 -5.64 8.40
N PRO B 425 -20.29 -6.34 9.46
CA PRO B 425 -19.31 -5.75 10.36
C PRO B 425 -17.92 -5.78 9.75
N PRO B 426 -17.00 -4.96 10.24
CA PRO B 426 -15.59 -5.22 9.95
C PRO B 426 -15.13 -6.52 10.57
N VAL B 427 -14.09 -7.11 9.98
CA VAL B 427 -13.51 -8.37 10.42
C VAL B 427 -12.01 -8.18 10.45
N TYR B 428 -11.42 -8.18 11.64
CA TYR B 428 -9.99 -8.03 11.82
C TYR B 428 -9.34 -9.39 11.95
N PRO B 429 -8.16 -9.66 11.38
CA PRO B 429 -7.37 -8.89 10.44
C PRO B 429 -7.71 -9.22 9.00
N ASN B 430 -8.44 -10.30 8.73
CA ASN B 430 -8.51 -10.88 7.41
C ASN B 430 -9.54 -10.24 6.50
N GLY B 431 -10.41 -9.36 7.00
CA GLY B 431 -11.49 -8.87 6.19
C GLY B 431 -11.07 -7.78 5.23
N GLN B 432 -11.82 -7.64 4.16
CA GLN B 432 -11.62 -6.57 3.20
C GLN B 432 -12.10 -5.25 3.79
N ILE B 433 -11.47 -4.14 3.34
CA ILE B 433 -11.86 -2.80 3.81
C ILE B 433 -12.85 -2.15 2.86
N TRP B 434 -12.52 -2.03 1.57
CA TRP B 434 -13.34 -1.33 0.60
C TRP B 434 -13.57 -2.22 -0.63
N ASP B 435 -14.64 -1.95 -1.36
CA ASP B 435 -15.00 -2.74 -2.53
C ASP B 435 -15.81 -1.90 -3.50
N LYS B 436 -15.59 -2.08 -4.80
CA LYS B 436 -16.20 -1.20 -5.77
C LYS B 436 -17.63 -1.64 -6.09
N GLU B 437 -18.51 -0.66 -6.28
CA GLU B 437 -19.89 -0.96 -6.62
C GLU B 437 -19.97 -1.62 -7.98
N PHE B 438 -20.97 -2.47 -8.14
CA PHE B 438 -21.19 -3.11 -9.43
C PHE B 438 -21.57 -2.07 -10.47
N ASP B 439 -21.07 -2.24 -11.68
CA ASP B 439 -21.31 -1.31 -12.77
C ASP B 439 -22.61 -1.66 -13.49
N THR B 440 -23.70 -1.73 -12.73
CA THR B 440 -25.01 -2.12 -13.21
C THR B 440 -26.00 -1.01 -12.87
N ASP B 441 -27.04 -0.89 -13.68
CA ASP B 441 -27.98 0.21 -13.52
C ASP B 441 -28.75 0.09 -12.20
N LEU B 442 -28.97 -1.12 -11.70
CA LEU B 442 -29.54 -1.36 -10.38
C LEU B 442 -28.44 -1.86 -9.47
N LYS B 443 -28.17 -1.13 -8.39
CA LYS B 443 -27.06 -1.46 -7.52
C LYS B 443 -27.49 -2.44 -6.44
N PRO B 444 -26.61 -3.31 -5.94
CA PRO B 444 -26.95 -4.05 -4.72
C PRO B 444 -26.84 -3.14 -3.51
N ARG B 445 -27.79 -3.30 -2.60
CA ARG B 445 -27.91 -2.38 -1.47
C ARG B 445 -26.86 -2.60 -0.40
N LEU B 446 -26.23 -3.77 -0.37
CA LEU B 446 -25.09 -4.01 0.49
C LEU B 446 -24.17 -4.99 -0.22
N HIS B 447 -22.94 -5.04 0.26
CA HIS B 447 -21.95 -6.02 -0.20
C HIS B 447 -21.54 -6.90 0.96
N VAL B 448 -21.54 -8.22 0.74
CA VAL B 448 -21.21 -9.12 1.84
C VAL B 448 -19.76 -9.01 2.28
N ASN B 449 -18.87 -8.58 1.40
CA ASN B 449 -17.44 -8.78 1.65
C ASN B 449 -16.73 -7.64 2.35
N ALA B 450 -17.24 -6.41 2.27
CA ALA B 450 -16.61 -5.26 2.91
C ALA B 450 -17.68 -4.30 3.39
N PRO B 451 -17.40 -3.46 4.39
CA PRO B 451 -18.41 -2.50 4.85
C PRO B 451 -18.55 -1.30 3.95
N PHE B 452 -17.44 -0.86 3.37
CA PHE B 452 -17.39 0.36 2.58
C PHE B 452 -17.48 0.03 1.11
N VAL B 453 -18.46 0.61 0.43
CA VAL B 453 -18.74 0.35 -0.98
C VAL B 453 -18.46 1.64 -1.74
N CYS B 454 -17.70 1.55 -2.82
CA CYS B 454 -17.23 2.71 -3.55
C CYS B 454 -18.25 3.16 -4.58
N GLN B 455 -18.66 4.42 -4.50
CA GLN B 455 -19.53 4.94 -5.54
C GLN B 455 -18.76 5.33 -6.80
N ASN B 456 -17.49 5.73 -6.68
CA ASN B 456 -16.72 6.22 -7.84
C ASN B 456 -15.25 5.83 -7.74
N ASN B 457 -14.85 4.84 -8.54
CA ASN B 457 -13.46 4.68 -8.99
C ASN B 457 -12.44 4.51 -7.86
N CYS B 458 -12.75 3.67 -6.87
CA CYS B 458 -11.88 3.57 -5.71
C CYS B 458 -10.54 2.93 -6.07
N PRO B 459 -9.47 3.17 -5.27
CA PRO B 459 -8.10 3.21 -5.77
C PRO B 459 -7.65 2.09 -6.69
N GLY B 460 -6.94 2.49 -7.74
CA GLY B 460 -6.52 1.53 -8.75
C GLY B 460 -5.58 0.48 -8.19
N GLN B 461 -5.66 -0.71 -8.74
CA GLN B 461 -4.70 -1.74 -8.45
C GLN B 461 -3.30 -1.28 -8.84
N LEU B 462 -2.31 -1.66 -8.05
CA LEU B 462 -0.90 -1.33 -8.29
C LEU B 462 -0.19 -2.61 -8.71
N PHE B 463 0.34 -2.60 -9.92
CA PHE B 463 0.93 -3.78 -10.54
C PHE B 463 2.44 -3.61 -10.65
N VAL B 464 3.17 -4.70 -10.45
CA VAL B 464 4.63 -4.70 -10.40
C VAL B 464 5.14 -5.87 -11.22
N LYS B 465 6.36 -5.72 -11.73
CA LYS B 465 6.95 -6.71 -12.62
C LYS B 465 8.42 -6.39 -12.77
N VAL B 466 9.26 -7.42 -12.68
CA VAL B 466 10.66 -7.28 -13.04
C VAL B 466 10.74 -7.22 -14.56
N ALA B 467 11.37 -6.17 -15.08
CA ALA B 467 11.45 -6.01 -16.51
C ALA B 467 12.31 -7.14 -17.08
N PRO B 468 12.11 -7.53 -18.35
CA PRO B 468 12.94 -8.59 -18.91
C PRO B 468 14.41 -8.22 -18.91
N ASN B 469 15.25 -9.22 -18.64
CA ASN B 469 16.70 -9.06 -18.55
C ASN B 469 17.31 -10.19 -19.37
N LEU B 470 17.43 -9.98 -20.68
CA LEU B 470 17.77 -11.08 -21.59
C LEU B 470 19.26 -11.31 -21.68
N THR B 471 19.62 -12.55 -22.01
CA THR B 471 21.00 -12.92 -22.28
C THR B 471 21.40 -12.51 -23.69
N ASN B 472 22.68 -12.68 -24.01
CA ASN B 472 23.18 -12.37 -25.34
C ASN B 472 22.66 -13.31 -26.41
N GLU B 473 22.09 -14.46 -26.04
CA GLU B 473 21.75 -15.50 -27.00
C GLU B 473 20.40 -15.29 -27.66
N TYR B 474 19.65 -14.28 -27.26
CA TYR B 474 18.21 -14.26 -27.55
C TYR B 474 17.93 -13.92 -29.00
N ASP B 475 17.14 -14.78 -29.65
CA ASP B 475 16.61 -14.58 -30.99
C ASP B 475 15.09 -14.59 -30.90
N PRO B 476 14.37 -13.54 -31.31
CA PRO B 476 12.90 -13.67 -31.36
C PRO B 476 12.40 -14.72 -32.32
N ASP B 477 13.22 -15.14 -33.30
CA ASP B 477 12.80 -16.17 -34.23
C ASP B 477 12.58 -17.52 -33.56
N ALA B 478 13.15 -17.75 -32.37
CA ALA B 478 12.99 -19.02 -31.70
C ALA B 478 11.57 -19.20 -31.18
N SER B 479 11.08 -20.44 -31.23
CA SER B 479 9.79 -20.77 -30.64
C SER B 479 9.84 -20.90 -29.13
N ALA B 480 11.02 -21.13 -28.54
CA ALA B 480 11.11 -21.32 -27.12
C ALA B 480 11.00 -20.00 -26.36
N ASN B 481 10.65 -20.09 -25.08
CA ASN B 481 10.59 -18.91 -24.24
C ASN B 481 11.98 -18.31 -24.07
N MET B 482 12.01 -16.99 -23.91
CA MET B 482 13.27 -16.24 -23.90
C MET B 482 14.12 -16.62 -22.70
N SER B 483 15.43 -16.41 -22.85
CA SER B 483 16.42 -16.77 -21.83
C SER B 483 16.68 -15.58 -20.92
N ARG B 484 16.00 -15.56 -19.78
CA ARG B 484 16.19 -14.49 -18.80
C ARG B 484 17.45 -14.74 -17.99
N ILE B 485 18.12 -13.65 -17.60
CA ILE B 485 19.02 -13.74 -16.46
C ILE B 485 18.15 -13.78 -15.21
N VAL B 486 18.41 -14.74 -14.35
CA VAL B 486 17.54 -14.98 -13.20
C VAL B 486 17.67 -13.79 -12.28
N THR B 487 16.62 -12.98 -12.23
CA THR B 487 16.63 -11.67 -11.58
C THR B 487 15.49 -11.61 -10.58
N TYR B 488 15.75 -10.98 -9.45
CA TYR B 488 14.73 -10.75 -8.44
C TYR B 488 14.98 -9.42 -7.77
N SER B 489 13.93 -8.90 -7.14
CA SER B 489 13.88 -7.51 -6.70
C SER B 489 13.27 -7.42 -5.31
N ASP B 490 13.70 -6.40 -4.59
CA ASP B 490 13.12 -6.01 -3.31
C ASP B 490 12.75 -4.55 -3.38
N PHE B 491 11.60 -4.21 -2.82
CA PHE B 491 11.20 -2.81 -2.75
C PHE B 491 10.33 -2.62 -1.53
N TRP B 492 10.41 -1.43 -0.96
CA TRP B 492 9.64 -1.08 0.22
C TRP B 492 8.35 -0.41 -0.22
N TRP B 493 7.22 -0.99 0.16
CA TRP B 493 5.92 -0.38 -0.02
C TRP B 493 5.61 0.46 1.21
N LYS B 494 4.96 1.59 1.00
CA LYS B 494 4.43 2.40 2.08
C LYS B 494 3.03 2.83 1.68
N GLY B 495 2.11 2.72 2.61
CA GLY B 495 0.75 3.21 2.43
C GLY B 495 0.34 4.10 3.58
N LYS B 496 -0.56 5.02 3.29
CA LYS B 496 -1.16 5.91 4.29
C LYS B 496 -2.65 5.89 4.08
N LEU B 497 -3.39 5.54 5.13
CA LEU B 497 -4.84 5.39 5.09
C LEU B 497 -5.43 6.24 6.20
N VAL B 498 -6.37 7.11 5.87
CA VAL B 498 -6.95 8.07 6.79
C VAL B 498 -8.41 7.71 7.01
N PHE B 499 -8.79 7.50 8.26
CA PHE B 499 -10.17 7.38 8.70
C PHE B 499 -10.59 8.66 9.42
N LYS B 500 -11.89 8.76 9.67
CA LYS B 500 -12.44 9.75 10.57
C LYS B 500 -13.59 9.10 11.32
N ALA B 501 -13.64 9.27 12.64
CA ALA B 501 -14.56 8.53 13.49
C ALA B 501 -15.06 9.40 14.62
N LYS B 502 -16.19 8.98 15.20
CA LYS B 502 -16.87 9.70 16.27
C LYS B 502 -16.73 8.91 17.56
N LEU B 503 -16.27 9.57 18.62
CA LEU B 503 -16.13 8.91 19.91
C LEU B 503 -17.51 8.61 20.50
N ARG B 504 -17.59 7.53 21.26
CA ARG B 504 -18.86 7.07 21.79
C ARG B 504 -19.34 7.98 22.92
N ALA B 505 -20.59 7.76 23.33
CA ALA B 505 -21.20 8.43 24.47
C ALA B 505 -21.93 7.42 25.32
N SER B 506 -21.75 7.53 26.63
CA SER B 506 -22.30 6.57 27.60
C SER B 506 -23.75 6.92 27.90
N HIS B 507 -24.64 6.43 27.04
CA HIS B 507 -26.06 6.65 27.25
C HIS B 507 -26.61 5.79 28.38
N THR B 508 -26.17 4.55 28.46
CA THR B 508 -26.76 3.60 29.38
C THR B 508 -26.23 3.77 30.79
N TRP B 509 -27.01 3.31 31.76
CA TRP B 509 -26.49 3.13 33.10
C TRP B 509 -25.42 2.05 33.10
N ASN B 510 -25.68 0.95 32.44
CA ASN B 510 -24.77 -0.17 32.50
C ASN B 510 -23.55 0.07 31.64
N PRO B 511 -22.43 -0.59 31.91
CA PRO B 511 -21.33 -0.57 30.95
C PRO B 511 -21.62 -1.46 29.76
N ILE B 512 -20.86 -1.23 28.69
CA ILE B 512 -21.00 -2.02 27.46
C ILE B 512 -19.90 -3.07 27.41
N GLN B 513 -20.06 -4.05 26.53
CA GLN B 513 -19.01 -5.03 26.33
C GLN B 513 -17.84 -4.37 25.64
N GLN B 514 -16.62 -4.72 26.05
CA GLN B 514 -15.41 -4.14 25.51
C GLN B 514 -14.37 -5.23 25.31
N MET B 515 -13.46 -4.99 24.37
CA MET B 515 -12.39 -5.93 24.10
C MET B 515 -11.30 -5.75 25.14
N SER B 516 -10.77 -6.87 25.63
CA SER B 516 -9.79 -6.84 26.69
C SER B 516 -8.90 -8.06 26.62
N ILE B 517 -7.64 -7.90 27.05
CA ILE B 517 -6.81 -9.04 27.37
C ILE B 517 -7.35 -9.67 28.65
N ASN B 518 -7.35 -11.00 28.70
CA ASN B 518 -7.79 -11.75 29.87
C ASN B 518 -6.85 -12.94 30.02
N VAL B 519 -7.08 -13.71 31.09
CA VAL B 519 -6.16 -14.80 31.44
C VAL B 519 -6.15 -15.87 30.35
N ASP B 520 -7.29 -16.11 29.70
CA ASP B 520 -7.37 -17.16 28.70
C ASP B 520 -6.66 -16.76 27.41
N ASN B 521 -6.92 -15.57 26.91
CA ASN B 521 -6.39 -15.13 25.62
C ASN B 521 -5.03 -14.46 25.71
N GLN B 522 -4.41 -14.45 26.90
CA GLN B 522 -3.23 -13.63 27.16
C GLN B 522 -2.08 -13.93 26.20
N PHE B 523 -1.82 -15.20 25.95
CA PHE B 523 -0.69 -15.60 25.14
C PHE B 523 -0.89 -15.36 23.65
N ASN B 524 -2.10 -15.03 23.21
CA ASN B 524 -2.29 -14.83 21.79
C ASN B 524 -1.58 -13.60 21.24
N TYR B 525 -1.29 -12.60 22.08
CA TYR B 525 -0.91 -11.27 21.61
C TYR B 525 0.56 -10.92 21.83
N VAL B 526 1.40 -11.89 22.20
CA VAL B 526 2.84 -11.65 22.37
C VAL B 526 3.60 -12.83 21.82
N PRO B 527 4.84 -12.63 21.37
CA PRO B 527 5.51 -13.68 20.62
C PRO B 527 5.88 -14.87 21.51
N SER B 528 6.11 -16.00 20.86
CA SER B 528 6.52 -17.21 21.54
C SER B 528 8.04 -17.22 21.74
N ASN B 529 8.50 -18.24 22.45
CA ASN B 529 9.92 -18.30 22.83
C ASN B 529 10.85 -18.49 21.64
N ILE B 530 10.33 -18.88 20.46
CA ILE B 530 11.11 -18.92 19.24
C ILE B 530 10.55 -17.96 18.18
N GLY B 531 9.92 -16.87 18.62
CA GLY B 531 9.35 -15.94 17.67
C GLY B 531 8.06 -16.38 17.04
N GLY B 532 7.39 -17.38 17.60
CA GLY B 532 6.07 -17.74 17.12
C GLY B 532 5.10 -16.62 17.35
N MET B 533 4.52 -16.10 16.27
CA MET B 533 3.70 -14.91 16.28
C MET B 533 2.39 -15.22 15.58
N LYS B 534 1.28 -14.79 16.19
CA LYS B 534 -0.04 -14.90 15.58
C LYS B 534 -0.79 -13.60 15.79
N ILE B 535 -1.81 -13.40 14.95
CA ILE B 535 -2.85 -12.41 15.19
C ILE B 535 -4.17 -13.16 15.27
N VAL B 536 -4.78 -13.13 16.42
CA VAL B 536 -6.08 -13.76 16.61
C VAL B 536 -7.16 -12.81 16.15
N TYR B 537 -8.24 -13.36 15.61
CA TYR B 537 -9.35 -12.55 15.17
C TYR B 537 -10.01 -11.85 16.34
N GLU B 538 -10.62 -10.69 16.06
CA GLU B 538 -11.26 -9.87 17.09
C GLU B 538 -12.58 -9.33 16.58
N LYS B 539 -13.43 -8.96 17.53
CA LYS B 539 -14.75 -8.45 17.20
C LYS B 539 -14.65 -7.03 16.64
N SER B 540 -15.77 -6.51 16.14
CA SER B 540 -15.79 -5.18 15.57
C SER B 540 -17.06 -4.38 15.82
N GLN B 541 -18.03 -4.91 16.56
CA GLN B 541 -19.28 -4.20 16.85
C GLN B 541 -19.70 -4.49 18.27
N LEU B 542 -18.85 -4.14 19.22
CA LEU B 542 -19.09 -4.56 20.60
C LEU B 542 -20.27 -3.82 21.24
N ALA B 543 -20.37 -2.51 21.04
CA ALA B 543 -21.36 -1.75 21.78
C ALA B 543 -22.77 -2.03 21.24
N PRO B 544 -23.80 -2.04 22.10
CA PRO B 544 -25.17 -2.10 21.57
C PRO B 544 -25.66 -0.75 21.08
N ARG B 545 -26.53 -0.78 20.08
CA ARG B 545 -27.14 0.41 19.50
C ARG B 545 -28.65 0.32 19.54
N LYS B 546 -29.28 1.47 19.74
CA LYS B 546 -30.71 1.63 19.53
C LYS B 546 -31.07 1.30 18.10
N LEU B 547 -32.00 0.37 17.92
CA LEU B 547 -32.63 0.17 16.61
C LEU B 547 -33.79 1.13 16.43
N TYR B 548 -34.56 1.36 17.50
CA TYR B 548 -35.85 2.01 17.40
C TYR B 548 -36.13 2.91 18.60
N GLY C 1 22.31 10.17 -13.37
CA GLY C 1 23.21 9.03 -13.04
C GLY C 1 22.71 7.68 -13.52
N VAL C 2 23.40 6.63 -13.10
CA VAL C 2 23.08 5.28 -13.52
C VAL C 2 21.71 4.87 -13.00
N GLY C 3 21.41 5.21 -11.74
CA GLY C 3 20.24 4.68 -11.08
C GLY C 3 18.93 5.42 -11.30
N ILE C 4 18.88 6.32 -12.29
CA ILE C 4 17.70 7.11 -12.59
C ILE C 4 17.20 6.70 -13.97
N SER C 5 15.91 6.38 -14.05
CA SER C 5 15.27 6.14 -15.33
C SER C 5 15.09 7.45 -16.09
N THR C 6 15.31 7.40 -17.40
CA THR C 6 15.21 8.59 -18.23
C THR C 6 13.81 8.78 -18.82
N GLY C 7 13.11 7.68 -19.14
CA GLY C 7 11.82 7.77 -19.80
C GLY C 7 10.88 6.70 -19.30
N THR C 8 9.62 6.79 -19.73
CA THR C 8 8.53 5.96 -19.25
C THR C 8 7.82 5.25 -20.39
N PHE C 9 7.51 3.99 -20.15
CA PHE C 9 6.92 3.08 -21.12
C PHE C 9 5.47 3.47 -21.34
N ASN C 10 5.02 3.38 -22.59
CA ASN C 10 3.61 3.68 -22.90
C ASN C 10 3.22 2.97 -24.19
N ASN C 11 2.15 2.18 -24.11
CA ASN C 11 1.54 1.52 -25.26
C ASN C 11 0.06 1.85 -25.40
N GLN C 12 -0.39 2.95 -24.82
CA GLN C 12 -1.75 3.39 -25.01
C GLN C 12 -1.95 3.91 -26.42
N THR C 13 -3.15 3.73 -26.95
CA THR C 13 -3.62 4.42 -28.13
C THR C 13 -4.90 5.14 -27.74
N GLU C 14 -5.00 6.41 -28.14
CA GLU C 14 -5.91 7.35 -27.51
C GLU C 14 -6.63 8.13 -28.59
N PHE C 15 -7.92 8.40 -28.34
CA PHE C 15 -8.83 8.96 -29.32
C PHE C 15 -9.38 10.26 -28.75
N LYS C 16 -8.70 11.36 -29.04
CA LYS C 16 -9.16 12.69 -28.63
C LYS C 16 -10.11 13.22 -29.70
N PHE C 17 -11.37 13.39 -29.33
CA PHE C 17 -12.37 13.88 -30.26
C PHE C 17 -12.27 15.40 -30.37
N LEU C 18 -12.69 15.91 -31.53
CA LEU C 18 -12.48 17.31 -31.91
C LEU C 18 -13.75 17.87 -32.53
N GLU C 19 -13.72 19.17 -32.82
CA GLU C 19 -14.82 19.81 -33.52
C GLU C 19 -14.99 19.23 -34.92
N ASN C 20 -16.22 19.29 -35.41
CA ASN C 20 -16.57 18.83 -36.76
C ASN C 20 -16.25 17.36 -36.98
N GLY C 21 -16.29 16.56 -35.92
CA GLY C 21 -16.22 15.12 -36.09
C GLY C 21 -14.87 14.56 -36.43
N TRP C 22 -13.80 15.33 -36.29
CA TRP C 22 -12.46 14.79 -36.42
C TRP C 22 -12.02 14.16 -35.09
N VAL C 23 -11.02 13.27 -35.19
CA VAL C 23 -10.38 12.66 -34.03
C VAL C 23 -8.88 12.74 -34.21
N GLU C 24 -8.17 13.11 -33.14
CA GLU C 24 -6.71 12.98 -33.09
C GLU C 24 -6.40 11.61 -32.53
N ILE C 25 -6.11 10.66 -33.40
CA ILE C 25 -5.79 9.29 -32.99
C ILE C 25 -4.29 9.23 -32.80
N THR C 26 -3.85 9.20 -31.55
CA THR C 26 -2.44 9.15 -31.19
C THR C 26 -2.12 7.75 -30.70
N ALA C 27 -1.09 7.16 -31.30
CA ALA C 27 -0.66 5.79 -30.99
C ALA C 27 0.71 5.87 -30.35
N ASN C 28 0.82 5.35 -29.14
CA ASN C 28 2.09 5.17 -28.46
C ASN C 28 2.48 3.71 -28.57
N SER C 29 3.71 3.46 -28.99
CA SER C 29 4.26 2.12 -29.10
C SER C 29 5.61 2.13 -28.40
N SER C 30 5.75 1.28 -27.39
CA SER C 30 7.00 1.07 -26.67
C SER C 30 7.41 -0.39 -26.81
N ARG C 31 8.68 -0.61 -27.13
CA ARG C 31 9.22 -1.95 -27.32
C ARG C 31 10.60 -2.03 -26.72
N LEU C 32 10.93 -3.19 -26.14
CA LEU C 32 12.28 -3.46 -25.65
C LEU C 32 13.10 -4.05 -26.78
N VAL C 33 14.15 -3.34 -27.18
CA VAL C 33 14.96 -3.69 -28.34
C VAL C 33 16.28 -4.28 -27.85
N HIS C 34 16.63 -5.44 -28.37
CA HIS C 34 17.83 -6.18 -28.00
C HIS C 34 18.79 -6.20 -29.17
N LEU C 35 20.07 -5.98 -28.89
CA LEU C 35 21.07 -5.70 -29.92
C LEU C 35 22.36 -6.42 -29.57
N ASN C 36 22.83 -7.26 -30.50
CA ASN C 36 24.15 -7.86 -30.39
C ASN C 36 25.19 -6.97 -31.05
N MET C 37 26.45 -7.21 -30.69
CA MET C 37 27.52 -6.43 -31.28
C MET C 37 27.66 -6.81 -32.75
N PRO C 38 28.31 -5.97 -33.56
CA PRO C 38 28.41 -6.30 -34.97
C PRO C 38 29.24 -7.55 -35.20
N GLU C 39 28.64 -8.52 -35.89
CA GLU C 39 29.36 -9.73 -36.23
C GLU C 39 30.52 -9.43 -37.17
N SER C 40 30.33 -8.44 -38.04
CA SER C 40 31.37 -7.95 -38.94
C SER C 40 31.93 -6.64 -38.40
N GLU C 41 33.25 -6.55 -38.36
CA GLU C 41 33.89 -5.35 -37.87
C GLU C 41 33.70 -4.19 -38.83
N ASN C 42 33.74 -4.46 -40.14
CA ASN C 42 33.92 -3.45 -41.16
C ASN C 42 32.81 -3.52 -42.19
N TYR C 43 32.74 -2.46 -43.01
CA TYR C 43 31.88 -2.48 -44.18
C TYR C 43 32.41 -3.45 -45.22
N ARG C 44 31.50 -4.20 -45.87
CA ARG C 44 31.85 -5.27 -46.79
C ARG C 44 31.00 -5.15 -48.05
N ARG C 45 31.61 -5.38 -49.21
CA ARG C 45 30.92 -5.41 -50.50
C ARG C 45 30.77 -6.86 -50.93
N VAL C 46 29.63 -7.45 -50.60
CA VAL C 46 29.35 -8.85 -50.90
C VAL C 46 28.45 -8.89 -52.14
N VAL C 47 28.80 -9.77 -53.07
CA VAL C 47 27.97 -10.09 -54.24
C VAL C 47 27.48 -11.52 -54.09
N VAL C 48 26.19 -11.72 -54.28
CA VAL C 48 25.55 -13.03 -54.22
C VAL C 48 24.98 -13.34 -55.60
N ASN C 49 25.08 -14.61 -56.00
CA ASN C 49 24.83 -15.00 -57.38
C ASN C 49 24.34 -16.44 -57.38
N ASN C 50 23.04 -16.64 -57.61
CA ASN C 50 22.46 -17.97 -57.63
C ASN C 50 22.54 -18.62 -59.01
N MET C 51 23.76 -18.68 -59.56
CA MET C 51 23.97 -19.25 -60.88
C MET C 51 23.56 -20.72 -60.93
N ASP C 52 23.90 -21.48 -59.89
CA ASP C 52 23.59 -22.90 -59.90
C ASP C 52 22.09 -23.18 -59.94
N LYS C 53 21.26 -22.27 -59.45
CA LYS C 53 19.81 -22.43 -59.50
C LYS C 53 19.23 -21.97 -60.83
N THR C 54 19.55 -20.74 -61.23
CA THR C 54 18.92 -20.13 -62.39
C THR C 54 19.55 -20.56 -63.71
N ALA C 55 20.71 -21.21 -63.69
CA ALA C 55 21.31 -21.67 -64.94
C ALA C 55 20.56 -22.86 -65.53
N VAL C 56 19.81 -23.60 -64.72
CA VAL C 56 18.88 -24.58 -65.26
C VAL C 56 17.84 -23.83 -66.07
N ASN C 57 17.68 -24.21 -67.34
CA ASN C 57 16.82 -23.51 -68.27
C ASN C 57 15.37 -23.52 -67.77
N GLY C 58 14.70 -22.37 -67.88
CA GLY C 58 13.34 -22.18 -67.43
C GLY C 58 13.21 -21.47 -66.10
N ASN C 59 14.29 -21.38 -65.32
CA ASN C 59 14.27 -20.76 -64.00
C ASN C 59 14.53 -19.26 -64.05
N MET C 60 14.23 -18.61 -65.18
CA MET C 60 14.47 -17.17 -65.32
C MET C 60 13.73 -16.36 -64.26
N ALA C 61 12.60 -16.86 -63.77
CA ALA C 61 11.85 -16.14 -62.75
C ALA C 61 12.59 -16.05 -61.42
N LEU C 62 13.43 -17.02 -61.10
CA LEU C 62 14.09 -17.09 -59.81
C LEU C 62 15.45 -16.39 -59.79
N ASP C 63 15.80 -15.66 -60.85
CA ASP C 63 17.11 -15.00 -60.93
C ASP C 63 17.26 -14.02 -59.79
N ASP C 64 18.41 -14.09 -59.09
CA ASP C 64 18.55 -13.42 -57.80
C ASP C 64 19.98 -12.90 -57.56
N ILE C 65 20.68 -12.45 -58.60
CA ILE C 65 21.96 -11.79 -58.39
C ILE C 65 21.71 -10.41 -57.80
N HIS C 66 22.48 -10.06 -56.76
CA HIS C 66 22.59 -8.67 -56.38
C HIS C 66 23.86 -8.46 -55.59
N ALA C 67 24.29 -7.20 -55.54
CA ALA C 67 25.43 -6.74 -54.75
C ALA C 67 24.94 -5.75 -53.71
N GLN C 68 25.45 -5.87 -52.50
CA GLN C 68 25.00 -5.07 -51.37
C GLN C 68 26.19 -4.71 -50.50
N ILE C 69 26.04 -3.63 -49.74
CA ILE C 69 27.04 -3.20 -48.78
C ILE C 69 26.54 -3.60 -47.40
N VAL C 70 27.19 -4.55 -46.78
CA VAL C 70 26.92 -4.90 -45.39
C VAL C 70 27.60 -3.86 -44.52
N THR C 71 26.96 -3.50 -43.42
CA THR C 71 27.39 -2.45 -42.51
C THR C 71 27.45 -2.99 -41.10
N PRO C 72 28.19 -2.34 -40.19
CA PRO C 72 28.09 -2.73 -38.79
C PRO C 72 26.82 -2.24 -38.11
N TRP C 73 26.08 -1.32 -38.73
CA TRP C 73 24.94 -0.71 -38.09
C TRP C 73 23.69 -1.58 -38.25
N SER C 74 22.71 -1.30 -37.40
CA SER C 74 21.42 -1.96 -37.42
C SER C 74 20.33 -0.92 -37.34
N LEU C 75 19.19 -1.21 -37.95
CA LEU C 75 18.12 -0.24 -38.17
C LEU C 75 16.95 -0.54 -37.25
N VAL C 76 16.49 0.46 -36.52
CA VAL C 76 15.25 0.41 -35.78
C VAL C 76 14.18 1.06 -36.66
N ASP C 77 13.25 0.26 -37.17
CA ASP C 77 12.21 0.70 -38.10
C ASP C 77 10.85 0.36 -37.53
N ALA C 78 9.99 1.38 -37.42
CA ALA C 78 8.62 1.24 -36.93
C ALA C 78 7.58 1.44 -38.02
N ASN C 79 7.97 1.40 -39.28
CA ASN C 79 7.09 1.76 -40.39
C ASN C 79 6.21 0.58 -40.83
N ALA C 80 5.42 0.07 -39.90
CA ALA C 80 4.45 -0.97 -40.21
C ALA C 80 3.29 -0.87 -39.23
N TRP C 81 2.11 -1.23 -39.69
CA TRP C 81 0.89 -0.98 -38.93
C TRP C 81 0.88 -1.76 -37.62
N GLY C 82 1.32 -3.01 -37.65
CA GLY C 82 1.30 -3.82 -36.45
C GLY C 82 2.16 -3.31 -35.32
N VAL C 83 3.14 -2.46 -35.64
CA VAL C 83 3.95 -1.87 -34.59
C VAL C 83 3.15 -0.94 -33.71
N TRP C 84 2.06 -0.36 -34.22
CA TRP C 84 1.38 0.76 -33.58
C TRP C 84 0.04 0.41 -32.97
N PHE C 85 -0.86 -0.21 -33.72
CA PHE C 85 -2.23 -0.47 -33.28
C PHE C 85 -2.42 -1.95 -33.01
N ASN C 86 -3.09 -2.25 -31.89
CA ASN C 86 -3.53 -3.61 -31.62
C ASN C 86 -4.79 -3.89 -32.41
N PRO C 87 -5.27 -5.15 -32.43
CA PRO C 87 -6.46 -5.44 -33.23
C PRO C 87 -7.72 -4.70 -32.80
N GLY C 88 -7.91 -4.48 -31.51
CA GLY C 88 -9.10 -3.75 -31.08
C GLY C 88 -9.07 -2.29 -31.50
N ASP C 89 -7.90 -1.67 -31.44
CA ASP C 89 -7.77 -0.32 -31.94
C ASP C 89 -8.04 -0.28 -33.43
N TRP C 90 -7.54 -1.28 -34.15
CA TRP C 90 -7.74 -1.31 -35.59
C TRP C 90 -9.21 -1.51 -35.92
N GLN C 91 -9.92 -2.29 -35.12
CA GLN C 91 -11.35 -2.45 -35.34
C GLN C 91 -12.06 -1.12 -35.17
N LEU C 92 -11.73 -0.40 -34.09
CA LEU C 92 -12.40 0.87 -33.84
C LEU C 92 -12.07 1.88 -34.92
N ILE C 93 -10.86 1.81 -35.49
CA ILE C 93 -10.54 2.70 -36.60
C ILE C 93 -11.36 2.32 -37.82
N VAL C 94 -11.22 1.09 -38.29
CA VAL C 94 -11.71 0.77 -39.62
C VAL C 94 -13.23 0.77 -39.68
N ASN C 95 -13.91 0.40 -38.59
CA ASN C 95 -15.35 0.34 -38.66
C ASN C 95 -16.02 1.71 -38.59
N THR C 96 -15.34 2.73 -38.10
CA THR C 96 -15.98 3.99 -37.71
C THR C 96 -15.39 5.21 -38.38
N MET C 97 -14.11 5.16 -38.75
CA MET C 97 -13.48 6.26 -39.46
C MET C 97 -13.63 6.08 -40.96
N SER C 98 -13.60 7.20 -41.70
CA SER C 98 -13.75 7.20 -43.15
C SER C 98 -12.49 7.69 -43.84
N GLU C 99 -12.12 8.95 -43.61
CA GLU C 99 -10.87 9.49 -44.11
C GLU C 99 -9.81 9.40 -43.02
N LEU C 100 -8.56 9.24 -43.41
CA LEU C 100 -7.44 9.12 -42.49
C LEU C 100 -6.29 9.97 -42.98
N HIS C 101 -5.72 10.78 -42.09
CA HIS C 101 -4.62 11.69 -42.37
C HIS C 101 -3.47 11.38 -41.44
N LEU C 102 -2.26 11.53 -41.95
CA LEU C 102 -1.05 11.26 -41.20
C LEU C 102 -0.41 12.58 -40.79
N VAL C 103 -0.14 12.72 -39.49
CA VAL C 103 0.13 14.03 -38.89
C VAL C 103 1.56 14.16 -38.42
N SER C 104 1.97 13.34 -37.46
CA SER C 104 3.27 13.52 -36.82
C SER C 104 3.80 12.20 -36.29
N PHE C 105 5.11 12.19 -36.06
CA PHE C 105 5.84 10.99 -35.68
C PHE C 105 7.05 11.41 -34.84
N GLU C 106 7.36 10.64 -33.80
CA GLU C 106 8.58 10.90 -33.05
C GLU C 106 8.98 9.68 -32.25
N GLN C 107 10.26 9.62 -31.90
CA GLN C 107 10.87 8.47 -31.26
C GLN C 107 11.77 8.92 -30.13
N GLU C 108 11.96 8.04 -29.16
CA GLU C 108 13.03 8.22 -28.20
C GLU C 108 13.54 6.87 -27.74
N ILE C 109 14.85 6.74 -27.63
CA ILE C 109 15.51 5.57 -27.07
C ILE C 109 15.87 5.93 -25.63
N PHE C 110 15.50 5.07 -24.69
CA PHE C 110 15.54 5.43 -23.28
C PHE C 110 15.83 4.20 -22.42
N ASN C 111 16.42 4.46 -21.25
CA ASN C 111 16.78 3.44 -20.28
C ASN C 111 17.69 2.39 -20.89
N VAL C 112 18.84 2.85 -21.37
CA VAL C 112 19.78 1.97 -22.04
C VAL C 112 20.46 1.06 -21.03
N VAL C 113 20.79 -0.15 -21.47
CA VAL C 113 21.55 -1.11 -20.68
C VAL C 113 22.61 -1.67 -21.60
N LEU C 114 23.81 -1.88 -21.07
CA LEU C 114 24.90 -2.54 -21.79
C LEU C 114 25.56 -3.55 -20.87
N LYS C 115 25.89 -4.72 -21.41
CA LYS C 115 26.37 -5.85 -20.63
C LYS C 115 27.43 -6.59 -21.38
N THR C 116 28.27 -7.32 -20.64
CA THR C 116 29.42 -8.03 -21.17
C THR C 116 29.41 -9.47 -20.68
N VAL C 117 30.08 -10.34 -21.43
CA VAL C 117 29.95 -11.78 -21.31
C VAL C 117 31.31 -12.39 -21.05
N SER C 118 31.32 -13.50 -20.32
CA SER C 118 32.51 -14.34 -20.18
C SER C 118 32.09 -15.79 -20.06
N GLU C 119 32.98 -16.68 -20.44
CA GLU C 119 32.78 -18.10 -20.17
C GLU C 119 32.83 -18.36 -18.67
N THR C 126 28.27 -22.13 -17.34
CA THR C 126 29.62 -21.55 -17.58
C THR C 126 29.52 -20.05 -17.86
N LYS C 127 28.54 -19.67 -18.69
CA LYS C 127 28.37 -18.27 -19.08
C LYS C 127 28.05 -17.41 -17.88
N VAL C 128 28.56 -16.17 -17.91
CA VAL C 128 28.35 -15.22 -16.83
C VAL C 128 28.25 -13.83 -17.44
N TYR C 129 27.46 -12.97 -16.80
CA TYR C 129 27.14 -11.65 -17.31
C TYR C 129 27.40 -10.61 -16.23
N ASN C 130 27.88 -9.44 -16.64
CA ASN C 130 28.12 -8.34 -15.73
C ASN C 130 27.96 -7.04 -16.48
N ASN C 131 27.70 -5.97 -15.73
CA ASN C 131 27.45 -4.67 -16.33
C ASN C 131 28.75 -3.94 -16.63
N ASP C 132 28.77 -3.26 -17.77
CA ASP C 132 29.87 -2.38 -18.18
C ASP C 132 29.29 -0.97 -18.23
N LEU C 133 29.42 -0.24 -17.13
CA LEU C 133 28.89 1.11 -17.08
C LEU C 133 29.66 2.09 -17.94
N THR C 134 30.87 1.74 -18.38
CA THR C 134 31.68 2.63 -19.20
C THR C 134 31.36 2.54 -20.67
N ALA C 135 30.83 1.43 -21.15
CA ALA C 135 30.53 1.28 -22.56
C ALA C 135 29.41 2.23 -22.99
N SER C 136 29.18 2.31 -24.29
CA SER C 136 28.15 3.19 -24.82
C SER C 136 27.57 2.62 -26.11
N LEU C 137 26.26 2.80 -26.25
CA LEU C 137 25.58 2.54 -27.50
C LEU C 137 25.76 3.75 -28.42
N MET C 138 25.90 3.48 -29.71
CA MET C 138 26.04 4.51 -30.74
C MET C 138 24.71 4.61 -31.47
N VAL C 139 24.22 5.82 -31.69
CA VAL C 139 22.91 6.08 -32.29
C VAL C 139 23.04 7.23 -33.27
N ALA C 140 22.30 7.15 -34.38
CA ALA C 140 22.32 8.20 -35.40
C ALA C 140 20.96 8.30 -36.07
N LEU C 141 20.55 9.53 -36.39
CA LEU C 141 19.28 9.80 -37.05
C LEU C 141 19.54 10.56 -38.33
N ASP C 142 19.25 9.93 -39.46
CA ASP C 142 19.52 10.51 -40.78
C ASP C 142 18.48 11.57 -41.09
N SER C 143 18.68 12.75 -40.50
CA SER C 143 17.69 13.82 -40.57
C SER C 143 17.45 14.34 -41.98
N ASN C 144 18.36 14.08 -42.92
CA ASN C 144 18.25 14.58 -44.30
C ASN C 144 18.11 13.47 -45.32
N ASN C 145 17.76 12.25 -44.88
CA ASN C 145 17.58 11.07 -45.73
C ASN C 145 18.72 10.87 -46.72
N THR C 146 19.95 11.13 -46.28
CA THR C 146 21.10 11.07 -47.17
C THR C 146 21.60 9.65 -47.37
N MET C 147 21.41 8.78 -46.41
CA MET C 147 21.66 7.36 -46.61
C MET C 147 20.53 6.76 -47.44
N PRO C 148 20.76 5.67 -48.17
CA PRO C 148 19.69 5.13 -49.02
C PRO C 148 18.56 4.56 -48.19
N PHE C 149 17.35 5.01 -48.47
CA PHE C 149 16.19 4.61 -47.68
C PHE C 149 15.83 3.17 -47.96
N THR C 150 15.69 2.38 -46.90
CA THR C 150 15.26 0.98 -46.97
C THR C 150 14.08 0.78 -46.03
N PRO C 151 12.84 0.57 -46.50
CA PRO C 151 11.73 0.31 -45.57
C PRO C 151 11.71 -1.14 -45.13
N ALA C 152 11.86 -1.36 -43.82
CA ALA C 152 12.02 -2.71 -43.29
C ALA C 152 10.79 -3.59 -43.49
N ALA C 153 9.64 -3.01 -43.80
CA ALA C 153 8.42 -3.80 -43.93
C ALA C 153 8.49 -4.77 -45.10
N MET C 154 9.20 -4.43 -46.16
CA MET C 154 9.13 -5.24 -47.38
C MET C 154 9.82 -6.58 -47.21
N ARG C 155 11.04 -6.60 -46.69
CA ARG C 155 11.68 -7.87 -46.30
C ARG C 155 11.16 -8.38 -44.94
N SER C 156 10.15 -7.76 -44.35
CA SER C 156 9.49 -8.20 -43.12
C SER C 156 10.46 -8.23 -41.96
N GLU C 157 10.89 -7.02 -41.57
CA GLU C 157 11.91 -6.85 -40.55
C GLU C 157 11.61 -5.68 -39.60
N THR C 158 10.38 -5.20 -39.51
CA THR C 158 10.05 -4.16 -38.55
C THR C 158 10.04 -4.73 -37.14
N LEU C 159 9.99 -3.84 -36.14
CA LEU C 159 9.95 -4.26 -34.75
C LEU C 159 8.75 -5.14 -34.48
N GLY C 160 8.86 -5.94 -33.42
CA GLY C 160 7.81 -6.90 -33.11
C GLY C 160 6.52 -6.21 -32.74
N PHE C 161 5.40 -6.83 -33.13
CA PHE C 161 4.11 -6.20 -32.95
C PHE C 161 3.56 -6.38 -31.55
N TYR C 162 3.95 -7.44 -30.86
CA TYR C 162 3.45 -7.66 -29.51
C TYR C 162 4.17 -6.72 -28.54
N PRO C 163 3.45 -5.96 -27.69
CA PRO C 163 4.16 -5.09 -26.73
C PRO C 163 5.00 -5.83 -25.72
N TRP C 164 4.59 -7.01 -25.32
CA TRP C 164 5.23 -7.66 -24.18
C TRP C 164 6.51 -8.39 -24.57
N LYS C 165 6.55 -9.01 -25.73
CA LYS C 165 7.75 -9.70 -26.14
C LYS C 165 8.86 -8.68 -26.45
N PRO C 166 10.12 -9.00 -26.18
CA PRO C 166 11.19 -8.21 -26.77
C PRO C 166 11.24 -8.36 -28.27
N THR C 167 12.08 -7.53 -28.88
CA THR C 167 12.27 -7.52 -30.32
C THR C 167 13.73 -7.18 -30.58
N ILE C 168 14.15 -7.42 -31.82
CA ILE C 168 15.52 -7.09 -32.27
C ILE C 168 15.42 -6.13 -33.45
N PRO C 169 16.42 -5.28 -33.69
CA PRO C 169 16.45 -4.53 -34.93
C PRO C 169 17.10 -5.34 -36.03
N THR C 170 16.93 -4.88 -37.25
CA THR C 170 17.36 -5.59 -38.44
C THR C 170 18.78 -5.20 -38.82
N PRO C 171 19.72 -6.11 -39.07
CA PRO C 171 21.04 -5.66 -39.52
C PRO C 171 20.94 -4.95 -40.85
N TRP C 172 21.50 -3.75 -40.92
CA TRP C 172 21.25 -2.84 -42.03
C TRP C 172 22.23 -3.07 -43.15
N ARG C 173 21.73 -2.93 -44.37
CA ARG C 173 22.49 -3.11 -45.59
C ARG C 173 21.71 -2.42 -46.68
N TYR C 174 22.39 -2.07 -47.77
CA TYR C 174 21.73 -1.38 -48.88
C TYR C 174 22.28 -1.87 -50.19
N TYR C 175 21.45 -1.76 -51.22
CA TYR C 175 21.71 -2.43 -52.47
C TYR C 175 22.62 -1.56 -53.33
N PHE C 176 23.73 -2.13 -53.77
CA PHE C 176 24.83 -1.47 -54.45
C PHE C 176 24.48 -1.41 -55.94
N GLN C 177 25.42 -1.05 -56.81
CA GLN C 177 25.24 -1.11 -58.26
C GLN C 177 25.98 -2.33 -58.79
N TRP C 178 25.31 -3.08 -59.65
CA TRP C 178 25.90 -4.22 -60.33
C TRP C 178 25.29 -4.32 -61.71
N ASP C 179 25.99 -5.02 -62.58
CA ASP C 179 25.61 -5.19 -63.98
C ASP C 179 25.28 -6.65 -64.19
N ARG C 180 24.14 -6.93 -64.84
CA ARG C 180 23.69 -8.30 -64.99
C ARG C 180 22.80 -8.44 -66.22
N THR C 181 22.96 -9.55 -66.93
CA THR C 181 22.06 -9.92 -68.01
C THR C 181 21.71 -11.39 -67.90
N LEU C 182 20.48 -11.74 -68.23
CA LEU C 182 20.04 -13.13 -68.27
C LEU C 182 19.01 -13.27 -69.37
N ILE C 183 19.37 -13.98 -70.43
CA ILE C 183 18.43 -14.26 -71.53
C ILE C 183 17.50 -15.39 -71.10
N PRO C 184 16.18 -15.28 -71.29
CA PRO C 184 15.30 -16.33 -70.78
C PRO C 184 15.33 -17.58 -71.64
N SER C 185 14.74 -18.63 -71.07
CA SER C 185 14.74 -19.96 -71.66
C SER C 185 13.54 -20.70 -71.11
N HIS C 186 13.31 -21.91 -71.62
CA HIS C 186 12.29 -22.79 -71.07
C HIS C 186 12.82 -24.20 -70.98
N THR C 187 12.07 -25.04 -70.27
CA THR C 187 12.39 -26.45 -70.10
C THR C 187 12.13 -27.15 -71.42
N GLY C 188 13.14 -27.08 -72.30
CA GLY C 188 13.00 -27.54 -73.67
C GLY C 188 13.85 -26.76 -74.64
N THR C 189 14.29 -25.57 -74.27
CA THR C 189 15.33 -24.92 -75.03
C THR C 189 16.59 -25.79 -75.02
N SER C 190 17.30 -25.77 -76.15
CA SER C 190 18.47 -26.63 -76.29
C SER C 190 19.70 -25.99 -75.66
N GLY C 191 20.09 -24.83 -76.15
CA GLY C 191 21.33 -24.23 -75.76
C GLY C 191 21.29 -23.61 -74.38
N THR C 192 22.48 -23.35 -73.86
CA THR C 192 22.64 -22.58 -72.63
C THR C 192 22.46 -21.10 -72.97
N PRO C 193 21.52 -20.37 -72.35
CA PRO C 193 21.44 -18.94 -72.63
C PRO C 193 22.58 -18.19 -71.95
N THR C 194 22.96 -17.06 -72.55
CA THR C 194 23.99 -16.22 -71.95
C THR C 194 23.50 -15.66 -70.62
N ASN C 195 24.33 -15.80 -69.59
CA ASN C 195 23.90 -15.58 -68.20
C ASN C 195 25.15 -15.23 -67.39
N ILE C 196 25.36 -13.93 -67.15
CA ILE C 196 26.65 -13.43 -66.68
C ILE C 196 26.46 -12.21 -65.79
N TYR C 197 27.47 -11.97 -64.96
CA TYR C 197 27.58 -10.78 -64.12
C TYR C 197 28.78 -9.98 -64.63
N HIS C 198 28.53 -8.76 -65.10
CA HIS C 198 29.55 -7.99 -65.80
C HIS C 198 30.39 -7.11 -64.87
N GLY C 199 30.15 -7.17 -63.57
CA GLY C 199 30.80 -6.26 -62.63
C GLY C 199 29.88 -5.11 -62.23
N THR C 200 30.42 -3.89 -62.26
CA THR C 200 29.67 -2.72 -61.84
C THR C 200 30.14 -1.49 -62.62
N ASP C 201 29.19 -0.67 -63.01
CA ASP C 201 29.50 0.55 -63.74
C ASP C 201 30.23 1.53 -62.82
N PRO C 202 31.44 1.99 -63.14
CA PRO C 202 32.07 2.97 -62.25
C PRO C 202 31.30 4.28 -62.16
N ASP C 203 30.68 4.69 -63.26
CA ASP C 203 29.97 5.97 -63.23
C ASP C 203 28.75 5.98 -62.31
N ASP C 204 28.26 4.82 -61.87
CA ASP C 204 27.09 4.70 -61.01
C ASP C 204 27.43 4.19 -59.62
N VAL C 205 28.70 4.16 -59.23
CA VAL C 205 29.08 3.65 -57.93
C VAL C 205 28.76 4.68 -56.86
N GLN C 206 28.36 4.21 -55.68
CA GLN C 206 28.13 5.12 -54.57
C GLN C 206 28.17 4.33 -53.27
N PHE C 207 29.14 4.64 -52.42
CA PHE C 207 29.38 3.95 -51.15
C PHE C 207 29.19 4.94 -50.03
N TYR C 208 28.22 4.67 -49.16
CA TYR C 208 27.87 5.50 -48.04
C TYR C 208 28.30 4.82 -46.76
N THR C 209 28.59 5.62 -45.73
CA THR C 209 28.79 5.10 -44.38
C THR C 209 28.04 5.98 -43.40
N ILE C 210 27.55 5.35 -42.34
CA ILE C 210 26.84 6.10 -41.29
C ILE C 210 27.78 7.09 -40.63
N GLU C 211 29.04 6.68 -40.42
CA GLU C 211 29.99 7.53 -39.74
C GLU C 211 30.23 8.83 -40.49
N ASN C 212 30.23 8.77 -41.82
CA ASN C 212 30.58 9.90 -42.65
C ASN C 212 29.38 10.78 -43.01
N SER C 213 28.16 10.35 -42.74
CA SER C 213 26.96 11.00 -43.24
C SER C 213 26.14 11.72 -42.19
N VAL C 214 26.07 11.18 -40.98
CA VAL C 214 25.15 11.62 -39.93
C VAL C 214 25.95 11.81 -38.65
N PRO C 215 25.68 12.82 -37.82
CA PRO C 215 26.28 12.83 -36.48
C PRO C 215 25.78 11.67 -35.63
N VAL C 216 26.70 11.07 -34.89
CA VAL C 216 26.44 9.88 -34.08
C VAL C 216 26.46 10.31 -32.62
N HIS C 217 25.36 10.13 -31.92
CA HIS C 217 25.33 10.30 -30.49
C HIS C 217 25.89 9.05 -29.83
N LEU C 218 26.55 9.23 -28.69
CA LEU C 218 26.94 8.15 -27.81
C LEU C 218 26.04 8.18 -26.58
N LEU C 219 25.62 7.02 -26.15
CA LEU C 219 24.69 6.86 -25.03
C LEU C 219 25.32 5.93 -24.01
N ARG C 220 25.85 6.50 -22.94
CA ARG C 220 26.29 5.71 -21.81
C ARG C 220 25.04 5.26 -21.03
N THR C 221 25.25 4.38 -20.07
CA THR C 221 24.11 3.81 -19.36
C THR C 221 23.52 4.86 -18.44
N GLY C 222 22.57 5.63 -18.96
CA GLY C 222 22.04 6.78 -18.27
C GLY C 222 21.63 7.91 -19.20
N ASP C 223 22.17 7.93 -20.41
CA ASP C 223 21.79 8.92 -21.40
C ASP C 223 20.41 8.60 -21.98
N GLU C 224 19.88 9.56 -22.73
CA GLU C 224 18.63 9.39 -23.46
C GLU C 224 18.70 10.15 -24.77
N PHE C 225 18.06 9.60 -25.79
CA PHE C 225 17.99 10.19 -27.12
C PHE C 225 16.54 10.34 -27.52
N ALA C 226 16.22 11.46 -28.16
CA ALA C 226 14.88 11.66 -28.72
C ALA C 226 14.99 12.44 -30.01
N THR C 227 14.18 12.04 -30.98
CA THR C 227 14.04 12.85 -32.18
C THR C 227 13.26 14.11 -31.86
N GLY C 228 13.30 15.06 -32.78
CA GLY C 228 12.29 16.10 -32.78
C GLY C 228 10.96 15.53 -33.20
N THR C 229 9.91 16.34 -33.02
CA THR C 229 8.61 15.98 -33.55
C THR C 229 8.59 16.23 -35.05
N PHE C 230 8.56 15.17 -35.84
CA PHE C 230 8.42 15.33 -37.28
C PHE C 230 6.95 15.51 -37.64
N PHE C 231 6.70 16.25 -38.73
CA PHE C 231 5.37 16.47 -39.27
C PHE C 231 5.35 16.06 -40.73
N PHE C 232 4.36 15.27 -41.11
CA PHE C 232 4.23 14.79 -42.48
C PHE C 232 3.52 15.81 -43.35
N ASP C 233 3.55 15.56 -44.66
CA ASP C 233 2.83 16.34 -45.65
C ASP C 233 1.99 15.43 -46.56
N CYS C 234 1.68 14.22 -46.11
CA CYS C 234 1.09 13.20 -46.98
C CYS C 234 -0.32 13.57 -47.40
N LYS C 235 -0.70 13.10 -48.58
CA LYS C 235 -2.09 13.22 -49.00
C LYS C 235 -2.97 12.28 -48.18
N PRO C 236 -4.28 12.55 -48.08
CA PRO C 236 -5.15 11.66 -47.31
C PRO C 236 -5.36 10.31 -47.98
N CYS C 237 -5.84 9.36 -47.16
CA CYS C 237 -6.16 8.00 -47.58
C CYS C 237 -7.54 7.66 -47.09
N ARG C 238 -8.21 6.76 -47.80
CA ARG C 238 -9.62 6.46 -47.62
C ARG C 238 -9.78 5.03 -47.14
N LEU C 239 -10.53 4.86 -46.05
CA LEU C 239 -10.81 3.56 -45.45
C LEU C 239 -12.10 2.96 -46.02
N THR C 240 -12.45 3.32 -47.25
CA THR C 240 -13.70 2.91 -47.85
C THR C 240 -13.45 2.58 -49.31
N HIS C 241 -14.21 1.63 -49.83
CA HIS C 241 -14.01 1.07 -51.16
C HIS C 241 -15.14 1.47 -52.10
N THR C 242 -14.92 1.22 -53.38
CA THR C 242 -15.84 1.58 -54.45
C THR C 242 -16.25 0.32 -55.19
N TRP C 243 -17.55 0.02 -55.16
CA TRP C 243 -18.04 -1.19 -55.81
C TRP C 243 -18.25 -1.02 -57.30
N GLN C 244 -18.29 0.21 -57.80
CA GLN C 244 -18.86 0.47 -59.10
C GLN C 244 -17.84 0.12 -60.18
N THR C 245 -18.11 -0.95 -60.90
CA THR C 245 -17.44 -1.21 -62.17
C THR C 245 -17.90 -0.17 -63.19
N ASN C 246 -17.38 -0.29 -64.41
CA ASN C 246 -17.68 0.71 -65.43
C ASN C 246 -19.15 0.69 -65.81
N ARG C 247 -19.78 -0.49 -65.79
CA ARG C 247 -21.18 -0.56 -66.17
C ARG C 247 -22.12 -0.01 -65.11
N ALA C 248 -21.63 0.34 -63.92
CA ALA C 248 -22.43 0.99 -62.89
C ALA C 248 -22.45 2.51 -63.02
N LEU C 249 -21.51 3.11 -63.76
CA LEU C 249 -21.51 4.55 -63.92
C LEU C 249 -22.71 5.00 -64.73
N GLY C 250 -23.34 6.09 -64.31
CA GLY C 250 -24.39 6.72 -65.08
C GLY C 250 -25.77 6.11 -64.87
N LEU C 251 -26.76 6.76 -65.46
CA LEU C 251 -28.16 6.37 -65.29
C LEU C 251 -28.49 5.11 -66.09
N PRO C 252 -28.93 4.01 -65.48
CA PRO C 252 -29.25 2.84 -66.27
C PRO C 252 -30.53 3.02 -67.07
N PRO C 253 -30.87 2.07 -67.95
CA PRO C 253 -32.04 2.25 -68.81
C PRO C 253 -33.35 2.35 -68.06
N PHE C 254 -34.32 3.01 -68.69
CA PHE C 254 -35.71 2.94 -68.29
C PHE C 254 -36.25 1.53 -68.51
N LEU C 255 -37.15 1.10 -67.64
CA LEU C 255 -37.70 -0.25 -67.61
C LEU C 255 -39.20 -0.15 -67.89
N ASN C 256 -39.63 -0.58 -69.08
CA ASN C 256 -41.01 -0.39 -69.49
C ASN C 256 -41.96 -1.35 -68.78
N SER C 257 -41.49 -2.54 -68.39
CA SER C 257 -42.35 -3.62 -67.89
C SER C 257 -41.68 -4.27 -66.67
N LEU C 258 -42.03 -3.77 -65.48
CA LEU C 258 -41.48 -4.34 -64.26
C LEU C 258 -42.22 -5.62 -63.89
N PRO C 259 -41.64 -6.45 -63.00
CA PRO C 259 -42.28 -7.73 -62.68
C PRO C 259 -43.61 -7.56 -61.96
N GLN C 260 -44.28 -8.70 -61.75
CA GLN C 260 -45.60 -8.76 -61.13
C GLN C 260 -45.69 -9.69 -59.93
N SER C 261 -44.71 -10.55 -59.69
CA SER C 261 -44.78 -11.49 -58.58
C SER C 261 -43.39 -11.83 -58.08
N GLU C 262 -43.29 -12.05 -56.77
CA GLU C 262 -42.00 -12.17 -56.11
C GLU C 262 -41.26 -13.42 -56.55
N GLY C 263 -39.94 -13.32 -56.60
CA GLY C 263 -39.07 -14.45 -56.87
C GLY C 263 -37.78 -14.01 -57.52
N ALA C 264 -36.68 -14.69 -57.17
CA ALA C 264 -35.40 -14.38 -57.78
C ALA C 264 -35.37 -14.68 -59.27
N THR C 265 -36.20 -15.63 -59.73
CA THR C 265 -36.21 -16.00 -61.14
C THR C 265 -37.07 -15.07 -62.00
N ASN C 266 -37.92 -14.24 -61.40
CA ASN C 266 -38.91 -13.47 -62.16
C ASN C 266 -38.30 -12.13 -62.61
N PHE C 267 -37.49 -12.22 -63.66
CA PHE C 267 -36.73 -11.07 -64.11
C PHE C 267 -37.61 -10.03 -64.79
N GLY C 268 -37.07 -8.81 -64.93
CA GLY C 268 -37.69 -7.74 -65.66
C GLY C 268 -37.02 -7.50 -67.02
N ASP C 269 -37.76 -6.83 -67.92
CA ASP C 269 -37.36 -6.64 -69.30
C ASP C 269 -37.38 -5.17 -69.67
N ILE C 270 -36.50 -4.78 -70.58
CA ILE C 270 -36.59 -3.47 -71.24
C ILE C 270 -37.52 -3.61 -72.44
N GLY C 271 -38.42 -2.64 -72.60
CA GLY C 271 -39.39 -2.73 -73.67
C GLY C 271 -38.87 -2.30 -75.02
N VAL C 272 -38.04 -1.26 -75.06
CA VAL C 272 -37.55 -0.73 -76.32
C VAL C 272 -36.59 -1.75 -76.90
N GLN C 273 -36.91 -2.25 -78.09
CA GLN C 273 -36.05 -3.23 -78.74
C GLN C 273 -34.71 -2.60 -79.10
N GLN C 274 -33.71 -3.46 -79.31
CA GLN C 274 -32.32 -3.04 -79.16
C GLN C 274 -31.83 -2.06 -80.21
N ASP C 275 -32.44 -2.00 -81.40
CA ASP C 275 -31.99 -1.11 -82.46
C ASP C 275 -32.74 0.22 -82.50
N LYS C 276 -33.60 0.51 -81.53
CA LYS C 276 -34.23 1.83 -81.40
C LYS C 276 -34.02 2.48 -80.03
N ARG C 277 -33.18 1.91 -79.18
CA ARG C 277 -32.80 2.61 -77.96
C ARG C 277 -31.94 3.82 -78.30
N ARG C 278 -32.05 4.87 -77.48
CA ARG C 278 -31.38 6.13 -77.70
C ARG C 278 -30.33 6.40 -76.63
N GLY C 279 -29.20 6.98 -77.05
CA GLY C 279 -28.08 7.18 -76.15
C GLY C 279 -26.86 7.67 -76.91
N VAL C 280 -25.69 7.37 -76.35
CA VAL C 280 -24.40 7.76 -76.91
C VAL C 280 -23.46 6.57 -76.77
N THR C 281 -22.52 6.45 -77.70
CA THR C 281 -21.55 5.35 -77.71
C THR C 281 -20.18 5.86 -78.15
N GLN C 282 -19.13 5.26 -77.60
CA GLN C 282 -17.78 5.54 -78.08
C GLN C 282 -17.55 4.86 -79.43
N MET C 283 -17.92 3.58 -79.54
CA MET C 283 -17.95 2.93 -80.84
C MET C 283 -19.11 3.50 -81.64
N GLY C 284 -18.80 4.07 -82.81
CA GLY C 284 -19.70 5.01 -83.46
C GLY C 284 -20.41 4.56 -84.72
N ASN C 285 -19.96 3.49 -85.37
CA ASN C 285 -20.41 3.17 -86.72
C ASN C 285 -21.61 2.24 -86.78
N THR C 286 -22.15 1.79 -85.65
CA THR C 286 -23.19 0.76 -85.63
C THR C 286 -24.29 1.17 -84.66
N ASN C 287 -25.52 0.81 -84.98
CA ASN C 287 -26.67 1.42 -84.34
C ASN C 287 -26.91 0.90 -82.93
N TYR C 288 -26.57 -0.35 -82.64
CA TYR C 288 -27.07 -1.00 -81.43
C TYR C 288 -26.45 -0.38 -80.19
N ILE C 289 -27.30 0.15 -79.32
CA ILE C 289 -26.91 0.66 -78.02
C ILE C 289 -27.38 -0.35 -76.99
N THR C 290 -26.46 -0.79 -76.13
CA THR C 290 -26.73 -1.75 -75.08
C THR C 290 -26.03 -1.26 -73.83
N GLU C 291 -26.18 -2.02 -72.74
CA GLU C 291 -25.48 -1.69 -71.52
C GLU C 291 -23.97 -1.74 -71.72
N ALA C 292 -23.49 -2.60 -72.60
CA ALA C 292 -22.06 -2.71 -72.84
C ALA C 292 -21.53 -1.54 -73.65
N THR C 293 -22.32 -1.06 -74.61
CA THR C 293 -21.83 -0.11 -75.60
C THR C 293 -22.07 1.34 -75.22
N ILE C 294 -22.99 1.63 -74.29
CA ILE C 294 -23.32 3.01 -73.97
C ILE C 294 -22.13 3.72 -73.34
N MET C 295 -22.00 5.00 -73.66
CA MET C 295 -20.82 5.79 -73.32
C MET C 295 -20.80 6.05 -71.82
N ARG C 296 -19.93 5.37 -71.11
CA ARG C 296 -19.66 5.71 -69.72
C ARG C 296 -18.70 6.89 -69.67
N PRO C 297 -18.73 7.72 -68.62
CA PRO C 297 -17.80 8.86 -68.57
C PRO C 297 -16.32 8.51 -68.52
N ALA C 298 -15.94 7.40 -67.90
CA ALA C 298 -14.54 7.12 -67.60
C ALA C 298 -14.31 5.62 -67.51
N GLU C 299 -13.06 5.25 -67.26
CA GLU C 299 -12.61 3.88 -67.14
C GLU C 299 -12.14 3.64 -65.71
N VAL C 300 -12.81 2.74 -65.01
CA VAL C 300 -12.39 2.36 -63.67
C VAL C 300 -11.31 1.32 -63.75
N GLY C 301 -10.26 1.49 -62.96
CA GLY C 301 -9.15 0.56 -63.01
C GLY C 301 -8.46 0.59 -64.35
N TYR C 302 -7.69 -0.45 -64.64
CA TYR C 302 -6.98 -0.55 -65.90
C TYR C 302 -6.66 -2.00 -66.17
N SER C 303 -6.24 -2.27 -67.39
CA SER C 303 -5.79 -3.58 -67.83
C SER C 303 -4.29 -3.50 -68.02
N ALA C 304 -3.57 -4.56 -67.65
CA ALA C 304 -2.13 -4.53 -67.60
C ALA C 304 -1.57 -5.90 -67.96
N PRO C 305 -0.36 -5.98 -68.50
CA PRO C 305 0.14 -7.27 -69.01
C PRO C 305 0.59 -8.23 -67.93
N TYR C 306 -0.31 -9.07 -67.44
CA TYR C 306 -0.08 -9.82 -66.22
C TYR C 306 1.09 -10.79 -66.32
N TYR C 307 1.90 -10.79 -65.26
CA TYR C 307 3.11 -11.61 -65.10
C TYR C 307 4.13 -11.39 -66.22
N SER C 308 4.13 -10.22 -66.84
CA SER C 308 5.22 -9.83 -67.71
C SER C 308 6.37 -9.29 -66.87
N PHE C 309 7.59 -9.74 -67.19
CA PHE C 309 8.81 -9.35 -66.49
C PHE C 309 9.64 -8.47 -67.40
N GLU C 310 9.91 -7.25 -66.97
CA GLU C 310 10.86 -6.40 -67.66
C GLU C 310 12.27 -6.83 -67.32
N ALA C 311 13.23 -6.33 -68.07
CA ALA C 311 14.64 -6.50 -67.77
C ALA C 311 15.36 -5.18 -67.96
N SER C 312 16.38 -4.96 -67.14
CA SER C 312 17.20 -3.76 -67.20
C SER C 312 18.62 -4.16 -66.85
N THR C 313 19.50 -3.16 -66.75
CA THR C 313 20.88 -3.43 -66.41
C THR C 313 21.03 -4.05 -65.02
N GLN C 314 20.11 -3.75 -64.11
CA GLN C 314 20.16 -4.40 -62.80
C GLN C 314 19.78 -5.87 -62.88
N GLY C 315 18.89 -6.24 -63.81
CA GLY C 315 18.41 -7.60 -63.94
C GLY C 315 16.93 -7.63 -64.24
N PRO C 316 16.34 -8.81 -64.27
CA PRO C 316 14.90 -8.92 -64.51
C PRO C 316 14.10 -8.49 -63.30
N PHE C 317 12.87 -8.04 -63.55
CA PHE C 317 11.98 -7.70 -62.46
C PHE C 317 10.52 -7.77 -62.91
N LYS C 318 9.65 -8.07 -61.97
CA LYS C 318 8.22 -8.14 -62.23
C LYS C 318 7.64 -6.74 -62.38
N THR C 319 6.88 -6.52 -63.44
CA THR C 319 6.28 -5.21 -63.63
C THR C 319 5.16 -5.04 -62.59
N PRO C 320 5.10 -3.94 -61.84
CA PRO C 320 4.03 -3.82 -60.86
C PRO C 320 2.68 -3.63 -61.53
N ILE C 321 1.68 -4.36 -61.03
CA ILE C 321 0.30 -4.29 -61.51
C ILE C 321 -0.51 -3.61 -60.42
N ALA C 322 -1.18 -2.50 -60.77
CA ALA C 322 -1.70 -1.62 -59.74
C ALA C 322 -2.96 -2.17 -59.07
N ALA C 323 -3.71 -3.02 -59.74
CA ALA C 323 -4.90 -3.60 -59.14
C ALA C 323 -5.22 -4.93 -59.81
N GLY C 324 -5.94 -5.79 -59.11
CA GLY C 324 -6.20 -7.13 -59.60
C GLY C 324 -7.48 -7.69 -59.02
N ARG C 325 -8.09 -8.62 -59.74
CA ARG C 325 -9.28 -9.31 -59.29
C ARG C 325 -8.96 -10.17 -58.07
N ALA C 336 -4.07 -16.08 -57.54
CA ALA C 336 -4.68 -14.90 -58.21
C ALA C 336 -3.62 -13.83 -58.47
N ASP C 337 -3.67 -13.22 -59.65
CA ASP C 337 -2.70 -12.21 -60.03
C ASP C 337 -3.00 -10.87 -59.36
N GLY C 338 -1.96 -10.05 -59.24
CA GLY C 338 -2.12 -8.68 -58.80
C GLY C 338 -2.26 -8.45 -57.31
N ASN C 339 -3.13 -9.20 -56.65
CA ASN C 339 -3.36 -8.97 -55.23
C ASN C 339 -2.11 -9.34 -54.43
N PRO C 340 -1.71 -8.55 -53.44
CA PRO C 340 -0.43 -8.78 -52.78
C PRO C 340 -0.49 -9.99 -51.86
N ARG C 341 0.65 -10.67 -51.74
CA ARG C 341 0.83 -11.81 -50.85
C ARG C 341 1.94 -11.50 -49.86
N TYR C 342 1.63 -11.57 -48.58
CA TYR C 342 2.57 -11.27 -47.50
C TYR C 342 3.00 -12.56 -46.83
N ALA C 343 4.30 -12.67 -46.54
CA ALA C 343 4.87 -13.78 -45.81
C ALA C 343 5.55 -13.21 -44.58
N PHE C 344 5.27 -13.80 -43.42
CA PHE C 344 5.56 -13.15 -42.16
C PHE C 344 5.82 -14.22 -41.11
N GLY C 345 6.58 -13.84 -40.09
CA GLY C 345 7.10 -14.76 -39.11
C GLY C 345 6.54 -14.54 -37.72
N ARG C 346 7.26 -15.10 -36.73
CA ARG C 346 6.76 -15.18 -35.38
C ARG C 346 6.57 -13.81 -34.75
N GLN C 347 7.51 -12.91 -34.96
CA GLN C 347 7.35 -11.56 -34.44
C GLN C 347 6.17 -10.83 -35.04
N HIS C 348 5.71 -11.25 -36.22
CA HIS C 348 4.79 -10.48 -37.03
C HIS C 348 3.48 -11.21 -37.31
N GLY C 349 3.11 -12.17 -36.48
CA GLY C 349 1.75 -12.70 -36.44
C GLY C 349 1.64 -14.19 -36.67
N GLN C 350 2.70 -14.86 -37.09
CA GLN C 350 2.69 -16.32 -37.05
C GLN C 350 2.54 -16.75 -35.60
N LYS C 351 1.79 -17.83 -35.40
CA LYS C 351 1.55 -18.36 -34.06
C LYS C 351 2.88 -18.66 -33.40
N THR C 352 3.18 -17.92 -32.33
CA THR C 352 4.56 -17.81 -31.87
C THR C 352 5.12 -19.12 -31.36
N THR C 353 4.28 -20.02 -30.88
CA THR C 353 4.73 -21.31 -30.40
C THR C 353 4.85 -22.37 -31.48
N THR C 354 4.44 -22.09 -32.71
CA THR C 354 4.60 -23.07 -33.77
C THR C 354 6.08 -23.26 -34.09
N THR C 355 6.43 -24.49 -34.42
CA THR C 355 7.82 -24.88 -34.60
C THR C 355 8.23 -24.75 -36.06
N GLY C 356 9.52 -24.55 -36.26
CA GLY C 356 10.12 -24.66 -37.58
C GLY C 356 10.27 -23.35 -38.31
N GLU C 357 10.89 -23.46 -39.49
CA GLU C 357 11.29 -22.31 -40.28
C GLU C 357 10.21 -21.84 -41.25
N THR C 358 9.18 -22.63 -41.50
CA THR C 358 8.23 -22.30 -42.56
C THR C 358 7.41 -21.06 -42.20
N PRO C 359 7.43 -19.99 -42.99
CA PRO C 359 6.67 -18.80 -42.62
C PRO C 359 5.20 -18.95 -42.93
N GLU C 360 4.40 -18.16 -42.22
CA GLU C 360 2.98 -18.05 -42.54
C GLU C 360 2.79 -17.11 -43.71
N ARG C 361 1.83 -17.44 -44.57
CA ARG C 361 1.61 -16.77 -45.84
C ARG C 361 0.13 -16.45 -45.98
N PHE C 362 -0.19 -15.28 -46.54
CA PHE C 362 -1.57 -14.97 -46.87
C PHE C 362 -1.62 -13.99 -48.02
N THR C 363 -2.75 -13.99 -48.73
CA THR C 363 -3.04 -13.06 -49.80
C THR C 363 -4.19 -12.16 -49.42
N TYR C 364 -4.00 -10.86 -49.59
CA TYR C 364 -5.01 -9.85 -49.26
C TYR C 364 -5.93 -9.69 -50.45
N ILE C 365 -7.03 -10.43 -50.45
CA ILE C 365 -7.98 -10.33 -51.55
C ILE C 365 -8.73 -9.03 -51.35
N ALA C 366 -8.29 -7.98 -52.02
CA ALA C 366 -8.75 -6.62 -51.73
C ALA C 366 -10.22 -6.46 -52.03
N HIS C 367 -10.91 -5.69 -51.18
CA HIS C 367 -12.33 -5.52 -51.35
C HIS C 367 -12.68 -4.66 -52.56
N GLN C 368 -11.75 -3.86 -53.07
CA GLN C 368 -12.05 -2.98 -54.18
C GLN C 368 -12.36 -3.79 -55.43
N ASP C 369 -13.64 -3.86 -55.79
CA ASP C 369 -14.07 -4.59 -56.99
C ASP C 369 -13.90 -3.72 -58.23
N THR C 370 -12.66 -3.29 -58.48
CA THR C 370 -12.30 -2.46 -59.63
C THR C 370 -11.11 -3.02 -60.39
N GLY C 371 -10.86 -4.33 -60.29
CA GLY C 371 -9.85 -4.98 -61.08
C GLY C 371 -10.37 -5.34 -62.46
N ARG C 372 -9.73 -6.33 -63.08
CA ARG C 372 -10.20 -6.89 -64.34
C ARG C 372 -10.11 -8.41 -64.29
N TYR C 373 -10.99 -9.03 -65.07
CA TYR C 373 -11.14 -10.47 -65.16
C TYR C 373 -10.76 -10.89 -66.57
N PRO C 374 -9.51 -11.27 -66.85
CA PRO C 374 -9.06 -11.41 -68.25
C PRO C 374 -9.83 -12.45 -69.04
N GLU C 375 -10.41 -13.44 -68.39
CA GLU C 375 -11.21 -14.41 -69.12
C GLU C 375 -12.46 -13.79 -69.73
N GLY C 376 -12.91 -12.64 -69.23
CA GLY C 376 -14.11 -11.99 -69.74
C GLY C 376 -13.90 -11.06 -70.91
N ASP C 377 -12.67 -10.84 -71.35
CA ASP C 377 -12.37 -9.84 -72.36
C ASP C 377 -12.51 -10.44 -73.76
N TRP C 378 -12.58 -9.56 -74.76
CA TRP C 378 -12.46 -9.95 -76.16
C TRP C 378 -12.18 -8.71 -76.99
N ILE C 379 -11.75 -8.94 -78.22
CA ILE C 379 -11.49 -7.89 -79.21
C ILE C 379 -12.14 -8.34 -80.51
N GLN C 380 -12.72 -7.39 -81.24
CA GLN C 380 -13.39 -7.72 -82.50
C GLN C 380 -13.19 -6.60 -83.50
N ASN C 381 -13.38 -6.95 -84.77
CA ASN C 381 -13.10 -6.06 -85.87
C ASN C 381 -14.03 -4.84 -85.83
N ILE C 382 -13.55 -3.73 -86.36
CA ILE C 382 -14.31 -2.48 -86.36
C ILE C 382 -15.56 -2.58 -87.22
N ASN C 383 -15.61 -3.48 -88.20
CA ASN C 383 -16.83 -3.74 -88.96
C ASN C 383 -17.75 -4.62 -88.12
N PHE C 384 -18.40 -3.97 -87.17
CA PHE C 384 -19.25 -4.65 -86.19
C PHE C 384 -20.39 -5.40 -86.86
N ASN C 385 -20.58 -6.66 -86.46
CA ASN C 385 -21.78 -7.41 -86.81
C ASN C 385 -22.12 -8.33 -85.65
N LEU C 386 -23.38 -8.33 -85.24
CA LEU C 386 -23.81 -9.04 -84.04
C LEU C 386 -23.61 -10.55 -84.14
N PRO C 387 -24.04 -11.22 -85.22
CA PRO C 387 -23.63 -12.64 -85.30
C PRO C 387 -22.15 -12.73 -85.66
N VAL C 388 -21.31 -12.67 -84.62
CA VAL C 388 -19.87 -12.63 -84.82
C VAL C 388 -19.38 -13.92 -85.48
N THR C 389 -18.34 -13.79 -86.31
CA THR C 389 -17.72 -14.90 -87.03
C THR C 389 -16.26 -15.01 -86.59
N ASN C 390 -15.72 -16.22 -86.64
CA ASN C 390 -14.44 -16.50 -85.99
C ASN C 390 -13.29 -15.74 -86.60
N ASP C 391 -13.38 -15.40 -87.88
CA ASP C 391 -12.29 -14.70 -88.54
C ASP C 391 -12.20 -13.22 -88.18
N ASN C 392 -13.15 -12.68 -87.39
CA ASN C 392 -13.18 -11.27 -87.04
C ASN C 392 -13.17 -11.02 -85.53
N VAL C 393 -12.89 -12.02 -84.70
CA VAL C 393 -12.89 -11.88 -83.24
C VAL C 393 -11.65 -12.56 -82.68
N LEU C 394 -11.02 -11.90 -81.72
CA LEU C 394 -9.89 -12.44 -80.96
C LEU C 394 -10.35 -12.65 -79.54
N LEU C 395 -10.31 -13.90 -79.08
CA LEU C 395 -10.81 -14.31 -77.79
C LEU C 395 -9.66 -14.70 -76.87
N PRO C 396 -9.82 -14.64 -75.55
CA PRO C 396 -8.72 -15.06 -74.67
C PRO C 396 -8.36 -16.53 -74.79
N THR C 397 -9.22 -17.38 -75.32
CA THR C 397 -8.84 -18.76 -75.55
C THR C 397 -7.93 -18.94 -76.74
N ASP C 398 -7.81 -17.94 -77.62
CA ASP C 398 -7.05 -18.11 -78.85
C ASP C 398 -5.54 -18.09 -78.57
N PRO C 399 -4.72 -18.86 -79.30
CA PRO C 399 -3.27 -18.70 -79.16
C PRO C 399 -2.76 -17.36 -79.65
N ILE C 400 -1.57 -17.00 -79.18
CA ILE C 400 -0.78 -15.89 -79.70
C ILE C 400 0.63 -16.42 -79.95
N GLY C 401 1.17 -16.09 -81.13
CA GLY C 401 2.52 -16.52 -81.46
C GLY C 401 2.71 -18.01 -81.53
N GLY C 402 1.64 -18.78 -81.73
CA GLY C 402 1.71 -20.22 -81.69
C GLY C 402 1.78 -20.83 -80.31
N LYS C 403 1.86 -20.03 -79.25
CA LYS C 403 1.91 -20.55 -77.89
C LYS C 403 0.49 -20.76 -77.38
N THR C 404 0.29 -21.87 -76.69
CA THR C 404 -1.06 -22.25 -76.25
C THR C 404 -1.45 -21.58 -74.94
N GLY C 405 -0.51 -21.45 -74.00
CA GLY C 405 -0.86 -20.88 -72.70
C GLY C 405 -0.97 -19.37 -72.73
N ILE C 406 -0.13 -18.71 -73.50
CA ILE C 406 -0.24 -17.27 -73.67
C ILE C 406 -1.52 -16.96 -74.43
N ASN C 407 -2.14 -15.84 -74.07
CA ASN C 407 -3.18 -15.25 -74.88
C ASN C 407 -2.97 -13.76 -74.85
N TYR C 408 -3.76 -13.03 -75.66
CA TYR C 408 -3.51 -11.62 -75.87
C TYR C 408 -3.68 -10.81 -74.60
N THR C 409 -4.49 -11.29 -73.66
CA THR C 409 -4.66 -10.57 -72.41
C THR C 409 -3.39 -10.55 -71.57
N ASN C 410 -2.45 -11.44 -71.84
CA ASN C 410 -1.14 -11.33 -71.20
C ASN C 410 -0.37 -10.09 -71.64
N ILE C 411 -0.66 -9.56 -72.84
CA ILE C 411 0.09 -8.45 -73.41
C ILE C 411 -0.72 -7.17 -73.56
N PHE C 412 -2.04 -7.22 -73.42
CA PHE C 412 -2.87 -6.04 -73.58
C PHE C 412 -2.59 -5.03 -72.47
N ASN C 413 -2.77 -3.74 -72.78
CA ASN C 413 -2.50 -2.69 -71.81
C ASN C 413 -3.27 -1.44 -72.19
N THR C 414 -4.08 -0.92 -71.26
CA THR C 414 -4.79 0.33 -71.50
C THR C 414 -4.08 1.55 -70.93
N TYR C 415 -4.08 1.71 -69.60
CA TYR C 415 -3.45 2.81 -68.85
C TYR C 415 -3.74 4.20 -69.43
N GLY C 416 -4.84 4.37 -70.16
CA GLY C 416 -5.04 5.56 -70.96
C GLY C 416 -5.47 6.74 -70.14
N PRO C 417 -5.71 7.86 -70.81
CA PRO C 417 -6.11 9.07 -70.10
C PRO C 417 -7.44 8.95 -69.39
N LEU C 418 -8.32 8.05 -69.83
CA LEU C 418 -9.60 7.87 -69.17
C LEU C 418 -9.50 7.07 -67.88
N THR C 419 -8.36 6.48 -67.56
CA THR C 419 -8.27 5.58 -66.43
C THR C 419 -8.28 6.33 -65.11
N ALA C 420 -8.86 5.70 -64.10
CA ALA C 420 -8.86 6.20 -62.73
C ALA C 420 -8.80 5.01 -61.79
N LEU C 421 -8.02 5.15 -60.72
CA LEU C 421 -7.67 4.03 -59.86
C LEU C 421 -7.72 4.45 -58.40
N ASN C 422 -8.10 3.52 -57.54
CA ASN C 422 -7.99 3.73 -56.11
C ASN C 422 -6.55 3.54 -55.64
N ASN C 423 -6.23 4.18 -54.53
CA ASN C 423 -4.95 3.96 -53.88
C ASN C 423 -4.87 2.55 -53.33
N VAL C 424 -3.66 2.11 -53.04
CA VAL C 424 -3.47 0.78 -52.42
C VAL C 424 -4.10 0.79 -51.03
N PRO C 425 -4.88 -0.22 -50.63
CA PRO C 425 -5.48 -0.17 -49.31
C PRO C 425 -4.44 -0.49 -48.24
N PRO C 426 -4.64 -0.03 -47.01
CA PRO C 426 -3.74 -0.47 -45.94
C PRO C 426 -3.93 -1.96 -45.69
N VAL C 427 -2.87 -2.59 -45.19
CA VAL C 427 -2.89 -3.99 -44.79
C VAL C 427 -2.36 -4.09 -43.38
N TYR C 428 -3.23 -4.45 -42.45
CA TYR C 428 -2.88 -4.74 -41.08
C TYR C 428 -2.62 -6.23 -40.92
N PRO C 429 -1.66 -6.70 -40.13
CA PRO C 429 -0.61 -6.01 -39.38
C PRO C 429 0.69 -5.86 -40.14
N ASN C 430 0.85 -6.53 -41.28
CA ASN C 430 2.15 -6.63 -41.91
C ASN C 430 2.49 -5.48 -42.84
N GLY C 431 1.52 -4.67 -43.24
CA GLY C 431 1.76 -3.70 -44.28
C GLY C 431 2.55 -2.50 -43.81
N GLN C 432 3.13 -1.80 -44.79
CA GLN C 432 3.85 -0.56 -44.53
C GLN C 432 2.87 0.61 -44.36
N ILE C 433 3.34 1.66 -43.71
CA ILE C 433 2.51 2.86 -43.45
C ILE C 433 2.86 4.00 -44.39
N TRP C 434 4.13 4.42 -44.42
CA TRP C 434 4.58 5.55 -45.23
C TRP C 434 5.77 5.16 -46.10
N ASP C 435 6.00 5.94 -47.15
CA ASP C 435 7.14 5.72 -48.03
C ASP C 435 7.48 7.00 -48.77
N LYS C 436 8.73 7.10 -49.20
CA LYS C 436 9.24 8.32 -49.83
C LYS C 436 8.85 8.37 -51.29
N GLU C 437 8.48 9.56 -51.77
CA GLU C 437 8.34 9.76 -53.21
C GLU C 437 9.70 9.61 -53.88
N PHE C 438 9.68 9.05 -55.10
CA PHE C 438 10.92 8.87 -55.83
C PHE C 438 11.51 10.23 -56.22
N ASP C 439 12.82 10.24 -56.36
CA ASP C 439 13.55 11.48 -56.62
C ASP C 439 13.50 11.92 -58.08
N THR C 440 12.85 11.17 -58.97
CA THR C 440 12.85 11.50 -60.38
C THR C 440 12.10 12.80 -60.63
N ASP C 441 12.27 13.35 -61.83
CA ASP C 441 11.59 14.59 -62.19
C ASP C 441 10.08 14.37 -62.26
N LEU C 442 9.62 13.59 -63.24
CA LEU C 442 8.27 13.07 -63.21
C LEU C 442 8.19 11.98 -62.14
N LYS C 443 7.03 11.89 -61.48
CA LYS C 443 6.81 11.01 -60.35
C LYS C 443 5.58 10.14 -60.56
N PRO C 444 5.54 8.94 -59.96
CA PRO C 444 4.41 8.04 -60.25
C PRO C 444 3.12 8.48 -59.61
N ARG C 445 2.02 8.02 -60.20
CA ARG C 445 0.70 8.36 -59.69
C ARG C 445 0.44 7.75 -58.32
N LEU C 446 0.90 6.52 -58.08
CA LEU C 446 0.69 5.88 -56.79
C LEU C 446 1.81 4.90 -56.52
N HIS C 447 1.98 4.59 -55.25
CA HIS C 447 2.97 3.63 -54.78
C HIS C 447 2.25 2.35 -54.38
N VAL C 448 2.77 1.21 -54.83
CA VAL C 448 2.04 -0.04 -54.68
C VAL C 448 2.15 -0.65 -53.30
N ASN C 449 2.94 -0.09 -52.39
CA ASN C 449 3.32 -0.76 -51.15
C ASN C 449 2.83 -0.07 -49.90
N ALA C 450 2.66 1.25 -49.90
CA ALA C 450 2.31 2.03 -48.74
C ALA C 450 1.08 2.89 -49.04
N PRO C 451 0.13 3.03 -48.12
CA PRO C 451 -1.00 3.91 -48.44
C PRO C 451 -0.63 5.37 -48.50
N PHE C 452 0.06 5.87 -47.49
CA PHE C 452 0.50 7.26 -47.46
C PHE C 452 1.86 7.34 -48.13
N VAL C 453 2.05 8.37 -48.96
CA VAL C 453 3.30 8.62 -49.66
C VAL C 453 3.80 10.00 -49.27
N CYS C 454 5.08 10.08 -48.92
CA CYS C 454 5.69 11.34 -48.55
C CYS C 454 6.03 12.16 -49.78
N GLN C 455 6.04 13.48 -49.60
CA GLN C 455 6.56 14.39 -50.62
C GLN C 455 7.98 14.86 -50.32
N ASN C 456 8.27 15.23 -49.06
CA ASN C 456 9.52 15.91 -48.71
C ASN C 456 10.09 15.37 -47.41
N ASN C 457 11.08 14.48 -47.53
CA ASN C 457 12.05 14.19 -46.46
C ASN C 457 11.38 13.63 -45.22
N CYS C 458 10.65 12.53 -45.38
CA CYS C 458 9.90 11.95 -44.28
C CYS C 458 10.80 11.06 -43.43
N PRO C 459 10.38 10.73 -42.20
CA PRO C 459 11.29 10.75 -41.05
C PRO C 459 12.54 9.90 -41.21
N GLY C 460 13.66 10.47 -40.78
CA GLY C 460 14.95 9.85 -40.88
C GLY C 460 15.03 8.49 -40.22
N GLN C 461 15.75 7.58 -40.85
CA GLN C 461 15.92 6.26 -40.28
C GLN C 461 16.85 6.35 -39.08
N LEU C 462 16.55 5.55 -38.07
CA LEU C 462 17.26 5.54 -36.79
C LEU C 462 18.13 4.31 -36.71
N PHE C 463 19.44 4.52 -36.60
CA PHE C 463 20.44 3.47 -36.67
C PHE C 463 21.11 3.31 -35.31
N VAL C 464 21.53 2.10 -34.99
CA VAL C 464 22.09 1.76 -33.69
C VAL C 464 23.27 0.81 -33.86
N LYS C 465 24.13 0.76 -32.84
CA LYS C 465 25.37 0.01 -32.87
C LYS C 465 26.01 -0.01 -31.49
N VAL C 466 26.47 -1.15 -31.04
CA VAL C 466 27.26 -1.25 -29.82
C VAL C 466 28.68 -0.80 -30.15
N ALA C 467 29.20 0.14 -29.37
CA ALA C 467 30.50 0.70 -29.68
C ALA C 467 31.59 -0.35 -29.48
N PRO C 468 32.77 -0.19 -30.08
CA PRO C 468 33.82 -1.20 -29.87
C PRO C 468 34.30 -1.21 -28.43
N ASN C 469 34.23 -2.39 -27.82
CA ASN C 469 34.71 -2.64 -26.46
C ASN C 469 36.00 -3.45 -26.60
N LEU C 470 37.09 -2.75 -26.89
CA LEU C 470 38.32 -3.41 -27.30
C LEU C 470 39.04 -4.05 -26.13
N THR C 471 39.81 -5.10 -26.44
CA THR C 471 40.70 -5.75 -25.50
C THR C 471 42.09 -5.12 -25.56
N ASN C 472 42.94 -5.50 -24.61
CA ASN C 472 44.28 -4.93 -24.52
C ASN C 472 45.20 -5.38 -25.64
N GLU C 473 44.89 -6.46 -26.33
CA GLU C 473 45.81 -7.04 -27.29
C GLU C 473 45.85 -6.30 -28.63
N TYR C 474 44.99 -5.31 -28.84
CA TYR C 474 44.71 -4.79 -30.17
C TYR C 474 45.88 -3.99 -30.70
N ASP C 475 46.66 -4.61 -31.59
CA ASP C 475 47.59 -3.89 -32.43
C ASP C 475 46.89 -3.58 -33.75
N PRO C 476 46.54 -2.32 -34.04
CA PRO C 476 45.81 -2.06 -35.31
C PRO C 476 46.62 -2.33 -36.56
N ASP C 477 47.94 -2.44 -36.46
CA ASP C 477 48.73 -2.77 -37.64
C ASP C 477 48.52 -4.21 -38.11
N ALA C 478 47.94 -5.08 -37.28
CA ALA C 478 47.68 -6.44 -37.69
C ALA C 478 46.53 -6.52 -38.69
N SER C 479 46.59 -7.53 -39.55
CA SER C 479 45.50 -7.80 -40.48
C SER C 479 44.34 -8.54 -39.83
N ALA C 480 44.53 -9.12 -38.65
CA ALA C 480 43.46 -9.89 -38.03
C ALA C 480 42.34 -8.98 -37.53
N ASN C 481 41.16 -9.56 -37.38
CA ASN C 481 40.02 -8.82 -36.86
C ASN C 481 40.28 -8.42 -35.41
N MET C 482 39.70 -7.29 -35.00
CA MET C 482 39.92 -6.79 -33.65
C MET C 482 39.15 -7.65 -32.66
N SER C 483 39.87 -8.16 -31.66
CA SER C 483 39.27 -9.00 -30.63
C SER C 483 38.50 -8.14 -29.64
N ARG C 484 37.18 -8.28 -29.63
CA ARG C 484 36.31 -7.49 -28.77
C ARG C 484 35.88 -8.28 -27.55
N ILE C 485 35.65 -7.55 -26.45
CA ILE C 485 34.86 -8.10 -25.37
C ILE C 485 33.45 -8.27 -25.89
N VAL C 486 32.91 -9.48 -25.78
CA VAL C 486 31.57 -9.78 -26.26
C VAL C 486 30.60 -8.93 -25.46
N THR C 487 29.97 -7.97 -26.12
CA THR C 487 29.11 -6.98 -25.48
C THR C 487 27.76 -7.00 -26.17
N TYR C 488 26.71 -6.77 -25.41
CA TYR C 488 25.39 -6.58 -25.97
C TYR C 488 24.64 -5.57 -25.13
N SER C 489 23.64 -4.98 -25.76
CA SER C 489 22.90 -3.87 -25.20
C SER C 489 21.41 -4.09 -25.38
N ASP C 490 20.65 -3.64 -24.40
CA ASP C 490 19.20 -3.54 -24.49
C ASP C 490 18.83 -2.07 -24.34
N PHE C 491 17.80 -1.65 -25.04
CA PHE C 491 17.26 -0.33 -24.84
C PHE C 491 15.77 -0.34 -25.13
N TRP C 492 15.01 0.33 -24.28
CA TRP C 492 13.61 0.57 -24.57
C TRP C 492 13.49 1.65 -25.64
N TRP C 493 12.68 1.38 -26.65
CA TRP C 493 12.31 2.35 -27.68
C TRP C 493 10.87 2.75 -27.42
N LYS C 494 10.56 4.03 -27.57
CA LYS C 494 9.18 4.52 -27.51
C LYS C 494 8.94 5.43 -28.68
N GLY C 495 8.01 5.06 -29.54
CA GLY C 495 7.55 5.90 -30.62
C GLY C 495 6.19 6.48 -30.30
N LYS C 496 5.90 7.62 -30.93
CA LYS C 496 4.58 8.22 -30.90
C LYS C 496 4.21 8.59 -32.32
N LEU C 497 3.03 8.18 -32.75
CA LEU C 497 2.53 8.41 -34.09
C LEU C 497 1.10 8.91 -33.96
N VAL C 498 0.78 9.99 -34.70
CA VAL C 498 -0.49 10.68 -34.57
C VAL C 498 -1.17 10.73 -35.92
N PHE C 499 -2.46 10.39 -35.95
CA PHE C 499 -3.30 10.47 -37.13
C PHE C 499 -4.45 11.42 -36.86
N LYS C 500 -5.03 11.93 -37.93
CA LYS C 500 -6.31 12.63 -37.89
C LYS C 500 -7.28 11.89 -38.81
N ALA C 501 -8.53 11.72 -38.36
CA ALA C 501 -9.51 10.93 -39.08
C ALA C 501 -10.92 11.50 -38.88
N LYS C 502 -11.79 11.21 -39.84
CA LYS C 502 -13.18 11.69 -39.86
C LYS C 502 -14.11 10.51 -39.62
N LEU C 503 -15.02 10.66 -38.66
CA LEU C 503 -16.00 9.62 -38.39
C LEU C 503 -17.03 9.58 -39.51
N ARG C 504 -17.48 8.37 -39.85
CA ARG C 504 -18.35 8.21 -41.00
C ARG C 504 -19.78 8.61 -40.69
N ALA C 505 -20.63 8.53 -41.70
CA ALA C 505 -22.04 8.89 -41.61
C ALA C 505 -22.92 7.80 -42.23
N SER C 506 -24.15 7.74 -41.74
CA SER C 506 -25.12 6.70 -42.12
C SER C 506 -25.94 7.11 -43.35
N HIS C 507 -25.26 7.18 -44.50
CA HIS C 507 -25.95 7.59 -45.72
C HIS C 507 -26.93 6.53 -46.21
N THR C 508 -26.55 5.27 -46.15
CA THR C 508 -27.40 4.20 -46.66
C THR C 508 -28.53 3.87 -45.69
N TRP C 509 -29.58 3.26 -46.23
CA TRP C 509 -30.57 2.59 -45.38
C TRP C 509 -30.02 1.29 -44.82
N ASN C 510 -29.31 0.52 -45.64
CA ASN C 510 -28.83 -0.78 -45.21
C ASN C 510 -27.58 -0.64 -44.35
N PRO C 511 -27.30 -1.60 -43.46
CA PRO C 511 -26.04 -1.56 -42.73
C PRO C 511 -24.87 -2.02 -43.57
N ILE C 512 -23.70 -1.45 -43.29
CA ILE C 512 -22.48 -1.76 -44.02
C ILE C 512 -21.76 -2.94 -43.39
N GLN C 513 -20.78 -3.49 -44.09
CA GLN C 513 -19.95 -4.54 -43.53
C GLN C 513 -19.11 -3.98 -42.40
N GLN C 514 -18.86 -4.80 -41.39
CA GLN C 514 -18.10 -4.43 -40.21
C GLN C 514 -17.20 -5.58 -39.79
N MET C 515 -15.99 -5.26 -39.38
CA MET C 515 -15.11 -6.25 -38.77
C MET C 515 -15.73 -6.68 -37.46
N SER C 516 -15.83 -8.00 -37.26
CA SER C 516 -16.51 -8.52 -36.09
C SER C 516 -15.87 -9.83 -35.67
N ILE C 517 -16.14 -10.18 -34.41
CA ILE C 517 -15.65 -11.42 -33.81
C ILE C 517 -16.81 -12.40 -33.75
N ASN C 518 -16.56 -13.63 -34.15
CA ASN C 518 -17.60 -14.63 -34.32
C ASN C 518 -17.03 -16.00 -33.95
N VAL C 519 -17.87 -17.02 -34.05
CA VAL C 519 -17.50 -18.36 -33.62
C VAL C 519 -16.33 -18.90 -34.44
N ASP C 520 -16.21 -18.48 -35.70
CA ASP C 520 -15.16 -19.02 -36.56
C ASP C 520 -13.79 -18.44 -36.24
N ASN C 521 -13.72 -17.19 -35.81
CA ASN C 521 -12.45 -16.46 -35.67
C ASN C 521 -12.14 -16.06 -34.23
N GLN C 522 -12.86 -16.60 -33.24
CA GLN C 522 -12.71 -16.18 -31.85
C GLN C 522 -11.29 -16.39 -31.34
N PHE C 523 -10.76 -17.60 -31.53
CA PHE C 523 -9.48 -17.95 -30.94
C PHE C 523 -8.28 -17.45 -31.72
N ASN C 524 -8.48 -16.59 -32.73
CA ASN C 524 -7.35 -15.87 -33.29
C ASN C 524 -6.85 -14.79 -32.34
N TYR C 525 -7.73 -14.19 -31.56
CA TYR C 525 -7.45 -12.93 -30.88
C TYR C 525 -7.15 -13.06 -29.39
N VAL C 526 -7.03 -14.26 -28.84
CA VAL C 526 -6.73 -14.48 -27.43
C VAL C 526 -5.50 -15.39 -27.34
N PRO C 527 -4.75 -15.40 -26.25
CA PRO C 527 -3.58 -16.27 -26.19
C PRO C 527 -3.95 -17.73 -26.09
N SER C 528 -3.01 -18.59 -26.49
CA SER C 528 -3.23 -20.02 -26.51
C SER C 528 -3.00 -20.61 -25.11
N ASN C 529 -3.13 -21.93 -25.03
CA ASN C 529 -3.01 -22.62 -23.75
C ASN C 529 -1.61 -22.46 -23.16
N ILE C 530 -0.58 -22.44 -24.01
CA ILE C 530 0.80 -22.21 -23.60
C ILE C 530 1.26 -20.80 -23.97
N GLY C 531 0.33 -19.87 -24.16
CA GLY C 531 0.68 -18.49 -24.27
C GLY C 531 1.15 -18.04 -25.62
N GLY C 532 0.95 -18.84 -26.66
CA GLY C 532 1.16 -18.35 -28.00
C GLY C 532 0.13 -17.28 -28.35
N MET C 533 0.53 -16.39 -29.26
CA MET C 533 -0.37 -15.38 -29.80
C MET C 533 -0.23 -15.38 -31.32
N LYS C 534 -1.27 -14.89 -31.98
CA LYS C 534 -1.23 -14.64 -33.42
C LYS C 534 -1.94 -13.33 -33.67
N ILE C 535 -1.73 -12.78 -34.86
CA ILE C 535 -2.40 -11.56 -35.30
C ILE C 535 -2.81 -11.82 -36.74
N VAL C 536 -4.06 -12.20 -36.95
CA VAL C 536 -4.54 -12.55 -38.26
C VAL C 536 -4.86 -11.26 -39.01
N TYR C 537 -4.76 -11.30 -40.34
CA TYR C 537 -4.95 -10.11 -41.14
C TYR C 537 -6.39 -9.63 -41.06
N GLU C 538 -6.58 -8.34 -41.26
CA GLU C 538 -7.87 -7.70 -41.25
C GLU C 538 -7.99 -6.75 -42.43
N LYS C 539 -9.15 -6.73 -43.05
CA LYS C 539 -9.40 -5.79 -44.12
C LYS C 539 -9.36 -4.37 -43.57
N SER C 540 -8.88 -3.44 -44.38
CA SER C 540 -8.79 -2.04 -44.00
C SER C 540 -9.84 -1.14 -44.65
N GLN C 541 -10.57 -1.64 -45.65
CA GLN C 541 -11.66 -0.92 -46.27
C GLN C 541 -12.90 -1.80 -46.22
N LEU C 542 -13.97 -1.27 -45.64
CA LEU C 542 -15.23 -1.99 -45.48
C LEU C 542 -16.44 -1.24 -46.00
N ALA C 543 -16.48 0.06 -45.80
CA ALA C 543 -17.67 0.83 -46.19
C ALA C 543 -17.67 1.08 -47.69
N PRO C 544 -18.78 0.92 -48.39
CA PRO C 544 -18.82 1.34 -49.80
C PRO C 544 -18.92 2.85 -49.95
N ARG C 545 -18.57 3.33 -51.14
CA ARG C 545 -18.56 4.75 -51.48
C ARG C 545 -19.11 4.96 -52.88
N LYS C 546 -19.95 5.98 -53.05
CA LYS C 546 -20.51 6.29 -54.35
C LYS C 546 -19.42 6.92 -55.21
N LEU C 547 -18.97 6.17 -56.22
CA LEU C 547 -17.85 6.63 -57.04
C LEU C 547 -18.27 7.73 -58.01
N TYR C 548 -19.52 7.72 -58.46
CA TYR C 548 -20.02 8.68 -59.44
C TYR C 548 -21.39 9.20 -59.02
N GLY D 1 -54.53 31.83 -47.05
CA GLY D 1 -54.31 31.16 -48.36
C GLY D 1 -54.19 29.66 -48.24
N VAL D 2 -55.17 28.94 -48.81
CA VAL D 2 -55.19 27.49 -48.72
C VAL D 2 -53.99 26.88 -49.43
N GLY D 3 -53.54 27.51 -50.52
CA GLY D 3 -52.45 26.95 -51.29
C GLY D 3 -51.09 27.04 -50.64
N ILE D 4 -50.93 27.83 -49.59
CA ILE D 4 -49.61 28.02 -49.00
C ILE D 4 -49.26 26.81 -48.15
N SER D 5 -48.09 26.24 -48.40
CA SER D 5 -47.61 25.12 -47.61
C SER D 5 -47.17 25.59 -46.24
N THR D 6 -47.37 24.75 -45.23
CA THR D 6 -47.16 25.11 -43.83
C THR D 6 -45.86 24.59 -43.23
N GLY D 7 -45.22 23.60 -43.83
CA GLY D 7 -44.04 23.02 -43.21
C GLY D 7 -43.35 22.06 -44.15
N THR D 8 -42.17 21.62 -43.73
CA THR D 8 -41.23 20.89 -44.56
C THR D 8 -41.01 19.48 -44.04
N PHE D 9 -41.08 18.51 -44.95
CA PHE D 9 -40.78 17.12 -44.61
C PHE D 9 -39.30 16.98 -44.31
N ASN D 10 -38.97 16.11 -43.36
CA ASN D 10 -37.57 15.86 -43.04
C ASN D 10 -37.48 14.55 -42.26
N ASN D 11 -36.70 13.60 -42.78
CA ASN D 11 -36.52 12.30 -42.17
C ASN D 11 -35.05 11.98 -41.93
N GLN D 12 -34.19 12.99 -41.90
CA GLN D 12 -32.76 12.78 -41.82
C GLN D 12 -32.30 12.66 -40.38
N THR D 13 -31.46 11.67 -40.13
CA THR D 13 -30.62 11.69 -38.95
C THR D 13 -29.45 12.63 -39.16
N GLU D 14 -29.10 13.38 -38.12
CA GLU D 14 -27.92 14.23 -38.09
C GLU D 14 -27.06 13.78 -36.92
N PHE D 15 -25.83 13.36 -37.21
CA PHE D 15 -24.87 12.98 -36.19
C PHE D 15 -23.89 14.15 -36.03
N LYS D 16 -24.23 15.04 -35.11
CA LYS D 16 -23.46 16.24 -34.82
C LYS D 16 -22.63 16.00 -33.58
N PHE D 17 -21.36 16.39 -33.63
CA PHE D 17 -20.36 15.96 -32.66
C PHE D 17 -20.06 17.07 -31.67
N LEU D 18 -19.98 16.70 -30.40
CA LEU D 18 -19.71 17.61 -29.29
C LEU D 18 -18.33 17.31 -28.70
N GLU D 19 -17.94 18.09 -27.71
CA GLU D 19 -16.66 17.88 -27.03
C GLU D 19 -16.65 16.53 -26.32
N ASN D 20 -15.43 16.03 -26.09
CA ASN D 20 -15.19 14.89 -25.19
C ASN D 20 -15.91 13.63 -25.64
N GLY D 21 -16.09 13.46 -26.94
CA GLY D 21 -16.68 12.25 -27.48
C GLY D 21 -18.19 12.17 -27.40
N TRP D 22 -18.86 13.20 -26.92
CA TRP D 22 -20.31 13.23 -26.96
C TRP D 22 -20.78 13.54 -28.36
N VAL D 23 -21.90 12.92 -28.75
CA VAL D 23 -22.53 13.16 -30.04
C VAL D 23 -24.02 13.38 -29.81
N GLU D 24 -24.58 14.37 -30.49
CA GLU D 24 -25.97 14.77 -30.34
C GLU D 24 -26.76 14.16 -31.50
N ILE D 25 -27.15 12.90 -31.32
CA ILE D 25 -27.92 12.19 -32.32
C ILE D 25 -29.26 12.88 -32.42
N THR D 26 -29.59 13.41 -33.61
CA THR D 26 -30.81 14.19 -33.84
C THR D 26 -31.61 13.46 -34.90
N ALA D 27 -32.67 12.76 -34.47
CA ALA D 27 -33.47 11.94 -35.37
C ALA D 27 -34.69 12.73 -35.81
N ASN D 28 -34.58 13.40 -36.94
CA ASN D 28 -35.75 13.97 -37.58
C ASN D 28 -36.54 12.87 -38.25
N SER D 29 -37.85 12.85 -38.04
CA SER D 29 -38.73 11.85 -38.61
C SER D 29 -40.04 12.50 -38.98
N SER D 30 -40.61 12.09 -40.11
CA SER D 30 -41.90 12.61 -40.53
C SER D 30 -42.60 11.57 -41.37
N ARG D 31 -43.92 11.70 -41.45
CA ARG D 31 -44.77 10.70 -42.05
C ARG D 31 -46.00 11.39 -42.61
N LEU D 32 -46.77 10.66 -43.40
CA LEU D 32 -48.10 11.07 -43.83
C LEU D 32 -49.12 10.15 -43.16
N VAL D 33 -50.06 10.75 -42.46
CA VAL D 33 -51.05 10.04 -41.66
C VAL D 33 -52.41 10.17 -42.34
N HIS D 34 -53.16 9.09 -42.37
CA HIS D 34 -54.52 9.06 -42.90
C HIS D 34 -55.47 8.66 -41.78
N LEU D 35 -56.47 9.50 -41.53
CA LEU D 35 -57.45 9.30 -40.48
C LEU D 35 -58.83 9.26 -41.09
N ASN D 36 -59.54 8.16 -40.87
CA ASN D 36 -60.91 8.01 -41.33
C ASN D 36 -61.85 8.61 -40.30
N MET D 37 -63.08 8.86 -40.74
CA MET D 37 -64.13 9.31 -39.84
C MET D 37 -64.33 8.29 -38.72
N PRO D 38 -64.59 8.71 -37.48
CA PRO D 38 -64.81 7.72 -36.43
C PRO D 38 -66.09 6.94 -36.68
N GLU D 39 -66.09 5.69 -36.22
CA GLU D 39 -67.19 4.79 -36.52
C GLU D 39 -68.49 5.28 -35.90
N SER D 40 -68.41 5.97 -34.77
CA SER D 40 -69.59 6.55 -34.14
C SER D 40 -69.15 7.76 -33.35
N GLU D 41 -70.13 8.61 -33.04
CA GLU D 41 -69.82 9.90 -32.43
C GLU D 41 -69.48 9.80 -30.96
N ASN D 42 -69.80 8.69 -30.31
CA ASN D 42 -70.03 8.67 -28.87
C ASN D 42 -69.03 7.78 -28.15
N TYR D 43 -68.69 8.19 -26.94
CA TYR D 43 -67.96 7.33 -26.04
C TYR D 43 -68.85 6.15 -25.68
N ARG D 44 -68.29 4.93 -25.74
CA ARG D 44 -69.03 3.71 -25.43
C ARG D 44 -68.28 2.90 -24.38
N ARG D 45 -68.95 2.58 -23.29
CA ARG D 45 -68.38 1.87 -22.15
C ARG D 45 -68.51 0.36 -22.32
N VAL D 46 -67.91 -0.17 -23.38
CA VAL D 46 -68.08 -1.57 -23.75
C VAL D 46 -67.37 -2.46 -22.75
N VAL D 47 -67.89 -3.67 -22.58
CA VAL D 47 -67.26 -4.73 -21.79
C VAL D 47 -67.02 -5.92 -22.70
N VAL D 48 -65.83 -6.51 -22.60
CA VAL D 48 -65.40 -7.61 -23.44
C VAL D 48 -65.39 -8.87 -22.59
N ASN D 49 -65.91 -9.96 -23.14
CA ASN D 49 -66.02 -11.23 -22.43
C ASN D 49 -65.77 -12.37 -23.39
N ASN D 50 -65.02 -13.36 -22.93
CA ASN D 50 -64.79 -14.61 -23.66
C ASN D 50 -65.00 -15.80 -22.75
N MET D 51 -66.07 -15.74 -21.95
CA MET D 51 -66.38 -16.77 -20.96
C MET D 51 -66.49 -18.16 -21.59
N ASP D 52 -67.23 -18.27 -22.69
CA ASP D 52 -67.39 -19.59 -23.31
C ASP D 52 -66.10 -20.12 -23.90
N LYS D 53 -65.13 -19.27 -24.21
CA LYS D 53 -63.86 -19.70 -24.77
C LYS D 53 -62.85 -20.13 -23.72
N THR D 54 -63.07 -19.81 -22.44
CA THR D 54 -62.22 -20.21 -21.34
C THR D 54 -62.92 -21.13 -20.34
N ALA D 55 -64.22 -21.36 -20.48
CA ALA D 55 -64.94 -22.15 -19.50
C ALA D 55 -64.57 -23.63 -19.57
N VAL D 56 -64.12 -24.10 -20.74
CA VAL D 56 -63.56 -25.44 -20.81
C VAL D 56 -62.34 -25.50 -19.90
N ASN D 57 -62.37 -26.43 -18.95
CA ASN D 57 -61.38 -26.43 -17.88
C ASN D 57 -59.97 -26.67 -18.41
N GLY D 58 -59.04 -25.84 -17.94
CA GLY D 58 -57.65 -25.87 -18.38
C GLY D 58 -57.22 -24.67 -19.20
N ASN D 59 -58.17 -23.88 -19.69
CA ASN D 59 -57.91 -22.70 -20.53
C ASN D 59 -57.89 -21.39 -19.74
N MET D 60 -57.36 -21.42 -18.50
CA MET D 60 -57.36 -20.22 -17.66
C MET D 60 -56.63 -19.05 -18.31
N ALA D 61 -55.47 -19.32 -18.92
CA ALA D 61 -54.63 -18.23 -19.39
C ALA D 61 -55.21 -17.45 -20.55
N LEU D 62 -56.26 -17.96 -21.20
CA LEU D 62 -56.92 -17.20 -22.26
C LEU D 62 -57.90 -16.16 -21.73
N ASP D 63 -57.90 -15.85 -20.44
CA ASP D 63 -58.86 -14.90 -19.89
C ASP D 63 -58.66 -13.51 -20.46
N ASP D 64 -59.60 -13.08 -21.31
CA ASP D 64 -59.59 -11.76 -21.93
C ASP D 64 -60.73 -10.87 -21.45
N ILE D 65 -61.36 -11.20 -20.32
CA ILE D 65 -62.44 -10.36 -19.82
C ILE D 65 -61.85 -9.02 -19.40
N HIS D 66 -62.44 -7.94 -19.89
CA HIS D 66 -62.05 -6.60 -19.50
C HIS D 66 -63.12 -5.64 -19.97
N ALA D 67 -63.04 -4.40 -19.48
CA ALA D 67 -63.95 -3.34 -19.84
C ALA D 67 -63.15 -2.12 -20.24
N GLN D 68 -63.65 -1.37 -21.21
CA GLN D 68 -62.91 -0.23 -21.73
C GLN D 68 -63.87 0.77 -22.33
N ILE D 69 -63.42 2.02 -22.39
CA ILE D 69 -64.17 3.11 -23.02
C ILE D 69 -63.66 3.23 -24.45
N VAL D 70 -64.41 2.67 -25.40
CA VAL D 70 -64.13 2.95 -26.79
C VAL D 70 -64.48 4.41 -27.05
N THR D 71 -63.52 5.16 -27.57
CA THR D 71 -63.51 6.61 -27.57
C THR D 71 -63.50 7.14 -28.99
N PRO D 72 -64.23 8.26 -29.29
CA PRO D 72 -64.12 8.87 -30.62
C PRO D 72 -62.89 9.79 -30.78
N TRP D 73 -61.71 9.26 -30.51
CA TRP D 73 -60.46 9.94 -30.79
C TRP D 73 -59.44 8.89 -31.21
N SER D 74 -58.40 9.35 -31.91
CA SER D 74 -57.29 8.51 -32.32
C SER D 74 -55.98 9.16 -31.87
N LEU D 75 -55.01 8.31 -31.57
CA LEU D 75 -53.77 8.71 -30.91
C LEU D 75 -52.62 8.58 -31.89
N VAL D 76 -51.80 9.63 -31.97
CA VAL D 76 -50.64 9.66 -32.87
C VAL D 76 -49.43 9.44 -31.97
N ASP D 77 -49.04 8.16 -31.82
CA ASP D 77 -48.00 7.75 -30.88
C ASP D 77 -46.75 7.34 -31.65
N ALA D 78 -45.64 8.03 -31.37
CA ALA D 78 -44.35 7.77 -31.99
C ALA D 78 -43.39 7.04 -31.08
N ASN D 79 -43.86 6.44 -29.99
CA ASN D 79 -42.96 5.86 -29.00
C ASN D 79 -42.44 4.49 -29.42
N ALA D 80 -41.63 4.44 -30.47
CA ALA D 80 -40.95 3.19 -30.83
C ALA D 80 -39.74 3.51 -31.68
N TRP D 81 -38.73 2.65 -31.61
CA TRP D 81 -37.45 2.95 -32.24
C TRP D 81 -37.58 3.04 -33.75
N GLY D 82 -38.37 2.16 -34.35
CA GLY D 82 -38.50 2.15 -35.80
C GLY D 82 -39.10 3.42 -36.37
N VAL D 83 -39.82 4.18 -35.56
CA VAL D 83 -40.38 5.43 -36.02
C VAL D 83 -39.30 6.47 -36.30
N TRP D 84 -38.10 6.29 -35.75
CA TRP D 84 -37.08 7.35 -35.70
C TRP D 84 -35.81 7.01 -36.44
N PHE D 85 -35.33 5.78 -36.38
CA PHE D 85 -34.07 5.37 -36.98
C PHE D 85 -34.30 4.31 -38.04
N ASN D 86 -33.51 4.38 -39.11
CA ASN D 86 -33.45 3.31 -40.08
C ASN D 86 -32.42 2.29 -39.62
N PRO D 87 -32.29 1.15 -40.31
CA PRO D 87 -31.23 0.20 -39.93
C PRO D 87 -29.82 0.76 -39.97
N GLY D 88 -29.48 1.63 -40.90
CA GLY D 88 -28.12 2.16 -40.92
C GLY D 88 -27.81 3.07 -39.74
N ASP D 89 -28.78 3.89 -39.34
CA ASP D 89 -28.59 4.73 -38.17
C ASP D 89 -28.40 3.86 -36.94
N TRP D 90 -29.22 2.83 -36.82
CA TRP D 90 -29.10 1.94 -35.69
C TRP D 90 -27.79 1.18 -35.72
N GLN D 91 -27.30 0.87 -36.93
CA GLN D 91 -26.00 0.22 -37.07
C GLN D 91 -24.92 1.09 -36.49
N LEU D 92 -24.88 2.35 -36.89
CA LEU D 92 -23.86 3.26 -36.37
C LEU D 92 -23.99 3.44 -34.86
N ILE D 93 -25.22 3.60 -34.38
CA ILE D 93 -25.45 3.84 -32.95
C ILE D 93 -25.00 2.66 -32.13
N VAL D 94 -25.46 1.46 -32.49
CA VAL D 94 -25.16 0.30 -31.68
C VAL D 94 -23.68 -0.06 -31.77
N ASN D 95 -23.06 0.15 -32.94
CA ASN D 95 -21.69 -0.29 -33.11
C ASN D 95 -20.67 0.67 -32.53
N THR D 96 -21.01 1.95 -32.33
CA THR D 96 -19.99 2.95 -32.02
C THR D 96 -20.17 3.71 -30.71
N MET D 97 -21.27 3.56 -29.98
CA MET D 97 -21.51 4.28 -28.74
C MET D 97 -21.83 3.33 -27.60
N SER D 98 -21.42 3.72 -26.39
CA SER D 98 -21.58 2.92 -25.19
C SER D 98 -22.76 3.34 -24.34
N GLU D 99 -23.07 4.63 -24.30
CA GLU D 99 -24.10 5.19 -23.43
C GLU D 99 -25.01 6.09 -24.25
N LEU D 100 -26.24 6.24 -23.79
CA LEU D 100 -27.26 6.99 -24.51
C LEU D 100 -28.17 7.70 -23.53
N HIS D 101 -28.36 9.00 -23.72
CA HIS D 101 -29.28 9.81 -22.94
C HIS D 101 -30.33 10.38 -23.87
N LEU D 102 -31.60 10.25 -23.50
CA LEU D 102 -32.68 10.89 -24.22
C LEU D 102 -32.81 12.33 -23.74
N VAL D 103 -32.87 13.28 -24.69
CA VAL D 103 -32.74 14.69 -24.38
C VAL D 103 -34.04 15.46 -24.61
N SER D 104 -34.62 15.34 -25.81
CA SER D 104 -35.70 16.25 -26.22
C SER D 104 -36.67 15.53 -27.15
N PHE D 105 -37.89 16.05 -27.21
CA PHE D 105 -38.92 15.52 -28.08
C PHE D 105 -39.88 16.64 -28.46
N GLU D 106 -40.30 16.67 -29.71
CA GLU D 106 -41.28 17.65 -30.16
C GLU D 106 -42.02 17.09 -31.36
N GLN D 107 -43.25 17.54 -31.55
CA GLN D 107 -44.10 17.12 -32.66
C GLN D 107 -44.74 18.31 -33.33
N GLU D 108 -45.07 18.14 -34.59
CA GLU D 108 -45.97 19.05 -35.26
C GLU D 108 -46.75 18.30 -36.32
N ILE D 109 -48.03 18.66 -36.44
CA ILE D 109 -48.90 18.21 -37.52
C ILE D 109 -49.09 19.40 -38.45
N PHE D 110 -48.99 19.15 -39.75
CA PHE D 110 -48.89 20.22 -40.72
C PHE D 110 -49.38 19.74 -42.08
N ASN D 111 -49.69 20.70 -42.95
CA ASN D 111 -50.21 20.43 -44.29
C ASN D 111 -51.46 19.55 -44.24
N VAL D 112 -52.39 19.92 -43.37
CA VAL D 112 -53.61 19.16 -43.20
C VAL D 112 -54.50 19.36 -44.41
N VAL D 113 -55.16 18.29 -44.84
CA VAL D 113 -56.21 18.36 -45.85
C VAL D 113 -57.37 17.50 -45.39
N LEU D 114 -58.56 17.88 -45.83
CA LEU D 114 -59.79 17.16 -45.53
C LEU D 114 -60.58 17.01 -46.81
N LYS D 115 -61.34 15.92 -46.90
CA LYS D 115 -62.04 15.58 -48.13
C LYS D 115 -63.34 14.89 -47.80
N THR D 116 -64.24 14.88 -48.79
CA THR D 116 -65.56 14.27 -48.70
C THR D 116 -65.72 13.27 -49.83
N VAL D 117 -66.64 12.33 -49.64
CA VAL D 117 -66.91 11.26 -50.59
C VAL D 117 -68.38 11.32 -50.97
N SER D 118 -68.66 11.07 -52.24
CA SER D 118 -70.02 11.05 -52.76
C SER D 118 -70.14 9.96 -53.81
N GLU D 119 -71.38 9.61 -54.14
CA GLU D 119 -71.66 8.64 -55.19
C GLU D 119 -72.97 8.98 -55.88
N THR D 126 -70.47 5.27 -59.64
CA THR D 126 -69.05 5.23 -59.19
C THR D 126 -68.76 6.39 -58.25
N LYS D 127 -67.68 6.26 -57.48
CA LYS D 127 -67.41 7.19 -56.40
C LYS D 127 -66.91 8.53 -56.93
N VAL D 128 -67.06 9.55 -56.10
CA VAL D 128 -66.49 10.88 -56.33
C VAL D 128 -65.78 11.27 -55.05
N TYR D 129 -64.57 11.80 -55.18
CA TYR D 129 -63.78 12.35 -54.07
C TYR D 129 -63.65 13.84 -54.29
N ASN D 130 -64.06 14.63 -53.29
CA ASN D 130 -64.13 16.07 -53.42
C ASN D 130 -63.60 16.77 -52.18
N ASN D 131 -62.89 17.87 -52.40
CA ASN D 131 -62.35 18.69 -51.33
C ASN D 131 -63.47 19.42 -50.60
N ASP D 132 -63.22 19.78 -49.34
CA ASP D 132 -64.17 20.55 -48.55
C ASP D 132 -63.36 21.53 -47.69
N LEU D 133 -63.47 22.82 -47.99
CA LEU D 133 -62.74 23.81 -47.23
C LEU D 133 -63.39 24.09 -45.86
N THR D 134 -64.68 23.81 -45.72
CA THR D 134 -65.36 24.13 -44.45
C THR D 134 -65.00 23.17 -43.33
N ALA D 135 -64.61 21.94 -43.66
CA ALA D 135 -64.34 20.92 -42.66
C ALA D 135 -63.16 21.32 -41.78
N SER D 136 -62.94 20.55 -40.72
CA SER D 136 -61.88 20.85 -39.78
C SER D 136 -61.42 19.59 -39.08
N LEU D 137 -60.14 19.58 -38.72
CA LEU D 137 -59.51 18.50 -37.99
C LEU D 137 -59.25 18.97 -36.57
N MET D 138 -59.61 18.15 -35.59
CA MET D 138 -59.45 18.46 -34.19
C MET D 138 -58.17 17.81 -33.70
N VAL D 139 -57.38 18.55 -32.92
CA VAL D 139 -56.14 18.07 -32.34
C VAL D 139 -56.06 18.55 -30.91
N ALA D 140 -55.55 17.70 -30.01
CA ALA D 140 -55.39 18.04 -28.60
C ALA D 140 -54.14 17.38 -28.07
N LEU D 141 -53.24 18.18 -27.50
CA LEU D 141 -52.03 17.69 -26.85
C LEU D 141 -52.30 17.66 -25.36
N ASP D 142 -52.28 16.46 -24.78
CA ASP D 142 -52.46 16.34 -23.35
C ASP D 142 -51.19 16.85 -22.66
N SER D 143 -51.16 18.13 -22.33
CA SER D 143 -49.96 18.75 -21.78
C SER D 143 -49.77 18.48 -20.29
N ASN D 144 -50.63 17.68 -19.66
CA ASN D 144 -50.55 17.38 -18.24
C ASN D 144 -50.69 15.90 -17.90
N ASN D 145 -50.89 15.02 -18.89
CA ASN D 145 -51.16 13.60 -18.67
C ASN D 145 -52.43 13.41 -17.83
N THR D 146 -53.45 14.22 -18.10
CA THR D 146 -54.74 14.01 -17.46
C THR D 146 -55.51 12.85 -18.07
N MET D 147 -55.27 12.53 -19.34
CA MET D 147 -55.79 11.30 -19.91
C MET D 147 -54.90 10.13 -19.47
N PRO D 148 -55.45 8.93 -19.28
CA PRO D 148 -54.60 7.80 -18.88
C PRO D 148 -53.59 7.45 -19.96
N PHE D 149 -52.37 7.17 -19.54
CA PHE D 149 -51.29 6.92 -20.48
C PHE D 149 -51.54 5.61 -21.20
N THR D 150 -51.19 5.57 -22.49
CA THR D 150 -51.46 4.41 -23.35
C THR D 150 -50.35 4.29 -24.38
N PRO D 151 -49.29 3.53 -24.10
CA PRO D 151 -48.24 3.37 -25.12
C PRO D 151 -48.71 2.40 -26.20
N ALA D 152 -48.81 2.90 -27.43
CA ALA D 152 -49.30 2.07 -28.52
C ALA D 152 -48.35 0.92 -28.86
N ALA D 153 -47.09 1.00 -28.45
CA ALA D 153 -46.10 0.03 -28.90
C ALA D 153 -46.36 -1.36 -28.34
N MET D 154 -46.96 -1.47 -27.16
CA MET D 154 -47.16 -2.78 -26.57
C MET D 154 -48.18 -3.62 -27.32
N ARG D 155 -49.01 -3.00 -28.15
CA ARG D 155 -49.86 -3.73 -29.10
C ARG D 155 -49.51 -3.40 -30.55
N SER D 156 -48.32 -2.85 -30.79
CA SER D 156 -47.79 -2.66 -32.14
C SER D 156 -48.69 -1.78 -32.99
N GLU D 157 -49.14 -0.67 -32.42
CA GLU D 157 -50.00 0.30 -33.09
C GLU D 157 -49.40 1.69 -33.18
N THR D 158 -48.07 1.81 -33.16
CA THR D 158 -47.44 3.10 -33.37
C THR D 158 -47.56 3.50 -34.84
N LEU D 159 -47.09 4.70 -35.18
CA LEU D 159 -46.97 5.06 -36.58
C LEU D 159 -46.06 4.08 -37.29
N GLY D 160 -46.35 3.82 -38.56
CA GLY D 160 -45.60 2.84 -39.30
C GLY D 160 -44.15 3.25 -39.48
N PHE D 161 -43.27 2.25 -39.52
CA PHE D 161 -41.84 2.53 -39.50
C PHE D 161 -41.32 3.01 -40.85
N TYR D 162 -41.88 2.53 -41.95
CA TYR D 162 -41.29 2.84 -43.23
C TYR D 162 -41.68 4.27 -43.63
N PRO D 163 -40.73 5.17 -43.89
CA PRO D 163 -41.13 6.57 -44.04
C PRO D 163 -41.87 6.90 -45.32
N TRP D 164 -41.54 6.19 -46.40
CA TRP D 164 -42.21 6.45 -47.67
C TRP D 164 -43.70 6.14 -47.62
N LYS D 165 -44.08 5.06 -46.96
CA LYS D 165 -45.48 4.63 -47.01
C LYS D 165 -46.35 5.54 -46.14
N PRO D 166 -47.62 5.74 -46.49
CA PRO D 166 -48.56 6.33 -45.52
C PRO D 166 -48.79 5.43 -44.32
N THR D 167 -49.31 6.02 -43.25
CA THR D 167 -49.62 5.33 -42.01
C THR D 167 -50.96 5.82 -41.49
N ILE D 168 -51.48 5.13 -40.47
CA ILE D 168 -52.77 5.45 -39.86
C ILE D 168 -52.61 5.49 -38.34
N PRO D 169 -53.43 6.24 -37.61
CA PRO D 169 -53.30 6.28 -36.15
C PRO D 169 -54.14 5.20 -35.47
N THR D 170 -53.74 4.87 -34.26
CA THR D 170 -54.48 3.89 -33.47
C THR D 170 -55.78 4.50 -32.96
N PRO D 171 -56.94 3.85 -33.12
CA PRO D 171 -58.13 4.35 -32.42
C PRO D 171 -57.98 4.18 -30.91
N TRP D 172 -58.36 5.20 -30.15
CA TRP D 172 -58.03 5.25 -28.74
C TRP D 172 -59.07 4.60 -27.87
N ARG D 173 -58.61 4.04 -26.76
CA ARG D 173 -59.45 3.36 -25.79
C ARG D 173 -58.67 3.29 -24.48
N TYR D 174 -59.39 3.09 -23.37
CA TYR D 174 -58.72 2.96 -22.08
C TYR D 174 -59.56 2.11 -21.15
N TYR D 175 -58.90 1.55 -20.13
CA TYR D 175 -59.57 0.64 -19.23
C TYR D 175 -60.55 1.36 -18.31
N PHE D 176 -61.54 0.60 -17.87
CA PHE D 176 -62.61 1.08 -17.00
C PHE D 176 -62.88 -0.04 -16.02
N GLN D 177 -62.89 0.28 -14.73
CA GLN D 177 -62.63 -0.74 -13.70
C GLN D 177 -63.68 -1.83 -13.68
N TRP D 178 -63.22 -3.07 -13.65
CA TRP D 178 -64.06 -4.25 -13.52
C TRP D 178 -63.55 -5.10 -12.37
N ASP D 179 -64.46 -5.85 -11.77
CA ASP D 179 -64.14 -6.88 -10.80
C ASP D 179 -64.49 -8.22 -11.40
N ARG D 180 -63.54 -9.14 -11.39
CA ARG D 180 -63.72 -10.43 -12.04
C ARG D 180 -62.89 -11.47 -11.31
N THR D 181 -63.44 -12.66 -11.18
CA THR D 181 -62.77 -13.79 -10.55
C THR D 181 -62.78 -14.97 -11.50
N LEU D 182 -61.74 -15.79 -11.41
CA LEU D 182 -61.61 -16.96 -12.26
C LEU D 182 -60.81 -18.00 -11.48
N ILE D 183 -61.50 -18.89 -10.80
CA ILE D 183 -60.81 -19.91 -10.01
C ILE D 183 -60.16 -20.90 -10.99
N PRO D 184 -58.87 -21.21 -10.88
CA PRO D 184 -58.26 -22.03 -11.93
C PRO D 184 -58.70 -23.48 -11.84
N SER D 185 -58.30 -24.24 -12.85
CA SER D 185 -58.74 -25.62 -13.00
C SER D 185 -57.70 -26.37 -13.82
N HIS D 186 -58.05 -27.58 -14.24
CA HIS D 186 -57.24 -28.34 -15.18
C HIS D 186 -58.16 -29.23 -16.00
N THR D 187 -57.65 -29.72 -17.11
CA THR D 187 -58.38 -30.72 -17.87
C THR D 187 -58.43 -31.98 -17.02
N GLY D 188 -59.57 -32.24 -16.39
CA GLY D 188 -59.70 -33.31 -15.44
C GLY D 188 -60.48 -32.90 -14.22
N THR D 189 -60.55 -31.60 -13.94
CA THR D 189 -61.52 -31.11 -12.98
C THR D 189 -62.91 -31.33 -13.53
N SER D 190 -63.81 -31.83 -12.70
CA SER D 190 -65.15 -32.19 -13.13
C SER D 190 -66.09 -30.99 -13.09
N GLY D 191 -66.11 -30.27 -11.98
CA GLY D 191 -67.03 -29.17 -11.82
C GLY D 191 -66.58 -27.91 -12.53
N THR D 192 -67.54 -27.03 -12.79
CA THR D 192 -67.26 -25.73 -13.36
C THR D 192 -66.70 -24.83 -12.24
N PRO D 193 -65.47 -24.31 -12.32
CA PRO D 193 -65.00 -23.42 -11.27
C PRO D 193 -65.71 -22.08 -11.31
N THR D 194 -65.56 -21.32 -10.24
CA THR D 194 -66.18 -20.01 -10.19
C THR D 194 -65.55 -19.08 -11.22
N ASN D 195 -66.39 -18.52 -12.09
CA ASN D 195 -65.95 -17.76 -13.25
C ASN D 195 -67.05 -16.75 -13.56
N ILE D 196 -66.92 -15.53 -13.03
CA ILE D 196 -68.00 -14.55 -13.05
C ILE D 196 -67.43 -13.14 -13.10
N TYR D 197 -68.16 -12.28 -13.81
CA TYR D 197 -67.89 -10.85 -13.87
C TYR D 197 -68.79 -10.18 -12.85
N HIS D 198 -68.21 -9.74 -11.73
CA HIS D 198 -69.02 -9.20 -10.66
C HIS D 198 -69.68 -7.88 -11.06
N GLY D 199 -68.95 -7.02 -11.75
CA GLY D 199 -69.42 -5.69 -12.07
C GLY D 199 -68.31 -4.66 -12.00
N THR D 200 -68.67 -3.43 -11.65
CA THR D 200 -67.74 -2.31 -11.59
C THR D 200 -67.78 -1.69 -10.20
N ASP D 201 -66.61 -1.50 -9.61
CA ASP D 201 -66.51 -0.91 -8.29
C ASP D 201 -66.79 0.59 -8.37
N PRO D 202 -67.79 1.13 -7.68
CA PRO D 202 -68.00 2.59 -7.76
C PRO D 202 -66.87 3.40 -7.15
N ASP D 203 -66.12 2.81 -6.22
CA ASP D 203 -65.00 3.52 -5.61
C ASP D 203 -63.91 3.82 -6.63
N ASP D 204 -63.83 3.03 -7.70
CA ASP D 204 -62.76 3.09 -8.67
C ASP D 204 -63.16 3.75 -9.99
N VAL D 205 -64.42 4.16 -10.15
CA VAL D 205 -64.90 4.55 -11.45
C VAL D 205 -64.26 5.86 -11.89
N GLN D 206 -63.71 5.85 -13.10
CA GLN D 206 -63.17 7.04 -13.75
C GLN D 206 -63.69 7.06 -15.17
N PHE D 207 -64.00 8.26 -15.67
CA PHE D 207 -64.46 8.42 -17.05
C PHE D 207 -63.95 9.75 -17.57
N TYR D 208 -63.11 9.70 -18.60
CA TYR D 208 -62.47 10.86 -19.17
C TYR D 208 -63.00 11.10 -20.57
N THR D 209 -63.50 12.31 -20.81
CA THR D 209 -63.56 12.84 -22.16
C THR D 209 -62.30 13.63 -22.43
N ILE D 210 -61.87 13.61 -23.69
CA ILE D 210 -60.87 14.58 -24.11
C ILE D 210 -61.43 15.98 -23.95
N GLU D 211 -62.72 16.15 -24.22
CA GLU D 211 -63.32 17.48 -24.35
C GLU D 211 -63.27 18.24 -23.04
N ASN D 212 -63.49 17.56 -21.93
CA ASN D 212 -63.48 18.18 -20.60
C ASN D 212 -62.16 17.99 -19.88
N SER D 213 -61.08 17.67 -20.60
CA SER D 213 -59.79 17.33 -20.00
C SER D 213 -58.64 18.12 -20.58
N VAL D 214 -58.69 18.43 -21.88
CA VAL D 214 -57.57 19.02 -22.61
C VAL D 214 -58.12 20.13 -23.50
N PRO D 215 -57.40 21.21 -23.76
CA PRO D 215 -57.83 22.12 -24.84
C PRO D 215 -57.73 21.45 -26.20
N VAL D 216 -58.61 21.84 -27.10
CA VAL D 216 -58.65 21.35 -28.48
C VAL D 216 -58.38 22.51 -29.41
N HIS D 217 -57.69 22.24 -30.50
CA HIS D 217 -57.46 23.20 -31.58
C HIS D 217 -58.09 22.67 -32.86
N LEU D 218 -58.70 23.58 -33.62
CA LEU D 218 -59.40 23.26 -34.85
C LEU D 218 -58.59 23.83 -36.00
N LEU D 219 -58.16 22.95 -36.92
CA LEU D 219 -57.10 23.32 -37.85
C LEU D 219 -57.59 23.81 -39.21
N ARG D 220 -58.74 23.32 -39.68
CA ARG D 220 -59.46 23.87 -40.85
C ARG D 220 -58.55 24.06 -42.08
N THR D 221 -57.92 22.95 -42.48
CA THR D 221 -57.23 22.75 -43.76
C THR D 221 -56.25 23.83 -44.21
N GLY D 222 -55.80 24.70 -43.32
CA GLY D 222 -54.76 25.66 -43.67
C GLY D 222 -53.74 25.96 -42.59
N ASP D 223 -53.96 25.47 -41.38
CA ASP D 223 -53.13 25.82 -40.23
C ASP D 223 -52.11 24.72 -39.97
N GLU D 224 -51.31 24.91 -38.93
CA GLU D 224 -50.39 23.89 -38.45
C GLU D 224 -50.34 24.04 -36.94
N PHE D 225 -50.07 22.94 -36.25
CA PHE D 225 -49.95 22.88 -34.80
C PHE D 225 -48.62 22.26 -34.47
N ALA D 226 -47.91 22.83 -33.50
CA ALA D 226 -46.64 22.31 -33.04
C ALA D 226 -46.58 22.32 -31.54
N THR D 227 -46.02 21.27 -30.95
CA THR D 227 -45.81 21.25 -29.52
C THR D 227 -44.64 22.14 -29.14
N GLY D 228 -44.57 22.48 -27.86
CA GLY D 228 -43.30 22.88 -27.29
C GLY D 228 -42.37 21.69 -27.14
N THR D 229 -41.08 21.96 -27.07
CA THR D 229 -40.11 20.90 -26.93
C THR D 229 -40.13 20.38 -25.49
N PHE D 230 -40.63 19.17 -25.28
CA PHE D 230 -40.53 18.56 -23.97
C PHE D 230 -39.09 18.14 -23.74
N PHE D 231 -38.59 18.34 -22.51
CA PHE D 231 -37.24 17.95 -22.12
C PHE D 231 -37.32 16.85 -21.08
N PHE D 232 -36.58 15.77 -21.32
CA PHE D 232 -36.66 14.58 -20.48
C PHE D 232 -35.73 14.71 -19.28
N ASP D 233 -35.98 13.85 -18.29
CA ASP D 233 -35.17 13.72 -17.09
C ASP D 233 -34.59 12.31 -16.94
N CYS D 234 -34.57 11.52 -18.02
CA CYS D 234 -34.30 10.10 -17.91
C CYS D 234 -32.87 9.81 -17.47
N LYS D 235 -32.71 8.67 -16.79
CA LYS D 235 -31.39 8.14 -16.52
C LYS D 235 -30.80 7.52 -17.79
N PRO D 236 -29.48 7.42 -17.89
CA PRO D 236 -28.89 6.88 -19.13
C PRO D 236 -29.21 5.41 -19.36
N CYS D 237 -29.05 5.00 -20.61
CA CYS D 237 -29.10 3.61 -21.03
C CYS D 237 -27.72 3.20 -21.49
N ARG D 238 -27.35 1.96 -21.22
CA ARG D 238 -26.06 1.42 -21.57
C ARG D 238 -26.23 0.45 -22.73
N LEU D 239 -25.49 0.68 -23.81
CA LEU D 239 -25.55 -0.13 -25.02
C LEU D 239 -24.52 -1.25 -24.96
N THR D 240 -24.19 -1.69 -23.74
CA THR D 240 -23.19 -2.72 -23.50
C THR D 240 -23.75 -3.66 -22.46
N HIS D 241 -23.30 -4.91 -22.52
CA HIS D 241 -23.86 -5.99 -21.70
C HIS D 241 -22.78 -6.54 -20.79
N THR D 242 -23.21 -7.00 -19.63
CA THR D 242 -22.33 -7.59 -18.63
C THR D 242 -22.32 -9.09 -18.81
N TRP D 243 -21.13 -9.64 -18.96
CA TRP D 243 -20.95 -11.08 -19.15
C TRP D 243 -20.68 -11.82 -17.86
N GLN D 244 -20.21 -11.14 -16.83
CA GLN D 244 -19.82 -11.81 -15.59
C GLN D 244 -21.07 -12.20 -14.82
N THR D 245 -21.31 -13.50 -14.70
CA THR D 245 -22.22 -14.03 -13.70
C THR D 245 -21.53 -14.02 -12.35
N ASN D 246 -22.24 -14.50 -11.33
CA ASN D 246 -21.69 -14.51 -9.98
C ASN D 246 -20.44 -15.38 -9.90
N ARG D 247 -20.40 -16.45 -10.68
CA ARG D 247 -19.26 -17.36 -10.65
C ARG D 247 -17.95 -16.71 -11.08
N ALA D 248 -17.99 -15.58 -11.80
CA ALA D 248 -16.82 -15.03 -12.48
C ALA D 248 -16.35 -13.70 -11.93
N LEU D 249 -16.73 -13.35 -10.70
CA LEU D 249 -16.28 -12.12 -10.07
C LEU D 249 -15.06 -12.38 -9.20
N GLY D 250 -14.28 -11.33 -8.98
CA GLY D 250 -13.18 -11.42 -8.04
C GLY D 250 -11.91 -12.00 -8.67
N LEU D 251 -11.10 -12.63 -7.84
CA LEU D 251 -9.79 -13.13 -8.21
C LEU D 251 -9.85 -14.63 -8.49
N PRO D 252 -9.31 -15.17 -9.58
CA PRO D 252 -9.27 -16.62 -9.75
C PRO D 252 -8.35 -17.28 -8.73
N PRO D 253 -8.47 -18.59 -8.53
CA PRO D 253 -7.43 -19.31 -7.79
C PRO D 253 -6.09 -19.20 -8.49
N PHE D 254 -5.02 -19.15 -7.71
CA PHE D 254 -3.68 -19.29 -8.27
C PHE D 254 -3.42 -20.75 -8.58
N LEU D 255 -2.74 -21.00 -9.69
CA LEU D 255 -2.54 -22.34 -10.21
C LEU D 255 -1.10 -22.75 -9.97
N ASN D 256 -0.92 -23.82 -9.21
CA ASN D 256 0.42 -24.27 -8.88
C ASN D 256 1.13 -24.94 -10.04
N SER D 257 0.41 -25.33 -11.09
CA SER D 257 1.02 -25.99 -12.25
C SER D 257 0.21 -25.62 -13.48
N LEU D 258 0.78 -24.79 -14.33
CA LEU D 258 0.17 -24.39 -15.59
C LEU D 258 0.48 -25.40 -16.68
N PRO D 259 -0.39 -25.56 -17.68
CA PRO D 259 -0.19 -26.65 -18.64
C PRO D 259 0.99 -26.41 -19.56
N GLN D 260 1.38 -27.48 -20.27
CA GLN D 260 2.59 -27.50 -21.08
C GLN D 260 2.36 -28.00 -22.51
N SER D 261 1.15 -27.90 -23.03
CA SER D 261 0.92 -28.27 -24.43
C SER D 261 -0.33 -27.57 -24.95
N GLU D 262 -0.36 -27.38 -26.27
CA GLU D 262 -1.52 -26.78 -26.92
C GLU D 262 -2.62 -27.82 -27.08
N GLY D 263 -3.85 -27.39 -26.92
CA GLY D 263 -5.00 -28.23 -27.18
C GLY D 263 -6.15 -27.87 -26.27
N ALA D 264 -7.16 -28.74 -26.28
CA ALA D 264 -8.39 -28.55 -25.53
C ALA D 264 -8.45 -29.42 -24.27
N THR D 265 -8.29 -30.73 -24.41
CA THR D 265 -8.40 -31.62 -23.26
C THR D 265 -7.27 -31.44 -22.26
N ASN D 266 -6.11 -30.91 -22.68
CA ASN D 266 -4.99 -30.69 -21.75
C ASN D 266 -5.21 -29.41 -20.94
N PHE D 267 -6.20 -29.49 -20.05
CA PHE D 267 -6.50 -28.41 -19.13
C PHE D 267 -5.35 -28.19 -18.15
N GLY D 268 -5.42 -27.07 -17.44
CA GLY D 268 -4.60 -26.86 -16.26
C GLY D 268 -5.18 -27.56 -15.05
N ASP D 269 -4.50 -27.40 -13.92
CA ASP D 269 -4.86 -28.07 -12.67
C ASP D 269 -4.91 -27.08 -11.53
N ILE D 270 -5.85 -27.32 -10.60
CA ILE D 270 -6.29 -26.31 -9.65
C ILE D 270 -5.27 -26.03 -8.56
N GLY D 271 -4.41 -26.98 -8.24
CA GLY D 271 -3.43 -26.81 -7.18
C GLY D 271 -3.79 -27.59 -5.93
N VAL D 272 -3.80 -26.90 -4.78
CA VAL D 272 -3.97 -27.59 -3.50
C VAL D 272 -5.35 -28.22 -3.38
N GLN D 273 -5.44 -29.24 -2.55
CA GLN D 273 -6.69 -29.98 -2.38
C GLN D 273 -7.72 -29.15 -1.63
N GLN D 274 -8.99 -29.50 -1.82
CA GLN D 274 -10.09 -28.60 -1.49
C GLN D 274 -10.25 -28.37 0.01
N ASP D 275 -9.88 -29.33 0.85
CA ASP D 275 -10.07 -29.20 2.28
C ASP D 275 -8.96 -28.44 2.99
N LYS D 276 -7.91 -28.02 2.28
CA LYS D 276 -6.83 -27.22 2.84
C LYS D 276 -6.60 -25.93 2.08
N ARG D 277 -7.57 -25.48 1.30
CA ARG D 277 -7.42 -24.25 0.53
C ARG D 277 -7.62 -23.04 1.45
N ARG D 278 -7.29 -21.87 0.92
CA ARG D 278 -7.37 -20.61 1.63
C ARG D 278 -8.38 -19.69 0.98
N GLY D 279 -9.09 -18.93 1.79
CA GLY D 279 -10.05 -17.97 1.29
C GLY D 279 -11.12 -17.68 2.31
N VAL D 280 -12.22 -17.14 1.81
CA VAL D 280 -13.37 -16.73 2.61
C VAL D 280 -14.60 -17.38 2.00
N THR D 281 -15.47 -17.93 2.85
CA THR D 281 -16.71 -18.54 2.39
C THR D 281 -17.81 -18.20 3.38
N GLN D 282 -19.06 -18.39 2.93
CA GLN D 282 -20.24 -18.29 3.77
C GLN D 282 -20.78 -19.64 4.18
N MET D 283 -20.16 -20.75 3.77
CA MET D 283 -20.58 -22.08 4.17
C MET D 283 -19.98 -22.40 5.54
N GLY D 284 -20.56 -21.74 6.54
CA GLY D 284 -19.92 -21.61 7.84
C GLY D 284 -19.54 -22.90 8.53
N ASN D 285 -20.28 -23.97 8.26
CA ASN D 285 -20.12 -25.20 9.04
C ASN D 285 -19.13 -26.19 8.46
N THR D 286 -18.52 -25.92 7.30
CA THR D 286 -17.70 -26.90 6.58
C THR D 286 -16.44 -26.23 6.04
N ASN D 287 -15.33 -26.97 6.10
CA ASN D 287 -14.01 -26.42 5.84
C ASN D 287 -13.67 -26.19 4.37
N TYR D 288 -14.45 -26.73 3.44
CA TYR D 288 -14.09 -26.63 2.03
C TYR D 288 -14.20 -25.19 1.56
N ILE D 289 -13.29 -24.82 0.65
CA ILE D 289 -13.42 -23.61 -0.16
C ILE D 289 -13.38 -24.08 -1.60
N THR D 290 -14.48 -23.87 -2.30
CA THR D 290 -14.65 -24.26 -3.69
C THR D 290 -15.02 -23.02 -4.47
N GLU D 291 -14.82 -23.09 -5.78
CA GLU D 291 -15.23 -21.98 -6.61
C GLU D 291 -16.73 -21.75 -6.56
N ALA D 292 -17.50 -22.81 -6.31
CA ALA D 292 -18.95 -22.65 -6.18
C ALA D 292 -19.36 -22.02 -4.87
N THR D 293 -18.45 -21.82 -3.92
CA THR D 293 -18.79 -21.42 -2.56
C THR D 293 -18.01 -20.23 -2.04
N ILE D 294 -16.94 -19.80 -2.71
CA ILE D 294 -16.19 -18.63 -2.27
C ILE D 294 -17.08 -17.40 -2.30
N MET D 295 -16.98 -16.58 -1.26
CA MET D 295 -17.84 -15.43 -1.09
C MET D 295 -17.54 -14.40 -2.16
N ARG D 296 -18.46 -14.27 -3.10
CA ARG D 296 -18.43 -13.17 -4.05
C ARG D 296 -19.10 -11.96 -3.42
N PRO D 297 -18.86 -10.76 -3.94
CA PRO D 297 -19.43 -9.58 -3.29
C PRO D 297 -20.94 -9.51 -3.28
N ALA D 298 -21.60 -9.99 -4.32
CA ALA D 298 -23.04 -9.87 -4.41
C ALA D 298 -23.52 -10.71 -5.58
N GLU D 299 -24.81 -10.95 -5.63
CA GLU D 299 -25.40 -11.87 -6.59
C GLU D 299 -25.80 -11.10 -7.85
N VAL D 300 -25.28 -11.52 -8.99
CA VAL D 300 -25.73 -11.00 -10.27
C VAL D 300 -26.97 -11.77 -10.69
N GLY D 301 -28.02 -11.05 -11.03
CA GLY D 301 -29.23 -11.70 -11.45
C GLY D 301 -29.96 -12.32 -10.27
N TYR D 302 -31.08 -12.95 -10.59
CA TYR D 302 -31.85 -13.66 -9.59
C TYR D 302 -32.82 -14.59 -10.28
N SER D 303 -33.14 -15.69 -9.61
CA SER D 303 -34.19 -16.58 -10.06
C SER D 303 -35.53 -16.04 -9.58
N ALA D 304 -36.56 -16.24 -10.40
CA ALA D 304 -37.91 -15.76 -10.17
C ALA D 304 -38.88 -16.91 -10.36
N PRO D 305 -40.09 -16.84 -9.80
CA PRO D 305 -41.01 -17.98 -9.93
C PRO D 305 -41.57 -18.08 -11.33
N TYR D 306 -40.85 -18.76 -12.22
CA TYR D 306 -41.12 -18.67 -13.64
C TYR D 306 -42.41 -19.36 -14.02
N TYR D 307 -43.10 -18.73 -14.98
CA TYR D 307 -44.44 -19.12 -15.43
C TYR D 307 -45.38 -19.28 -14.24
N SER D 308 -45.46 -18.20 -13.46
CA SER D 308 -46.38 -18.08 -12.34
C SER D 308 -47.40 -17.00 -12.66
N PHE D 309 -48.68 -17.36 -12.58
CA PHE D 309 -49.78 -16.43 -12.80
C PHE D 309 -50.39 -16.10 -11.46
N GLU D 310 -50.82 -14.85 -11.32
CA GLU D 310 -51.20 -14.30 -10.03
C GLU D 310 -52.36 -13.34 -10.23
N ALA D 311 -53.23 -13.27 -9.23
CA ALA D 311 -54.56 -12.70 -9.39
C ALA D 311 -54.78 -11.53 -8.45
N SER D 312 -55.50 -10.54 -8.95
CA SER D 312 -56.03 -9.41 -8.21
C SER D 312 -57.54 -9.46 -8.25
N THR D 313 -58.17 -8.36 -7.84
CA THR D 313 -59.61 -8.24 -8.02
C THR D 313 -60.02 -8.22 -9.49
N GLN D 314 -59.11 -7.91 -10.40
CA GLN D 314 -59.43 -7.76 -11.82
C GLN D 314 -59.05 -8.97 -12.67
N GLY D 315 -58.60 -10.07 -12.06
CA GLY D 315 -58.29 -11.29 -12.78
C GLY D 315 -56.82 -11.67 -12.70
N PRO D 316 -56.42 -12.73 -13.40
CA PRO D 316 -55.04 -13.22 -13.30
C PRO D 316 -54.12 -12.65 -14.37
N PHE D 317 -52.84 -12.57 -14.00
CA PHE D 317 -51.82 -12.03 -14.88
C PHE D 317 -50.49 -12.74 -14.66
N LYS D 318 -49.67 -12.74 -15.70
CA LYS D 318 -48.28 -13.17 -15.57
C LYS D 318 -47.53 -12.22 -14.66
N THR D 319 -46.89 -12.78 -13.64
CA THR D 319 -46.00 -11.98 -12.80
C THR D 319 -44.76 -11.66 -13.62
N PRO D 320 -44.43 -10.40 -13.90
CA PRO D 320 -43.33 -10.15 -14.83
C PRO D 320 -41.98 -10.55 -14.28
N ILE D 321 -41.06 -10.85 -15.18
CA ILE D 321 -39.72 -11.35 -14.87
C ILE D 321 -38.72 -10.41 -15.51
N ALA D 322 -37.54 -10.30 -14.91
CA ALA D 322 -36.56 -9.31 -15.35
C ALA D 322 -35.61 -9.86 -16.41
N ALA D 323 -35.27 -11.15 -16.34
CA ALA D 323 -34.24 -11.71 -17.21
C ALA D 323 -34.48 -13.20 -17.41
N GLY D 324 -33.83 -13.75 -18.43
CA GLY D 324 -33.87 -15.19 -18.68
C GLY D 324 -32.93 -15.56 -19.79
N ARG D 325 -32.65 -16.85 -19.88
CA ARG D 325 -31.86 -17.38 -21.00
C ARG D 325 -32.80 -17.71 -22.17
N ALA D 336 -35.84 -19.85 -23.74
CA ALA D 336 -37.28 -20.17 -23.61
C ALA D 336 -38.01 -19.11 -22.78
N ASP D 337 -37.83 -19.15 -21.46
CA ASP D 337 -38.61 -18.31 -20.56
C ASP D 337 -38.02 -16.92 -20.47
N GLY D 338 -38.86 -15.97 -20.05
CA GLY D 338 -38.39 -14.66 -19.64
C GLY D 338 -38.12 -13.66 -20.74
N ASN D 339 -37.47 -14.09 -21.82
CA ASN D 339 -37.11 -13.16 -22.88
C ASN D 339 -38.38 -12.68 -23.59
N PRO D 340 -38.46 -11.40 -23.98
CA PRO D 340 -39.69 -10.91 -24.59
C PRO D 340 -39.89 -11.44 -25.99
N ARG D 341 -41.13 -11.75 -26.33
CA ARG D 341 -41.53 -12.20 -27.65
C ARG D 341 -42.47 -11.16 -28.25
N TYR D 342 -42.12 -10.70 -29.45
CA TYR D 342 -42.85 -9.65 -30.14
C TYR D 342 -43.60 -10.25 -31.31
N ALA D 343 -44.85 -9.83 -31.50
CA ALA D 343 -45.64 -10.17 -32.68
C ALA D 343 -46.14 -8.88 -33.29
N PHE D 344 -45.98 -8.74 -34.60
CA PHE D 344 -46.05 -7.45 -35.27
C PHE D 344 -46.51 -7.64 -36.70
N GLY D 345 -47.05 -6.57 -37.28
CA GLY D 345 -47.74 -6.63 -38.55
C GLY D 345 -46.96 -6.01 -39.70
N ARG D 346 -47.69 -5.76 -40.79
CA ARG D 346 -47.07 -5.26 -42.02
C ARG D 346 -46.52 -3.85 -41.85
N GLN D 347 -47.20 -3.00 -41.09
CA GLN D 347 -46.67 -1.66 -40.88
C GLN D 347 -45.40 -1.63 -40.05
N HIS D 348 -45.06 -2.73 -39.36
CA HIS D 348 -44.00 -2.73 -38.36
C HIS D 348 -43.03 -3.88 -38.49
N GLY D 349 -42.89 -4.49 -39.67
CA GLY D 349 -41.79 -5.40 -39.93
C GLY D 349 -42.02 -6.60 -40.81
N GLN D 350 -43.26 -7.06 -41.01
CA GLN D 350 -43.47 -8.13 -41.97
C GLN D 350 -43.13 -7.62 -43.36
N LYS D 351 -42.81 -8.55 -44.24
CA LYS D 351 -42.65 -8.17 -45.64
C LYS D 351 -43.98 -7.63 -46.11
N THR D 352 -44.00 -6.38 -46.56
CA THR D 352 -45.26 -5.70 -46.85
C THR D 352 -46.02 -6.30 -48.01
N THR D 353 -45.40 -7.17 -48.80
CA THR D 353 -46.06 -7.83 -49.91
C THR D 353 -46.71 -9.15 -49.54
N THR D 354 -46.59 -9.61 -48.30
CA THR D 354 -47.08 -10.92 -47.93
C THR D 354 -48.61 -10.96 -47.94
N THR D 355 -49.15 -12.10 -48.36
CA THR D 355 -50.58 -12.37 -48.23
C THR D 355 -50.88 -12.82 -46.81
N GLY D 356 -52.17 -12.98 -46.51
CA GLY D 356 -52.59 -13.50 -45.23
C GLY D 356 -52.61 -12.44 -44.15
N GLU D 357 -52.88 -12.91 -42.93
CA GLU D 357 -53.02 -12.04 -41.76
C GLU D 357 -52.25 -12.52 -40.54
N THR D 358 -51.48 -13.58 -40.64
CA THR D 358 -50.68 -14.03 -39.51
C THR D 358 -49.54 -13.03 -39.27
N PRO D 359 -49.21 -12.69 -38.02
CA PRO D 359 -48.07 -11.81 -37.79
C PRO D 359 -46.75 -12.56 -37.88
N GLU D 360 -45.68 -11.80 -38.08
CA GLU D 360 -44.33 -12.33 -37.90
C GLU D 360 -43.94 -12.19 -36.43
N ARG D 361 -43.10 -13.11 -35.97
CA ARG D 361 -42.72 -13.18 -34.56
C ARG D 361 -41.23 -13.38 -34.41
N PHE D 362 -40.67 -12.77 -33.37
CA PHE D 362 -39.33 -13.12 -32.91
C PHE D 362 -39.28 -13.04 -31.40
N THR D 363 -38.35 -13.79 -30.83
CA THR D 363 -38.01 -13.70 -29.42
C THR D 363 -36.62 -13.11 -29.29
N TYR D 364 -36.49 -12.08 -28.47
CA TYR D 364 -35.23 -11.34 -28.33
C TYR D 364 -34.36 -12.02 -27.29
N ILE D 365 -33.45 -12.86 -27.74
CA ILE D 365 -32.50 -13.52 -26.85
C ILE D 365 -31.37 -12.54 -26.56
N ALA D 366 -31.50 -11.79 -25.47
CA ALA D 366 -30.55 -10.73 -25.15
C ALA D 366 -29.18 -11.31 -24.83
N HIS D 367 -28.16 -10.49 -25.05
CA HIS D 367 -26.80 -10.92 -24.77
C HIS D 367 -26.46 -10.94 -23.29
N GLN D 368 -27.16 -10.17 -22.47
CA GLN D 368 -26.87 -10.13 -21.05
C GLN D 368 -27.25 -11.45 -20.39
N ASP D 369 -26.42 -11.88 -19.43
CA ASP D 369 -26.54 -13.18 -18.77
C ASP D 369 -26.96 -13.05 -17.31
N THR D 370 -27.76 -12.05 -16.97
CA THR D 370 -28.31 -11.96 -15.62
C THR D 370 -29.46 -12.94 -15.37
N GLY D 371 -29.84 -13.77 -16.34
CA GLY D 371 -30.85 -14.77 -16.12
C GLY D 371 -30.31 -15.98 -15.40
N ARG D 372 -31.07 -17.07 -15.41
CA ARG D 372 -30.70 -18.31 -14.73
C ARG D 372 -31.02 -19.49 -15.63
N TYR D 373 -30.33 -20.59 -15.37
CA TYR D 373 -30.54 -21.87 -16.03
C TYR D 373 -31.14 -22.80 -14.99
N PRO D 374 -32.46 -22.76 -14.75
CA PRO D 374 -33.02 -23.41 -13.56
C PRO D 374 -32.86 -24.92 -13.53
N GLU D 375 -32.54 -25.56 -14.65
CA GLU D 375 -32.26 -26.98 -14.62
C GLU D 375 -31.03 -27.34 -13.77
N GLY D 376 -30.14 -26.38 -13.49
CA GLY D 376 -28.93 -26.61 -12.75
C GLY D 376 -28.98 -26.27 -11.27
N ASP D 377 -30.09 -25.73 -10.77
CA ASP D 377 -30.15 -25.30 -9.39
C ASP D 377 -30.32 -26.50 -8.47
N TRP D 378 -30.00 -26.31 -7.19
CA TRP D 378 -30.34 -27.31 -6.18
C TRP D 378 -30.31 -26.66 -4.80
N ILE D 379 -30.92 -27.36 -3.85
CA ILE D 379 -30.87 -27.05 -2.44
C ILE D 379 -30.29 -28.28 -1.77
N GLN D 380 -29.61 -28.10 -0.65
CA GLN D 380 -29.22 -29.25 0.15
C GLN D 380 -29.19 -28.88 1.63
N ASN D 381 -29.25 -29.92 2.45
CA ASN D 381 -29.43 -29.77 3.89
C ASN D 381 -28.23 -29.07 4.51
N ILE D 382 -28.50 -28.33 5.57
CA ILE D 382 -27.51 -27.53 6.29
C ILE D 382 -26.31 -28.33 6.73
N ASN D 383 -26.47 -29.63 7.01
CA ASN D 383 -25.34 -30.42 7.51
C ASN D 383 -24.23 -30.54 6.48
N PHE D 384 -24.57 -30.53 5.19
CA PHE D 384 -23.60 -30.37 4.11
C PHE D 384 -22.55 -31.47 4.09
N ASN D 385 -22.99 -32.70 4.27
CA ASN D 385 -22.09 -33.83 4.04
C ASN D 385 -21.71 -33.89 2.58
N LEU D 386 -20.49 -34.36 2.31
CA LEU D 386 -19.84 -34.13 1.02
C LEU D 386 -20.56 -34.85 -0.13
N PRO D 387 -20.56 -36.21 -0.23
CA PRO D 387 -21.27 -36.82 -1.37
C PRO D 387 -22.76 -37.02 -1.05
N VAL D 388 -23.53 -35.94 -1.28
CA VAL D 388 -24.84 -35.78 -0.64
C VAL D 388 -25.81 -36.90 -0.98
N THR D 389 -26.53 -37.38 0.03
CA THR D 389 -27.50 -38.46 -0.10
C THR D 389 -28.86 -37.90 -0.47
N ASN D 390 -29.76 -38.80 -0.88
CA ASN D 390 -30.92 -38.40 -1.67
C ASN D 390 -31.89 -37.52 -0.88
N ASP D 391 -32.21 -37.92 0.34
CA ASP D 391 -33.21 -37.15 1.08
C ASP D 391 -32.68 -35.82 1.59
N ASN D 392 -31.37 -35.60 1.56
CA ASN D 392 -30.77 -34.35 2.01
C ASN D 392 -30.59 -33.32 0.90
N VAL D 393 -30.96 -33.64 -0.33
CA VAL D 393 -30.80 -32.76 -1.48
C VAL D 393 -32.11 -32.73 -2.24
N LEU D 394 -32.54 -31.55 -2.64
CA LEU D 394 -33.71 -31.36 -3.48
C LEU D 394 -33.20 -30.93 -4.85
N LEU D 395 -33.61 -31.68 -5.88
CA LEU D 395 -33.16 -31.49 -7.24
C LEU D 395 -34.34 -31.06 -8.10
N PRO D 396 -34.14 -30.41 -9.24
CA PRO D 396 -35.28 -30.09 -10.12
C PRO D 396 -35.99 -31.31 -10.69
N THR D 397 -35.42 -32.51 -10.57
CA THR D 397 -36.12 -33.73 -10.95
C THR D 397 -37.29 -34.08 -10.03
N ASP D 398 -37.40 -33.44 -8.85
CA ASP D 398 -38.25 -33.89 -7.78
C ASP D 398 -39.56 -33.10 -7.75
N PRO D 399 -40.72 -33.71 -7.50
CA PRO D 399 -41.99 -32.98 -7.64
C PRO D 399 -42.38 -32.21 -6.39
N ILE D 400 -42.78 -30.96 -6.59
CA ILE D 400 -43.51 -30.22 -5.57
C ILE D 400 -44.96 -30.68 -5.60
N GLY D 401 -45.50 -31.01 -4.44
CA GLY D 401 -46.92 -31.34 -4.34
C GLY D 401 -47.35 -32.53 -5.16
N GLY D 402 -46.44 -33.47 -5.42
CA GLY D 402 -46.79 -34.66 -6.17
C GLY D 402 -47.07 -34.44 -7.64
N LYS D 403 -46.89 -33.23 -8.17
CA LYS D 403 -47.09 -32.95 -9.57
C LYS D 403 -45.79 -33.23 -10.32
N THR D 404 -45.86 -34.13 -11.30
CA THR D 404 -44.68 -34.58 -12.00
C THR D 404 -43.97 -33.45 -12.73
N GLY D 405 -44.72 -32.46 -13.23
CA GLY D 405 -44.16 -31.45 -14.08
C GLY D 405 -43.66 -30.19 -13.41
N ILE D 406 -44.00 -29.96 -12.14
CA ILE D 406 -43.66 -28.75 -11.41
C ILE D 406 -42.61 -29.12 -10.38
N ASN D 407 -41.48 -28.40 -10.40
CA ASN D 407 -40.39 -28.62 -9.46
C ASN D 407 -40.15 -27.37 -8.64
N TYR D 408 -39.19 -27.45 -7.73
CA TYR D 408 -39.01 -26.40 -6.73
C TYR D 408 -38.60 -25.08 -7.36
N THR D 409 -37.90 -25.12 -8.49
CA THR D 409 -37.48 -23.87 -9.10
C THR D 409 -38.64 -23.07 -9.63
N ASN D 410 -39.80 -23.69 -9.86
CA ASN D 410 -40.96 -22.94 -10.31
C ASN D 410 -41.51 -22.03 -9.22
N ILE D 411 -41.39 -22.43 -7.95
CA ILE D 411 -41.87 -21.63 -6.82
C ILE D 411 -40.78 -20.83 -6.13
N PHE D 412 -39.53 -20.99 -6.53
CA PHE D 412 -38.41 -20.43 -5.78
C PHE D 412 -38.30 -18.93 -6.04
N ASN D 413 -37.72 -18.23 -5.07
CA ASN D 413 -37.45 -16.80 -5.24
C ASN D 413 -36.16 -16.45 -4.52
N THR D 414 -35.19 -15.96 -5.29
CA THR D 414 -33.86 -15.62 -4.83
C THR D 414 -33.64 -14.11 -4.80
N TYR D 415 -34.67 -13.30 -5.02
CA TYR D 415 -34.53 -11.87 -4.88
C TYR D 415 -34.17 -11.51 -3.44
N GLY D 416 -33.34 -10.49 -3.30
CA GLY D 416 -32.73 -10.18 -2.04
C GLY D 416 -31.98 -8.88 -2.13
N PRO D 417 -31.53 -8.37 -1.00
CA PRO D 417 -30.79 -7.12 -1.01
C PRO D 417 -29.47 -7.21 -1.74
N LEU D 418 -28.89 -8.38 -1.83
CA LEU D 418 -27.61 -8.59 -2.51
C LEU D 418 -27.74 -8.78 -4.01
N THR D 419 -28.95 -8.80 -4.56
CA THR D 419 -29.12 -9.02 -5.98
C THR D 419 -28.85 -7.75 -6.76
N ALA D 420 -28.28 -7.91 -7.94
CA ALA D 420 -27.91 -6.81 -8.82
C ALA D 420 -28.37 -7.13 -10.23
N LEU D 421 -28.91 -6.13 -10.92
CA LEU D 421 -29.63 -6.31 -12.17
C LEU D 421 -29.28 -5.16 -13.09
N ASN D 422 -29.55 -5.35 -14.39
CA ASN D 422 -29.30 -4.33 -15.39
C ASN D 422 -30.58 -4.05 -16.16
N ASN D 423 -30.67 -2.84 -16.70
CA ASN D 423 -31.90 -2.35 -17.32
C ASN D 423 -32.25 -3.17 -18.55
N VAL D 424 -33.52 -3.09 -18.94
CA VAL D 424 -33.98 -3.84 -20.12
C VAL D 424 -33.26 -3.34 -21.36
N PRO D 425 -32.79 -4.19 -22.28
CA PRO D 425 -32.10 -3.67 -23.45
C PRO D 425 -33.10 -3.08 -24.43
N PRO D 426 -32.69 -2.13 -25.27
CA PRO D 426 -33.57 -1.71 -26.35
C PRO D 426 -33.79 -2.86 -27.33
N VAL D 427 -34.92 -2.81 -28.03
CA VAL D 427 -35.22 -3.71 -29.13
C VAL D 427 -35.60 -2.87 -30.33
N TYR D 428 -34.78 -2.91 -31.36
CA TYR D 428 -35.08 -2.26 -32.63
C TYR D 428 -35.81 -3.22 -33.54
N PRO D 429 -36.83 -2.82 -34.30
CA PRO D 429 -37.54 -1.55 -34.37
C PRO D 429 -38.74 -1.49 -33.46
N ASN D 430 -39.19 -2.61 -32.90
CA ASN D 430 -40.53 -2.66 -32.33
C ASN D 430 -40.61 -2.22 -30.87
N GLY D 431 -39.50 -1.99 -30.19
CA GLY D 431 -39.55 -1.71 -28.77
C GLY D 431 -39.87 -0.26 -28.42
N GLN D 432 -40.35 -0.06 -27.20
CA GLN D 432 -40.61 1.28 -26.67
C GLN D 432 -39.31 2.04 -26.45
N ILE D 433 -39.43 3.37 -26.36
CA ILE D 433 -38.33 4.24 -25.95
C ILE D 433 -38.58 4.69 -24.52
N TRP D 434 -39.67 5.44 -24.31
CA TRP D 434 -39.97 6.06 -23.02
C TRP D 434 -41.19 5.43 -22.38
N ASP D 435 -41.34 5.64 -21.07
CA ASP D 435 -42.56 5.24 -20.37
C ASP D 435 -42.63 6.01 -19.07
N LYS D 436 -43.85 6.09 -18.53
CA LYS D 436 -44.11 6.95 -17.39
C LYS D 436 -43.88 6.21 -16.08
N GLU D 437 -43.36 6.92 -15.08
CA GLU D 437 -43.27 6.36 -13.75
C GLU D 437 -44.67 6.10 -13.20
N PHE D 438 -44.82 5.00 -12.48
CA PHE D 438 -46.03 4.80 -11.70
C PHE D 438 -46.09 5.87 -10.63
N ASP D 439 -47.26 6.48 -10.46
CA ASP D 439 -47.47 7.44 -9.39
C ASP D 439 -47.84 6.72 -8.08
N THR D 440 -46.89 5.95 -7.60
CA THR D 440 -46.99 5.23 -6.32
C THR D 440 -45.68 5.42 -5.59
N ASP D 441 -45.76 5.64 -4.27
CA ASP D 441 -44.58 6.11 -3.55
C ASP D 441 -43.47 5.08 -3.47
N LEU D 442 -43.77 3.79 -3.60
CA LEU D 442 -42.75 2.77 -3.84
C LEU D 442 -42.70 2.55 -5.34
N LYS D 443 -41.87 3.32 -6.02
CA LYS D 443 -41.81 3.23 -7.47
C LYS D 443 -41.13 1.93 -7.87
N PRO D 444 -41.50 1.33 -9.02
CA PRO D 444 -40.79 0.14 -9.46
C PRO D 444 -39.35 0.48 -9.77
N ARG D 445 -38.47 -0.50 -9.59
CA ARG D 445 -37.06 -0.26 -9.82
C ARG D 445 -36.76 -0.08 -11.30
N LEU D 446 -37.24 -1.00 -12.13
CA LEU D 446 -37.09 -0.96 -13.57
C LEU D 446 -38.44 -1.24 -14.20
N HIS D 447 -38.56 -0.91 -15.48
CA HIS D 447 -39.73 -1.24 -16.27
C HIS D 447 -39.41 -2.39 -17.20
N VAL D 448 -40.37 -3.28 -17.38
CA VAL D 448 -40.16 -4.45 -18.24
C VAL D 448 -39.98 -4.01 -19.67
N ASN D 449 -40.66 -2.94 -20.09
CA ASN D 449 -40.89 -2.69 -21.52
C ASN D 449 -39.94 -1.66 -22.11
N ALA D 450 -39.75 -0.51 -21.46
CA ALA D 450 -39.08 0.63 -22.04
C ALA D 450 -37.69 0.77 -21.45
N PRO D 451 -36.63 1.00 -22.24
CA PRO D 451 -35.33 1.28 -21.61
C PRO D 451 -35.32 2.56 -20.80
N PHE D 452 -36.03 3.60 -21.24
CA PHE D 452 -36.01 4.90 -20.57
C PHE D 452 -37.31 5.12 -19.83
N VAL D 453 -37.19 5.68 -18.64
CA VAL D 453 -38.33 5.96 -17.76
C VAL D 453 -38.11 7.36 -17.19
N CYS D 454 -39.19 8.11 -17.04
CA CYS D 454 -39.14 9.53 -16.69
C CYS D 454 -40.08 9.84 -15.54
N GLN D 455 -39.68 10.81 -14.71
CA GLN D 455 -40.34 11.12 -13.45
C GLN D 455 -41.24 12.34 -13.53
N ASN D 456 -40.78 13.42 -14.17
CA ASN D 456 -41.50 14.69 -14.14
C ASN D 456 -42.61 14.76 -15.20
N ASN D 457 -43.57 13.85 -15.06
CA ASN D 457 -44.87 13.89 -15.75
C ASN D 457 -44.70 13.99 -17.27
N CYS D 458 -44.02 12.99 -17.81
CA CYS D 458 -43.35 13.06 -19.10
C CYS D 458 -44.24 12.74 -20.32
N PRO D 459 -43.69 12.72 -21.54
CA PRO D 459 -44.26 13.51 -22.66
C PRO D 459 -45.74 13.34 -22.88
N GLY D 460 -46.38 14.45 -23.27
CA GLY D 460 -47.81 14.45 -23.49
C GLY D 460 -48.20 13.73 -24.78
N GLN D 461 -49.35 13.07 -24.74
CA GLN D 461 -49.89 12.39 -25.91
C GLN D 461 -50.65 13.36 -26.80
N LEU D 462 -50.67 13.06 -28.09
CA LEU D 462 -51.31 13.88 -29.11
C LEU D 462 -52.49 13.13 -29.69
N PHE D 463 -53.69 13.66 -29.46
CA PHE D 463 -54.94 13.07 -29.92
C PHE D 463 -55.45 13.83 -31.14
N VAL D 464 -56.12 13.11 -32.04
CA VAL D 464 -56.67 13.68 -33.26
C VAL D 464 -58.05 13.09 -33.51
N LYS D 465 -58.99 13.94 -33.92
CA LYS D 465 -60.29 13.56 -34.44
C LYS D 465 -60.63 14.48 -35.59
N VAL D 466 -61.35 13.95 -36.58
CA VAL D 466 -62.00 14.79 -37.58
C VAL D 466 -63.30 15.31 -37.02
N ALA D 467 -63.53 16.62 -37.14
CA ALA D 467 -64.70 17.22 -36.55
C ALA D 467 -65.96 16.71 -37.24
N PRO D 468 -67.11 16.68 -36.56
CA PRO D 468 -68.36 16.36 -37.25
C PRO D 468 -68.64 17.31 -38.40
N ASN D 469 -69.15 16.75 -39.49
CA ASN D 469 -69.53 17.49 -40.70
C ASN D 469 -70.96 17.07 -40.99
N LEU D 470 -71.91 17.81 -40.43
CA LEU D 470 -73.28 17.33 -40.33
C LEU D 470 -74.07 17.62 -41.59
N THR D 471 -74.90 16.66 -41.99
CA THR D 471 -75.90 16.91 -43.02
C THR D 471 -77.04 17.74 -42.44
N ASN D 472 -77.87 18.26 -43.34
CA ASN D 472 -79.00 19.09 -42.91
C ASN D 472 -80.05 18.30 -42.13
N GLU D 473 -80.04 16.97 -42.20
CA GLU D 473 -81.07 16.17 -41.54
C GLU D 473 -80.84 16.02 -40.03
N TYR D 474 -79.77 16.57 -39.47
CA TYR D 474 -79.43 16.35 -38.07
C TYR D 474 -80.44 17.03 -37.16
N ASP D 475 -81.08 16.24 -36.32
CA ASP D 475 -81.91 16.70 -35.23
C ASP D 475 -81.27 16.22 -33.92
N PRO D 476 -81.03 17.09 -32.94
CA PRO D 476 -80.65 16.57 -31.61
C PRO D 476 -81.72 15.69 -30.98
N ASP D 477 -82.99 15.84 -31.37
CA ASP D 477 -84.04 15.00 -30.81
C ASP D 477 -84.01 13.57 -31.33
N ALA D 478 -83.30 13.30 -32.43
CA ALA D 478 -83.28 11.97 -32.99
C ALA D 478 -82.47 11.01 -32.12
N SER D 479 -82.98 9.79 -31.96
CA SER D 479 -82.30 8.77 -31.18
C SER D 479 -81.17 8.09 -31.96
N ALA D 480 -81.25 8.06 -33.29
CA ALA D 480 -80.25 7.36 -34.08
C ALA D 480 -78.96 8.17 -34.16
N ASN D 481 -77.90 7.50 -34.61
CA ASN D 481 -76.63 8.18 -34.86
C ASN D 481 -76.82 9.24 -35.94
N MET D 482 -76.11 10.36 -35.79
CA MET D 482 -76.32 11.51 -36.66
C MET D 482 -75.89 11.20 -38.08
N SER D 483 -76.60 11.78 -39.04
CA SER D 483 -76.27 11.61 -40.45
C SER D 483 -75.08 12.47 -40.83
N ARG D 484 -73.89 11.88 -40.84
CA ARG D 484 -72.67 12.60 -41.17
C ARG D 484 -72.39 12.51 -42.66
N ILE D 485 -71.76 13.56 -43.19
CA ILE D 485 -71.10 13.45 -44.49
C ILE D 485 -69.85 12.62 -44.28
N VAL D 486 -69.72 11.52 -45.02
CA VAL D 486 -68.54 10.67 -44.92
C VAL D 486 -67.32 11.49 -45.31
N THR D 487 -66.29 11.43 -44.47
CA THR D 487 -65.16 12.34 -44.54
C THR D 487 -63.90 11.62 -44.11
N TYR D 488 -62.76 12.17 -44.53
CA TYR D 488 -61.48 11.74 -44.01
C TYR D 488 -60.52 12.89 -44.15
N SER D 489 -59.40 12.77 -43.44
CA SER D 489 -58.34 13.77 -43.48
C SER D 489 -57.00 13.07 -43.63
N ASP D 490 -56.12 13.72 -44.38
CA ASP D 490 -54.71 13.38 -44.43
C ASP D 490 -53.91 14.53 -43.83
N PHE D 491 -52.93 14.20 -43.01
CA PHE D 491 -52.08 15.22 -42.41
C PHE D 491 -50.67 14.70 -42.22
N TRP D 492 -49.70 15.51 -42.58
CA TRP D 492 -48.30 15.16 -42.37
C TRP D 492 -47.91 15.44 -40.93
N TRP D 493 -47.10 14.54 -40.38
CA TRP D 493 -46.61 14.62 -39.01
C TRP D 493 -45.10 14.71 -39.08
N LYS D 494 -44.50 15.42 -38.12
CA LYS D 494 -43.05 15.54 -38.05
C LYS D 494 -42.64 15.63 -36.59
N GLY D 495 -41.47 15.07 -36.28
CA GLY D 495 -40.93 15.20 -34.94
C GLY D 495 -39.42 15.15 -34.93
N LYS D 496 -38.86 15.60 -33.80
CA LYS D 496 -37.42 15.67 -33.60
C LYS D 496 -37.11 15.11 -32.22
N LEU D 497 -36.44 13.97 -32.19
CA LEU D 497 -36.06 13.27 -30.97
C LEU D 497 -34.55 13.35 -30.85
N VAL D 498 -34.06 14.03 -29.82
CA VAL D 498 -32.65 14.34 -29.67
C VAL D 498 -32.09 13.48 -28.56
N PHE D 499 -30.97 12.82 -28.85
CA PHE D 499 -30.25 11.98 -27.90
C PHE D 499 -28.84 12.54 -27.72
N LYS D 500 -28.26 12.26 -26.56
CA LYS D 500 -26.84 12.39 -26.32
C LYS D 500 -26.24 10.99 -26.16
N ALA D 501 -25.05 10.78 -26.69
CA ALA D 501 -24.40 9.48 -26.59
C ALA D 501 -22.89 9.67 -26.60
N LYS D 502 -22.18 8.71 -26.02
CA LYS D 502 -20.73 8.75 -25.88
C LYS D 502 -20.09 7.62 -26.68
N LEU D 503 -19.09 7.96 -27.46
CA LEU D 503 -18.43 6.99 -28.33
C LEU D 503 -17.55 6.05 -27.54
N ARG D 504 -17.50 4.78 -27.96
CA ARG D 504 -16.74 3.80 -27.21
C ARG D 504 -15.24 3.98 -27.41
N ALA D 505 -14.47 3.18 -26.68
CA ALA D 505 -13.03 3.16 -26.81
C ALA D 505 -12.53 1.73 -26.68
N SER D 506 -11.34 1.50 -27.23
CA SER D 506 -10.74 0.17 -27.32
C SER D 506 -10.02 -0.19 -26.02
N HIS D 507 -10.82 -0.64 -25.05
CA HIS D 507 -10.26 -1.03 -23.76
C HIS D 507 -9.60 -2.40 -23.76
N THR D 508 -9.60 -3.14 -24.88
CA THR D 508 -9.11 -4.51 -24.87
C THR D 508 -8.48 -4.86 -26.21
N TRP D 509 -7.61 -5.87 -26.17
CA TRP D 509 -6.94 -6.36 -27.35
C TRP D 509 -7.86 -7.07 -28.33
N ASN D 510 -8.95 -7.65 -27.86
CA ASN D 510 -9.86 -8.35 -28.74
C ASN D 510 -10.76 -7.36 -29.48
N PRO D 511 -11.14 -7.63 -30.72
CA PRO D 511 -12.24 -6.87 -31.32
C PRO D 511 -13.58 -7.34 -30.76
N ILE D 512 -14.48 -6.39 -30.53
CA ILE D 512 -15.77 -6.69 -29.92
C ILE D 512 -16.80 -6.96 -31.01
N GLN D 513 -17.87 -7.65 -30.65
CA GLN D 513 -18.89 -8.04 -31.63
C GLN D 513 -19.62 -6.82 -32.15
N GLN D 514 -19.95 -6.86 -33.44
CA GLN D 514 -20.63 -5.74 -34.09
C GLN D 514 -21.68 -6.29 -35.05
N MET D 515 -22.71 -5.50 -35.28
CA MET D 515 -23.73 -5.88 -36.24
C MET D 515 -23.23 -5.57 -37.64
N SER D 516 -23.48 -6.47 -38.58
CA SER D 516 -22.87 -6.38 -39.89
C SER D 516 -23.75 -7.08 -40.92
N ILE D 517 -23.76 -6.54 -42.13
CA ILE D 517 -24.38 -7.22 -43.24
C ILE D 517 -23.51 -8.41 -43.62
N ASN D 518 -24.13 -9.46 -44.13
CA ASN D 518 -23.42 -10.65 -44.53
C ASN D 518 -24.27 -11.37 -45.57
N VAL D 519 -23.69 -12.42 -46.14
CA VAL D 519 -24.35 -13.13 -47.25
C VAL D 519 -25.67 -13.73 -46.81
N ASP D 520 -25.80 -14.09 -45.54
CA ASP D 520 -27.06 -14.65 -45.06
C ASP D 520 -28.15 -13.60 -44.96
N ASN D 521 -27.84 -12.42 -44.42
CA ASN D 521 -28.82 -11.37 -44.18
C ASN D 521 -28.85 -10.27 -45.25
N GLN D 522 -28.10 -10.43 -46.36
CA GLN D 522 -27.94 -9.34 -47.32
C GLN D 522 -29.27 -8.90 -47.91
N PHE D 523 -30.15 -9.85 -48.23
CA PHE D 523 -31.40 -9.53 -48.89
C PHE D 523 -32.51 -9.11 -47.93
N ASN D 524 -32.28 -9.12 -46.62
CA ASN D 524 -33.27 -8.59 -45.70
C ASN D 524 -33.45 -7.09 -45.88
N TYR D 525 -32.35 -6.37 -46.08
CA TYR D 525 -32.35 -4.93 -45.96
C TYR D 525 -32.61 -4.18 -47.26
N VAL D 526 -32.92 -4.87 -48.36
CA VAL D 526 -33.13 -4.23 -49.67
C VAL D 526 -34.52 -4.61 -50.17
N PRO D 527 -35.21 -3.78 -50.96
CA PRO D 527 -36.57 -4.14 -51.35
C PRO D 527 -36.61 -5.29 -52.35
N SER D 528 -37.75 -5.97 -52.38
CA SER D 528 -37.94 -7.13 -53.23
C SER D 528 -38.17 -6.71 -54.68
N ASN D 529 -38.31 -7.71 -55.56
CA ASN D 529 -38.45 -7.46 -56.98
C ASN D 529 -39.82 -6.91 -57.37
N ILE D 530 -40.77 -6.83 -56.44
CA ILE D 530 -41.97 -6.00 -56.66
C ILE D 530 -42.20 -5.11 -55.45
N GLY D 531 -41.13 -4.71 -54.77
CA GLY D 531 -41.14 -3.52 -53.95
C GLY D 531 -41.48 -3.69 -52.49
N GLY D 532 -41.61 -4.91 -52.00
CA GLY D 532 -41.83 -5.10 -50.58
C GLY D 532 -40.59 -4.80 -49.78
N MET D 533 -40.77 -4.53 -48.48
CA MET D 533 -39.68 -4.30 -47.56
C MET D 533 -39.97 -4.95 -46.22
N LYS D 534 -38.90 -5.32 -45.52
CA LYS D 534 -38.98 -5.84 -44.16
C LYS D 534 -37.93 -5.13 -43.32
N ILE D 535 -38.07 -5.26 -42.00
CA ILE D 535 -37.07 -4.78 -41.07
C ILE D 535 -36.85 -5.85 -40.02
N VAL D 536 -35.85 -6.70 -40.24
CA VAL D 536 -35.52 -7.75 -39.30
C VAL D 536 -35.05 -7.13 -37.99
N TYR D 537 -35.20 -7.88 -36.90
CA TYR D 537 -34.75 -7.40 -35.61
C TYR D 537 -33.24 -7.22 -35.60
N GLU D 538 -32.77 -6.29 -34.79
CA GLU D 538 -31.34 -6.03 -34.62
C GLU D 538 -31.06 -5.83 -33.13
N LYS D 539 -29.92 -6.32 -32.68
CA LYS D 539 -29.62 -6.30 -31.25
C LYS D 539 -29.28 -4.89 -30.82
N SER D 540 -29.08 -4.71 -29.50
CA SER D 540 -28.82 -3.39 -28.93
C SER D 540 -27.64 -3.32 -27.99
N GLN D 541 -27.21 -4.41 -27.38
CA GLN D 541 -26.04 -4.45 -26.52
C GLN D 541 -25.10 -5.50 -27.07
N LEU D 542 -23.95 -5.06 -27.58
CA LEU D 542 -23.03 -5.93 -28.30
C LEU D 542 -21.61 -5.91 -27.75
N ALA D 543 -21.11 -4.76 -27.34
CA ALA D 543 -19.77 -4.71 -26.77
C ALA D 543 -19.83 -5.11 -25.29
N PRO D 544 -19.03 -6.06 -24.82
CA PRO D 544 -19.09 -6.39 -23.40
C PRO D 544 -18.51 -5.28 -22.53
N ARG D 545 -18.94 -5.29 -21.28
CA ARG D 545 -18.53 -4.33 -20.25
C ARG D 545 -18.14 -5.10 -18.99
N LYS D 546 -17.08 -4.66 -18.34
CA LYS D 546 -16.65 -5.30 -17.10
C LYS D 546 -17.58 -4.87 -15.96
N LEU D 547 -18.18 -5.85 -15.30
CA LEU D 547 -19.13 -5.53 -14.23
C LEU D 547 -18.44 -5.12 -12.95
N TYR D 548 -17.21 -5.59 -12.73
CA TYR D 548 -16.57 -5.52 -11.41
C TYR D 548 -15.13 -5.01 -11.53
N GLY E 1 29.38 12.17 -8.51
CA GLY E 1 29.77 10.74 -8.65
C GLY E 1 31.26 10.51 -8.51
N VAL E 2 31.66 9.24 -8.45
CA VAL E 2 33.07 8.90 -8.31
C VAL E 2 33.86 9.32 -9.53
N GLY E 3 33.24 9.35 -10.71
CA GLY E 3 33.97 9.57 -11.95
C GLY E 3 34.29 11.00 -12.32
N ILE E 4 34.41 11.89 -11.32
CA ILE E 4 34.82 13.28 -11.54
C ILE E 4 36.22 13.42 -10.96
N SER E 5 37.13 13.94 -11.79
CA SER E 5 38.47 14.27 -11.32
C SER E 5 38.47 15.65 -10.70
N THR E 6 39.22 15.77 -9.60
CA THR E 6 39.19 16.98 -8.79
C THR E 6 40.30 17.96 -9.13
N GLY E 7 41.55 17.55 -8.93
CA GLY E 7 42.69 18.42 -9.05
C GLY E 7 43.46 18.22 -10.34
N THR E 8 44.58 18.93 -10.44
CA THR E 8 45.45 18.90 -11.62
C THR E 8 46.90 18.81 -11.21
N PHE E 9 47.62 17.90 -11.87
CA PHE E 9 49.01 17.64 -11.57
C PHE E 9 49.86 18.73 -12.20
N ASN E 10 50.71 19.35 -11.38
CA ASN E 10 51.59 20.42 -11.83
C ASN E 10 52.90 20.37 -11.07
N ASN E 11 54.00 20.61 -11.80
CA ASN E 11 55.33 20.71 -11.22
C ASN E 11 56.12 21.87 -11.82
N GLN E 12 55.44 22.84 -12.43
CA GLN E 12 56.14 23.97 -13.03
C GLN E 12 56.73 24.89 -11.98
N THR E 13 57.93 25.40 -12.25
CA THR E 13 58.59 26.41 -11.44
C THR E 13 58.50 27.71 -12.21
N GLU E 14 57.43 28.46 -11.97
CA GLU E 14 57.09 29.63 -12.77
C GLU E 14 57.84 30.83 -12.19
N PHE E 15 58.87 31.28 -12.90
CA PHE E 15 59.63 32.47 -12.49
C PHE E 15 58.98 33.70 -13.13
N LYS E 16 58.44 34.57 -12.28
CA LYS E 16 57.81 35.83 -12.70
C LYS E 16 58.61 37.00 -12.16
N PHE E 17 58.92 37.96 -13.03
CA PHE E 17 59.63 39.15 -12.57
C PHE E 17 58.67 40.11 -11.87
N LEU E 18 59.18 40.80 -10.86
CA LEU E 18 58.47 41.83 -10.11
C LEU E 18 59.22 43.16 -10.24
N GLU E 19 58.77 44.17 -9.50
CA GLU E 19 59.39 45.48 -9.55
C GLU E 19 60.77 45.47 -8.90
N ASN E 20 61.64 46.36 -9.38
CA ASN E 20 62.94 46.65 -8.78
C ASN E 20 63.81 45.41 -8.66
N GLY E 21 63.74 44.53 -9.65
CA GLY E 21 64.58 43.35 -9.68
C GLY E 21 64.15 42.22 -8.77
N TRP E 22 63.02 42.35 -8.07
CA TRP E 22 62.47 41.24 -7.33
C TRP E 22 61.77 40.26 -8.27
N VAL E 23 61.69 38.99 -7.84
CA VAL E 23 61.06 37.93 -8.62
C VAL E 23 60.27 37.03 -7.69
N GLU E 24 59.27 36.37 -8.25
CA GLU E 24 58.43 35.41 -7.56
C GLU E 24 58.75 34.02 -8.10
N ILE E 25 59.22 33.14 -7.22
CA ILE E 25 59.64 31.79 -7.59
C ILE E 25 58.48 30.90 -7.18
N THR E 26 57.54 30.69 -8.10
CA THR E 26 56.31 29.96 -7.81
C THR E 26 56.55 28.48 -8.04
N ALA E 27 57.00 27.80 -7.00
CA ALA E 27 57.39 26.40 -7.09
C ALA E 27 56.18 25.51 -6.89
N ASN E 28 55.55 25.10 -7.97
CA ASN E 28 54.56 24.03 -7.91
C ASN E 28 55.27 22.69 -7.87
N SER E 29 54.72 21.76 -7.09
CA SER E 29 55.21 20.39 -7.11
C SER E 29 54.09 19.46 -6.69
N SER E 30 54.07 18.28 -7.30
CA SER E 30 53.02 17.31 -7.02
C SER E 30 53.54 15.90 -7.28
N ARG E 31 52.99 14.94 -6.56
CA ARG E 31 53.44 13.56 -6.58
C ARG E 31 52.25 12.65 -6.41
N LEU E 32 52.38 11.41 -6.88
CA LEU E 32 51.47 10.34 -6.52
C LEU E 32 52.01 9.65 -5.28
N VAL E 33 51.20 9.61 -4.22
CA VAL E 33 51.59 9.10 -2.92
C VAL E 33 50.89 7.76 -2.71
N HIS E 34 51.63 6.77 -2.24
CA HIS E 34 51.15 5.41 -2.03
C HIS E 34 51.16 5.12 -0.53
N LEU E 35 50.02 4.65 -0.02
CA LEU E 35 49.84 4.40 1.41
C LEU E 35 49.34 2.97 1.58
N ASN E 36 50.02 2.21 2.43
CA ASN E 36 49.60 0.87 2.79
C ASN E 36 48.80 0.95 4.09
N MET E 37 48.00 -0.08 4.34
CA MET E 37 47.24 -0.16 5.59
C MET E 37 48.24 -0.16 6.75
N PRO E 38 47.87 0.40 7.92
CA PRO E 38 48.84 0.44 9.02
C PRO E 38 49.31 -0.94 9.45
N GLU E 39 50.60 -1.04 9.74
CA GLU E 39 51.20 -2.32 10.07
C GLU E 39 50.66 -2.89 11.36
N SER E 40 50.21 -2.03 12.27
CA SER E 40 49.46 -2.45 13.43
C SER E 40 48.43 -1.37 13.72
N GLU E 41 47.38 -1.77 14.42
CA GLU E 41 46.21 -0.90 14.55
C GLU E 41 46.36 0.14 15.64
N ASN E 42 47.19 -0.12 16.66
CA ASN E 42 47.21 0.65 17.90
C ASN E 42 48.51 1.43 18.04
N TYR E 43 48.43 2.49 18.84
CA TYR E 43 49.64 3.13 19.34
C TYR E 43 50.39 2.14 20.22
N ARG E 44 51.70 2.03 20.01
CA ARG E 44 52.57 1.14 20.79
C ARG E 44 53.74 1.93 21.32
N ARG E 45 54.07 1.70 22.60
CA ARG E 45 55.19 2.36 23.26
C ARG E 45 56.37 1.40 23.26
N VAL E 46 57.28 1.59 22.32
CA VAL E 46 58.42 0.71 22.12
C VAL E 46 59.63 1.38 22.75
N VAL E 47 60.45 0.58 23.43
CA VAL E 47 61.76 0.99 23.94
C VAL E 47 62.81 0.22 23.16
N VAL E 48 63.79 0.94 22.63
CA VAL E 48 64.86 0.37 21.81
C VAL E 48 66.14 0.48 22.61
N ASN E 49 66.93 -0.61 22.62
CA ASN E 49 68.08 -0.69 23.51
C ASN E 49 69.12 -1.61 22.88
N ASN E 50 70.22 -1.02 22.42
CA ASN E 50 71.35 -1.76 21.84
C ASN E 50 72.42 -2.00 22.90
N MET E 51 72.01 -2.75 23.92
CA MET E 51 72.87 -2.99 25.08
C MET E 51 74.15 -3.72 24.69
N ASP E 52 74.02 -4.76 23.86
CA ASP E 52 75.19 -5.57 23.52
C ASP E 52 76.21 -4.77 22.72
N LYS E 53 75.76 -4.06 21.68
CA LYS E 53 76.69 -3.25 20.90
C LYS E 53 77.26 -2.10 21.72
N THR E 54 76.48 -1.58 22.66
CA THR E 54 77.00 -0.58 23.58
C THR E 54 77.94 -1.19 24.62
N ALA E 55 77.68 -2.42 25.04
CA ALA E 55 78.47 -3.01 26.11
C ALA E 55 79.90 -3.30 25.66
N VAL E 56 80.11 -3.54 24.36
CA VAL E 56 81.47 -3.69 23.86
C VAL E 56 82.18 -2.35 24.05
N ASN E 57 83.23 -2.36 24.87
CA ASN E 57 83.78 -1.12 25.41
C ASN E 57 84.35 -0.22 24.32
N GLY E 58 84.30 1.08 24.58
CA GLY E 58 84.75 2.09 23.64
C GLY E 58 83.73 2.49 22.60
N ASN E 59 82.57 1.84 22.55
CA ASN E 59 81.49 2.20 21.65
C ASN E 59 80.48 3.15 22.29
N MET E 60 80.93 4.04 23.16
CA MET E 60 80.02 4.95 23.84
C MET E 60 79.30 5.87 22.85
N ALA E 61 79.96 6.24 21.76
CA ALA E 61 79.33 7.12 20.77
C ALA E 61 78.17 6.46 20.04
N LEU E 62 78.10 5.13 20.03
CA LEU E 62 77.05 4.39 19.35
C LEU E 62 75.86 4.06 20.24
N ASP E 63 75.73 4.73 21.38
CA ASP E 63 74.58 4.55 22.27
C ASP E 63 73.30 5.00 21.59
N ASP E 64 72.37 4.07 21.37
CA ASP E 64 71.13 4.34 20.64
C ASP E 64 69.87 4.07 21.46
N ILE E 65 69.95 4.10 22.80
CA ILE E 65 68.75 3.89 23.59
C ILE E 65 67.78 5.03 23.34
N HIS E 66 66.53 4.67 23.10
CA HIS E 66 65.44 5.64 23.03
C HIS E 66 64.12 4.91 23.17
N ALA E 67 63.08 5.68 23.43
CA ALA E 67 61.72 5.18 23.52
C ALA E 67 60.85 6.05 22.63
N GLN E 68 59.92 5.43 21.91
CA GLN E 68 59.04 6.16 21.01
C GLN E 68 57.66 5.53 21.00
N ILE E 69 56.66 6.36 20.77
CA ILE E 69 55.30 5.90 20.53
C ILE E 69 55.17 5.67 19.03
N VAL E 70 55.19 4.41 18.62
CA VAL E 70 54.86 4.08 17.24
C VAL E 70 53.36 4.26 17.08
N THR E 71 52.95 4.97 16.04
CA THR E 71 51.58 5.39 15.83
C THR E 71 51.01 4.76 14.57
N PRO E 72 49.69 4.58 14.47
CA PRO E 72 49.13 4.05 13.22
C PRO E 72 49.10 5.04 12.07
N TRP E 73 49.44 6.31 12.31
CA TRP E 73 49.37 7.33 11.27
C TRP E 73 50.66 7.37 10.46
N SER E 74 50.60 8.07 9.33
CA SER E 74 51.74 8.30 8.47
C SER E 74 51.75 9.75 8.02
N LEU E 75 52.95 10.27 7.85
CA LEU E 75 53.19 11.70 7.65
C LEU E 75 53.64 11.95 6.23
N VAL E 76 53.01 12.90 5.57
CA VAL E 76 53.45 13.41 4.27
C VAL E 76 54.09 14.76 4.52
N ASP E 77 55.35 14.91 4.10
CA ASP E 77 56.16 16.07 4.43
C ASP E 77 57.01 16.42 3.24
N ALA E 78 56.88 17.67 2.79
CA ALA E 78 57.60 18.20 1.65
C ALA E 78 58.75 19.09 2.05
N ASN E 79 59.21 19.01 3.29
CA ASN E 79 60.16 19.98 3.82
C ASN E 79 61.59 19.66 3.39
N ALA E 80 61.85 19.63 2.08
CA ALA E 80 63.20 19.47 1.57
C ALA E 80 63.26 20.02 0.16
N TRP E 81 64.44 20.52 -0.23
CA TRP E 81 64.56 21.27 -1.47
C TRP E 81 64.29 20.40 -2.69
N GLY E 82 64.70 19.14 -2.65
CA GLY E 82 64.58 18.27 -3.81
C GLY E 82 63.15 17.98 -4.22
N VAL E 83 62.21 18.17 -3.31
CA VAL E 83 60.80 18.00 -3.66
C VAL E 83 60.37 19.04 -4.67
N TRP E 84 61.01 20.22 -4.68
CA TRP E 84 60.47 21.39 -5.34
C TRP E 84 61.23 21.86 -6.57
N PHE E 85 62.44 21.36 -6.84
CA PHE E 85 63.23 21.84 -7.98
C PHE E 85 63.95 20.71 -8.69
N ASN E 86 63.88 20.74 -10.02
CA ASN E 86 64.78 19.96 -10.85
C ASN E 86 66.13 20.66 -10.80
N PRO E 87 67.23 19.97 -11.13
CA PRO E 87 68.55 20.62 -11.01
C PRO E 87 68.72 21.87 -11.84
N GLY E 88 68.10 21.97 -13.00
CA GLY E 88 68.21 23.19 -13.78
C GLY E 88 67.54 24.37 -13.10
N ASP E 89 66.44 24.12 -12.40
CA ASP E 89 65.77 25.22 -11.71
C ASP E 89 66.63 25.72 -10.57
N TRP E 90 67.24 24.79 -9.84
CA TRP E 90 68.18 25.16 -8.80
C TRP E 90 69.38 25.89 -9.38
N GLN E 91 69.80 25.50 -10.58
CA GLN E 91 70.90 26.21 -11.25
C GLN E 91 70.53 27.66 -11.49
N LEU E 92 69.34 27.89 -12.03
CA LEU E 92 68.88 29.27 -12.26
C LEU E 92 68.85 30.06 -10.95
N ILE E 93 68.35 29.44 -9.89
CA ILE E 93 68.26 30.13 -8.61
C ILE E 93 69.65 30.48 -8.10
N VAL E 94 70.53 29.50 -7.96
CA VAL E 94 71.80 29.77 -7.32
C VAL E 94 72.71 30.62 -8.20
N ASN E 95 72.55 30.59 -9.52
CA ASN E 95 73.38 31.40 -10.40
C ASN E 95 72.87 32.82 -10.58
N THR E 96 71.61 33.13 -10.22
CA THR E 96 71.08 34.47 -10.47
C THR E 96 70.57 35.19 -9.22
N MET E 97 70.04 34.47 -8.25
CA MET E 97 69.44 35.11 -7.08
C MET E 97 70.50 35.47 -6.05
N SER E 98 70.32 36.65 -5.43
CA SER E 98 71.19 37.13 -4.35
C SER E 98 70.63 36.79 -2.98
N GLU E 99 69.31 36.92 -2.80
CA GLU E 99 68.65 36.60 -1.54
C GLU E 99 67.31 35.95 -1.84
N LEU E 100 66.85 35.14 -0.90
CA LEU E 100 65.66 34.31 -1.07
C LEU E 100 64.78 34.45 0.16
N HIS E 101 63.49 34.74 -0.05
CA HIS E 101 62.53 34.96 1.01
C HIS E 101 61.40 33.96 0.86
N LEU E 102 61.13 33.20 1.92
CA LEU E 102 60.07 32.20 1.91
C LEU E 102 58.74 32.86 2.26
N VAL E 103 57.74 32.71 1.39
CA VAL E 103 56.48 33.44 1.52
C VAL E 103 55.38 32.54 2.08
N SER E 104 54.99 31.50 1.33
CA SER E 104 53.85 30.68 1.74
C SER E 104 53.97 29.27 1.20
N PHE E 105 53.27 28.35 1.86
CA PHE E 105 53.20 26.94 1.49
C PHE E 105 51.76 26.50 1.56
N GLU E 106 51.31 25.84 0.50
CA GLU E 106 49.91 25.46 0.29
C GLU E 106 49.89 24.01 -0.14
N GLN E 107 48.83 23.29 0.22
CA GLN E 107 48.73 21.86 -0.12
C GLN E 107 47.31 21.49 -0.48
N GLU E 108 47.19 20.45 -1.29
CA GLU E 108 45.94 19.78 -1.58
C GLU E 108 46.24 18.31 -1.75
N ILE E 109 45.37 17.46 -1.22
CA ILE E 109 45.35 16.03 -1.50
C ILE E 109 44.07 15.76 -2.28
N PHE E 110 44.19 15.04 -3.39
CA PHE E 110 43.11 14.95 -4.34
C PHE E 110 43.14 13.62 -5.09
N ASN E 111 41.98 13.25 -5.62
CA ASN E 111 41.80 12.01 -6.38
C ASN E 111 42.25 10.80 -5.58
N VAL E 112 41.68 10.66 -4.39
CA VAL E 112 42.02 9.54 -3.55
C VAL E 112 41.33 8.30 -4.10
N VAL E 113 42.08 7.21 -4.20
CA VAL E 113 41.55 5.92 -4.61
C VAL E 113 41.91 4.93 -3.51
N LEU E 114 41.01 3.99 -3.25
CA LEU E 114 41.24 2.92 -2.28
C LEU E 114 40.87 1.61 -2.93
N LYS E 115 41.73 0.61 -2.76
CA LYS E 115 41.58 -0.69 -3.40
C LYS E 115 41.87 -1.79 -2.39
N THR E 116 41.26 -2.94 -2.63
CA THR E 116 41.40 -4.12 -1.79
C THR E 116 41.90 -5.28 -2.63
N VAL E 117 42.61 -6.20 -1.98
CA VAL E 117 43.27 -7.33 -2.61
C VAL E 117 42.85 -8.61 -1.93
N SER E 118 42.76 -9.69 -2.70
CA SER E 118 42.39 -11.00 -2.18
C SER E 118 43.07 -12.08 -3.00
N GLU E 119 43.26 -13.24 -2.39
CA GLU E 119 43.78 -14.43 -3.07
C GLU E 119 42.62 -15.32 -3.51
N THR E 126 46.91 -16.66 -7.36
CA THR E 126 47.53 -15.31 -7.48
C THR E 126 46.47 -14.24 -7.25
N LYS E 127 46.93 -13.03 -6.92
CA LYS E 127 46.08 -12.04 -6.29
C LYS E 127 45.17 -11.36 -7.30
N VAL E 128 44.03 -10.85 -6.80
CA VAL E 128 43.03 -10.16 -7.59
C VAL E 128 42.63 -8.90 -6.84
N TYR E 129 42.40 -7.81 -7.57
CA TYR E 129 42.16 -6.50 -7.01
C TYR E 129 40.76 -5.99 -7.35
N ASN E 130 40.22 -5.18 -6.46
CA ASN E 130 38.91 -4.55 -6.66
C ASN E 130 38.93 -3.18 -6.02
N ASN E 131 38.18 -2.25 -6.61
CA ASN E 131 37.97 -0.96 -5.97
C ASN E 131 36.98 -1.12 -4.81
N ASP E 132 37.26 -0.41 -3.73
CA ASP E 132 36.34 -0.29 -2.59
C ASP E 132 35.89 1.17 -2.55
N LEU E 133 34.82 1.45 -3.30
CA LEU E 133 34.30 2.81 -3.33
C LEU E 133 33.70 3.24 -2.01
N THR E 134 33.40 2.31 -1.10
CA THR E 134 32.88 2.67 0.20
C THR E 134 33.95 3.11 1.17
N ALA E 135 35.19 2.64 1.01
CA ALA E 135 36.23 2.89 1.98
C ALA E 135 36.60 4.36 2.00
N SER E 136 37.30 4.76 3.05
CA SER E 136 37.64 6.16 3.31
C SER E 136 39.08 6.27 3.79
N LEU E 137 39.80 7.22 3.19
CA LEU E 137 41.09 7.64 3.72
C LEU E 137 40.85 8.69 4.80
N MET E 138 41.53 8.54 5.93
CA MET E 138 41.46 9.51 7.01
C MET E 138 42.62 10.48 6.84
N VAL E 139 42.32 11.77 6.94
CA VAL E 139 43.31 12.83 6.74
C VAL E 139 43.14 13.84 7.86
N ALA E 140 44.26 14.33 8.40
CA ALA E 140 44.24 15.28 9.50
C ALA E 140 45.39 16.26 9.35
N LEU E 141 45.09 17.55 9.49
CA LEU E 141 46.08 18.62 9.39
C LEU E 141 46.20 19.31 10.74
N ASP E 142 47.39 19.24 11.33
CA ASP E 142 47.65 19.87 12.63
C ASP E 142 47.95 21.36 12.45
N SER E 143 46.92 22.10 12.08
CA SER E 143 47.07 23.52 11.80
C SER E 143 47.52 24.31 13.03
N ASN E 144 47.14 23.86 14.22
CA ASN E 144 47.49 24.55 15.46
C ASN E 144 48.83 24.09 16.04
N ASN E 145 49.61 23.30 15.29
CA ASN E 145 50.89 22.69 15.71
C ASN E 145 50.87 22.19 17.16
N THR E 146 49.85 21.39 17.47
CA THR E 146 49.79 20.73 18.77
C THR E 146 50.74 19.55 18.87
N MET E 147 50.85 18.76 17.83
CA MET E 147 51.63 17.54 17.89
C MET E 147 53.12 17.86 17.87
N PRO E 148 53.97 16.96 18.38
CA PRO E 148 55.41 17.22 18.33
C PRO E 148 55.89 17.25 16.89
N PHE E 149 56.91 18.06 16.64
CA PHE E 149 57.36 18.36 15.29
C PHE E 149 58.46 17.38 14.90
N THR E 150 58.31 16.79 13.72
CA THR E 150 59.21 15.74 13.21
C THR E 150 59.57 16.08 11.77
N PRO E 151 60.57 16.92 11.54
CA PRO E 151 60.92 17.27 10.16
C PRO E 151 61.54 16.07 9.45
N ALA E 152 60.91 15.64 8.36
CA ALA E 152 61.25 14.37 7.73
C ALA E 152 62.64 14.37 7.08
N ALA E 153 63.21 15.54 6.81
CA ALA E 153 64.47 15.61 6.07
C ALA E 153 65.62 14.98 6.86
N MET E 154 65.58 15.08 8.18
CA MET E 154 66.72 14.70 9.01
C MET E 154 67.04 13.21 8.89
N ARG E 155 66.04 12.38 8.60
CA ARG E 155 66.22 10.95 8.35
C ARG E 155 65.74 10.56 6.96
N SER E 156 65.78 11.49 6.00
CA SER E 156 65.51 11.21 4.58
C SER E 156 64.13 10.59 4.35
N GLU E 157 63.18 10.97 5.18
CA GLU E 157 61.84 10.43 5.16
C GLU E 157 60.88 11.19 4.25
N THR E 158 61.38 12.13 3.47
CA THR E 158 60.52 13.03 2.72
C THR E 158 59.88 12.33 1.53
N LEU E 159 58.98 13.05 0.86
CA LEU E 159 58.51 12.66 -0.46
C LEU E 159 59.68 12.45 -1.40
N GLY E 160 59.51 11.54 -2.36
CA GLY E 160 60.53 11.35 -3.37
C GLY E 160 60.68 12.58 -4.25
N PHE E 161 61.91 12.82 -4.70
CA PHE E 161 62.20 14.05 -5.42
C PHE E 161 61.80 13.98 -6.88
N TYR E 162 61.88 12.81 -7.50
CA TYR E 162 61.60 12.71 -8.93
C TYR E 162 60.11 12.96 -9.15
N PRO E 163 59.70 13.82 -10.10
CA PRO E 163 58.26 14.07 -10.26
C PRO E 163 57.42 12.86 -10.64
N TRP E 164 58.00 11.86 -11.29
CA TRP E 164 57.21 10.78 -11.91
C TRP E 164 57.12 9.54 -11.05
N LYS E 165 58.17 9.17 -10.32
CA LYS E 165 58.12 7.96 -9.53
C LYS E 165 57.16 8.16 -8.35
N PRO E 166 56.19 7.26 -8.12
CA PRO E 166 55.39 7.39 -6.90
C PRO E 166 56.23 7.19 -5.65
N THR E 167 55.70 7.70 -4.54
CA THR E 167 56.39 7.70 -3.26
C THR E 167 55.43 7.26 -2.16
N ILE E 168 56.00 6.97 -0.99
CA ILE E 168 55.25 6.51 0.18
C ILE E 168 55.47 7.47 1.34
N PRO E 169 54.47 7.74 2.19
CA PRO E 169 54.74 8.57 3.36
C PRO E 169 55.39 7.75 4.45
N THR E 170 56.24 8.40 5.24
CA THR E 170 56.91 7.72 6.33
C THR E 170 55.90 7.36 7.43
N PRO E 171 56.05 6.23 8.12
CA PRO E 171 55.25 6.03 9.33
C PRO E 171 55.66 7.06 10.37
N TRP E 172 54.68 7.55 11.14
CA TRP E 172 54.91 8.63 12.08
C TRP E 172 55.30 8.08 13.44
N ARG E 173 56.33 8.67 14.01
CA ARG E 173 56.93 8.23 15.27
C ARG E 173 57.37 9.46 16.03
N TYR E 174 57.33 9.40 17.35
CA TYR E 174 57.78 10.53 18.17
C TYR E 174 58.29 10.03 19.50
N TYR E 175 59.17 10.83 20.10
CA TYR E 175 59.91 10.40 21.27
C TYR E 175 59.05 10.48 22.52
N PHE E 176 59.17 9.48 23.37
CA PHE E 176 58.51 9.39 24.67
C PHE E 176 59.57 9.55 25.74
N GLN E 177 59.46 10.60 26.55
CA GLN E 177 60.60 11.16 27.26
C GLN E 177 61.09 10.25 28.38
N TRP E 178 62.13 9.48 28.06
CA TRP E 178 62.72 8.50 28.95
C TRP E 178 63.79 9.13 29.84
N ASP E 179 64.51 8.27 30.57
CA ASP E 179 65.69 8.66 31.32
C ASP E 179 66.73 7.56 31.19
N ARG E 180 67.99 7.94 31.02
CA ARG E 180 69.06 6.98 30.72
C ARG E 180 70.40 7.56 31.11
N THR E 181 71.31 6.69 31.60
CA THR E 181 72.65 7.08 32.00
C THR E 181 73.67 6.11 31.42
N LEU E 182 74.79 6.64 30.97
CA LEU E 182 75.90 5.85 30.44
C LEU E 182 77.20 6.53 30.80
N ILE E 183 78.21 5.72 31.14
CA ILE E 183 79.56 6.17 31.45
C ILE E 183 80.49 5.68 30.35
N PRO E 184 81.29 6.54 29.70
CA PRO E 184 82.12 6.04 28.60
C PRO E 184 83.34 5.28 29.10
N SER E 185 84.03 4.64 28.13
CA SER E 185 85.22 3.85 28.39
C SER E 185 86.12 3.93 27.16
N HIS E 186 87.35 3.41 27.30
CA HIS E 186 88.28 3.26 26.19
C HIS E 186 88.92 1.89 26.28
N THR E 187 89.64 1.51 25.22
CA THR E 187 90.17 0.15 25.06
C THR E 187 91.02 -0.27 26.24
N GLY E 188 90.72 -1.46 26.78
CA GLY E 188 91.37 -1.96 27.97
C GLY E 188 90.77 -1.53 29.29
N THR E 189 89.63 -0.83 29.26
CA THR E 189 88.94 -0.39 30.48
C THR E 189 87.45 -0.68 30.35
N THR E 194 79.26 1.30 33.59
CA THR E 194 77.87 1.57 34.05
C THR E 194 77.00 1.98 32.89
N ASN E 195 75.95 1.20 32.64
CA ASN E 195 75.15 1.33 31.42
C ASN E 195 73.75 0.80 31.76
N ILE E 196 72.82 1.70 32.05
CA ILE E 196 71.53 1.34 32.61
C ILE E 196 70.44 2.25 32.06
N TYR E 197 69.20 1.80 32.23
CA TYR E 197 68.00 2.49 31.78
C TYR E 197 67.02 2.58 32.93
N HIS E 198 66.27 3.69 32.99
CA HIS E 198 65.47 4.05 34.16
C HIS E 198 64.01 4.30 33.86
N GLY E 199 63.51 3.86 32.70
CA GLY E 199 62.11 4.11 32.39
C GLY E 199 61.88 5.58 32.10
N THR E 200 60.85 6.15 32.72
CA THR E 200 60.49 7.55 32.52
C THR E 200 60.06 8.18 33.83
N ASP E 201 60.61 9.34 34.14
CA ASP E 201 60.10 10.17 35.20
C ASP E 201 58.65 10.54 34.87
N PRO E 202 57.69 10.46 35.81
CA PRO E 202 56.32 10.85 35.46
C PRO E 202 56.15 12.29 35.00
N ASP E 203 57.05 13.18 35.40
CA ASP E 203 56.83 14.60 35.16
C ASP E 203 56.92 14.98 33.68
N ASP E 204 57.45 14.10 32.82
CA ASP E 204 57.57 14.36 31.39
C ASP E 204 56.73 13.40 30.56
N VAL E 205 55.80 12.67 31.15
CA VAL E 205 54.98 11.72 30.39
C VAL E 205 54.02 12.48 29.49
N GLN E 206 54.14 12.25 28.18
CA GLN E 206 53.25 12.83 27.18
C GLN E 206 52.86 11.76 26.18
N PHE E 207 51.57 11.67 25.87
CA PHE E 207 50.98 10.63 25.01
C PHE E 207 50.14 11.30 23.93
N TYR E 208 50.76 12.16 23.14
CA TYR E 208 50.01 12.88 22.11
C TYR E 208 49.46 11.90 21.08
N THR E 209 48.20 12.08 20.73
CA THR E 209 47.51 11.24 19.74
C THR E 209 46.82 12.12 18.73
N ILE E 210 46.77 11.65 17.48
CA ILE E 210 46.08 12.38 16.43
C ILE E 210 44.60 12.47 16.73
N GLU E 211 44.01 11.40 17.25
CA GLU E 211 42.56 11.36 17.42
C GLU E 211 42.07 12.40 18.41
N ASN E 212 42.81 12.62 19.49
CA ASN E 212 42.38 13.55 20.52
C ASN E 212 42.71 15.00 20.22
N SER E 213 43.66 15.27 19.33
CA SER E 213 44.26 16.60 19.21
C SER E 213 43.63 17.45 18.10
N VAL E 214 43.30 16.83 16.96
CA VAL E 214 43.07 17.56 15.71
C VAL E 214 41.86 16.95 15.01
N PRO E 215 41.12 17.74 14.23
CA PRO E 215 40.05 17.14 13.44
C PRO E 215 40.59 16.23 12.35
N VAL E 216 39.78 15.24 11.96
CA VAL E 216 40.13 14.26 10.96
C VAL E 216 39.01 14.25 9.93
N HIS E 217 39.37 14.45 8.66
CA HIS E 217 38.43 14.34 7.55
C HIS E 217 38.50 12.96 6.94
N LEU E 218 37.36 12.48 6.46
CA LEU E 218 37.24 11.21 5.75
C LEU E 218 36.88 11.54 4.31
N LEU E 219 37.66 11.01 3.37
CA LEU E 219 37.70 11.54 2.02
C LEU E 219 36.97 10.71 0.98
N ARG E 220 36.55 9.47 1.32
CA ARG E 220 35.49 8.69 0.66
C ARG E 220 35.56 8.74 -0.88
N THR E 221 36.75 8.49 -1.40
CA THR E 221 37.08 8.18 -2.79
C THR E 221 36.62 9.22 -3.82
N GLY E 222 36.14 10.40 -3.41
CA GLY E 222 35.87 11.46 -4.34
C GLY E 222 36.06 12.87 -3.81
N ASP E 223 36.38 13.03 -2.52
CA ASP E 223 36.52 14.36 -1.96
C ASP E 223 37.95 14.85 -2.14
N GLU E 224 38.12 16.15 -1.94
CA GLU E 224 39.40 16.84 -2.06
C GLU E 224 39.62 17.63 -0.79
N PHE E 225 40.77 17.44 -0.18
CA PHE E 225 41.20 18.20 0.98
C PHE E 225 42.12 19.31 0.51
N ALA E 226 42.03 20.47 1.17
CA ALA E 226 42.90 21.60 0.88
C ALA E 226 43.46 22.12 2.19
N THR E 227 44.77 22.25 2.26
CA THR E 227 45.40 23.01 3.32
C THR E 227 45.22 24.49 3.01
N GLY E 228 44.65 25.23 3.95
CA GLY E 228 44.54 26.66 3.77
C GLY E 228 45.92 27.29 3.64
N THR E 229 45.98 28.38 2.88
CA THR E 229 47.26 29.02 2.59
C THR E 229 47.88 29.57 3.87
N PHE E 230 49.12 29.18 4.14
CA PHE E 230 49.86 29.57 5.34
C PHE E 230 51.04 30.43 4.92
N PHE E 231 51.24 31.55 5.62
CA PHE E 231 52.29 32.50 5.33
C PHE E 231 53.38 32.43 6.39
N PHE E 232 54.62 32.27 5.94
CA PHE E 232 55.78 32.21 6.81
C PHE E 232 56.15 33.59 7.33
N ASP E 233 57.11 33.63 8.26
CA ASP E 233 57.61 34.86 8.86
C ASP E 233 59.12 34.84 9.03
N CYS E 234 59.83 34.00 8.29
CA CYS E 234 61.22 33.70 8.60
C CYS E 234 62.16 34.83 8.19
N LYS E 235 63.38 34.78 8.72
CA LYS E 235 64.46 35.60 8.19
C LYS E 235 64.89 35.06 6.83
N PRO E 236 65.46 35.92 5.97
CA PRO E 236 65.82 35.45 4.62
C PRO E 236 67.09 34.60 4.61
N CYS E 237 67.27 33.90 3.49
CA CYS E 237 68.50 33.19 3.16
C CYS E 237 69.30 34.04 2.20
N ARG E 238 70.61 34.18 2.48
CA ARG E 238 71.52 34.97 1.66
C ARG E 238 72.45 34.04 0.89
N LEU E 239 72.54 34.25 -0.42
CA LEU E 239 73.21 33.35 -1.34
C LEU E 239 74.59 33.87 -1.76
N THR E 240 75.26 34.59 -0.87
CA THR E 240 76.54 35.25 -1.17
C THR E 240 77.73 34.37 -0.82
N TYR E 306 86.48 19.60 19.56
CA TYR E 306 85.85 18.88 18.43
C TYR E 306 85.48 17.46 18.84
N TYR E 307 84.35 16.98 18.31
CA TYR E 307 83.83 15.64 18.61
C TYR E 307 83.65 15.44 20.12
N SER E 308 82.92 16.38 20.72
CA SER E 308 82.63 16.39 22.16
C SER E 308 81.16 16.04 22.37
N PHE E 309 80.91 15.12 23.31
CA PHE E 309 79.58 14.62 23.62
C PHE E 309 79.17 15.10 25.01
N GLU E 310 77.90 15.46 25.17
CA GLU E 310 77.32 15.89 26.43
C GLU E 310 76.28 14.86 26.87
N ALA E 311 76.48 14.30 28.06
CA ALA E 311 75.58 13.28 28.62
C ALA E 311 74.46 13.96 29.37
N SER E 312 73.38 14.29 28.67
CA SER E 312 72.18 14.78 29.32
C SER E 312 71.49 13.65 30.06
N THR E 313 70.34 13.96 30.65
CA THR E 313 69.59 12.97 31.40
C THR E 313 69.08 11.82 30.55
N GLN E 314 68.94 12.01 29.24
CA GLN E 314 68.45 10.97 28.34
C GLN E 314 69.54 10.29 27.52
N GLY E 315 70.79 10.75 27.58
CA GLY E 315 71.90 10.09 26.93
C GLY E 315 72.87 11.06 26.29
N PRO E 316 73.99 10.55 25.78
CA PRO E 316 74.96 11.43 25.13
C PRO E 316 74.43 11.98 23.83
N PHE E 317 74.85 13.20 23.50
CA PHE E 317 74.61 13.75 22.17
C PHE E 317 75.85 14.51 21.72
N LYS E 318 76.26 14.24 20.48
CA LYS E 318 77.35 14.98 19.85
C LYS E 318 76.93 16.43 19.74
N THR E 319 77.68 17.32 20.40
CA THR E 319 77.27 18.71 20.50
C THR E 319 77.26 19.34 19.10
N PRO E 320 76.24 20.14 18.75
CA PRO E 320 76.14 20.60 17.36
C PRO E 320 77.23 21.60 17.02
N ILE E 321 77.29 21.95 15.74
CA ILE E 321 78.28 22.89 15.21
C ILE E 321 78.07 24.25 15.83
N PRO E 340 79.02 18.58 7.51
CA PRO E 340 77.67 18.00 7.44
C PRO E 340 77.61 16.83 6.48
N ARG E 341 77.15 15.68 6.97
CA ARG E 341 77.11 14.45 6.20
C ARG E 341 75.67 14.06 5.94
N TYR E 342 75.34 13.78 4.69
CA TYR E 342 74.01 13.38 4.26
C TYR E 342 74.08 12.02 3.60
N ALA E 343 73.33 11.06 4.12
CA ALA E 343 73.15 9.75 3.52
C ALA E 343 71.72 9.64 3.01
N PHE E 344 71.57 9.17 1.77
CA PHE E 344 70.28 9.21 1.09
C PHE E 344 70.09 7.99 0.21
N GLY E 345 68.84 7.59 0.07
CA GLY E 345 68.48 6.38 -0.64
C GLY E 345 68.03 6.64 -2.07
N ARG E 346 67.39 5.62 -2.64
CA ARG E 346 67.01 5.66 -4.05
C ARG E 346 65.97 6.73 -4.32
N GLN E 347 65.00 6.89 -3.42
CA GLN E 347 63.98 7.91 -3.64
C GLN E 347 64.54 9.33 -3.62
N HIS E 348 65.74 9.53 -3.04
CA HIS E 348 66.25 10.87 -2.73
C HIS E 348 67.65 11.11 -3.26
N GLY E 349 68.00 10.49 -4.39
CA GLY E 349 69.14 10.92 -5.18
C GLY E 349 70.06 9.83 -5.68
N GLN E 350 70.07 8.69 -4.98
CA GLN E 350 70.95 7.59 -5.35
C GLN E 350 70.49 7.01 -6.69
N LYS E 351 71.47 6.54 -7.48
CA LYS E 351 71.20 5.94 -8.79
C LYS E 351 70.21 4.80 -8.67
N THR E 352 69.03 4.96 -9.28
CA THR E 352 67.88 4.15 -8.91
C THR E 352 68.02 2.69 -9.32
N THR E 353 68.83 2.39 -10.33
CA THR E 353 69.00 1.02 -10.79
C THR E 353 70.04 0.24 -9.99
N THR E 354 70.80 0.88 -9.12
CA THR E 354 71.84 0.16 -8.39
C THR E 354 71.23 -0.79 -7.37
N THR E 355 71.89 -1.93 -7.19
CA THR E 355 71.50 -2.93 -6.21
C THR E 355 72.18 -2.64 -4.87
N GLY E 356 71.78 -3.40 -3.85
CA GLY E 356 72.40 -3.30 -2.55
C GLY E 356 71.69 -2.31 -1.64
N GLU E 357 71.91 -2.50 -0.35
CA GLU E 357 71.23 -1.73 0.69
C GLU E 357 71.95 -0.45 1.08
N THR E 358 73.21 -0.27 0.69
CA THR E 358 73.99 0.86 1.20
C THR E 358 73.46 2.18 0.63
N PRO E 359 73.33 3.24 1.43
CA PRO E 359 72.96 4.53 0.87
C PRO E 359 74.14 5.21 0.19
N GLU E 360 73.81 6.20 -0.64
CA GLU E 360 74.81 7.12 -1.15
C GLU E 360 75.03 8.22 -0.14
N ARG E 361 76.31 8.58 0.07
CA ARG E 361 76.74 9.40 1.19
C ARG E 361 77.59 10.53 0.64
N PHE E 362 77.43 11.73 1.20
CA PHE E 362 78.24 12.85 0.76
C PHE E 362 78.41 13.88 1.87
N THR E 363 79.48 14.67 1.76
CA THR E 363 79.83 15.72 2.71
C THR E 363 79.80 17.06 2.00
N TYR E 364 79.18 18.05 2.62
CA TYR E 364 79.00 19.37 2.01
C TYR E 364 80.14 20.31 2.40
N ILE E 365 80.63 21.07 1.43
CA ILE E 365 81.69 22.06 1.63
C ILE E 365 81.35 23.31 0.81
N ALA E 366 81.62 24.48 1.37
CA ALA E 366 81.31 25.74 0.69
C ALA E 366 82.30 26.81 1.17
N HIS E 367 81.95 28.09 0.98
CA HIS E 367 82.62 29.25 1.55
C HIS E 367 83.16 29.04 2.97
N ASN E 422 77.28 33.04 8.42
CA ASN E 422 76.82 32.50 9.73
C ASN E 422 75.70 31.49 9.54
N ASN E 423 74.60 31.94 8.94
CA ASN E 423 73.45 31.06 8.76
C ASN E 423 73.80 29.93 7.80
N VAL E 424 73.20 28.77 8.04
CA VAL E 424 73.59 27.56 7.33
C VAL E 424 73.11 27.63 5.89
N PRO E 425 73.82 27.04 4.92
CA PRO E 425 73.44 27.18 3.52
C PRO E 425 72.35 26.18 3.14
N PRO E 426 71.60 26.44 2.08
CA PRO E 426 70.78 25.36 1.52
C PRO E 426 71.65 24.25 0.94
N VAL E 427 71.14 23.02 0.97
CA VAL E 427 71.83 21.86 0.44
C VAL E 427 70.89 21.10 -0.49
N TYR E 428 70.93 21.42 -1.78
CA TYR E 428 70.12 20.69 -2.74
C TYR E 428 70.72 19.31 -2.96
N PRO E 429 69.90 18.26 -3.11
CA PRO E 429 68.44 18.13 -2.95
C PRO E 429 68.04 17.71 -1.55
N ASN E 430 68.96 17.21 -0.74
CA ASN E 430 68.59 16.52 0.49
C ASN E 430 68.30 17.44 1.66
N GLY E 431 68.70 18.71 1.60
CA GLY E 431 68.63 19.56 2.77
C GLY E 431 67.21 20.02 3.10
N GLN E 432 67.04 20.46 4.34
CA GLN E 432 65.76 20.93 4.84
C GLN E 432 65.53 22.39 4.47
N ILE E 433 64.26 22.80 4.43
CA ILE E 433 63.87 24.15 4.02
C ILE E 433 63.63 25.00 5.27
N TRP E 434 62.61 24.65 6.06
CA TRP E 434 62.20 25.43 7.20
C TRP E 434 62.26 24.60 8.47
N ASP E 435 62.30 25.27 9.62
CA ASP E 435 62.23 24.58 10.90
C ASP E 435 61.74 25.54 11.99
N LYS E 436 61.10 24.95 13.00
CA LYS E 436 60.47 25.73 14.07
C LYS E 436 61.49 26.28 15.05
N GLU E 437 61.16 27.44 15.64
CA GLU E 437 61.92 27.94 16.77
C GLU E 437 61.70 27.06 17.99
N PHE E 438 62.72 26.98 18.84
CA PHE E 438 62.59 26.18 20.04
C PHE E 438 61.73 26.90 21.08
N ASP E 439 60.79 26.16 21.67
CA ASP E 439 59.85 26.71 22.64
C ASP E 439 60.52 26.76 24.01
N THR E 440 61.48 27.69 24.13
CA THR E 440 62.37 27.73 25.29
C THR E 440 62.75 29.16 25.63
N ASP E 441 63.26 29.33 26.85
CA ASP E 441 63.78 30.62 27.30
C ASP E 441 65.04 31.03 26.53
N LEU E 442 66.03 30.15 26.47
CA LEU E 442 67.31 30.43 25.80
C LEU E 442 67.19 30.07 24.32
N LYS E 443 66.50 30.94 23.59
CA LYS E 443 66.18 30.66 22.20
C LYS E 443 67.45 30.67 21.34
N PRO E 444 67.70 29.65 20.51
CA PRO E 444 68.98 29.60 19.79
C PRO E 444 69.09 30.69 18.74
N ARG E 445 70.34 31.11 18.49
CA ARG E 445 70.59 32.15 17.51
C ARG E 445 70.50 31.64 16.08
N LEU E 446 70.79 30.37 15.86
CA LEU E 446 70.64 29.78 14.53
C LEU E 446 70.40 28.29 14.65
N HIS E 447 69.82 27.72 13.60
CA HIS E 447 69.52 26.30 13.50
C HIS E 447 70.50 25.66 12.54
N VAL E 448 71.10 24.55 12.96
CA VAL E 448 72.13 23.91 12.15
C VAL E 448 71.58 23.26 10.89
N ASN E 449 70.28 22.98 10.83
CA ASN E 449 69.72 22.06 9.85
C ASN E 449 68.91 22.71 8.74
N ALA E 450 68.36 23.91 8.95
CA ALA E 450 67.42 24.53 8.01
C ALA E 450 67.85 25.99 7.78
N PRO E 451 67.97 26.47 6.54
CA PRO E 451 68.33 27.88 6.36
C PRO E 451 67.28 28.84 6.89
N PHE E 452 66.00 28.52 6.76
CA PHE E 452 64.91 29.37 7.21
C PHE E 452 64.40 28.86 8.55
N VAL E 453 64.11 29.79 9.46
CA VAL E 453 63.68 29.48 10.82
C VAL E 453 62.39 30.23 11.12
N CYS E 454 61.38 29.51 11.62
CA CYS E 454 60.11 30.13 11.95
C CYS E 454 60.24 30.95 13.23
N GLN E 455 59.71 32.18 13.19
CA GLN E 455 59.68 33.02 14.40
C GLN E 455 58.46 32.69 15.26
N ASN E 456 57.35 32.36 14.62
CA ASN E 456 56.12 31.89 15.27
C ASN E 456 55.73 30.57 14.62
N ASN E 457 54.48 30.13 14.79
CA ASN E 457 53.99 28.88 14.21
C ASN E 457 54.25 28.82 12.71
N CYS E 458 54.52 27.61 12.22
CA CYS E 458 54.80 27.39 10.81
C CYS E 458 54.29 26.02 10.40
N PRO E 459 53.95 25.83 9.10
CA PRO E 459 52.83 24.97 8.67
C PRO E 459 52.58 23.64 9.37
N GLY E 460 51.29 23.35 9.52
CA GLY E 460 50.89 22.14 10.23
C GLY E 460 51.31 20.89 9.48
N GLN E 461 51.71 19.88 10.23
CA GLN E 461 51.99 18.58 9.66
C GLN E 461 50.69 17.91 9.24
N LEU E 462 50.72 17.22 8.10
CA LEU E 462 49.56 16.60 7.49
C LEU E 462 49.68 15.09 7.61
N PHE E 463 48.74 14.47 8.30
CA PHE E 463 48.76 13.04 8.61
C PHE E 463 47.67 12.31 7.84
N VAL E 464 47.97 11.09 7.40
CA VAL E 464 47.07 10.30 6.57
C VAL E 464 47.08 8.86 7.05
N LYS E 465 45.90 8.23 7.07
CA LYS E 465 45.73 6.88 7.53
C LYS E 465 44.54 6.27 6.81
N VAL E 466 44.62 4.97 6.54
CA VAL E 466 43.52 4.23 5.95
C VAL E 466 42.55 3.86 7.07
N ALA E 467 41.27 4.16 6.87
CA ALA E 467 40.30 3.88 7.91
C ALA E 467 40.17 2.36 8.08
N PRO E 468 39.97 1.85 9.32
CA PRO E 468 39.84 0.40 9.49
C PRO E 468 38.71 -0.21 8.69
N ASN E 469 39.08 -1.03 7.72
CA ASN E 469 38.12 -1.70 6.84
C ASN E 469 37.80 -3.05 7.48
N LEU E 470 36.93 -3.00 8.48
CA LEU E 470 36.69 -4.17 9.32
C LEU E 470 36.01 -5.30 8.53
N THR E 471 36.32 -6.53 8.92
CA THR E 471 35.71 -7.72 8.35
C THR E 471 34.38 -8.03 9.04
N ASN E 472 33.68 -9.01 8.49
CA ASN E 472 32.44 -9.49 9.10
C ASN E 472 32.69 -10.14 10.45
N GLU E 473 33.86 -10.72 10.65
CA GLU E 473 34.09 -11.59 11.80
C GLU E 473 34.52 -10.86 13.06
N TYR E 474 34.47 -9.54 13.08
CA TYR E 474 35.08 -8.76 14.16
C TYR E 474 34.39 -9.02 15.50
N ASP E 475 35.18 -8.94 16.57
CA ASP E 475 34.69 -8.99 17.93
C ASP E 475 35.61 -8.14 18.80
N PRO E 476 35.17 -7.03 19.40
CA PRO E 476 36.11 -6.22 20.18
C PRO E 476 36.53 -6.87 21.48
N ASP E 477 35.79 -7.84 21.99
CA ASP E 477 36.20 -8.50 23.22
C ASP E 477 37.44 -9.37 23.04
N ALA E 478 37.83 -9.69 21.83
CA ALA E 478 39.02 -10.48 21.61
C ALA E 478 40.28 -9.66 21.88
N SER E 479 41.28 -10.30 22.48
CA SER E 479 42.57 -9.67 22.70
C SER E 479 43.42 -9.61 21.44
N ALA E 480 43.11 -10.42 20.42
CA ALA E 480 43.98 -10.52 19.26
C ALA E 480 43.89 -9.28 18.38
N ASN E 481 44.90 -9.12 17.52
CA ASN E 481 44.87 -8.06 16.53
C ASN E 481 43.69 -8.28 15.58
N MET E 482 42.97 -7.21 15.28
CA MET E 482 41.69 -7.36 14.61
C MET E 482 41.87 -7.62 13.12
N SER E 483 41.02 -8.49 12.59
CA SER E 483 41.09 -8.91 11.19
C SER E 483 40.58 -7.81 10.30
N ARG E 484 41.49 -7.18 9.55
CA ARG E 484 41.18 -6.10 8.63
C ARG E 484 41.22 -6.61 7.20
N ILE E 485 40.28 -6.16 6.38
CA ILE E 485 40.40 -6.39 4.95
C ILE E 485 41.64 -5.64 4.48
N VAL E 486 42.58 -6.35 3.89
CA VAL E 486 43.83 -5.73 3.48
C VAL E 486 43.51 -4.71 2.38
N THR E 487 43.71 -3.44 2.71
CA THR E 487 43.35 -2.31 1.87
C THR E 487 44.58 -1.45 1.64
N TYR E 488 44.64 -0.82 0.47
CA TYR E 488 45.67 0.16 0.18
C TYR E 488 45.05 1.27 -0.64
N SER E 489 45.73 2.40 -0.64
CA SER E 489 45.21 3.62 -1.23
C SER E 489 46.33 4.34 -1.94
N ASP E 490 45.94 5.08 -2.98
CA ASP E 490 46.82 6.02 -3.65
C ASP E 490 46.12 7.36 -3.70
N PHE E 491 46.91 8.42 -3.61
CA PHE E 491 46.34 9.75 -3.69
C PHE E 491 47.40 10.73 -4.14
N TRP E 492 47.01 11.62 -5.02
CA TRP E 492 47.94 12.63 -5.50
C TRP E 492 48.00 13.78 -4.50
N TRP E 493 49.21 14.20 -4.17
CA TRP E 493 49.47 15.40 -3.39
C TRP E 493 49.98 16.46 -4.34
N LYS E 494 49.49 17.68 -4.18
CA LYS E 494 49.97 18.84 -4.92
C LYS E 494 50.08 20.00 -3.96
N GLY E 495 51.21 20.70 -4.02
CA GLY E 495 51.42 21.87 -3.20
C GLY E 495 52.11 22.96 -3.98
N LYS E 496 51.88 24.19 -3.54
CA LYS E 496 52.50 25.39 -4.10
C LYS E 496 53.33 26.04 -3.02
N LEU E 497 54.62 26.16 -3.26
CA LEU E 497 55.55 26.91 -2.42
C LEU E 497 56.01 28.09 -3.26
N VAL E 498 55.89 29.29 -2.70
CA VAL E 498 56.31 30.52 -3.37
C VAL E 498 57.39 31.16 -2.53
N PHE E 499 58.57 31.34 -3.13
CA PHE E 499 59.61 32.19 -2.59
C PHE E 499 59.59 33.52 -3.32
N LYS E 500 60.08 34.55 -2.64
CA LYS E 500 60.38 35.85 -3.24
C LYS E 500 61.89 36.07 -3.17
N ALA E 501 62.47 36.54 -4.26
CA ALA E 501 63.91 36.68 -4.37
C ALA E 501 64.24 37.95 -5.15
N LYS E 502 65.49 38.40 -5.00
CA LYS E 502 66.03 39.57 -5.70
C LYS E 502 67.27 39.15 -6.47
N LEU E 503 67.31 39.49 -7.77
CA LEU E 503 68.45 39.13 -8.59
C LEU E 503 69.68 39.91 -8.18
N ARG E 504 70.86 39.30 -8.37
CA ARG E 504 72.11 39.98 -8.09
C ARG E 504 72.38 41.04 -9.15
N GLN E 514 81.32 30.52 -16.40
CA GLN E 514 81.87 30.18 -15.06
C GLN E 514 81.33 28.84 -14.55
N MET E 515 80.04 28.84 -14.19
CA MET E 515 79.37 27.67 -13.63
C MET E 515 78.51 27.03 -14.71
N SER E 516 78.63 25.72 -14.86
CA SER E 516 77.75 24.98 -15.77
C SER E 516 77.92 23.49 -15.54
N ILE E 517 77.03 22.73 -16.18
CA ILE E 517 77.25 21.32 -16.49
C ILE E 517 78.56 21.23 -17.26
N ASN E 518 79.32 20.14 -17.09
CA ASN E 518 80.60 19.99 -17.77
C ASN E 518 80.81 18.52 -18.13
N VAL E 519 81.94 18.28 -18.80
CA VAL E 519 82.23 16.97 -19.39
C VAL E 519 82.37 15.91 -18.31
N ASP E 520 82.94 16.26 -17.16
CA ASP E 520 83.22 15.30 -16.11
C ASP E 520 82.01 14.93 -15.26
N ASN E 521 80.88 15.63 -15.42
CA ASN E 521 79.70 15.43 -14.59
C ASN E 521 78.39 15.44 -15.35
N GLN E 522 78.40 15.48 -16.67
CA GLN E 522 77.16 15.66 -17.43
C GLN E 522 76.19 14.52 -17.21
N PHE E 523 76.69 13.29 -17.08
CA PHE E 523 75.82 12.14 -16.94
C PHE E 523 75.15 12.07 -15.58
N ASN E 524 75.50 12.93 -14.63
CA ASN E 524 74.73 13.05 -13.40
C ASN E 524 73.41 13.80 -13.60
N TYR E 525 73.18 14.39 -14.77
CA TYR E 525 72.01 15.23 -15.03
C TYR E 525 71.12 14.73 -16.15
N VAL E 526 71.27 13.48 -16.57
CA VAL E 526 70.40 12.87 -17.59
C VAL E 526 70.14 11.42 -17.22
N PRO E 527 69.02 10.85 -17.67
CA PRO E 527 68.71 9.47 -17.29
C PRO E 527 69.69 8.48 -17.90
N SER E 528 69.75 7.29 -17.29
CA SER E 528 70.59 6.21 -17.77
C SER E 528 69.90 5.45 -18.90
N ASN E 529 70.70 4.70 -19.65
CA ASN E 529 70.17 3.95 -20.78
C ASN E 529 69.23 2.85 -20.33
N ILE E 530 69.49 2.24 -19.18
CA ILE E 530 68.61 1.21 -18.61
C ILE E 530 67.48 1.84 -17.81
N GLY E 531 67.35 3.17 -17.84
CA GLY E 531 66.19 3.86 -17.30
C GLY E 531 66.36 4.46 -15.92
N GLY E 532 67.55 4.40 -15.33
CA GLY E 532 67.76 4.97 -14.02
C GLY E 532 67.89 6.48 -14.05
N MET E 533 67.89 7.08 -12.86
CA MET E 533 68.02 8.51 -12.67
C MET E 533 68.80 8.78 -11.40
N LYS E 534 69.36 9.98 -11.30
CA LYS E 534 70.05 10.40 -10.08
C LYS E 534 70.02 11.91 -9.97
N ILE E 535 70.30 12.40 -8.77
CA ILE E 535 70.34 13.84 -8.47
C ILE E 535 71.59 14.04 -7.63
N VAL E 536 72.65 14.59 -8.23
CA VAL E 536 73.86 14.92 -7.51
C VAL E 536 73.70 16.24 -6.77
N TYR E 537 74.44 16.39 -5.68
CA TYR E 537 74.34 17.59 -4.85
C TYR E 537 74.84 18.82 -5.60
N GLU E 538 74.45 19.99 -5.10
CA GLU E 538 74.83 21.27 -5.66
C GLU E 538 75.17 22.25 -4.55
N LYS E 539 75.99 23.24 -4.89
CA LYS E 539 76.28 24.35 -4.00
C LYS E 539 75.05 25.27 -3.89
N SER E 540 75.14 26.28 -3.01
CA SER E 540 74.06 27.24 -2.85
C SER E 540 74.52 28.68 -2.59
N GLN E 541 75.77 29.03 -2.92
CA GLN E 541 76.24 30.40 -2.73
C GLN E 541 77.22 30.78 -3.84
N LEU E 542 77.28 32.08 -4.11
CA LEU E 542 78.20 32.68 -5.07
C LEU E 542 79.21 33.57 -4.34
N GLY F 1 29.16 12.68 -14.82
CA GLY F 1 29.03 11.37 -14.11
C GLY F 1 29.46 10.19 -14.96
N VAL F 2 29.49 9.00 -14.35
CA VAL F 2 29.90 7.79 -15.04
C VAL F 2 28.93 7.46 -16.17
N GLY F 3 27.63 7.56 -15.90
CA GLY F 3 26.62 7.11 -16.82
C GLY F 3 26.19 8.06 -17.91
N ILE F 4 26.81 9.24 -18.04
CA ILE F 4 26.42 10.26 -19.01
C ILE F 4 27.61 10.56 -19.90
N SER F 5 27.39 10.49 -21.21
CA SER F 5 28.43 10.80 -22.18
C SER F 5 28.80 12.27 -22.09
N THR F 6 30.04 12.57 -22.51
CA THR F 6 30.59 13.92 -22.48
C THR F 6 30.85 14.50 -23.86
N GLY F 7 30.28 13.91 -24.92
CA GLY F 7 30.52 14.44 -26.25
C GLY F 7 29.81 13.61 -27.29
N THR F 8 30.02 13.99 -28.55
CA THR F 8 29.34 13.38 -29.68
C THR F 8 30.29 13.21 -30.85
N PHE F 9 30.21 12.03 -31.49
CA PHE F 9 31.07 11.66 -32.59
C PHE F 9 30.64 12.42 -33.84
N ASN F 10 31.62 12.87 -34.61
CA ASN F 10 31.34 13.66 -35.80
C ASN F 10 32.47 13.51 -36.81
N ASN F 11 32.12 13.14 -38.04
CA ASN F 11 33.03 13.16 -39.18
C ASN F 11 32.38 13.82 -40.40
N GLN F 12 31.42 14.71 -40.17
CA GLN F 12 30.89 15.49 -41.27
C GLN F 12 31.98 16.41 -41.81
N THR F 13 31.82 16.83 -43.05
CA THR F 13 32.65 17.88 -43.63
C THR F 13 31.70 18.80 -44.39
N GLU F 14 31.20 19.82 -43.71
CA GLU F 14 30.34 20.78 -44.36
C GLU F 14 31.14 21.67 -45.27
N PHE F 15 30.48 22.20 -46.30
CA PHE F 15 31.03 23.20 -47.20
C PHE F 15 30.11 24.40 -47.17
N LYS F 16 30.32 25.28 -46.20
CA LYS F 16 29.50 26.49 -46.08
C LYS F 16 30.02 27.58 -46.99
N PHE F 17 29.20 27.99 -47.96
CA PHE F 17 29.57 29.12 -48.81
C PHE F 17 29.44 30.43 -48.05
N LEU F 18 30.31 31.38 -48.38
CA LEU F 18 30.44 32.66 -47.73
C LEU F 18 30.22 33.77 -48.76
N GLU F 19 30.42 35.02 -48.33
CA GLU F 19 30.39 36.14 -49.25
C GLU F 19 31.57 36.05 -50.22
N ASN F 20 31.34 36.52 -51.44
CA ASN F 20 32.39 36.62 -52.46
C ASN F 20 32.98 35.25 -52.81
N GLY F 21 32.11 34.25 -52.90
CA GLY F 21 32.49 32.98 -53.46
C GLY F 21 33.43 32.14 -52.64
N TRP F 22 33.80 32.57 -51.44
CA TRP F 22 34.60 31.70 -50.59
C TRP F 22 33.73 30.60 -50.00
N VAL F 23 34.38 29.54 -49.53
CA VAL F 23 33.75 28.50 -48.73
C VAL F 23 34.52 28.37 -47.44
N GLU F 24 33.82 27.98 -46.38
CA GLU F 24 34.44 27.54 -45.14
C GLU F 24 34.28 26.03 -45.07
N ILE F 25 35.39 25.31 -45.02
CA ILE F 25 35.41 23.86 -45.08
C ILE F 25 35.70 23.39 -43.66
N THR F 26 34.65 23.09 -42.91
CA THR F 26 34.77 22.63 -41.53
C THR F 26 34.96 21.12 -41.54
N ALA F 27 36.21 20.68 -41.51
CA ALA F 27 36.55 19.26 -41.50
C ALA F 27 36.44 18.76 -40.07
N ASN F 28 35.29 18.18 -39.74
CA ASN F 28 35.13 17.49 -38.47
C ASN F 28 35.68 16.09 -38.61
N SER F 29 36.31 15.60 -37.56
CA SER F 29 36.86 14.26 -37.55
C SER F 29 36.87 13.73 -36.13
N SER F 30 36.65 12.44 -36.00
CA SER F 30 36.67 11.82 -34.68
C SER F 30 37.04 10.36 -34.81
N ARG F 31 37.69 9.85 -33.78
CA ARG F 31 38.24 8.50 -33.81
C ARG F 31 38.14 7.90 -32.42
N LEU F 32 38.11 6.58 -32.37
CA LEU F 32 38.30 5.82 -31.14
C LEU F 32 39.78 5.47 -31.01
N VAL F 33 40.40 5.92 -29.93
CA VAL F 33 41.83 5.75 -29.70
C VAL F 33 42.02 4.76 -28.56
N HIS F 34 42.95 3.84 -28.73
CA HIS F 34 43.25 2.78 -27.77
C HIS F 34 44.66 2.96 -27.24
N LEU F 35 44.82 2.92 -25.92
CA LEU F 35 46.09 3.24 -25.27
C LEU F 35 46.35 2.21 -24.18
N ASN F 36 47.40 1.42 -24.36
CA ASN F 36 47.91 0.53 -23.33
C ASN F 36 48.92 1.26 -22.46
N MET F 37 49.36 0.59 -21.39
CA MET F 37 50.28 1.19 -20.43
C MET F 37 51.59 1.57 -21.10
N PRO F 38 52.35 2.52 -20.56
CA PRO F 38 53.71 2.68 -21.05
C PRO F 38 54.52 1.43 -20.76
N GLU F 39 55.18 0.92 -21.80
CA GLU F 39 55.94 -0.32 -21.64
C GLU F 39 57.14 -0.10 -20.72
N SER F 40 57.69 1.10 -20.71
CA SER F 40 58.74 1.49 -19.78
C SER F 40 58.12 2.31 -18.66
N GLU F 41 58.46 1.96 -17.43
CA GLU F 41 57.97 2.71 -16.28
C GLU F 41 58.56 4.11 -16.22
N ASN F 42 59.74 4.32 -16.82
CA ASN F 42 60.57 5.48 -16.55
C ASN F 42 61.16 5.99 -17.86
N TYR F 43 61.71 7.19 -17.82
CA TYR F 43 62.47 7.73 -18.95
C TYR F 43 63.77 6.95 -19.13
N ARG F 44 64.22 6.86 -20.38
CA ARG F 44 65.46 6.19 -20.75
C ARG F 44 66.22 7.03 -21.76
N ARG F 45 67.55 7.08 -21.61
CA ARG F 45 68.44 7.74 -22.56
C ARG F 45 69.07 6.67 -23.44
N VAL F 46 68.40 6.32 -24.52
CA VAL F 46 68.76 5.18 -25.34
C VAL F 46 69.62 5.65 -26.50
N VAL F 47 70.68 4.92 -26.79
CA VAL F 47 71.50 5.09 -27.99
C VAL F 47 71.18 3.94 -28.92
N VAL F 48 70.78 4.26 -30.15
CA VAL F 48 70.50 3.29 -31.19
C VAL F 48 71.70 3.25 -32.11
N ASN F 49 72.09 2.06 -32.55
CA ASN F 49 73.35 1.86 -33.26
C ASN F 49 73.25 0.74 -34.28
N ASN F 50 74.00 0.89 -35.37
CA ASN F 50 74.14 -0.15 -36.39
C ASN F 50 75.55 -0.19 -36.94
N MET F 51 76.54 0.06 -36.08
CA MET F 51 77.94 0.22 -36.50
C MET F 51 78.46 -0.98 -37.27
N ASP F 52 78.00 -2.19 -36.92
CA ASP F 52 78.45 -3.37 -37.65
C ASP F 52 77.95 -3.36 -39.09
N LYS F 53 76.65 -3.07 -39.30
CA LYS F 53 76.12 -2.99 -40.66
C LYS F 53 76.74 -1.81 -41.41
N THR F 54 77.17 -0.78 -40.72
CA THR F 54 77.86 0.33 -41.36
C THR F 54 79.30 -0.01 -41.72
N ALA F 55 79.91 -0.98 -41.04
CA ALA F 55 81.32 -1.27 -41.26
C ALA F 55 81.61 -1.83 -42.65
N VAL F 56 80.62 -2.41 -43.32
CA VAL F 56 80.83 -2.90 -44.68
C VAL F 56 81.10 -1.70 -45.57
N ASN F 57 82.20 -1.75 -46.33
CA ASN F 57 82.56 -0.65 -47.20
C ASN F 57 81.49 -0.40 -48.25
N GLY F 58 81.08 0.86 -48.39
CA GLY F 58 80.07 1.28 -49.33
C GLY F 58 78.72 1.59 -48.73
N ASN F 59 78.50 1.27 -47.47
CA ASN F 59 77.22 1.45 -46.80
C ASN F 59 77.08 2.83 -46.14
N MET F 60 77.69 3.87 -46.72
CA MET F 60 77.64 5.21 -46.14
C MET F 60 76.21 5.68 -45.88
N ALA F 61 75.29 5.41 -46.80
CA ALA F 61 73.97 6.00 -46.72
C ALA F 61 73.09 5.37 -45.64
N LEU F 62 73.42 4.17 -45.17
CA LEU F 62 72.56 3.42 -44.27
C LEU F 62 72.84 3.70 -42.79
N ASP F 63 73.48 4.81 -42.46
CA ASP F 63 73.81 5.12 -41.07
C ASP F 63 72.53 5.40 -40.28
N ASP F 64 72.36 4.67 -39.18
CA ASP F 64 71.21 4.82 -38.28
C ASP F 64 71.59 5.29 -36.88
N ILE F 65 72.86 5.61 -36.62
CA ILE F 65 73.28 5.88 -35.25
C ILE F 65 72.63 7.17 -34.78
N HIS F 66 71.84 7.08 -33.71
CA HIS F 66 71.25 8.25 -33.08
C HIS F 66 70.91 7.91 -31.65
N ALA F 67 70.70 8.96 -30.86
CA ALA F 67 70.35 8.86 -29.46
C ALA F 67 69.03 9.57 -29.24
N GLN F 68 68.20 9.03 -28.37
CA GLN F 68 66.87 9.56 -28.15
C GLN F 68 66.45 9.28 -26.72
N ILE F 69 65.59 10.16 -26.20
CA ILE F 69 64.97 9.96 -24.90
C ILE F 69 63.66 9.23 -25.13
N VAL F 70 63.62 7.94 -24.78
CA VAL F 70 62.36 7.21 -24.78
C VAL F 70 61.54 7.69 -23.58
N THR F 71 60.34 8.18 -23.85
CA THR F 71 59.51 8.88 -22.90
C THR F 71 58.29 8.04 -22.53
N PRO F 72 57.88 7.97 -21.22
CA PRO F 72 56.63 7.26 -20.89
C PRO F 72 55.37 8.09 -21.15
N TRP F 73 55.19 8.49 -22.40
CA TRP F 73 53.99 9.20 -22.84
C TRP F 73 53.72 8.77 -24.28
N SER F 74 52.52 9.04 -24.75
CA SER F 74 52.13 8.82 -26.13
C SER F 74 51.43 10.06 -26.65
N LEU F 75 51.49 10.22 -27.97
CA LEU F 75 51.09 11.45 -28.66
C LEU F 75 50.01 11.13 -29.67
N VAL F 76 48.93 11.93 -29.67
CA VAL F 76 47.86 11.83 -30.65
C VAL F 76 48.06 12.96 -31.65
N ASP F 77 48.41 12.59 -32.88
CA ASP F 77 48.76 13.53 -33.94
C ASP F 77 47.73 13.40 -35.06
N ALA F 78 47.05 14.49 -35.37
CA ALA F 78 46.12 14.56 -36.46
C ALA F 78 46.69 15.28 -37.68
N ASN F 79 48.00 15.52 -37.70
CA ASN F 79 48.59 16.40 -38.71
C ASN F 79 48.88 15.64 -40.01
N ALA F 80 47.82 15.18 -40.64
CA ALA F 80 47.92 14.61 -41.98
C ALA F 80 46.56 14.71 -42.65
N TRP F 81 46.58 14.88 -43.99
CA TRP F 81 45.35 15.16 -44.73
C TRP F 81 44.37 14.00 -44.61
N GLY F 82 44.86 12.77 -44.57
CA GLY F 82 43.97 11.62 -44.53
C GLY F 82 43.12 11.54 -43.28
N VAL F 83 43.56 12.19 -42.20
CA VAL F 83 42.78 12.16 -40.97
C VAL F 83 41.49 12.95 -41.11
N TRP F 84 41.38 13.85 -42.10
CA TRP F 84 40.37 14.89 -42.12
C TRP F 84 39.38 14.81 -43.28
N PHE F 85 39.80 14.33 -44.45
CA PHE F 85 38.95 14.28 -45.63
C PHE F 85 38.96 12.88 -46.23
N ASN F 86 37.79 12.38 -46.59
CA ASN F 86 37.70 11.12 -47.31
C ASN F 86 38.03 11.39 -48.77
N PRO F 87 38.19 10.35 -49.60
CA PRO F 87 38.55 10.59 -50.99
C PRO F 87 37.55 11.41 -51.78
N GLY F 88 36.25 11.27 -51.50
CA GLY F 88 35.27 12.08 -52.19
C GLY F 88 35.35 13.54 -51.80
N ASP F 89 35.60 13.80 -50.52
CA ASP F 89 35.82 15.18 -50.08
C ASP F 89 37.04 15.75 -50.77
N TRP F 90 38.09 14.95 -50.90
CA TRP F 90 39.29 15.43 -51.57
C TRP F 90 39.01 15.72 -53.03
N GLN F 91 38.21 14.87 -53.67
CA GLN F 91 37.81 15.09 -55.05
C GLN F 91 37.13 16.45 -55.19
N LEU F 92 36.17 16.71 -54.32
CA LEU F 92 35.45 17.99 -54.38
C LEU F 92 36.38 19.16 -54.16
N ILE F 93 37.27 19.06 -53.17
CA ILE F 93 38.17 20.15 -52.83
C ILE F 93 39.10 20.46 -53.98
N VAL F 94 39.83 19.46 -54.45
CA VAL F 94 40.85 19.72 -55.46
C VAL F 94 40.22 20.05 -56.81
N ASN F 95 39.10 19.43 -57.15
CA ASN F 95 38.46 19.77 -58.41
C ASN F 95 37.94 21.21 -58.41
N THR F 96 37.25 21.61 -57.35
CA THR F 96 36.51 22.87 -57.38
C THR F 96 37.30 24.07 -56.90
N MET F 97 38.17 23.90 -55.92
CA MET F 97 38.86 25.02 -55.30
C MET F 97 40.17 25.34 -56.01
N SER F 98 40.64 26.57 -55.81
CA SER F 98 41.86 27.10 -56.40
C SER F 98 42.90 27.50 -55.36
N GLU F 99 42.50 28.23 -54.32
CA GLU F 99 43.36 28.64 -53.22
C GLU F 99 42.78 28.09 -51.93
N LEU F 100 43.67 27.77 -50.98
CA LEU F 100 43.28 27.15 -49.72
C LEU F 100 44.00 27.85 -48.58
N HIS F 101 43.25 28.30 -47.58
CA HIS F 101 43.77 28.99 -46.41
C HIS F 101 43.45 28.15 -45.18
N LEU F 102 44.47 27.82 -44.40
CA LEU F 102 44.27 27.07 -43.17
C LEU F 102 43.85 28.01 -42.06
N VAL F 103 42.69 27.77 -41.47
CA VAL F 103 42.03 28.76 -40.63
C VAL F 103 42.20 28.45 -39.15
N SER F 104 41.68 27.32 -38.67
CA SER F 104 41.65 27.08 -37.23
C SER F 104 41.57 25.60 -36.93
N PHE F 105 41.82 25.26 -35.66
CA PHE F 105 41.92 23.89 -35.22
C PHE F 105 41.54 23.76 -33.75
N GLU F 106 40.82 22.70 -33.40
CA GLU F 106 40.51 22.38 -32.02
C GLU F 106 40.38 20.87 -31.85
N GLN F 107 40.40 20.44 -30.60
CA GLN F 107 40.37 19.03 -30.23
C GLN F 107 39.63 18.86 -28.92
N GLU F 108 39.17 17.65 -28.65
CA GLU F 108 38.79 17.31 -27.30
C GLU F 108 38.84 15.81 -27.14
N ILE F 109 39.11 15.37 -25.92
CA ILE F 109 39.05 13.97 -25.53
C ILE F 109 37.78 13.79 -24.71
N PHE F 110 37.03 12.73 -24.98
CA PHE F 110 35.73 12.56 -24.36
C PHE F 110 35.38 11.08 -24.32
N ASN F 111 34.46 10.75 -23.42
CA ASN F 111 34.03 9.37 -23.16
C ASN F 111 35.22 8.46 -22.89
N VAL F 112 36.14 8.94 -22.06
CA VAL F 112 37.28 8.15 -21.65
C VAL F 112 36.80 6.92 -20.87
N VAL F 113 37.52 5.82 -21.02
CA VAL F 113 37.22 4.55 -20.35
C VAL F 113 38.53 3.99 -19.86
N LEU F 114 38.52 3.34 -18.71
CA LEU F 114 39.66 2.62 -18.16
C LEU F 114 39.26 1.22 -17.78
N LYS F 115 40.11 0.25 -18.07
CA LYS F 115 39.83 -1.15 -17.80
C LYS F 115 41.12 -1.84 -17.37
N THR F 116 40.95 -3.05 -16.81
CA THR F 116 42.06 -3.83 -16.29
C THR F 116 41.93 -5.27 -16.77
N VAL F 117 43.08 -5.95 -16.85
CA VAL F 117 43.16 -7.34 -17.25
C VAL F 117 43.52 -8.16 -16.03
N SER F 118 42.92 -9.34 -15.92
CA SER F 118 43.26 -10.31 -14.88
C SER F 118 43.17 -11.70 -15.48
N GLU F 119 43.76 -12.67 -14.78
CA GLU F 119 43.73 -14.07 -15.18
C GLU F 119 43.25 -14.93 -14.02
N THR F 126 42.22 -18.19 -18.53
CA THR F 126 41.85 -17.22 -19.59
C THR F 126 41.76 -15.81 -19.03
N LYS F 127 42.03 -14.82 -19.88
CA LYS F 127 41.97 -13.43 -19.45
C LYS F 127 40.52 -12.98 -19.29
N VAL F 128 40.27 -12.21 -18.23
CA VAL F 128 38.95 -11.68 -17.92
C VAL F 128 39.11 -10.24 -17.44
N TYR F 129 38.18 -9.38 -17.86
CA TYR F 129 38.35 -7.94 -17.81
C TYR F 129 37.35 -7.30 -16.87
N ASN F 130 37.75 -6.15 -16.32
CA ASN F 130 36.91 -5.34 -15.45
C ASN F 130 37.04 -3.89 -15.86
N ASN F 131 36.11 -3.06 -15.37
CA ASN F 131 36.08 -1.63 -15.64
C ASN F 131 36.40 -0.89 -14.35
N ASP F 132 37.41 -0.03 -14.41
CA ASP F 132 37.94 0.67 -13.25
C ASP F 132 37.40 2.09 -13.26
N LEU F 133 36.46 2.37 -12.36
CA LEU F 133 35.94 3.72 -12.24
C LEU F 133 36.87 4.68 -11.51
N THR F 134 37.98 4.19 -10.95
CA THR F 134 38.85 5.02 -10.12
C THR F 134 40.12 5.46 -10.83
N ALA F 135 40.63 4.69 -11.78
CA ALA F 135 41.86 5.05 -12.45
C ALA F 135 41.66 6.31 -13.28
N SER F 136 42.79 6.90 -13.73
CA SER F 136 42.78 8.18 -14.41
C SER F 136 43.70 8.16 -15.62
N LEU F 137 43.21 8.70 -16.73
CA LEU F 137 44.04 9.03 -17.87
C LEU F 137 44.61 10.42 -17.68
N MET F 138 45.91 10.56 -17.91
CA MET F 138 46.62 11.82 -17.77
C MET F 138 46.80 12.41 -19.16
N VAL F 139 46.37 13.66 -19.34
CA VAL F 139 46.46 14.35 -20.62
C VAL F 139 47.14 15.68 -20.40
N ALA F 140 47.94 16.11 -21.38
CA ALA F 140 48.70 17.35 -21.31
C ALA F 140 48.74 17.98 -22.68
N LEU F 141 48.88 19.31 -22.69
CA LEU F 141 48.77 20.08 -23.93
C LEU F 141 49.72 21.28 -23.81
N ASP F 142 50.77 21.29 -24.63
CA ASP F 142 51.82 22.30 -24.51
C ASP F 142 51.46 23.50 -25.38
N SER F 143 50.67 24.40 -24.81
CA SER F 143 50.30 25.62 -25.52
C SER F 143 51.50 26.51 -25.83
N ASN F 144 52.58 26.40 -25.06
CA ASN F 144 53.78 27.19 -25.27
C ASN F 144 54.74 26.58 -26.29
N ASN F 145 54.57 25.30 -26.64
CA ASN F 145 55.53 24.55 -27.44
C ASN F 145 56.93 24.60 -26.81
N THR F 146 56.96 24.46 -25.48
CA THR F 146 58.23 24.19 -24.80
C THR F 146 58.82 22.87 -25.25
N MET F 147 57.99 21.84 -25.36
CA MET F 147 58.49 20.53 -25.75
C MET F 147 58.91 20.55 -27.22
N PRO F 148 59.88 19.73 -27.62
CA PRO F 148 60.27 19.71 -29.03
C PRO F 148 59.15 19.25 -29.93
N PHE F 149 59.11 19.79 -31.14
CA PHE F 149 58.05 19.45 -32.07
C PHE F 149 58.35 18.11 -32.73
N THR F 150 57.29 17.37 -33.04
CA THR F 150 57.41 15.98 -33.49
C THR F 150 56.28 15.66 -34.45
N PRO F 151 56.42 15.99 -35.74
CA PRO F 151 55.35 15.67 -36.68
C PRO F 151 55.36 14.19 -37.03
N ALA F 152 54.32 13.48 -36.59
CA ALA F 152 54.32 12.01 -36.68
C ALA F 152 54.19 11.49 -38.10
N ALA F 153 53.88 12.34 -39.07
CA ALA F 153 53.73 11.86 -40.44
C ALA F 153 55.06 11.41 -41.03
N MET F 154 56.18 11.95 -40.56
CA MET F 154 57.47 11.58 -41.13
C MET F 154 57.81 10.11 -40.86
N ARG F 155 57.73 9.68 -39.61
CA ARG F 155 57.84 8.27 -39.29
C ARG F 155 56.55 7.50 -39.57
N SER F 156 55.54 8.15 -40.15
CA SER F 156 54.36 7.48 -40.69
C SER F 156 53.53 6.88 -39.58
N GLU F 157 53.12 7.72 -38.62
CA GLU F 157 52.50 7.27 -37.38
C GLU F 157 51.42 8.22 -36.88
N THR F 158 50.69 8.88 -37.78
CA THR F 158 49.57 9.71 -37.38
C THR F 158 48.38 8.82 -37.01
N LEU F 159 47.29 9.46 -36.57
CA LEU F 159 46.06 8.73 -36.32
C LEU F 159 45.54 8.10 -37.59
N GLY F 160 44.84 6.98 -37.46
CA GLY F 160 44.38 6.25 -38.62
C GLY F 160 43.33 7.01 -39.42
N PHE F 161 43.23 6.66 -40.70
CA PHE F 161 42.39 7.41 -41.62
C PHE F 161 40.95 6.92 -41.61
N TYR F 162 40.74 5.61 -41.66
CA TYR F 162 39.40 5.07 -41.78
C TYR F 162 38.62 5.38 -40.49
N PRO F 163 37.52 6.13 -40.53
CA PRO F 163 36.87 6.50 -39.26
C PRO F 163 36.32 5.33 -38.45
N TRP F 164 36.03 4.22 -39.10
CA TRP F 164 35.42 3.07 -38.41
C TRP F 164 36.43 2.15 -37.74
N LYS F 165 37.72 2.28 -38.03
CA LYS F 165 38.77 1.47 -37.45
C LYS F 165 39.40 2.19 -36.26
N PRO F 166 39.49 1.60 -35.06
CA PRO F 166 40.24 2.26 -34.00
C PRO F 166 41.73 2.35 -34.32
N THR F 167 42.38 3.32 -33.70
CA THR F 167 43.77 3.65 -33.95
C THR F 167 44.49 3.80 -32.62
N ILE F 168 45.82 3.86 -32.67
CA ILE F 168 46.66 3.97 -31.47
C ILE F 168 47.53 5.21 -31.56
N PRO F 169 47.90 5.86 -30.45
CA PRO F 169 48.77 7.02 -30.53
C PRO F 169 50.22 6.63 -30.79
N THR F 170 50.98 7.62 -31.21
CA THR F 170 52.43 7.47 -31.38
C THR F 170 53.09 7.29 -30.02
N PRO F 171 53.91 6.26 -29.79
CA PRO F 171 54.74 6.29 -28.59
C PRO F 171 55.79 7.37 -28.72
N TRP F 172 55.87 8.25 -27.73
CA TRP F 172 56.60 9.50 -27.90
C TRP F 172 58.07 9.35 -27.57
N ARG F 173 58.89 10.11 -28.28
CA ARG F 173 60.33 9.97 -28.30
C ARG F 173 60.89 11.24 -28.90
N TYR F 174 62.11 11.60 -28.53
CA TYR F 174 62.75 12.76 -29.12
C TYR F 174 64.26 12.63 -29.10
N TYR F 175 64.92 13.37 -29.97
CA TYR F 175 66.36 13.26 -30.14
C TYR F 175 67.12 13.89 -28.99
N PHE F 176 68.20 13.22 -28.58
CA PHE F 176 69.16 13.70 -27.58
C PHE F 176 70.48 13.90 -28.30
N GLN F 177 70.99 15.13 -28.28
CA GLN F 177 72.00 15.53 -29.25
C GLN F 177 73.33 14.81 -29.02
N TRP F 178 73.94 14.36 -30.10
CA TRP F 178 75.06 13.44 -30.06
C TRP F 178 76.06 13.79 -31.16
N ASP F 179 77.22 13.14 -31.09
CA ASP F 179 78.34 13.36 -32.01
C ASP F 179 78.74 12.01 -32.61
N ARG F 180 78.87 11.97 -33.94
CA ARG F 180 79.19 10.74 -34.64
C ARG F 180 79.80 11.09 -35.99
N THR F 181 80.79 10.30 -36.41
CA THR F 181 81.50 10.50 -37.68
C THR F 181 81.52 9.22 -38.48
N LEU F 182 81.49 9.37 -39.80
CA LEU F 182 81.51 8.22 -40.72
C LEU F 182 82.16 8.68 -42.03
N ILE F 183 83.42 8.33 -42.20
CA ILE F 183 84.19 8.73 -43.39
C ILE F 183 83.82 7.79 -44.56
N PRO F 184 83.49 8.29 -45.75
CA PRO F 184 83.03 7.38 -46.81
C PRO F 184 84.17 6.58 -47.46
N SER F 185 83.75 5.52 -48.14
CA SER F 185 84.62 4.71 -48.99
C SER F 185 83.73 3.96 -49.98
N HIS F 186 84.30 3.62 -51.14
CA HIS F 186 83.61 2.77 -52.11
C HIS F 186 84.01 1.31 -51.91
N THR F 187 83.08 0.42 -52.27
CA THR F 187 83.29 -1.01 -52.08
C THR F 187 84.50 -1.49 -52.87
N GLY F 188 85.23 -2.45 -52.30
CA GLY F 188 86.49 -2.91 -52.85
C GLY F 188 87.71 -2.19 -52.34
N THR F 189 87.56 -1.09 -51.61
CA THR F 189 88.70 -0.48 -50.93
C THR F 189 89.22 -1.40 -49.83
N SER F 190 90.54 -1.45 -49.70
CA SER F 190 91.16 -2.33 -48.72
C SER F 190 91.07 -1.77 -47.31
N GLY F 191 91.26 -0.46 -47.15
CA GLY F 191 91.24 0.18 -45.84
C GLY F 191 89.87 0.64 -45.42
N THR F 192 89.30 -0.01 -44.40
CA THR F 192 87.97 0.36 -43.93
C THR F 192 88.02 1.72 -43.24
N PRO F 193 87.19 2.69 -43.62
CA PRO F 193 87.35 4.05 -43.08
C PRO F 193 86.84 4.18 -41.65
N THR F 194 87.07 5.37 -41.09
CA THR F 194 86.68 5.68 -39.71
C THR F 194 85.16 5.65 -39.55
N ASN F 195 84.68 4.81 -38.61
CA ASN F 195 83.25 4.63 -38.32
C ASN F 195 83.11 4.50 -36.80
N ILE F 196 82.91 5.64 -36.11
CA ILE F 196 82.91 5.67 -34.64
C ILE F 196 81.89 6.68 -34.12
N TYR F 197 81.57 6.49 -32.84
CA TYR F 197 80.65 7.33 -32.08
C TYR F 197 81.42 8.05 -30.99
N HIS F 198 81.33 9.38 -30.98
CA HIS F 198 82.12 10.18 -30.07
C HIS F 198 81.48 10.40 -28.70
N GLY F 199 80.17 10.23 -28.57
CA GLY F 199 79.46 10.58 -27.35
C GLY F 199 78.62 11.84 -27.55
N THR F 200 78.74 12.76 -26.60
CA THR F 200 77.99 14.01 -26.64
C THR F 200 78.75 15.10 -25.90
N ASP F 201 78.49 16.35 -26.27
CA ASP F 201 79.06 17.53 -25.63
C ASP F 201 78.07 18.07 -24.60
N PRO F 202 78.49 18.46 -23.39
CA PRO F 202 77.50 18.86 -22.38
C PRO F 202 76.69 20.09 -22.74
N ASP F 203 77.19 20.95 -23.62
CA ASP F 203 76.45 22.17 -23.94
C ASP F 203 75.13 21.87 -24.64
N ASP F 204 75.05 20.76 -25.36
CA ASP F 204 73.86 20.38 -26.10
C ASP F 204 72.93 19.47 -25.32
N VAL F 205 73.23 19.15 -24.05
CA VAL F 205 72.34 18.32 -23.26
C VAL F 205 71.03 19.06 -23.04
N GLN F 206 69.93 18.38 -23.33
CA GLN F 206 68.61 18.97 -23.10
C GLN F 206 67.59 17.87 -22.83
N PHE F 207 67.33 17.61 -21.56
CA PHE F 207 66.44 16.54 -21.11
C PHE F 207 65.10 17.15 -20.69
N TYR F 208 64.18 17.20 -21.63
CA TYR F 208 62.81 17.59 -21.30
C TYR F 208 62.08 16.47 -20.59
N THR F 209 61.06 16.83 -19.84
CA THR F 209 60.09 15.88 -19.30
C THR F 209 58.71 16.52 -19.37
N ILE F 210 57.71 15.71 -19.70
CA ILE F 210 56.34 16.22 -19.75
C ILE F 210 55.89 16.68 -18.37
N GLU F 211 56.30 15.96 -17.33
CA GLU F 211 55.89 16.30 -15.97
C GLU F 211 56.40 17.68 -15.57
N ASN F 212 57.61 18.03 -15.99
CA ASN F 212 58.21 19.30 -15.58
C ASN F 212 57.70 20.48 -16.40
N SER F 213 57.34 20.25 -17.66
CA SER F 213 57.26 21.33 -18.63
C SER F 213 55.87 21.94 -18.78
N VAL F 214 54.81 21.16 -18.59
CA VAL F 214 53.46 21.53 -19.04
C VAL F 214 52.43 21.09 -17.99
N PRO F 215 51.28 21.75 -17.85
CA PRO F 215 50.25 21.21 -16.94
C PRO F 215 49.67 19.90 -17.45
N VAL F 216 49.14 19.11 -16.52
CA VAL F 216 48.58 17.80 -16.79
C VAL F 216 47.21 17.74 -16.12
N HIS F 217 46.21 17.25 -16.85
CA HIS F 217 44.86 17.04 -16.34
C HIS F 217 44.59 15.56 -16.24
N LEU F 218 43.92 15.17 -15.16
CA LEU F 218 43.46 13.80 -14.95
C LEU F 218 41.97 13.77 -15.25
N LEU F 219 41.52 12.77 -16.01
CA LEU F 219 40.16 12.74 -16.51
C LEU F 219 39.27 11.71 -15.84
N ARG F 220 39.84 10.74 -15.11
CA ARG F 220 39.17 9.81 -14.20
C ARG F 220 37.84 9.23 -14.70
N THR F 221 37.82 8.72 -15.92
CA THR F 221 36.78 7.82 -16.40
C THR F 221 35.42 8.49 -16.59
N GLY F 222 35.30 9.79 -16.38
CA GLY F 222 34.04 10.47 -16.65
C GLY F 222 34.12 11.91 -17.11
N ASP F 223 35.31 12.46 -17.36
CA ASP F 223 35.46 13.88 -17.65
C ASP F 223 35.69 14.10 -19.14
N GLU F 224 35.86 15.37 -19.51
CA GLU F 224 36.19 15.81 -20.84
C GLU F 224 37.33 16.80 -20.72
N PHE F 225 38.15 16.86 -21.76
CA PHE F 225 39.18 17.89 -21.89
C PHE F 225 39.10 18.43 -23.30
N ALA F 226 39.21 19.75 -23.44
CA ALA F 226 39.27 20.39 -24.73
C ALA F 226 40.37 21.43 -24.76
N THR F 227 41.04 21.53 -25.89
CA THR F 227 41.81 22.72 -26.20
C THR F 227 40.88 23.78 -26.78
N GLY F 228 41.21 25.04 -26.54
CA GLY F 228 40.57 26.09 -27.27
C GLY F 228 40.95 26.05 -28.73
N THR F 229 40.23 26.83 -29.53
CA THR F 229 40.56 26.96 -30.94
C THR F 229 41.88 27.70 -31.10
N PHE F 230 42.82 27.10 -31.82
CA PHE F 230 43.96 27.85 -32.36
C PHE F 230 43.58 28.45 -33.70
N PHE F 231 44.20 29.59 -34.03
CA PHE F 231 44.03 30.26 -35.32
C PHE F 231 45.39 30.42 -35.96
N PHE F 232 45.50 30.01 -37.22
CA PHE F 232 46.78 29.92 -37.90
C PHE F 232 47.13 31.25 -38.57
N ASP F 233 48.37 31.32 -39.09
CA ASP F 233 48.92 32.52 -39.70
C ASP F 233 49.64 32.25 -41.02
N CYS F 234 49.53 31.05 -41.57
CA CYS F 234 50.37 30.66 -42.70
C CYS F 234 49.95 31.36 -43.99
N LYS F 235 50.91 31.50 -44.90
CA LYS F 235 50.60 32.00 -46.23
C LYS F 235 49.77 30.99 -46.99
N PRO F 236 48.95 31.42 -47.94
CA PRO F 236 48.01 30.50 -48.57
C PRO F 236 48.67 29.47 -49.47
N CYS F 237 47.95 28.37 -49.68
CA CYS F 237 48.35 27.28 -50.57
C CYS F 237 47.50 27.30 -51.82
N ARG F 238 48.13 27.08 -52.97
CA ARG F 238 47.49 27.12 -54.27
C ARG F 238 47.39 25.71 -54.84
N LEU F 239 46.19 25.35 -55.31
CA LEU F 239 45.87 24.01 -55.78
C LEU F 239 46.01 23.85 -57.28
N THR F 240 46.95 24.58 -57.90
CA THR F 240 47.16 24.52 -59.34
C THR F 240 48.65 24.48 -59.61
N HIS F 241 49.00 24.01 -60.81
CA HIS F 241 50.39 23.74 -61.19
C HIS F 241 50.87 24.69 -62.27
N THR F 242 52.16 24.99 -62.22
CA THR F 242 52.84 25.80 -63.23
C THR F 242 53.31 24.91 -64.36
N TRP F 243 52.82 25.18 -65.58
CA TRP F 243 53.28 24.48 -66.78
C TRP F 243 54.39 25.22 -67.52
N GLN F 244 54.54 26.52 -67.32
CA GLN F 244 55.50 27.30 -68.09
C GLN F 244 56.91 27.09 -67.55
N THR F 245 57.89 27.16 -68.46
CA THR F 245 59.30 27.04 -68.11
C THR F 245 59.75 28.22 -67.25
N GLY F 301 63.69 27.86 -62.06
CA GLY F 301 64.20 27.41 -60.74
C GLY F 301 65.60 26.82 -60.85
N TYR F 302 66.53 27.32 -60.04
CA TYR F 302 67.93 26.94 -60.22
C TYR F 302 68.22 25.55 -59.66
N SER F 303 69.12 24.85 -60.35
CA SER F 303 69.43 23.46 -60.04
C SER F 303 70.24 23.35 -58.76
N ALA F 304 70.17 22.17 -58.16
CA ALA F 304 70.89 21.80 -56.95
C ALA F 304 71.62 20.48 -57.17
N PRO F 305 72.72 20.22 -56.45
CA PRO F 305 73.46 18.98 -56.69
C PRO F 305 72.75 17.77 -56.12
N TYR F 306 72.20 16.91 -56.98
CA TYR F 306 71.36 15.82 -56.48
C TYR F 306 72.19 14.72 -55.85
N TYR F 307 71.64 14.10 -54.81
CA TYR F 307 72.26 13.04 -54.03
C TYR F 307 73.60 13.48 -53.41
N SER F 308 73.74 14.77 -53.14
CA SER F 308 74.83 15.26 -52.30
C SER F 308 74.50 15.00 -50.82
N PHE F 309 75.51 14.61 -50.07
CA PHE F 309 75.42 14.43 -48.62
C PHE F 309 76.40 15.36 -47.93
N GLU F 310 76.01 15.82 -46.74
CA GLU F 310 76.84 16.68 -45.91
C GLU F 310 76.94 16.09 -44.51
N ALA F 311 78.10 16.29 -43.89
CA ALA F 311 78.39 15.75 -42.58
C ALA F 311 78.04 16.77 -41.51
N SER F 312 76.98 16.50 -40.75
CA SER F 312 76.76 17.21 -39.50
C SER F 312 77.70 16.65 -38.44
N THR F 313 77.74 17.32 -37.28
CA THR F 313 78.33 16.69 -36.11
C THR F 313 77.56 15.42 -35.73
N GLN F 314 76.26 15.41 -35.98
CA GLN F 314 75.43 14.25 -35.71
C GLN F 314 75.61 13.13 -36.74
N GLY F 315 76.25 13.41 -37.89
CA GLY F 315 76.49 12.42 -38.91
C GLY F 315 76.01 12.86 -40.27
N PRO F 316 76.16 12.01 -41.28
CA PRO F 316 75.82 12.43 -42.65
C PRO F 316 74.32 12.54 -42.83
N PHE F 317 73.90 13.50 -43.65
CA PHE F 317 72.51 13.67 -44.00
C PHE F 317 72.36 14.02 -45.48
N LYS F 318 71.35 13.43 -46.10
CA LYS F 318 70.97 13.77 -47.46
C LYS F 318 70.56 15.23 -47.54
N THR F 319 71.10 15.93 -48.53
CA THR F 319 70.69 17.30 -48.76
C THR F 319 69.28 17.33 -49.34
N PRO F 320 68.34 18.12 -48.81
CA PRO F 320 67.01 18.16 -49.43
C PRO F 320 67.05 18.85 -50.78
N ILE F 321 66.07 18.51 -51.62
CA ILE F 321 65.99 19.00 -52.99
C ILE F 321 64.58 19.52 -53.24
N ALA F 322 64.48 20.65 -53.96
CA ALA F 322 63.20 21.32 -54.11
C ALA F 322 62.28 20.66 -55.14
N ALA F 323 62.83 20.12 -56.22
CA ALA F 323 62.01 19.61 -57.31
C ALA F 323 62.80 18.55 -58.08
N GLY F 324 62.07 17.77 -58.88
CA GLY F 324 62.68 16.71 -59.66
C GLY F 324 61.81 16.30 -60.81
N ARG F 325 62.42 15.59 -61.76
CA ARG F 325 61.72 15.06 -62.92
C ARG F 325 60.68 14.03 -62.48
N ALA F 336 62.70 5.78 -57.06
CA ALA F 336 63.48 6.08 -55.84
C ALA F 336 63.90 7.55 -55.79
N ASP F 337 64.54 8.00 -56.86
CA ASP F 337 65.28 9.26 -56.86
C ASP F 337 64.41 10.45 -57.24
N GLY F 338 64.77 11.61 -56.69
CA GLY F 338 64.22 12.90 -57.07
C GLY F 338 62.92 13.29 -56.41
N ASN F 339 61.81 12.71 -56.87
CA ASN F 339 60.50 13.08 -56.36
C ASN F 339 60.23 12.41 -55.02
N PRO F 340 59.40 12.99 -54.16
CA PRO F 340 59.23 12.42 -52.81
C PRO F 340 58.50 11.10 -52.84
N ARG F 341 58.87 10.22 -51.91
CA ARG F 341 58.34 8.87 -51.82
C ARG F 341 57.83 8.61 -50.42
N TYR F 342 56.68 7.95 -50.34
CA TYR F 342 56.01 7.63 -49.10
C TYR F 342 55.84 6.13 -48.97
N ALA F 343 55.84 5.64 -47.74
CA ALA F 343 55.50 4.25 -47.43
C ALA F 343 54.65 4.26 -46.18
N PHE F 344 53.66 3.38 -46.12
CA PHE F 344 52.68 3.40 -45.06
C PHE F 344 52.19 2.00 -44.74
N GLY F 345 51.64 1.85 -43.53
CA GLY F 345 51.09 0.59 -43.06
C GLY F 345 49.60 0.46 -43.30
N ARG F 346 49.02 -0.56 -42.67
CA ARG F 346 47.63 -0.92 -42.89
C ARG F 346 46.65 0.07 -42.28
N GLN F 347 47.07 0.86 -41.30
CA GLN F 347 46.23 1.94 -40.82
C GLN F 347 46.15 3.10 -41.79
N HIS F 348 46.98 3.14 -42.82
CA HIS F 348 47.30 4.36 -43.55
C HIS F 348 47.28 4.14 -45.06
N GLY F 349 46.32 3.36 -45.56
CA GLY F 349 46.02 3.27 -46.97
C GLY F 349 46.37 1.94 -47.61
N GLN F 350 47.27 1.18 -47.01
CA GLN F 350 47.52 -0.18 -47.48
C GLN F 350 46.26 -1.01 -47.26
N LYS F 351 46.06 -1.98 -48.15
CA LYS F 351 44.89 -2.86 -48.11
C LYS F 351 44.85 -3.57 -46.76
N THR F 352 43.80 -3.31 -45.98
CA THR F 352 43.79 -3.69 -44.58
C THR F 352 43.86 -5.18 -44.36
N THR F 353 43.48 -5.99 -45.35
CA THR F 353 43.48 -7.44 -45.23
C THR F 353 44.74 -8.09 -45.78
N THR F 354 45.66 -7.34 -46.39
CA THR F 354 46.82 -7.97 -46.99
C THR F 354 47.80 -8.45 -45.93
N THR F 355 48.36 -9.63 -46.14
CA THR F 355 49.29 -10.20 -45.19
C THR F 355 50.67 -9.59 -45.37
N GLY F 356 51.55 -9.90 -44.43
CA GLY F 356 52.95 -9.54 -44.53
C GLY F 356 53.30 -8.25 -43.81
N GLU F 357 54.61 -8.06 -43.63
CA GLU F 357 55.17 -6.90 -42.97
C GLU F 357 55.61 -5.80 -43.94
N THR F 358 55.59 -6.06 -45.24
CA THR F 358 56.11 -5.09 -46.19
C THR F 358 55.16 -3.91 -46.32
N PRO F 359 55.61 -2.66 -46.18
CA PRO F 359 54.69 -1.54 -46.38
C PRO F 359 54.40 -1.28 -47.85
N GLU F 360 53.23 -0.71 -48.11
CA GLU F 360 52.86 -0.25 -49.44
C GLU F 360 53.37 1.16 -49.66
N ARG F 361 53.81 1.44 -50.90
CA ARG F 361 54.66 2.59 -51.20
C ARG F 361 54.23 3.27 -52.48
N PHE F 362 54.52 4.56 -52.60
CA PHE F 362 54.31 5.28 -53.83
C PHE F 362 55.19 6.51 -53.87
N THR F 363 55.39 7.03 -55.08
CA THR F 363 56.13 8.25 -55.34
C THR F 363 55.20 9.26 -55.98
N TYR F 364 55.11 10.46 -55.41
CA TYR F 364 54.25 11.52 -55.91
C TYR F 364 55.01 12.25 -57.01
N ILE F 365 54.59 12.05 -58.26
CA ILE F 365 55.15 12.76 -59.41
C ILE F 365 54.32 14.03 -59.58
N ALA F 366 54.86 15.16 -59.17
CA ALA F 366 54.13 16.42 -59.22
C ALA F 366 53.92 16.88 -60.67
N HIS F 367 52.91 17.72 -60.85
CA HIS F 367 52.53 18.19 -62.18
C HIS F 367 53.36 19.37 -62.70
N GLN F 368 54.29 19.91 -61.91
CA GLN F 368 55.07 21.06 -62.36
C GLN F 368 55.97 20.66 -63.51
N ASP F 369 56.21 21.60 -64.44
CA ASP F 369 56.96 21.37 -65.68
C ASP F 369 57.85 22.57 -66.01
N THR F 370 58.58 23.08 -65.02
CA THR F 370 59.21 24.39 -65.10
C THR F 370 60.59 24.38 -65.78
N GLY F 371 61.01 23.29 -66.43
CA GLY F 371 62.31 23.33 -67.08
C GLY F 371 62.66 22.14 -67.95
N ARG F 372 63.96 21.93 -68.15
CA ARG F 372 64.50 20.81 -68.91
C ARG F 372 65.66 20.21 -68.13
N TYR F 373 65.94 18.95 -68.42
CA TYR F 373 66.62 18.04 -67.52
C TYR F 373 67.72 17.30 -68.28
N PRO F 374 68.79 16.84 -67.62
CA PRO F 374 69.86 16.16 -68.38
C PRO F 374 69.43 14.89 -69.10
N GLU F 375 68.49 14.13 -68.56
CA GLU F 375 68.07 12.87 -69.19
C GLU F 375 67.37 13.15 -70.51
N ASN F 381 75.22 16.68 -61.99
CA ASN F 381 75.33 16.56 -60.50
C ASN F 381 75.45 17.95 -59.87
N ALA F 420 63.42 31.83 -58.47
CA ALA F 420 61.98 31.63 -58.16
C ALA F 420 61.66 30.14 -58.02
N LEU F 421 60.70 29.82 -57.16
CA LEU F 421 60.30 28.45 -56.88
C LEU F 421 58.81 28.42 -56.59
N ASN F 422 58.24 27.21 -56.62
CA ASN F 422 56.85 26.97 -56.30
C ASN F 422 56.76 26.01 -55.12
N ASN F 423 55.78 26.25 -54.25
CA ASN F 423 55.68 25.52 -52.98
C ASN F 423 55.33 24.06 -53.24
N VAL F 424 55.71 23.21 -52.29
CA VAL F 424 55.49 21.77 -52.46
C VAL F 424 54.00 21.46 -52.44
N PRO F 425 53.50 20.50 -53.23
CA PRO F 425 52.06 20.29 -53.28
C PRO F 425 51.60 19.53 -52.06
N PRO F 426 50.31 19.62 -51.69
CA PRO F 426 49.79 18.69 -50.69
C PRO F 426 49.79 17.28 -51.24
N VAL F 427 49.94 16.31 -50.35
CA VAL F 427 49.97 14.89 -50.70
C VAL F 427 48.88 14.18 -49.89
N TYR F 428 47.88 13.65 -50.58
CA TYR F 428 46.77 12.92 -49.98
C TYR F 428 47.05 11.43 -50.09
N PRO F 429 46.80 10.61 -49.05
CA PRO F 429 46.35 10.90 -47.69
C PRO F 429 47.48 11.13 -46.70
N ASN F 430 48.73 10.84 -47.05
CA ASN F 430 49.79 10.70 -46.06
C ASN F 430 50.54 11.98 -45.74
N GLY F 431 50.41 13.04 -46.54
CA GLY F 431 51.22 14.22 -46.33
C GLY F 431 50.75 15.06 -45.15
N GLN F 432 51.68 15.86 -44.61
CA GLN F 432 51.38 16.75 -43.49
C GLN F 432 50.48 17.91 -43.93
N ILE F 433 50.02 18.66 -42.94
CA ILE F 433 49.25 19.88 -43.15
C ILE F 433 50.02 21.10 -42.67
N TRP F 434 50.45 21.12 -41.41
CA TRP F 434 51.14 22.24 -40.81
C TRP F 434 52.51 21.84 -40.27
N ASP F 435 53.44 22.80 -40.30
CA ASP F 435 54.78 22.59 -39.75
C ASP F 435 55.31 23.94 -39.28
N LYS F 436 56.23 23.88 -38.31
CA LYS F 436 56.71 25.07 -37.62
C LYS F 436 57.91 25.69 -38.34
N GLU F 437 57.97 27.02 -38.35
CA GLU F 437 59.18 27.70 -38.79
C GLU F 437 60.32 27.36 -37.84
N PHE F 438 61.51 27.21 -38.38
CA PHE F 438 62.66 26.95 -37.54
C PHE F 438 62.98 28.18 -36.69
N ASP F 439 63.64 27.94 -35.56
CA ASP F 439 64.09 29.00 -34.68
C ASP F 439 65.37 29.67 -35.15
N THR F 440 65.93 29.26 -36.29
CA THR F 440 67.19 29.82 -36.75
C THR F 440 67.03 31.29 -37.13
N ASP F 441 68.16 32.00 -37.19
CA ASP F 441 68.13 33.43 -37.54
C ASP F 441 67.58 33.63 -38.95
N LEU F 442 68.20 33.02 -39.96
CA LEU F 442 67.59 32.90 -41.27
C LEU F 442 66.64 31.71 -41.26
N LYS F 443 65.60 31.80 -42.10
CA LYS F 443 64.53 30.81 -42.17
C LYS F 443 64.31 30.40 -43.61
N PRO F 444 63.96 29.14 -43.89
CA PRO F 444 63.92 28.70 -45.29
C PRO F 444 62.74 29.29 -46.04
N ARG F 445 62.96 29.53 -47.34
CA ARG F 445 61.90 30.06 -48.17
C ARG F 445 60.73 29.10 -48.28
N LEU F 446 60.99 27.80 -48.22
CA LEU F 446 59.93 26.81 -48.28
C LEU F 446 60.34 25.60 -47.46
N HIS F 447 59.34 24.89 -46.94
CA HIS F 447 59.53 23.64 -46.23
C HIS F 447 59.12 22.50 -47.16
N VAL F 448 60.00 21.53 -47.32
CA VAL F 448 59.73 20.45 -48.26
C VAL F 448 58.58 19.57 -47.79
N ASN F 449 58.36 19.48 -46.48
CA ASN F 449 57.56 18.42 -45.90
C ASN F 449 56.11 18.80 -45.62
N ALA F 450 55.70 20.05 -45.84
CA ALA F 450 54.33 20.45 -45.57
C ALA F 450 53.97 21.65 -46.45
N PRO F 451 52.67 21.86 -46.75
CA PRO F 451 52.31 23.05 -47.54
C PRO F 451 52.25 24.31 -46.71
N PHE F 452 51.67 24.25 -45.53
CA PHE F 452 51.48 25.41 -44.67
C PHE F 452 52.57 25.47 -43.61
N VAL F 453 53.20 26.63 -43.48
CA VAL F 453 54.33 26.85 -42.59
C VAL F 453 53.92 27.87 -41.54
N CYS F 454 54.11 27.51 -40.27
CA CYS F 454 53.65 28.33 -39.15
C CYS F 454 54.69 29.36 -38.78
N GLN F 455 54.29 30.63 -38.78
CA GLN F 455 55.23 31.68 -38.40
C GLN F 455 55.41 31.78 -36.89
N ASN F 456 54.36 31.53 -36.09
CA ASN F 456 54.50 31.61 -34.64
C ASN F 456 53.56 30.64 -33.93
N ASN F 457 54.16 29.64 -33.27
CA ASN F 457 53.55 28.89 -32.17
C ASN F 457 52.23 28.22 -32.56
N CYS F 458 52.29 27.32 -33.54
CA CYS F 458 51.11 26.59 -34.01
C CYS F 458 50.97 25.26 -33.28
N PRO F 459 49.78 24.66 -33.32
CA PRO F 459 49.19 24.05 -32.12
C PRO F 459 50.06 22.99 -31.45
N GLY F 460 50.12 23.09 -30.13
CA GLY F 460 50.90 22.13 -29.37
C GLY F 460 50.30 20.74 -29.42
N GLN F 461 51.18 19.76 -29.30
CA GLN F 461 50.75 18.38 -29.36
C GLN F 461 50.03 18.00 -28.07
N LEU F 462 49.15 17.02 -28.17
CA LEU F 462 48.42 16.48 -27.03
C LEU F 462 49.05 15.15 -26.66
N PHE F 463 49.50 15.05 -25.41
CA PHE F 463 50.20 13.89 -24.88
C PHE F 463 49.26 13.17 -23.93
N VAL F 464 49.35 11.84 -23.89
CA VAL F 464 48.45 11.02 -23.10
C VAL F 464 49.21 9.90 -22.42
N LYS F 465 48.83 9.59 -21.19
CA LYS F 465 49.32 8.44 -20.44
C LYS F 465 48.20 7.96 -19.54
N VAL F 466 48.11 6.64 -19.35
CA VAL F 466 47.30 6.08 -18.27
C VAL F 466 48.12 6.09 -16.99
N ALA F 467 47.54 6.61 -15.92
CA ALA F 467 48.30 6.91 -14.71
C ALA F 467 48.78 5.61 -14.05
N PRO F 468 49.78 5.69 -13.17
CA PRO F 468 50.27 4.45 -12.56
C PRO F 468 49.28 3.83 -11.57
N ASN F 469 48.73 2.68 -11.95
CA ASN F 469 47.75 1.95 -11.16
C ASN F 469 48.44 0.91 -10.28
N LEU F 470 49.26 1.40 -9.34
CA LEU F 470 50.22 0.53 -8.69
C LEU F 470 49.57 -0.43 -7.68
N THR F 471 50.20 -1.59 -7.53
CA THR F 471 49.75 -2.62 -6.62
C THR F 471 50.14 -2.29 -5.18
N ASN F 472 49.67 -3.13 -4.26
CA ASN F 472 50.02 -2.99 -2.86
C ASN F 472 51.45 -3.37 -2.56
N GLU F 473 52.11 -4.09 -3.44
CA GLU F 473 53.44 -4.63 -3.13
C GLU F 473 54.55 -3.60 -3.28
N TYR F 474 54.24 -2.36 -3.65
CA TYR F 474 55.25 -1.39 -4.03
C TYR F 474 56.01 -0.90 -2.82
N ASP F 475 57.30 -1.24 -2.76
CA ASP F 475 58.26 -0.59 -1.87
C ASP F 475 59.10 0.34 -2.74
N PRO F 476 58.96 1.66 -2.67
CA PRO F 476 59.66 2.52 -3.65
C PRO F 476 61.16 2.47 -3.56
N ASP F 477 61.72 2.14 -2.41
CA ASP F 477 63.17 2.14 -2.24
C ASP F 477 63.84 0.90 -2.84
N ALA F 478 63.08 -0.04 -3.39
CA ALA F 478 63.67 -1.16 -4.10
C ALA F 478 64.03 -0.76 -5.53
N SER F 479 65.01 -1.48 -6.09
CA SER F 479 65.47 -1.21 -7.45
C SER F 479 64.56 -1.80 -8.51
N ALA F 480 63.75 -2.79 -8.18
CA ALA F 480 62.92 -3.45 -9.17
C ALA F 480 61.88 -2.48 -9.75
N ASN F 481 61.57 -2.67 -11.03
CA ASN F 481 60.58 -1.83 -11.68
C ASN F 481 59.22 -1.99 -11.01
N MET F 482 58.51 -0.88 -10.92
CA MET F 482 57.24 -0.88 -10.21
C MET F 482 56.21 -1.72 -10.95
N SER F 483 55.46 -2.52 -10.19
CA SER F 483 54.45 -3.43 -10.72
C SER F 483 53.12 -2.70 -10.88
N ARG F 484 52.75 -2.39 -12.11
CA ARG F 484 51.43 -1.87 -12.39
C ARG F 484 50.39 -2.99 -12.37
N ILE F 485 49.15 -2.64 -12.07
CA ILE F 485 48.03 -3.46 -12.50
C ILE F 485 47.86 -3.19 -13.99
N VAL F 486 47.92 -4.26 -14.79
CA VAL F 486 47.85 -4.10 -16.24
C VAL F 486 46.53 -3.46 -16.62
N THR F 487 46.59 -2.30 -17.26
CA THR F 487 45.42 -1.48 -17.52
C THR F 487 45.56 -0.80 -18.86
N TYR F 488 44.41 -0.50 -19.47
CA TYR F 488 44.38 0.16 -20.76
C TYR F 488 43.17 1.04 -20.81
N SER F 489 43.19 1.99 -21.73
CA SER F 489 42.15 3.00 -21.87
C SER F 489 41.62 3.01 -23.29
N ASP F 490 40.32 3.21 -23.40
CA ASP F 490 39.67 3.67 -24.62
C ASP F 490 39.24 5.11 -24.38
N PHE F 491 39.53 5.98 -25.34
CA PHE F 491 38.99 7.33 -25.33
C PHE F 491 38.73 7.77 -26.75
N TRP F 492 37.66 8.56 -26.91
CA TRP F 492 37.33 9.14 -28.20
C TRP F 492 38.01 10.49 -28.36
N TRP F 493 38.70 10.67 -29.46
CA TRP F 493 39.23 11.95 -29.90
C TRP F 493 38.27 12.51 -30.93
N LYS F 494 37.99 13.81 -30.85
CA LYS F 494 37.35 14.53 -31.94
C LYS F 494 37.98 15.90 -32.07
N GLY F 495 38.03 16.38 -33.31
CA GLY F 495 38.60 17.67 -33.60
C GLY F 495 37.88 18.30 -34.78
N LYS F 496 38.17 19.59 -34.98
CA LYS F 496 37.51 20.38 -36.01
C LYS F 496 38.58 21.25 -36.65
N LEU F 497 39.01 20.86 -37.84
CA LEU F 497 39.97 21.61 -38.63
C LEU F 497 39.20 22.39 -39.69
N VAL F 498 39.49 23.69 -39.81
CA VAL F 498 38.76 24.59 -40.67
C VAL F 498 39.70 25.14 -41.73
N PHE F 499 39.24 25.15 -42.97
CA PHE F 499 39.91 25.81 -44.08
C PHE F 499 38.97 26.80 -44.72
N LYS F 500 39.55 27.81 -45.37
CA LYS F 500 38.82 28.74 -46.23
C LYS F 500 39.39 28.68 -47.63
N ALA F 501 38.52 28.64 -48.64
CA ALA F 501 38.93 28.37 -50.02
C ALA F 501 38.05 29.12 -51.00
N LYS F 502 38.61 29.35 -52.20
CA LYS F 502 37.95 30.07 -53.29
C LYS F 502 37.87 29.18 -54.53
N LEU F 503 36.73 29.21 -55.21
CA LEU F 503 36.53 28.38 -56.39
C LEU F 503 37.43 28.82 -57.54
N ARG F 504 37.81 27.85 -58.37
CA ARG F 504 38.41 28.17 -59.66
C ARG F 504 37.33 28.53 -60.66
N ALA F 505 37.64 29.47 -61.54
CA ALA F 505 36.76 29.89 -62.62
C ALA F 505 37.14 29.22 -63.93
N SER F 506 36.21 29.26 -64.88
CA SER F 506 36.38 28.65 -66.19
C SER F 506 37.20 29.55 -67.13
N HIS F 507 38.48 29.70 -66.78
CA HIS F 507 39.36 30.59 -67.53
C HIS F 507 39.62 30.09 -68.94
N THR F 508 40.01 28.83 -69.07
CA THR F 508 40.40 28.29 -70.37
C THR F 508 39.18 27.90 -71.18
N TRP F 509 39.33 27.98 -72.50
CA TRP F 509 38.32 27.43 -73.39
C TRP F 509 38.27 25.91 -73.25
N ASN F 510 39.43 25.27 -73.29
CA ASN F 510 39.48 23.83 -73.14
C ASN F 510 39.13 23.45 -71.69
N PRO F 511 38.56 22.26 -71.47
CA PRO F 511 38.37 21.81 -70.08
C PRO F 511 39.70 21.41 -69.46
N ILE F 512 39.86 21.75 -68.18
CA ILE F 512 41.06 21.40 -67.44
C ILE F 512 41.03 19.92 -67.04
N GLN F 513 42.16 19.41 -66.58
CA GLN F 513 42.22 18.08 -65.99
C GLN F 513 41.47 18.07 -64.68
N GLN F 514 40.84 16.93 -64.37
CA GLN F 514 40.12 16.75 -63.12
C GLN F 514 40.34 15.34 -62.60
N MET F 515 40.12 15.17 -61.30
CA MET F 515 40.10 13.85 -60.69
C MET F 515 38.74 13.23 -60.91
N SER F 516 38.71 12.00 -61.41
CA SER F 516 37.45 11.29 -61.53
C SER F 516 37.71 9.80 -61.57
N ILE F 517 36.69 9.04 -61.18
CA ILE F 517 36.74 7.59 -61.25
C ILE F 517 36.77 7.15 -62.71
N ASN F 518 37.39 5.99 -62.96
CA ASN F 518 37.37 5.37 -64.28
C ASN F 518 37.31 3.87 -64.09
N VAL F 519 37.21 3.15 -65.22
CA VAL F 519 37.05 1.70 -65.17
C VAL F 519 38.24 1.01 -64.52
N ASP F 520 39.45 1.58 -64.63
CA ASP F 520 40.62 0.91 -64.09
C ASP F 520 40.70 1.06 -62.57
N ASN F 521 40.53 2.28 -62.08
CA ASN F 521 40.71 2.58 -60.66
C ASN F 521 39.46 2.37 -59.82
N GLN F 522 38.41 1.78 -60.37
CA GLN F 522 37.11 1.70 -59.71
C GLN F 522 37.16 1.06 -58.33
N PHE F 523 37.72 -0.14 -58.24
CA PHE F 523 37.67 -0.89 -57.00
C PHE F 523 38.65 -0.39 -55.96
N ASN F 524 39.45 0.63 -56.24
CA ASN F 524 40.29 1.21 -55.20
C ASN F 524 39.49 2.00 -54.18
N TYR F 525 38.26 2.40 -54.50
CA TYR F 525 37.49 3.31 -53.67
C TYR F 525 36.27 2.67 -53.03
N VAL F 526 36.17 1.35 -52.99
CA VAL F 526 35.04 0.66 -52.36
C VAL F 526 35.55 -0.59 -51.65
N PRO F 527 34.86 -1.01 -50.58
CA PRO F 527 35.39 -2.11 -49.78
C PRO F 527 35.37 -3.44 -50.52
N SER F 528 36.18 -4.37 -50.01
CA SER F 528 36.28 -5.71 -50.54
C SER F 528 35.25 -6.63 -49.90
N ASN F 529 35.10 -7.82 -50.46
CA ASN F 529 34.10 -8.76 -49.95
C ASN F 529 34.48 -9.29 -48.57
N ILE F 530 35.76 -9.28 -48.21
CA ILE F 530 36.21 -9.74 -46.90
C ILE F 530 36.31 -8.57 -45.93
N GLY F 531 35.65 -7.46 -46.23
CA GLY F 531 35.61 -6.35 -45.30
C GLY F 531 36.86 -5.51 -45.23
N GLY F 532 37.66 -5.51 -46.30
CA GLY F 532 38.86 -4.70 -46.36
C GLY F 532 38.62 -3.37 -47.06
N MET F 533 39.57 -2.45 -46.88
CA MET F 533 39.52 -1.16 -47.54
C MET F 533 40.94 -0.70 -47.82
N LYS F 534 41.07 0.24 -48.76
CA LYS F 534 42.34 0.88 -49.06
C LYS F 534 42.11 2.35 -49.27
N ILE F 535 43.19 3.11 -49.37
CA ILE F 535 43.17 4.47 -49.88
C ILE F 535 44.31 4.62 -50.86
N VAL F 536 44.00 4.95 -52.11
CA VAL F 536 45.01 5.18 -53.14
C VAL F 536 45.36 6.64 -53.17
N TYR F 537 46.62 6.94 -53.47
CA TYR F 537 47.08 8.32 -53.48
C TYR F 537 46.43 9.10 -54.60
N GLU F 538 46.32 10.40 -54.40
CA GLU F 538 45.66 11.30 -55.34
C GLU F 538 46.43 12.60 -55.44
N LYS F 539 46.32 13.23 -56.60
CA LYS F 539 47.02 14.47 -56.86
C LYS F 539 46.33 15.62 -56.12
N SER F 540 46.97 16.79 -56.16
CA SER F 540 46.48 17.98 -55.48
C SER F 540 46.61 19.28 -56.27
N GLN F 541 47.13 19.23 -57.50
CA GLN F 541 47.40 20.42 -58.30
C GLN F 541 46.93 20.18 -59.74
N LEU F 542 45.66 19.81 -59.86
CA LEU F 542 45.10 19.38 -61.13
C LEU F 542 45.15 20.47 -62.19
N ALA F 543 44.68 21.68 -61.86
CA ALA F 543 44.52 22.69 -62.89
C ALA F 543 45.86 23.39 -63.18
N PRO F 544 46.03 23.94 -64.40
CA PRO F 544 47.24 24.72 -64.68
C PRO F 544 47.17 26.13 -64.14
N ARG F 545 48.33 26.78 -64.09
CA ARG F 545 48.44 28.18 -63.71
C ARG F 545 49.62 28.82 -64.44
N LYS F 546 49.50 30.12 -64.71
CA LYS F 546 50.61 30.88 -65.27
C LYS F 546 51.73 31.04 -64.25
N LEU F 547 52.97 30.96 -64.73
CA LEU F 547 54.13 31.17 -63.86
C LEU F 547 54.41 32.65 -63.64
N TYR F 548 54.10 33.51 -64.62
CA TYR F 548 54.39 34.93 -64.53
C TYR F 548 53.29 35.73 -65.24
N GLY G 1 -43.50 34.49 45.95
CA GLY G 1 -44.52 33.42 45.76
C GLY G 1 -43.92 32.04 45.88
N VAL G 2 -44.55 31.19 46.70
CA VAL G 2 -44.00 29.85 46.95
C VAL G 2 -44.10 28.99 45.69
N GLY G 3 -45.18 29.13 44.93
CA GLY G 3 -45.42 28.22 43.82
C GLY G 3 -44.64 28.50 42.56
N ILE G 4 -43.33 28.74 42.67
CA ILE G 4 -42.47 29.01 41.53
C ILE G 4 -41.20 28.19 41.70
N SER G 5 -40.76 27.56 40.62
CA SER G 5 -39.55 26.75 40.66
C SER G 5 -38.31 27.63 40.65
N THR G 6 -37.23 27.12 41.25
CA THR G 6 -35.96 27.83 41.38
C THR G 6 -34.78 26.96 40.95
N GLY G 7 -35.00 26.04 40.02
CA GLY G 7 -33.93 25.17 39.57
C GLY G 7 -34.47 24.01 38.79
N THR G 8 -33.54 23.23 38.23
CA THR G 8 -33.85 22.09 37.38
C THR G 8 -32.96 20.92 37.74
N PHE G 9 -33.59 19.77 37.92
CA PHE G 9 -32.88 18.54 38.19
C PHE G 9 -32.04 18.15 36.99
N ASN G 10 -30.76 17.88 37.22
CA ASN G 10 -29.85 17.46 36.17
C ASN G 10 -28.91 16.40 36.74
N ASN G 11 -28.76 15.31 36.00
CA ASN G 11 -27.83 14.24 36.36
C ASN G 11 -27.04 13.75 35.16
N GLN G 12 -26.89 14.58 34.13
CA GLN G 12 -26.18 14.19 32.92
C GLN G 12 -24.69 14.42 33.07
N THR G 13 -23.90 13.42 32.75
CA THR G 13 -22.49 13.63 32.45
C THR G 13 -22.37 14.07 30.99
N GLU G 14 -21.74 15.23 30.78
CA GLU G 14 -21.48 15.76 29.46
C GLU G 14 -19.99 15.66 29.18
N PHE G 15 -19.64 15.17 28.01
CA PHE G 15 -18.26 15.09 27.54
C PHE G 15 -18.10 16.10 26.40
N LYS G 16 -17.21 17.06 26.60
CA LYS G 16 -16.98 18.15 25.64
C LYS G 16 -15.51 18.12 25.27
N PHE G 17 -15.22 17.78 24.03
CA PHE G 17 -13.85 17.53 23.61
C PHE G 17 -13.14 18.82 23.22
N LEU G 18 -11.86 18.89 23.55
CA LEU G 18 -11.02 20.07 23.39
C LEU G 18 -9.83 19.76 22.48
N GLU G 19 -8.91 20.71 22.41
CA GLU G 19 -7.67 20.53 21.65
C GLU G 19 -6.80 19.44 22.27
N ASN G 20 -5.91 18.89 21.44
CA ASN G 20 -4.79 18.06 21.88
C ASN G 20 -5.25 16.82 22.65
N GLY G 21 -6.44 16.33 22.34
CA GLY G 21 -6.93 15.12 22.99
C GLY G 21 -7.38 15.28 24.41
N TRP G 22 -7.50 16.50 24.92
CA TRP G 22 -8.16 16.71 26.19
C TRP G 22 -9.67 16.63 26.00
N VAL G 23 -10.36 16.31 27.09
CA VAL G 23 -11.82 16.35 27.12
C VAL G 23 -12.26 16.91 28.45
N GLU G 24 -13.21 17.85 28.42
CA GLU G 24 -13.84 18.37 29.61
C GLU G 24 -15.03 17.47 29.95
N ILE G 25 -15.10 17.04 31.21
CA ILE G 25 -16.10 16.09 31.69
C ILE G 25 -16.85 16.80 32.81
N THR G 26 -18.08 17.19 32.54
CA THR G 26 -18.92 17.95 33.47
C THR G 26 -19.98 17.02 34.02
N ALA G 27 -19.77 16.55 35.24
CA ALA G 27 -20.70 15.64 35.89
C ALA G 27 -21.74 16.47 36.64
N ASN G 28 -22.91 16.63 36.04
CA ASN G 28 -24.05 17.18 36.75
C ASN G 28 -24.66 16.07 37.59
N SER G 29 -25.09 16.42 38.79
CA SER G 29 -25.70 15.48 39.70
C SER G 29 -26.71 16.21 40.56
N SER G 30 -27.76 15.50 40.96
CA SER G 30 -28.81 16.11 41.77
C SER G 30 -29.50 15.03 42.57
N ARG G 31 -29.94 15.41 43.77
CA ARG G 31 -30.62 14.50 44.68
C ARG G 31 -31.69 15.27 45.43
N LEU G 32 -32.73 14.55 45.85
CA LEU G 32 -33.72 15.08 46.77
C LEU G 32 -33.31 14.70 48.19
N VAL G 33 -33.08 15.70 49.02
CA VAL G 33 -32.51 15.52 50.35
C VAL G 33 -33.62 15.69 51.37
N HIS G 34 -33.69 14.78 52.33
CA HIS G 34 -34.71 14.75 53.37
C HIS G 34 -34.07 15.01 54.72
N LEU G 35 -34.74 15.83 55.54
CA LEU G 35 -34.17 16.31 56.80
C LEU G 35 -35.27 16.44 57.84
N ASN G 36 -35.18 15.64 58.91
CA ASN G 36 -36.01 15.84 60.09
C ASN G 36 -35.33 16.81 61.05
N MET G 37 -36.13 17.41 61.93
CA MET G 37 -35.59 18.38 62.87
C MET G 37 -34.67 17.68 63.88
N PRO G 38 -33.66 18.39 64.39
CA PRO G 38 -32.65 17.71 65.20
C PRO G 38 -33.19 17.27 66.55
N GLU G 39 -32.62 16.18 67.06
CA GLU G 39 -33.08 15.60 68.32
C GLU G 39 -32.84 16.53 69.51
N SER G 40 -31.87 17.42 69.42
CA SER G 40 -31.49 18.32 70.50
C SER G 40 -31.61 19.77 70.05
N GLU G 41 -32.01 20.62 70.98
CA GLU G 41 -32.05 22.05 70.71
C GLU G 41 -30.67 22.69 70.72
N ASN G 42 -29.64 21.99 71.22
CA ASN G 42 -28.37 22.60 71.55
C ASN G 42 -27.21 21.69 71.16
N TYR G 43 -26.04 22.30 71.07
CA TYR G 43 -24.79 21.58 70.97
C TYR G 43 -24.57 20.82 72.27
N ARG G 44 -23.99 19.63 72.17
CA ARG G 44 -23.63 18.86 73.37
C ARG G 44 -22.31 18.15 73.16
N ARG G 45 -21.41 18.30 74.13
CA ARG G 45 -20.24 17.45 74.21
C ARG G 45 -20.62 16.15 74.88
N VAL G 46 -20.00 15.07 74.45
CA VAL G 46 -20.18 13.76 75.05
C VAL G 46 -18.83 13.07 75.05
N VAL G 47 -18.66 12.12 75.97
CA VAL G 47 -17.52 11.21 75.98
C VAL G 47 -18.05 9.81 75.77
N VAL G 48 -17.54 9.14 74.73
CA VAL G 48 -17.82 7.74 74.47
C VAL G 48 -16.66 6.96 75.05
N ASN G 49 -16.95 5.87 75.75
CA ASN G 49 -15.91 5.15 76.48
C ASN G 49 -16.35 3.70 76.62
N ASN G 50 -15.74 2.83 75.78
CA ASN G 50 -15.99 1.39 75.85
C ASN G 50 -15.03 0.74 76.85
N MET G 51 -15.18 1.16 78.11
CA MET G 51 -14.33 0.67 79.20
C MET G 51 -14.42 -0.84 79.33
N ASP G 52 -15.63 -1.39 79.31
CA ASP G 52 -15.79 -2.82 79.54
C ASP G 52 -15.18 -3.64 78.40
N LYS G 53 -15.39 -3.21 77.16
CA LYS G 53 -14.81 -3.93 76.02
C LYS G 53 -13.28 -3.87 76.05
N THR G 54 -12.72 -2.78 76.53
CA THR G 54 -11.27 -2.68 76.67
C THR G 54 -10.74 -3.47 77.86
N ALA G 55 -11.56 -3.66 78.91
CA ALA G 55 -11.07 -4.31 80.12
C ALA G 55 -10.72 -5.77 79.90
N VAL G 56 -11.35 -6.44 78.95
CA VAL G 56 -10.94 -7.79 78.60
C VAL G 56 -9.58 -7.70 77.93
N ASN G 57 -8.56 -8.28 78.56
CA ASN G 57 -7.21 -8.25 78.02
C ASN G 57 -7.16 -8.93 76.66
N GLY G 58 -6.22 -8.48 75.84
CA GLY G 58 -6.14 -8.88 74.45
C GLY G 58 -6.91 -8.02 73.50
N ASN G 59 -7.35 -6.82 73.93
CA ASN G 59 -8.18 -5.91 73.15
C ASN G 59 -7.53 -4.54 73.00
N MET G 60 -6.24 -4.50 72.68
CA MET G 60 -5.58 -3.25 72.32
C MET G 60 -6.33 -2.52 71.22
N ALA G 61 -6.67 -3.24 70.14
CA ALA G 61 -7.16 -2.60 68.93
C ALA G 61 -8.57 -2.05 69.06
N LEU G 62 -9.35 -2.50 70.04
CA LEU G 62 -10.75 -2.15 70.14
C LEU G 62 -11.00 -0.80 70.81
N ASP G 63 -9.95 -0.06 71.16
CA ASP G 63 -10.08 1.13 71.98
C ASP G 63 -10.83 2.23 71.23
N ASP G 64 -12.07 2.49 71.65
CA ASP G 64 -12.94 3.47 71.03
C ASP G 64 -13.29 4.63 71.96
N ILE G 65 -12.43 4.95 72.93
CA ILE G 65 -12.66 6.16 73.70
C ILE G 65 -12.54 7.36 72.78
N HIS G 66 -13.57 8.21 72.77
CA HIS G 66 -13.41 9.50 72.13
C HIS G 66 -14.45 10.47 72.66
N ALA G 67 -14.09 11.74 72.65
CA ALA G 67 -14.96 12.85 73.01
C ALA G 67 -15.30 13.63 71.75
N GLN G 68 -16.56 14.01 71.63
CA GLN G 68 -17.07 14.65 70.42
C GLN G 68 -18.18 15.61 70.81
N ILE G 69 -18.44 16.56 69.92
CA ILE G 69 -19.51 17.55 70.08
C ILE G 69 -20.58 17.23 69.07
N VAL G 70 -21.75 16.80 69.54
CA VAL G 70 -22.88 16.59 68.63
C VAL G 70 -23.53 17.93 68.39
N THR G 71 -23.68 18.28 67.12
CA THR G 71 -24.13 19.59 66.69
C THR G 71 -25.58 19.54 66.26
N PRO G 72 -26.43 20.53 66.56
CA PRO G 72 -27.73 20.60 65.88
C PRO G 72 -27.63 21.19 64.47
N TRP G 73 -26.91 20.49 63.60
CA TRP G 73 -26.83 20.81 62.18
C TRP G 73 -26.62 19.48 61.48
N SER G 74 -26.69 19.52 60.15
CA SER G 74 -26.43 18.35 59.33
C SER G 74 -25.64 18.76 58.11
N LEU G 75 -24.84 17.84 57.59
CA LEU G 75 -23.84 18.12 56.58
C LEU G 75 -24.26 17.56 55.24
N VAL G 76 -24.20 18.40 54.20
CA VAL G 76 -24.50 17.98 52.82
C VAL G 76 -23.14 17.79 52.15
N ASP G 77 -22.63 16.56 52.20
CA ASP G 77 -21.32 16.21 51.66
C ASP G 77 -21.49 15.30 50.45
N ALA G 78 -20.96 15.73 49.31
CA ALA G 78 -20.97 14.97 48.07
C ALA G 78 -19.60 14.45 47.68
N ASN G 79 -18.64 14.44 48.59
CA ASN G 79 -17.28 14.08 48.25
C ASN G 79 -17.13 12.57 48.11
N ALA G 80 -17.70 12.00 47.06
CA ALA G 80 -17.43 10.61 46.72
C ALA G 80 -17.75 10.39 45.26
N TRP G 81 -17.02 9.45 44.64
CA TRP G 81 -17.17 9.20 43.21
C TRP G 81 -18.58 8.76 42.84
N GLY G 82 -19.24 8.02 43.73
CA GLY G 82 -20.53 7.45 43.41
C GLY G 82 -21.61 8.47 43.15
N VAL G 83 -21.46 9.67 43.70
CA VAL G 83 -22.50 10.68 43.56
C VAL G 83 -22.57 11.22 42.13
N TRP G 84 -21.53 11.03 41.33
CA TRP G 84 -21.32 11.78 40.10
C TRP G 84 -21.31 10.96 38.83
N PHE G 85 -21.01 9.67 38.88
CA PHE G 85 -20.93 8.84 37.70
C PHE G 85 -21.65 7.52 37.92
N ASN G 86 -22.51 7.16 36.99
CA ASN G 86 -23.04 5.82 36.92
C ASN G 86 -21.97 4.90 36.39
N PRO G 87 -22.14 3.58 36.52
CA PRO G 87 -21.06 2.66 36.07
C PRO G 87 -20.74 2.78 34.60
N GLY G 88 -21.73 3.06 33.77
CA GLY G 88 -21.46 3.28 32.36
C GLY G 88 -20.56 4.47 32.09
N ASP G 89 -20.78 5.58 32.80
CA ASP G 89 -19.89 6.72 32.63
C ASP G 89 -18.48 6.39 33.09
N TRP G 90 -18.39 5.73 34.24
CA TRP G 90 -17.10 5.36 34.78
C TRP G 90 -16.36 4.43 33.85
N GLN G 91 -17.08 3.60 33.09
CA GLN G 91 -16.44 2.78 32.07
C GLN G 91 -15.74 3.64 31.05
N LEU G 92 -16.40 4.68 30.56
CA LEU G 92 -15.79 5.56 29.57
C LEU G 92 -14.54 6.20 30.15
N ILE G 93 -14.62 6.65 31.40
CA ILE G 93 -13.49 7.28 32.08
C ILE G 93 -12.32 6.32 32.16
N VAL G 94 -12.52 5.15 32.77
CA VAL G 94 -11.37 4.28 33.02
C VAL G 94 -10.85 3.65 31.74
N ASN G 95 -11.71 3.29 30.79
CA ASN G 95 -11.23 2.57 29.62
C ASN G 95 -10.64 3.47 28.56
N THR G 96 -10.88 4.79 28.59
CA THR G 96 -10.39 5.65 27.52
C THR G 96 -9.39 6.70 28.01
N MET G 97 -9.53 7.18 29.23
CA MET G 97 -8.75 8.31 29.70
C MET G 97 -7.44 7.84 30.32
N SER G 98 -6.37 8.60 30.05
CA SER G 98 -5.05 8.30 30.60
C SER G 98 -4.79 9.00 31.93
N GLU G 99 -5.13 10.29 32.03
CA GLU G 99 -4.89 11.09 33.22
C GLU G 99 -6.09 11.98 33.45
N LEU G 100 -6.21 12.49 34.68
CA LEU G 100 -7.38 13.24 35.10
C LEU G 100 -6.95 14.44 35.94
N HIS G 101 -7.51 15.60 35.64
CA HIS G 101 -7.35 16.82 36.43
C HIS G 101 -8.70 17.25 36.97
N LEU G 102 -8.75 17.54 38.26
CA LEU G 102 -9.96 18.06 38.89
C LEU G 102 -10.01 19.57 38.74
N VAL G 103 -11.12 20.08 38.20
CA VAL G 103 -11.17 21.47 37.75
C VAL G 103 -11.94 22.36 38.70
N SER G 104 -13.25 22.12 38.87
CA SER G 104 -14.08 23.09 39.57
C SER G 104 -15.36 22.44 40.05
N PHE G 105 -16.07 23.16 40.92
CA PHE G 105 -17.16 22.59 41.68
C PHE G 105 -18.12 23.68 42.13
N GLU G 106 -19.42 23.37 42.12
CA GLU G 106 -20.43 24.26 42.65
C GLU G 106 -21.63 23.47 43.11
N GLN G 107 -22.38 24.04 44.05
CA GLN G 107 -23.58 23.44 44.60
C GLN G 107 -24.70 24.45 44.59
N GLU G 108 -25.94 23.95 44.65
CA GLU G 108 -27.05 24.83 44.93
C GLU G 108 -28.20 24.03 45.50
N ILE G 109 -29.05 24.72 46.25
CA ILE G 109 -30.23 24.15 46.90
C ILE G 109 -31.44 24.88 46.33
N PHE G 110 -32.42 24.12 45.85
CA PHE G 110 -33.57 24.69 45.15
C PHE G 110 -34.83 23.91 45.50
N ASN G 111 -35.95 24.60 45.37
CA ASN G 111 -37.27 24.05 45.67
C ASN G 111 -37.35 23.53 47.10
N VAL G 112 -36.98 24.41 48.04
CA VAL G 112 -37.05 24.05 49.46
C VAL G 112 -38.50 23.98 49.89
N VAL G 113 -38.84 22.89 50.57
CA VAL G 113 -40.17 22.67 51.13
C VAL G 113 -40.03 22.33 52.60
N LEU G 114 -40.94 22.85 53.42
CA LEU G 114 -40.99 22.58 54.85
C LEU G 114 -42.40 22.20 55.24
N LYS G 115 -42.51 21.33 56.24
CA LYS G 115 -43.79 20.77 56.67
C LYS G 115 -43.81 20.58 58.17
N THR G 116 -45.03 20.42 58.70
CA THR G 116 -45.28 20.23 60.13
C THR G 116 -46.15 19.00 60.33
N VAL G 117 -45.83 18.21 61.34
CA VAL G 117 -46.56 17.00 61.67
C VAL G 117 -47.70 17.34 62.63
N SER G 118 -48.79 16.60 62.53
CA SER G 118 -49.88 16.68 63.50
C SER G 118 -50.47 15.29 63.69
N GLU G 119 -51.18 15.12 64.80
CA GLU G 119 -51.82 13.85 65.14
C GLU G 119 -53.12 14.11 65.91
N THR G 126 -53.91 8.75 64.36
CA THR G 126 -53.33 8.86 62.98
C THR G 126 -52.65 10.21 62.80
N LYS G 127 -51.55 10.20 62.03
CA LYS G 127 -50.77 11.40 61.78
C LYS G 127 -51.27 12.13 60.54
N VAL G 128 -51.20 13.46 60.58
CA VAL G 128 -51.67 14.33 59.51
C VAL G 128 -50.61 15.40 59.25
N TYR G 129 -50.32 15.64 57.97
CA TYR G 129 -49.26 16.53 57.55
C TYR G 129 -49.83 17.77 56.88
N ASN G 130 -49.23 18.93 57.19
CA ASN G 130 -49.62 20.20 56.59
C ASN G 130 -48.38 21.04 56.34
N ASN G 131 -48.51 21.98 55.42
CA ASN G 131 -47.43 22.91 55.13
C ASN G 131 -47.40 24.03 56.17
N ASP G 132 -46.23 24.64 56.29
CA ASP G 132 -46.07 25.93 56.97
C ASP G 132 -45.15 26.75 56.08
N LEU G 133 -45.74 27.57 55.22
CA LEU G 133 -44.94 28.33 54.28
C LEU G 133 -44.09 29.41 54.95
N THR G 134 -44.35 29.74 56.21
CA THR G 134 -43.51 30.68 56.93
C THR G 134 -42.22 30.05 57.44
N ALA G 135 -42.17 28.73 57.62
CA ALA G 135 -41.00 28.10 58.19
C ALA G 135 -39.83 28.18 57.23
N SER G 136 -38.62 28.01 57.77
CA SER G 136 -37.39 28.21 57.01
C SER G 136 -36.34 27.17 57.35
N LEU G 137 -35.70 26.66 56.30
CA LEU G 137 -34.44 25.97 56.45
C LEU G 137 -33.32 26.97 56.67
N MET G 138 -32.36 26.61 57.51
CA MET G 138 -31.14 27.38 57.73
C MET G 138 -30.03 26.70 56.94
N VAL G 139 -29.23 27.50 56.23
CA VAL G 139 -28.13 27.01 55.41
C VAL G 139 -26.92 27.88 55.68
N ALA G 140 -25.75 27.26 55.78
CA ALA G 140 -24.50 27.97 56.00
C ALA G 140 -23.38 27.26 55.28
N LEU G 141 -22.50 28.03 54.66
CA LEU G 141 -21.39 27.52 53.86
C LEU G 141 -20.08 27.88 54.56
N ASP G 142 -19.23 26.88 54.74
CA ASP G 142 -17.95 27.08 55.43
C ASP G 142 -16.96 27.77 54.51
N SER G 143 -17.23 29.02 54.13
CA SER G 143 -16.55 29.64 53.01
C SER G 143 -15.07 29.88 53.30
N ASN G 144 -14.72 30.21 54.53
CA ASN G 144 -13.34 30.45 54.92
C ASN G 144 -12.65 29.21 55.49
N ASN G 145 -13.33 28.05 55.46
CA ASN G 145 -12.77 26.79 55.96
C ASN G 145 -12.32 26.90 57.42
N THR G 146 -13.05 27.68 58.21
CA THR G 146 -12.74 27.78 59.64
C THR G 146 -13.18 26.55 60.40
N MET G 147 -14.35 26.00 60.07
CA MET G 147 -14.86 24.87 60.81
C MET G 147 -13.99 23.64 60.53
N PRO G 148 -13.90 22.71 61.46
CA PRO G 148 -13.09 21.51 61.20
C PRO G 148 -13.66 20.68 60.06
N PHE G 149 -12.77 20.11 59.25
CA PHE G 149 -13.17 19.35 58.09
C PHE G 149 -13.76 18.01 58.50
N THR G 150 -14.55 17.44 57.59
CA THR G 150 -15.34 16.23 57.89
C THR G 150 -15.57 15.49 56.58
N PRO G 151 -14.64 14.63 56.18
CA PRO G 151 -14.92 13.80 55.00
C PRO G 151 -15.91 12.72 55.34
N ALA G 152 -17.16 12.86 54.88
CA ALA G 152 -18.18 11.90 55.24
C ALA G 152 -17.95 10.54 54.61
N ALA G 153 -17.18 10.47 53.52
CA ALA G 153 -16.97 9.20 52.84
C ALA G 153 -16.17 8.21 53.68
N MET G 154 -15.37 8.68 54.63
CA MET G 154 -14.63 7.76 55.47
C MET G 154 -15.55 7.01 56.41
N ARG G 155 -16.54 7.69 56.98
CA ARG G 155 -17.55 7.07 57.82
C ARG G 155 -18.78 6.60 57.02
N SER G 156 -18.76 6.70 55.70
CA SER G 156 -19.82 6.19 54.82
C SER G 156 -21.14 6.89 55.11
N GLU G 157 -21.10 8.22 55.08
CA GLU G 157 -22.21 9.08 55.47
C GLU G 157 -22.60 10.06 54.36
N THR G 158 -22.20 9.80 53.13
CA THR G 158 -22.36 10.78 52.07
C THR G 158 -23.80 10.88 51.63
N LEU G 159 -24.07 11.80 50.71
CA LEU G 159 -25.31 11.75 49.95
C LEU G 159 -25.34 10.45 49.16
N GLY G 160 -26.55 9.92 48.96
CA GLY G 160 -26.69 8.62 48.34
C GLY G 160 -26.35 8.63 46.87
N PHE G 161 -25.95 7.46 46.37
CA PHE G 161 -25.44 7.36 45.01
C PHE G 161 -26.53 7.17 43.96
N TYR G 162 -27.64 6.53 44.31
CA TYR G 162 -28.69 6.33 43.32
C TYR G 162 -29.40 7.65 43.04
N PRO G 163 -29.49 8.13 41.79
CA PRO G 163 -30.18 9.41 41.56
C PRO G 163 -31.66 9.40 41.91
N TRP G 164 -32.33 8.27 41.77
CA TRP G 164 -33.79 8.20 41.83
C TRP G 164 -34.33 7.86 43.21
N LYS G 165 -33.48 7.76 44.23
CA LYS G 165 -33.89 7.53 45.60
C LYS G 165 -33.65 8.78 46.42
N PRO G 166 -34.63 9.34 47.14
CA PRO G 166 -34.30 10.40 48.09
C PRO G 166 -33.34 9.93 49.17
N THR G 167 -32.53 10.86 49.64
CA THR G 167 -31.43 10.59 50.56
C THR G 167 -31.52 11.56 51.73
N ILE G 168 -30.70 11.31 52.74
CA ILE G 168 -30.67 12.11 53.97
C ILE G 168 -29.27 12.65 54.21
N PRO G 169 -29.08 13.77 54.90
CA PRO G 169 -27.74 14.20 55.31
C PRO G 169 -27.40 13.75 56.72
N THR G 170 -26.11 13.59 56.95
CA THR G 170 -25.63 13.07 58.24
C THR G 170 -25.71 14.14 59.33
N PRO G 171 -26.16 13.82 60.54
CA PRO G 171 -25.96 14.78 61.65
C PRO G 171 -24.48 15.00 61.89
N TRP G 172 -24.11 16.23 62.24
CA TRP G 172 -22.71 16.66 62.17
C TRP G 172 -22.01 16.48 63.51
N ARG G 173 -21.33 15.35 63.65
CA ARG G 173 -20.35 15.17 64.70
C ARG G 173 -19.10 15.97 64.38
N TYR G 174 -18.35 16.33 65.42
CA TYR G 174 -16.94 16.66 65.22
C TYR G 174 -16.21 16.41 66.53
N TYR G 175 -14.94 16.06 66.42
CA TYR G 175 -14.24 15.35 67.47
C TYR G 175 -13.39 16.31 68.27
N PHE G 176 -13.50 16.21 69.59
CA PHE G 176 -12.90 17.12 70.56
C PHE G 176 -11.43 16.76 70.73
N GLN G 177 -10.75 17.31 71.74
CA GLN G 177 -9.38 16.92 72.08
C GLN G 177 -9.35 16.51 73.56
N TRP G 178 -8.63 15.44 73.83
CA TRP G 178 -8.65 14.74 75.12
C TRP G 178 -7.33 13.99 75.26
N ASP G 179 -7.16 13.38 76.43
CA ASP G 179 -6.01 12.53 76.73
C ASP G 179 -6.50 11.19 77.24
N ARG G 180 -5.73 10.15 76.96
CA ARG G 180 -6.13 8.77 77.25
C ARG G 180 -4.88 7.91 77.16
N THR G 181 -4.60 7.13 78.19
CA THR G 181 -3.51 6.16 78.20
C THR G 181 -4.10 4.76 78.29
N LEU G 182 -3.78 3.92 77.30
CA LEU G 182 -4.06 2.49 77.33
C LEU G 182 -2.76 1.74 77.13
N ILE G 183 -2.44 0.87 78.07
CA ILE G 183 -1.24 0.04 78.00
C ILE G 183 -1.64 -1.30 77.38
N PRO G 184 -1.02 -1.74 76.29
CA PRO G 184 -1.46 -3.01 75.69
C PRO G 184 -1.22 -4.19 76.61
N SER G 185 -2.13 -5.16 76.53
CA SER G 185 -2.05 -6.41 77.27
C SER G 185 -2.54 -7.53 76.38
N HIS G 186 -1.78 -8.62 76.33
CA HIS G 186 -2.22 -9.82 75.62
C HIS G 186 -2.94 -10.74 76.61
N THR G 187 -3.56 -11.79 76.05
CA THR G 187 -4.44 -12.66 76.84
C THR G 187 -3.69 -13.34 77.98
N GLY G 188 -2.39 -13.56 77.83
CA GLY G 188 -1.61 -14.14 78.89
C GLY G 188 -1.24 -13.20 80.02
N THR G 189 -1.59 -11.93 79.92
CA THR G 189 -1.32 -11.01 81.03
C THR G 189 -2.14 -11.41 82.25
N SER G 190 -1.55 -11.20 83.42
CA SER G 190 -2.19 -11.47 84.71
C SER G 190 -2.79 -10.22 85.31
N GLY G 191 -2.00 -9.16 85.44
CA GLY G 191 -2.45 -7.97 86.12
C GLY G 191 -3.29 -7.07 85.23
N THR G 192 -4.10 -6.24 85.88
CA THR G 192 -4.94 -5.29 85.16
C THR G 192 -4.07 -4.19 84.56
N PRO G 193 -4.06 -3.97 83.24
CA PRO G 193 -3.21 -2.90 82.69
C PRO G 193 -3.83 -1.53 82.94
N THR G 194 -3.00 -0.50 82.79
CA THR G 194 -3.46 0.86 82.94
C THR G 194 -4.39 1.22 81.78
N ASN G 195 -5.65 1.49 82.09
CA ASN G 195 -6.69 1.78 81.10
C ASN G 195 -7.56 2.89 81.70
N ILE G 196 -7.23 4.14 81.38
CA ILE G 196 -7.84 5.30 82.03
C ILE G 196 -8.03 6.43 81.02
N TYR G 197 -8.89 7.38 81.41
CA TYR G 197 -9.24 8.55 80.62
C TYR G 197 -9.00 9.79 81.46
N HIS G 198 -8.46 10.83 80.82
CA HIS G 198 -7.95 12.00 81.53
C HIS G 198 -8.73 13.28 81.27
N GLY G 199 -9.72 13.26 80.38
CA GLY G 199 -10.37 14.51 80.00
C GLY G 199 -9.50 15.31 79.06
N THR G 200 -9.64 16.63 79.15
CA THR G 200 -9.00 17.57 78.25
C THR G 200 -8.14 18.56 79.02
N ASP G 201 -7.06 19.04 78.37
CA ASP G 201 -6.24 20.14 78.84
C ASP G 201 -6.73 21.43 78.18
N PRO G 202 -6.79 22.58 78.87
CA PRO G 202 -7.36 23.78 78.23
C PRO G 202 -6.63 24.26 76.97
N ASP G 203 -5.34 23.98 76.83
CA ASP G 203 -4.61 24.48 75.67
C ASP G 203 -5.06 23.84 74.36
N ASP G 204 -5.65 22.64 74.41
CA ASP G 204 -6.12 21.92 73.23
C ASP G 204 -7.60 22.09 72.94
N VAL G 205 -8.36 22.76 73.81
CA VAL G 205 -9.81 22.86 73.63
C VAL G 205 -10.10 23.76 72.44
N GLN G 206 -10.93 23.25 71.51
CA GLN G 206 -11.41 24.01 70.36
C GLN G 206 -12.91 23.74 70.21
N PHE G 207 -13.72 24.56 70.88
CA PHE G 207 -15.15 24.57 70.65
C PHE G 207 -15.47 25.47 69.46
N TYR G 208 -16.36 24.99 68.58
CA TYR G 208 -16.85 25.76 67.44
C TYR G 208 -18.36 25.73 67.42
N THR G 209 -18.98 26.82 66.96
CA THR G 209 -20.41 26.88 66.73
C THR G 209 -20.69 27.55 65.39
N ILE G 210 -21.64 27.01 64.64
CA ILE G 210 -21.97 27.57 63.33
C ILE G 210 -22.55 28.97 63.50
N GLU G 211 -23.49 29.14 64.42
CA GLU G 211 -24.22 30.40 64.55
C GLU G 211 -23.31 31.57 64.92
N ASN G 212 -22.12 31.32 65.46
CA ASN G 212 -21.18 32.35 65.87
C ASN G 212 -19.88 32.31 65.08
N SER G 213 -19.83 31.60 63.94
CA SER G 213 -18.63 31.51 63.11
C SER G 213 -18.86 31.77 61.62
N VAL G 214 -20.05 31.51 61.07
CA VAL G 214 -20.30 31.48 59.63
C VAL G 214 -21.56 32.30 59.36
N PRO G 215 -21.69 33.02 58.24
CA PRO G 215 -22.99 33.59 57.91
C PRO G 215 -24.02 32.52 57.64
N VAL G 216 -25.27 32.81 57.97
CA VAL G 216 -26.39 31.91 57.77
C VAL G 216 -27.36 32.59 56.82
N HIS G 217 -28.03 31.78 56.00
CA HIS G 217 -29.16 32.22 55.20
C HIS G 217 -30.40 31.47 55.64
N LEU G 218 -31.54 32.14 55.59
CA LEU G 218 -32.85 31.54 55.83
C LEU G 218 -33.58 31.46 54.49
N LEU G 219 -33.93 30.23 54.09
CA LEU G 219 -34.47 30.01 52.76
C LEU G 219 -35.98 30.21 52.66
N ARG G 220 -36.70 30.06 53.78
CA ARG G 220 -38.13 30.30 53.93
C ARG G 220 -39.00 29.81 52.77
N THR G 221 -38.75 28.59 52.31
CA THR G 221 -39.69 27.79 51.53
C THR G 221 -39.89 28.27 50.09
N GLY G 222 -39.23 29.36 49.69
CA GLY G 222 -39.29 29.79 48.30
C GLY G 222 -38.05 30.44 47.73
N ASP G 223 -37.00 30.61 48.53
CA ASP G 223 -35.77 31.22 48.05
C ASP G 223 -34.83 30.13 47.53
N GLU G 224 -33.67 30.55 47.05
CA GLU G 224 -32.69 29.68 46.43
C GLU G 224 -31.30 30.12 46.87
N PHE G 225 -30.43 29.15 47.10
CA PHE G 225 -29.07 29.39 47.54
C PHE G 225 -28.13 28.64 46.61
N ALA G 226 -27.00 29.26 46.29
CA ALA G 226 -25.99 28.61 45.47
C ALA G 226 -24.62 29.05 45.91
N THR G 227 -23.71 28.09 46.01
CA THR G 227 -22.32 28.43 46.25
C THR G 227 -21.78 29.16 45.04
N GLY G 228 -20.69 29.88 45.26
CA GLY G 228 -19.88 30.27 44.14
C GLY G 228 -19.25 29.06 43.49
N THR G 229 -18.79 29.24 42.26
CA THR G 229 -17.94 28.25 41.64
C THR G 229 -16.57 28.30 42.31
N PHE G 230 -16.13 27.16 42.85
CA PHE G 230 -14.78 27.02 43.39
C PHE G 230 -13.91 26.29 42.38
N PHE G 231 -12.66 26.74 42.23
CA PHE G 231 -11.68 26.12 41.36
C PHE G 231 -10.61 25.45 42.20
N PHE G 232 -10.41 24.16 41.97
CA PHE G 232 -9.39 23.39 42.68
C PHE G 232 -7.99 23.76 42.19
N ASP G 233 -6.99 23.25 42.92
CA ASP G 233 -5.57 23.41 42.59
C ASP G 233 -4.82 22.09 42.60
N CYS G 234 -5.51 20.96 42.58
CA CYS G 234 -4.90 19.67 42.87
C CYS G 234 -3.94 19.24 41.78
N LYS G 235 -2.96 18.44 42.16
CA LYS G 235 -2.12 17.77 41.18
C LYS G 235 -2.88 16.61 40.56
N PRO G 236 -2.60 16.26 39.30
CA PRO G 236 -3.40 15.23 38.64
C PRO G 236 -3.12 13.83 39.16
N CYS G 237 -4.08 12.93 38.91
CA CYS G 237 -3.95 11.51 39.19
C CYS G 237 -3.96 10.74 37.88
N ARG G 238 -3.03 9.80 37.74
CA ARG G 238 -2.97 8.98 36.54
C ARG G 238 -3.87 7.77 36.70
N LEU G 239 -4.58 7.44 35.63
CA LEU G 239 -5.48 6.30 35.59
C LEU G 239 -4.82 5.07 34.96
N THR G 240 -3.50 4.95 35.06
CA THR G 240 -2.75 3.83 34.51
C THR G 240 -1.74 3.36 35.54
N HIS G 241 -1.69 2.05 35.75
CA HIS G 241 -0.97 1.45 36.86
C HIS G 241 0.41 0.99 36.43
N THR G 242 1.37 1.12 37.34
CA THR G 242 2.73 0.70 37.08
C THR G 242 2.89 -0.78 37.41
N TRP G 243 3.91 -1.41 36.82
CA TRP G 243 4.27 -2.78 37.15
C TRP G 243 5.75 -2.98 37.40
N GLN G 244 6.62 -2.12 36.92
CA GLN G 244 8.04 -2.41 36.99
C GLN G 244 8.56 -2.24 38.41
N THR G 245 8.23 -3.17 39.28
CA THR G 245 8.89 -3.23 40.57
C THR G 245 10.34 -3.63 40.36
N ASN G 246 11.20 -3.17 41.27
CA ASN G 246 12.64 -2.95 41.12
C ASN G 246 13.40 -3.92 40.23
N ARG G 247 13.08 -5.21 40.32
CA ARG G 247 13.79 -6.24 39.57
C ARG G 247 13.71 -6.01 38.07
N ALA G 248 12.64 -5.37 37.57
CA ALA G 248 12.40 -5.21 36.15
C ALA G 248 12.84 -3.86 35.60
N LEU G 249 13.60 -3.09 36.35
CA LEU G 249 14.16 -1.85 35.83
C LEU G 249 15.45 -2.14 35.09
N GLY G 250 15.79 -1.27 34.14
CA GLY G 250 17.08 -1.32 33.48
C GLY G 250 17.14 -2.24 32.29
N LEU G 251 18.36 -2.66 31.94
CA LEU G 251 18.61 -3.48 30.76
C LEU G 251 18.68 -4.95 31.16
N PRO G 252 17.95 -5.87 30.54
CA PRO G 252 18.12 -7.28 30.87
C PRO G 252 19.50 -7.78 30.49
N PRO G 253 19.97 -8.88 31.08
CA PRO G 253 21.24 -9.45 30.63
C PRO G 253 21.14 -9.99 29.21
N PHE G 254 22.26 -10.02 28.53
CA PHE G 254 22.32 -10.65 27.22
C PHE G 254 22.31 -12.17 27.37
N LEU G 255 21.60 -12.84 26.48
CA LEU G 255 21.49 -14.30 26.49
C LEU G 255 22.38 -14.87 25.39
N ASN G 256 23.37 -15.66 25.80
CA ASN G 256 24.21 -16.35 24.81
C ASN G 256 23.53 -17.57 24.21
N SER G 257 22.42 -18.03 24.77
CA SER G 257 21.77 -19.29 24.35
C SER G 257 20.27 -19.10 24.43
N LEU G 258 19.66 -18.72 23.31
CA LEU G 258 18.21 -18.63 23.20
C LEU G 258 17.62 -20.01 22.93
N PRO G 259 16.37 -20.26 23.32
CA PRO G 259 15.81 -21.60 23.12
C PRO G 259 15.45 -21.85 21.67
N GLN G 260 15.12 -23.11 21.39
CA GLN G 260 14.67 -23.53 20.08
C GLN G 260 13.53 -24.52 20.22
N SER G 261 12.89 -24.82 19.09
CA SER G 261 11.90 -25.89 18.98
C SER G 261 10.63 -25.61 19.81
N GLU G 262 10.31 -24.35 20.01
CA GLU G 262 9.10 -23.87 20.69
C GLU G 262 9.06 -24.46 22.10
N GLY G 263 7.87 -24.65 22.66
CA GLY G 263 7.75 -25.21 23.99
C GLY G 263 7.87 -24.10 25.02
N ALA G 264 6.82 -23.88 25.81
CA ALA G 264 6.88 -22.80 26.79
C ALA G 264 7.88 -23.09 27.90
N THR G 265 8.13 -24.35 28.22
CA THR G 265 9.06 -24.74 29.28
C THR G 265 10.50 -24.91 28.78
N ASN G 266 10.78 -24.66 27.51
CA ASN G 266 12.15 -24.69 26.99
C ASN G 266 12.78 -23.34 27.28
N PHE G 267 13.34 -23.20 28.47
CA PHE G 267 13.82 -21.91 28.92
C PHE G 267 15.16 -21.55 28.28
N GLY G 268 15.46 -20.26 28.26
CA GLY G 268 16.75 -19.77 27.83
C GLY G 268 17.76 -19.74 28.96
N ASP G 269 19.02 -19.48 28.59
CA ASP G 269 20.14 -19.56 29.52
C ASP G 269 21.12 -18.42 29.25
N ILE G 270 21.58 -17.78 30.31
CA ILE G 270 22.67 -16.80 30.22
C ILE G 270 23.98 -17.57 30.22
N GLY G 271 24.91 -17.17 29.37
CA GLY G 271 26.10 -17.96 29.16
C GLY G 271 27.14 -17.82 30.25
N VAL G 272 27.56 -16.59 30.51
CA VAL G 272 28.72 -16.37 31.36
C VAL G 272 28.36 -16.70 32.81
N GLN G 273 29.23 -17.43 33.48
CA GLN G 273 28.99 -17.88 34.83
C GLN G 273 28.82 -16.71 35.78
N GLN G 274 28.11 -16.94 36.88
CA GLN G 274 27.64 -15.86 37.73
C GLN G 274 28.77 -15.11 38.42
N ASP G 275 29.95 -15.71 38.53
CA ASP G 275 31.09 -15.04 39.13
C ASP G 275 31.85 -14.14 38.16
N LYS G 276 31.55 -14.19 36.86
CA LYS G 276 32.33 -13.52 35.82
C LYS G 276 31.54 -12.53 34.97
N ARG G 277 30.27 -12.28 35.28
CA ARG G 277 29.47 -11.41 34.44
C ARG G 277 29.79 -9.94 34.68
N ARG G 278 29.79 -9.17 33.61
CA ARG G 278 30.06 -7.74 33.69
C ARG G 278 28.83 -7.00 34.20
N GLY G 279 29.06 -5.80 34.71
CA GLY G 279 28.01 -4.92 35.20
C GLY G 279 28.43 -4.21 36.46
N VAL G 280 27.43 -3.72 37.18
CA VAL G 280 27.60 -2.88 38.37
C VAL G 280 26.75 -3.45 39.49
N THR G 281 27.27 -3.40 40.72
CA THR G 281 26.51 -3.80 41.89
C THR G 281 26.92 -2.93 43.06
N GLN G 282 25.97 -2.66 43.94
CA GLN G 282 26.22 -1.92 45.17
C GLN G 282 26.51 -2.87 46.32
N MET G 283 27.48 -3.75 46.09
CA MET G 283 27.91 -4.76 47.07
C MET G 283 29.43 -4.81 46.95
N GLY G 284 30.11 -4.09 47.83
CA GLY G 284 31.53 -3.80 47.64
C GLY G 284 32.41 -5.03 47.67
N ASN G 285 32.12 -5.97 48.56
CA ASN G 285 32.95 -7.15 48.76
C ASN G 285 32.55 -8.33 47.89
N THR G 286 31.66 -8.13 46.93
CA THR G 286 30.97 -9.21 46.23
C THR G 286 31.34 -9.20 44.77
N ASN G 287 31.75 -10.35 44.26
CA ASN G 287 32.01 -10.52 42.83
C ASN G 287 30.80 -10.93 42.04
N TYR G 288 29.77 -11.48 42.68
CA TYR G 288 28.65 -12.08 41.97
C TYR G 288 27.68 -11.01 41.51
N ILE G 289 27.61 -10.80 40.20
CA ILE G 289 26.60 -9.94 39.59
C ILE G 289 25.43 -10.82 39.19
N THR G 290 24.26 -10.55 39.78
CA THR G 290 23.06 -11.32 39.56
C THR G 290 21.90 -10.35 39.46
N GLU G 291 20.76 -10.85 38.98
CA GLU G 291 19.57 -10.00 38.92
C GLU G 291 19.12 -9.56 40.30
N ALA G 292 19.45 -10.31 41.35
CA ALA G 292 19.16 -9.89 42.71
C ALA G 292 20.12 -8.81 43.19
N THR G 293 21.38 -8.85 42.74
CA THR G 293 22.41 -7.96 43.23
C THR G 293 22.65 -6.75 42.35
N ILE G 294 22.25 -6.79 41.08
CA ILE G 294 22.63 -5.74 40.15
C ILE G 294 21.98 -4.43 40.56
N MET G 295 22.73 -3.35 40.41
CA MET G 295 22.22 -2.03 40.76
C MET G 295 21.03 -1.68 39.89
N ARG G 296 20.09 -0.95 40.46
CA ARG G 296 19.01 -0.30 39.74
C ARG G 296 19.01 1.13 40.22
N PRO G 297 18.40 2.05 39.46
CA PRO G 297 18.48 3.48 39.85
C PRO G 297 17.89 3.79 41.21
N ALA G 298 16.76 3.19 41.54
CA ALA G 298 16.03 3.59 42.74
C ALA G 298 15.02 2.52 43.06
N GLU G 299 14.59 2.50 44.32
CA GLU G 299 13.71 1.45 44.80
C GLU G 299 12.27 1.85 44.60
N VAL G 300 11.46 0.89 44.17
CA VAL G 300 10.02 1.08 43.99
C VAL G 300 9.33 0.43 45.16
N GLY G 301 8.52 1.20 45.87
CA GLY G 301 7.82 0.67 47.01
C GLY G 301 8.76 0.54 48.20
N TYR G 302 8.22 -0.03 49.27
CA TYR G 302 8.98 -0.18 50.50
C TYR G 302 8.24 -1.10 51.44
N SER G 303 9.00 -1.70 52.36
CA SER G 303 8.42 -2.42 53.48
C SER G 303 8.08 -1.46 54.60
N ALA G 304 7.10 -1.83 55.41
CA ALA G 304 6.63 -0.98 56.50
C ALA G 304 6.16 -1.90 57.63
N PRO G 305 6.11 -1.41 58.87
CA PRO G 305 5.82 -2.33 59.98
C PRO G 305 4.34 -2.70 60.03
N TYR G 306 3.96 -3.76 59.34
CA TYR G 306 2.55 -4.06 59.15
C TYR G 306 1.90 -4.52 60.45
N TYR G 307 0.72 -3.97 60.72
CA TYR G 307 -0.04 -4.17 61.95
C TYR G 307 0.74 -3.72 63.17
N SER G 308 1.19 -2.47 63.13
CA SER G 308 1.79 -1.79 64.27
C SER G 308 0.89 -0.63 64.68
N PHE G 309 0.59 -0.52 65.96
CA PHE G 309 -0.20 0.57 66.53
C PHE G 309 0.72 1.49 67.32
N GLU G 310 0.61 2.78 67.05
CA GLU G 310 1.37 3.81 67.74
C GLU G 310 0.46 4.53 68.72
N ALA G 311 1.00 4.83 69.90
CA ALA G 311 0.23 5.42 70.98
C ALA G 311 0.31 6.94 70.89
N SER G 312 -0.76 7.56 70.41
CA SER G 312 -0.90 8.99 70.60
C SER G 312 -1.25 9.28 72.05
N THR G 313 -1.15 10.56 72.43
CA THR G 313 -1.71 10.96 73.71
C THR G 313 -3.22 10.75 73.74
N GLN G 314 -3.89 10.82 72.60
CA GLN G 314 -5.33 10.58 72.54
C GLN G 314 -5.70 9.11 72.52
N GLY G 315 -4.76 8.21 72.23
CA GLY G 315 -5.02 6.79 72.20
C GLY G 315 -4.25 6.10 71.10
N PRO G 316 -4.29 4.77 71.08
CA PRO G 316 -3.56 4.04 70.04
C PRO G 316 -4.20 4.25 68.68
N PHE G 317 -3.37 4.16 67.64
CA PHE G 317 -3.88 4.23 66.28
C PHE G 317 -3.03 3.38 65.35
N LYS G 318 -3.69 2.81 64.34
CA LYS G 318 -3.02 2.05 63.31
C LYS G 318 -2.18 2.97 62.45
N THR G 319 -0.89 2.76 62.43
CA THR G 319 -0.02 3.56 61.59
C THR G 319 -0.34 3.25 60.13
N PRO G 320 -0.59 4.23 59.27
CA PRO G 320 -1.01 3.89 57.91
C PRO G 320 0.12 3.28 57.11
N ILE G 321 -0.27 2.49 56.09
CA ILE G 321 0.66 1.83 55.18
C ILE G 321 0.21 2.15 53.76
N ALA G 322 1.16 2.50 52.90
CA ALA G 322 0.81 3.05 51.59
C ALA G 322 0.54 1.98 50.54
N ALA G 323 1.08 0.78 50.69
CA ALA G 323 0.92 -0.26 49.67
C ALA G 323 1.03 -1.63 50.34
N GLY G 324 0.46 -2.63 49.68
CA GLY G 324 0.52 -3.99 50.18
C GLY G 324 0.08 -4.98 49.12
N ARG G 325 0.31 -6.25 49.39
CA ARG G 325 -0.16 -7.31 48.52
C ARG G 325 -0.30 -8.62 49.29
N ALA G 336 -4.79 -9.41 51.87
CA ALA G 336 -4.96 -9.20 53.34
C ALA G 336 -4.34 -7.88 53.78
N ASP G 337 -3.02 -7.78 53.65
CA ASP G 337 -2.29 -6.65 54.20
C ASP G 337 -2.54 -5.37 53.42
N GLY G 338 -2.72 -4.27 54.15
CA GLY G 338 -2.58 -2.94 53.57
C GLY G 338 -3.73 -2.38 52.78
N ASN G 339 -4.33 -3.17 51.89
CA ASN G 339 -5.27 -2.62 50.93
C ASN G 339 -6.55 -2.17 51.64
N PRO G 340 -7.20 -1.10 51.19
CA PRO G 340 -8.37 -0.60 51.92
C PRO G 340 -9.56 -1.52 51.77
N ARG G 341 -10.37 -1.61 52.83
CA ARG G 341 -11.59 -2.38 52.85
C ARG G 341 -12.74 -1.47 53.24
N TYR G 342 -13.72 -1.35 52.36
CA TYR G 342 -14.85 -0.47 52.54
C TYR G 342 -16.07 -1.27 52.97
N ALA G 343 -16.68 -0.88 54.09
CA ALA G 343 -17.98 -1.36 54.50
C ALA G 343 -18.99 -0.27 54.20
N PHE G 344 -20.09 -0.63 53.57
CA PHE G 344 -21.00 0.33 52.96
C PHE G 344 -22.42 -0.18 53.03
N GLY G 345 -23.37 0.76 53.10
CA GLY G 345 -24.77 0.45 53.32
C GLY G 345 -25.62 0.59 52.06
N ARG G 346 -26.93 0.51 52.27
CA ARG G 346 -27.88 0.44 51.16
C ARG G 346 -27.94 1.73 50.36
N GLN G 347 -27.72 2.88 51.00
CA GLN G 347 -27.69 4.12 50.23
C GLN G 347 -26.50 4.18 49.29
N HIS G 348 -25.43 3.45 49.56
CA HIS G 348 -24.14 3.62 48.91
C HIS G 348 -23.64 2.33 48.27
N GLY G 349 -24.55 1.52 47.74
CA GLY G 349 -24.21 0.46 46.80
C GLY G 349 -24.62 -0.93 47.21
N GLN G 350 -24.94 -1.18 48.47
CA GLN G 350 -25.44 -2.48 48.86
C GLN G 350 -26.81 -2.69 48.23
N LYS G 351 -27.13 -3.94 47.93
CA LYS G 351 -28.39 -4.32 47.31
C LYS G 351 -29.56 -3.81 48.14
N THR G 352 -30.34 -2.90 47.57
CA THR G 352 -31.28 -2.10 48.34
C THR G 352 -32.40 -2.92 48.96
N THR G 353 -32.65 -4.13 48.46
CA THR G 353 -33.79 -4.89 48.96
C THR G 353 -33.53 -5.54 50.30
N THR G 354 -32.29 -5.94 50.57
CA THR G 354 -32.03 -6.88 51.65
C THR G 354 -32.32 -6.27 53.02
N THR G 355 -32.97 -7.04 53.87
CA THR G 355 -33.14 -6.66 55.26
C THR G 355 -31.82 -6.92 56.00
N GLY G 356 -31.81 -6.58 57.27
CA GLY G 356 -30.66 -6.81 58.14
C GLY G 356 -29.79 -5.58 58.24
N GLU G 357 -29.14 -5.45 59.41
CA GLU G 357 -28.35 -4.27 59.71
C GLU G 357 -26.93 -4.34 59.17
N THR G 358 -26.47 -5.51 58.74
CA THR G 358 -25.05 -5.67 58.47
C THR G 358 -24.67 -5.01 57.14
N PRO G 359 -23.46 -4.47 57.01
CA PRO G 359 -23.05 -3.88 55.73
C PRO G 359 -22.48 -4.91 54.77
N GLU G 360 -22.50 -4.54 53.50
CA GLU G 360 -21.70 -5.23 52.49
C GLU G 360 -20.27 -4.71 52.55
N ARG G 361 -19.33 -5.58 52.23
CA ARG G 361 -17.90 -5.31 52.43
C ARG G 361 -17.13 -5.76 51.20
N PHE G 362 -16.21 -4.91 50.72
CA PHE G 362 -15.24 -5.34 49.72
C PHE G 362 -13.87 -4.81 50.07
N THR G 363 -12.84 -5.58 49.70
CA THR G 363 -11.46 -5.15 49.78
C THR G 363 -10.97 -4.82 48.38
N TYR G 364 -10.28 -3.70 48.25
CA TYR G 364 -9.83 -3.20 46.95
C TYR G 364 -8.40 -3.64 46.72
N ILE G 365 -8.23 -4.81 46.10
CA ILE G 365 -6.89 -5.26 45.74
C ILE G 365 -6.44 -4.37 44.60
N ALA G 366 -5.57 -3.41 44.88
CA ALA G 366 -5.14 -2.45 43.88
C ALA G 366 -4.29 -3.14 42.82
N HIS G 367 -4.49 -2.75 41.57
CA HIS G 367 -3.68 -3.32 40.50
C HIS G 367 -2.23 -2.87 40.58
N GLN G 368 -1.99 -1.64 41.02
CA GLN G 368 -0.64 -1.08 41.00
C GLN G 368 0.25 -1.86 41.97
N ASP G 369 1.37 -2.34 41.44
CA ASP G 369 2.06 -3.50 41.99
C ASP G 369 3.25 -3.14 42.88
N THR G 370 3.26 -1.94 43.45
CA THR G 370 4.41 -1.48 44.22
C THR G 370 4.44 -2.01 45.65
N GLY G 371 3.57 -2.96 46.01
CA GLY G 371 3.58 -3.50 47.35
C GLY G 371 4.76 -4.41 47.61
N ARG G 372 4.64 -5.25 48.63
CA ARG G 372 5.70 -6.17 49.03
C ARG G 372 5.09 -7.50 49.40
N TYR G 373 5.92 -8.54 49.39
CA TYR G 373 5.54 -9.90 49.74
C TYR G 373 6.42 -10.26 50.94
N PRO G 374 5.96 -10.00 52.18
CA PRO G 374 6.86 -10.15 53.34
C PRO G 374 7.43 -11.53 53.53
N GLU G 375 6.77 -12.58 53.06
CA GLU G 375 7.30 -13.92 53.24
C GLU G 375 8.60 -14.15 52.47
N GLY G 376 8.94 -13.31 51.50
CA GLY G 376 10.15 -13.47 50.72
C GLY G 376 11.34 -12.65 51.18
N ASP G 377 11.13 -11.68 52.07
CA ASP G 377 12.20 -10.80 52.47
C ASP G 377 13.22 -11.54 53.33
N TRP G 378 14.47 -11.06 53.34
CA TRP G 378 15.48 -11.68 54.18
C TRP G 378 16.67 -10.74 54.29
N ILE G 379 17.47 -10.97 55.32
CA ILE G 379 18.68 -10.19 55.60
C ILE G 379 19.81 -11.17 55.90
N GLN G 380 21.00 -10.89 55.35
CA GLN G 380 22.19 -11.68 55.60
C GLN G 380 23.34 -10.77 56.03
N ASN G 381 24.32 -11.40 56.67
CA ASN G 381 25.48 -10.69 57.19
C ASN G 381 26.28 -10.10 56.05
N ILE G 382 27.01 -9.02 56.36
CA ILE G 382 27.78 -8.25 55.37
C ILE G 382 28.77 -9.12 54.61
N ASN G 383 29.33 -10.13 55.26
CA ASN G 383 30.41 -10.88 54.62
C ASN G 383 29.95 -11.66 53.41
N PHE G 384 28.73 -12.18 53.44
CA PHE G 384 28.11 -12.85 52.30
C PHE G 384 28.98 -14.02 51.81
N ASN G 385 29.32 -14.91 52.73
CA ASN G 385 29.76 -16.23 52.31
C ASN G 385 28.60 -16.91 51.60
N LEU G 386 28.85 -17.40 50.39
CA LEU G 386 27.81 -17.51 49.36
C LEU G 386 26.65 -18.43 49.73
N PRO G 387 26.81 -19.77 49.90
CA PRO G 387 25.67 -20.54 50.43
C PRO G 387 25.53 -20.28 51.91
N VAL G 388 24.49 -19.52 52.29
CA VAL G 388 24.47 -18.89 53.60
C VAL G 388 24.13 -19.89 54.69
N THR G 389 24.87 -19.85 55.78
CA THR G 389 24.67 -20.72 56.93
C THR G 389 23.71 -20.08 57.93
N ASN G 390 23.12 -20.93 58.77
CA ASN G 390 21.97 -20.53 59.60
C ASN G 390 22.28 -19.37 60.53
N ASP G 391 23.53 -19.25 60.99
CA ASP G 391 23.87 -18.15 61.88
C ASP G 391 23.92 -16.81 61.16
N ASN G 392 24.17 -16.82 59.85
CA ASN G 392 24.49 -15.60 59.12
C ASN G 392 23.28 -14.87 58.54
N VAL G 393 22.07 -15.38 58.71
CA VAL G 393 20.90 -14.92 57.96
C VAL G 393 19.69 -14.89 58.87
N LEU G 394 18.93 -13.80 58.80
CA LEU G 394 17.58 -13.73 59.34
C LEU G 394 16.62 -14.09 58.23
N LEU G 395 15.62 -14.89 58.55
CA LEU G 395 14.53 -15.24 57.66
C LEU G 395 13.23 -14.89 58.36
N PRO G 396 12.11 -14.77 57.62
CA PRO G 396 10.82 -14.59 58.31
C PRO G 396 10.40 -15.78 59.15
N THR G 397 11.04 -16.93 59.02
CA THR G 397 10.78 -18.06 59.90
C THR G 397 11.25 -17.84 61.34
N ASP G 398 12.06 -16.82 61.60
CA ASP G 398 12.81 -16.70 62.84
C ASP G 398 12.06 -15.81 63.83
N PRO G 399 11.87 -16.19 65.10
CA PRO G 399 11.16 -15.29 66.02
C PRO G 399 11.91 -14.02 66.34
N ILE G 400 11.16 -12.99 66.70
CA ILE G 400 11.67 -11.75 67.27
C ILE G 400 11.29 -11.73 68.75
N GLY G 401 12.27 -11.48 69.61
CA GLY G 401 11.99 -11.33 71.04
C GLY G 401 11.38 -12.54 71.70
N GLY G 402 11.57 -13.73 71.13
CA GLY G 402 10.96 -14.93 71.64
C GLY G 402 9.47 -15.08 71.37
N LYS G 403 8.84 -14.11 70.73
CA LYS G 403 7.43 -14.23 70.33
C LYS G 403 7.40 -15.03 69.03
N THR G 404 6.97 -16.29 69.15
CA THR G 404 7.10 -17.23 68.04
C THR G 404 6.27 -16.81 66.83
N GLY G 405 5.15 -16.15 67.05
CA GLY G 405 4.29 -15.76 65.95
C GLY G 405 4.67 -14.52 65.19
N ILE G 406 5.75 -13.83 65.57
CA ILE G 406 6.15 -12.55 64.99
C ILE G 406 7.56 -12.69 64.48
N ASN G 407 7.83 -12.13 63.30
CA ASN G 407 9.12 -12.19 62.63
C ASN G 407 9.56 -10.78 62.29
N TYR G 408 10.79 -10.69 61.77
CA TYR G 408 11.44 -9.39 61.62
C TYR G 408 10.69 -8.47 60.68
N THR G 409 9.94 -9.01 59.73
CA THR G 409 9.23 -8.17 58.78
C THR G 409 8.11 -7.38 59.45
N ASN G 410 7.68 -7.77 60.65
CA ASN G 410 6.74 -6.97 61.40
C ASN G 410 7.36 -5.69 61.94
N ILE G 411 8.65 -5.73 62.32
CA ILE G 411 9.36 -4.54 62.83
C ILE G 411 10.17 -3.81 61.77
N PHE G 412 10.30 -4.37 60.58
CA PHE G 412 11.19 -3.81 59.55
C PHE G 412 10.57 -2.56 58.95
N ASN G 413 11.42 -1.63 58.51
CA ASN G 413 10.95 -0.41 57.86
C ASN G 413 12.03 0.11 56.93
N THR G 414 11.73 0.14 55.64
CA THR G 414 12.68 0.52 54.60
C THR G 414 12.17 1.66 53.73
N TYR G 415 11.38 2.57 54.30
CA TYR G 415 11.28 3.86 53.66
C TYR G 415 12.65 4.51 53.70
N GLY G 416 12.99 5.19 52.63
CA GLY G 416 14.32 5.68 52.46
C GLY G 416 14.36 6.69 51.34
N PRO G 417 15.44 7.42 51.24
CA PRO G 417 15.50 8.50 50.25
C PRO G 417 15.40 8.02 48.82
N LEU G 418 15.79 6.78 48.55
CA LEU G 418 15.77 6.25 47.19
C LEU G 418 14.44 5.64 46.78
N THR G 419 13.37 5.88 47.53
CA THR G 419 12.09 5.21 47.30
C THR G 419 11.16 6.04 46.43
N ALA G 420 10.29 5.34 45.69
CA ALA G 420 9.31 5.94 44.80
C ALA G 420 7.97 5.28 45.04
N LEU G 421 6.89 6.05 44.91
CA LEU G 421 5.56 5.60 45.28
C LEU G 421 4.50 6.18 44.35
N ASN G 422 3.40 5.45 44.21
CA ASN G 422 2.23 5.93 43.50
C ASN G 422 1.28 6.61 44.47
N ASN G 423 0.44 7.49 43.93
CA ASN G 423 -0.67 8.02 44.73
C ASN G 423 -1.70 6.92 44.93
N VAL G 424 -2.59 7.13 45.90
CA VAL G 424 -3.62 6.12 46.15
C VAL G 424 -4.58 6.08 44.97
N PRO G 425 -4.91 4.92 44.39
CA PRO G 425 -5.73 4.93 43.20
C PRO G 425 -7.17 5.26 43.54
N PRO G 426 -7.93 5.83 42.60
CA PRO G 426 -9.36 6.00 42.85
C PRO G 426 -10.05 4.66 43.04
N VAL G 427 -11.08 4.65 43.90
CA VAL G 427 -11.90 3.47 44.15
C VAL G 427 -13.35 3.90 44.04
N TYR G 428 -14.08 3.29 43.13
CA TYR G 428 -15.45 3.61 42.79
C TYR G 428 -16.38 2.59 43.44
N PRO G 429 -17.57 2.97 43.92
CA PRO G 429 -18.17 4.29 44.09
C PRO G 429 -17.89 4.94 45.43
N ASN G 430 -17.27 4.23 46.37
CA ASN G 430 -17.30 4.66 47.76
C ASN G 430 -16.14 5.55 48.18
N GLY G 431 -15.14 5.78 47.33
CA GLY G 431 -13.98 6.55 47.76
C GLY G 431 -14.17 8.05 47.63
N GLN G 432 -13.40 8.79 48.42
CA GLN G 432 -13.35 10.25 48.30
C GLN G 432 -12.88 10.68 46.93
N ILE G 433 -13.18 11.92 46.57
CA ILE G 433 -12.60 12.56 45.40
C ILE G 433 -11.46 13.49 45.80
N TRP G 434 -11.64 14.30 46.85
CA TRP G 434 -10.64 15.28 47.28
C TRP G 434 -10.47 15.23 48.79
N ASP G 435 -9.44 15.94 49.25
CA ASP G 435 -9.20 16.14 50.67
C ASP G 435 -8.22 17.30 50.82
N LYS G 436 -8.18 17.88 52.02
CA LYS G 436 -7.32 19.01 52.29
C LYS G 436 -5.91 18.57 52.67
N GLU G 437 -4.93 19.41 52.34
CA GLU G 437 -3.63 19.31 52.98
C GLU G 437 -3.77 19.58 54.47
N PHE G 438 -2.97 18.89 55.26
CA PHE G 438 -3.14 18.95 56.71
C PHE G 438 -2.64 20.27 57.28
N ASP G 439 -3.11 20.55 58.50
CA ASP G 439 -2.69 21.71 59.28
C ASP G 439 -1.37 21.43 60.03
N THR G 440 -0.28 21.35 59.24
CA THR G 440 1.03 20.97 59.76
C THR G 440 2.13 21.83 59.16
N ASP G 441 3.28 21.86 59.84
CA ASP G 441 4.41 22.65 59.36
C ASP G 441 5.07 21.98 58.15
N LEU G 442 5.67 20.81 58.32
CA LEU G 442 6.01 19.94 57.20
C LEU G 442 4.79 19.11 56.84
N LYS G 443 4.67 18.78 55.54
CA LYS G 443 3.43 18.28 54.98
C LYS G 443 3.67 16.95 54.27
N PRO G 444 2.72 16.01 54.32
CA PRO G 444 3.00 14.66 53.86
C PRO G 444 3.13 14.57 52.36
N ARG G 445 3.80 13.52 51.90
CA ARG G 445 3.98 13.32 50.47
C ARG G 445 2.64 13.02 49.80
N LEU G 446 1.84 12.14 50.39
CA LEU G 446 0.59 11.71 49.80
C LEU G 446 -0.43 11.45 50.88
N HIS G 447 -1.70 11.50 50.49
CA HIS G 447 -2.83 11.24 51.37
C HIS G 447 -3.42 9.88 51.03
N VAL G 448 -3.66 9.08 52.07
CA VAL G 448 -4.09 7.70 51.88
C VAL G 448 -5.52 7.55 51.42
N ASN G 449 -6.32 8.61 51.51
CA ASN G 449 -7.77 8.48 51.46
C ASN G 449 -8.43 9.10 50.24
N ALA G 450 -7.72 9.91 49.45
CA ALA G 450 -8.30 10.61 48.32
C ALA G 450 -7.25 10.69 47.21
N PRO G 451 -7.62 10.49 45.94
CA PRO G 451 -6.58 10.61 44.91
C PRO G 451 -6.14 12.04 44.72
N PHE G 452 -7.07 12.98 44.66
CA PHE G 452 -6.74 14.39 44.60
C PHE G 452 -6.66 14.96 46.01
N VAL G 453 -5.82 15.96 46.15
CA VAL G 453 -5.60 16.64 47.42
C VAL G 453 -5.39 18.12 47.14
N CYS G 454 -5.89 18.96 48.03
CA CYS G 454 -5.95 20.40 47.82
C CYS G 454 -4.80 21.09 48.53
N GLN G 455 -4.12 22.00 47.82
CA GLN G 455 -3.05 22.75 48.47
C GLN G 455 -3.58 23.91 49.31
N ASN G 456 -4.74 24.47 48.98
CA ASN G 456 -5.34 25.50 49.83
C ASN G 456 -6.86 25.53 49.73
N ASN G 457 -7.50 25.41 50.89
CA ASN G 457 -8.83 25.97 51.17
C ASN G 457 -9.90 25.54 50.18
N CYS G 458 -10.03 24.22 50.00
CA CYS G 458 -10.95 23.66 49.02
C CYS G 458 -12.30 23.39 49.65
N PRO G 459 -13.30 22.96 48.86
CA PRO G 459 -14.63 23.55 48.94
C PRO G 459 -15.26 23.51 50.32
N GLY G 460 -15.94 24.61 50.66
CA GLY G 460 -16.50 24.74 51.99
C GLY G 460 -17.57 23.69 52.26
N GLN G 461 -17.55 23.15 53.46
CA GLN G 461 -18.62 22.29 53.92
C GLN G 461 -19.93 23.07 53.92
N LEU G 462 -21.02 22.41 53.51
CA LEU G 462 -22.35 23.00 53.45
C LEU G 462 -23.20 22.36 54.54
N PHE G 463 -23.69 23.18 55.46
CA PHE G 463 -24.41 22.75 56.64
C PHE G 463 -25.87 23.19 56.56
N VAL G 464 -26.76 22.38 57.12
CA VAL G 464 -28.19 22.63 57.04
C VAL G 464 -28.86 22.28 58.36
N LYS G 465 -29.88 23.06 58.71
CA LYS G 465 -30.69 22.86 59.90
C LYS G 465 -32.02 23.55 59.67
N VAL G 466 -33.10 22.90 60.07
CA VAL G 466 -34.42 23.54 60.05
C VAL G 466 -34.53 24.43 61.28
N ALA G 467 -35.02 25.65 61.08
CA ALA G 467 -35.04 26.62 62.17
C ALA G 467 -36.03 26.19 63.25
N PRO G 468 -35.84 26.62 64.50
CA PRO G 468 -36.82 26.27 65.54
C PRO G 468 -38.20 26.85 65.28
N ASN G 469 -39.23 26.10 65.70
CA ASN G 469 -40.62 26.54 65.63
C ASN G 469 -41.28 26.19 66.95
N LEU G 470 -42.02 27.12 67.53
CA LEU G 470 -42.42 27.08 68.95
C LEU G 470 -43.92 27.17 69.16
N MET G 482 -37.84 22.65 77.30
CA MET G 482 -38.10 23.27 75.97
C MET G 482 -39.12 22.45 75.21
N SER G 483 -39.74 23.07 74.20
CA SER G 483 -40.75 22.41 73.39
C SER G 483 -40.74 23.02 72.00
N ARG G 484 -41.06 22.18 71.01
CA ARG G 484 -41.02 22.57 69.60
C ARG G 484 -42.19 21.98 68.85
N ILE G 485 -42.61 22.66 67.79
CA ILE G 485 -43.53 22.07 66.83
C ILE G 485 -42.74 21.11 65.95
N VAL G 486 -43.21 19.87 65.87
CA VAL G 486 -42.51 18.86 65.09
C VAL G 486 -42.59 19.23 63.63
N THR G 487 -41.43 19.48 63.02
CA THR G 487 -41.33 19.94 61.63
C THR G 487 -40.23 19.16 60.91
N TYR G 488 -40.36 19.11 59.59
CA TYR G 488 -39.36 18.47 58.75
C TYR G 488 -39.37 19.15 57.40
N SER G 489 -38.31 18.92 56.62
CA SER G 489 -38.10 19.58 55.35
C SER G 489 -37.61 18.59 54.31
N ASP G 490 -37.79 18.96 53.05
CA ASP G 490 -37.09 18.35 51.94
C ASP G 490 -36.54 19.45 51.05
N PHE G 491 -35.44 19.16 50.36
CA PHE G 491 -34.91 20.12 49.41
C PHE G 491 -34.09 19.39 48.36
N TRP G 492 -34.20 19.85 47.12
CA TRP G 492 -33.42 19.30 46.03
C TRP G 492 -32.05 19.96 46.00
N TRP G 493 -31.01 19.15 46.13
CA TRP G 493 -29.63 19.59 45.92
C TRP G 493 -29.25 19.30 44.47
N LYS G 494 -28.42 20.17 43.90
CA LYS G 494 -27.67 19.79 42.71
C LYS G 494 -26.28 20.37 42.81
N GLY G 495 -25.37 19.76 42.05
CA GLY G 495 -24.02 20.27 41.93
C GLY G 495 -23.43 19.83 40.61
N LYS G 496 -22.37 20.53 40.24
CA LYS G 496 -21.63 20.30 39.02
C LYS G 496 -20.18 20.14 39.41
N LEU G 497 -19.55 19.07 38.96
CA LEU G 497 -18.15 18.77 39.23
C LEU G 497 -17.46 18.57 37.91
N VAL G 498 -16.46 19.40 37.62
CA VAL G 498 -15.82 19.47 36.31
C VAL G 498 -14.44 18.85 36.42
N PHE G 499 -14.08 18.05 35.42
CA PHE G 499 -12.75 17.48 35.29
C PHE G 499 -12.18 17.83 33.92
N LYS G 500 -10.88 17.67 33.79
CA LYS G 500 -10.19 17.72 32.51
C LYS G 500 -9.35 16.46 32.39
N ALA G 501 -9.53 15.70 31.30
CA ALA G 501 -8.96 14.38 31.13
C ALA G 501 -8.39 14.24 29.72
N LYS G 502 -7.41 13.34 29.57
CA LYS G 502 -6.71 13.11 28.31
C LYS G 502 -6.97 11.70 27.80
N LEU G 503 -7.30 11.59 26.52
CA LEU G 503 -7.54 10.29 25.92
C LEU G 503 -6.21 9.57 25.72
N ARG G 504 -6.22 8.25 25.89
CA ARG G 504 -4.97 7.50 25.79
C ARG G 504 -4.56 7.32 24.33
N ALA G 505 -3.45 6.63 24.13
CA ALA G 505 -2.94 6.28 22.82
C ALA G 505 -2.43 4.85 22.83
N SER G 506 -2.42 4.24 21.65
CA SER G 506 -2.06 2.84 21.46
C SER G 506 -0.55 2.70 21.44
N HIS G 507 0.04 2.77 22.64
CA HIS G 507 1.49 2.75 22.73
C HIS G 507 2.10 1.39 22.44
N THR G 508 1.31 0.31 22.42
CA THR G 508 1.85 -1.04 22.41
C THR G 508 1.04 -1.92 21.46
N TRP G 509 1.69 -2.99 21.02
CA TRP G 509 1.09 -3.89 20.04
C TRP G 509 -0.11 -4.62 20.60
N ASN G 510 -0.06 -5.01 21.87
CA ASN G 510 -1.10 -5.87 22.43
C ASN G 510 -2.30 -5.06 22.92
N PRO G 511 -3.44 -5.70 23.12
CA PRO G 511 -4.55 -4.99 23.79
C PRO G 511 -4.31 -4.89 25.28
N ILE G 512 -4.73 -3.77 25.85
CA ILE G 512 -4.66 -3.55 27.29
C ILE G 512 -5.86 -4.19 27.99
N GLN G 513 -5.81 -4.26 29.31
CA GLN G 513 -6.98 -4.61 30.09
C GLN G 513 -8.04 -3.52 29.92
N GLN G 514 -9.30 -3.95 29.84
CA GLN G 514 -10.43 -3.02 29.81
C GLN G 514 -11.57 -3.62 30.61
N MET G 515 -12.36 -2.75 31.23
CA MET G 515 -13.51 -3.19 32.01
C MET G 515 -14.67 -3.47 31.07
N SER G 516 -15.40 -4.55 31.34
CA SER G 516 -16.43 -5.02 30.43
C SER G 516 -17.51 -5.74 31.21
N ILE G 517 -18.72 -5.69 30.68
CA ILE G 517 -19.82 -6.49 31.19
C ILE G 517 -19.68 -7.91 30.67
N ASN G 518 -19.97 -8.89 31.52
CA ASN G 518 -19.74 -10.29 31.18
C ASN G 518 -20.78 -11.16 31.88
N VAL G 519 -20.72 -12.46 31.59
CA VAL G 519 -21.66 -13.43 32.13
C VAL G 519 -21.65 -13.48 33.65
N ASP G 520 -20.54 -13.12 34.29
CA ASP G 520 -20.50 -13.06 35.75
C ASP G 520 -21.17 -11.80 36.26
N ASN G 521 -20.72 -10.63 35.81
CA ASN G 521 -21.12 -9.36 36.38
C ASN G 521 -22.33 -8.72 35.71
N GLN G 522 -23.08 -9.47 34.89
CA GLN G 522 -24.21 -8.90 34.16
C GLN G 522 -25.24 -8.29 35.10
N PHE G 523 -25.74 -9.07 36.04
CA PHE G 523 -26.83 -8.64 36.90
C PHE G 523 -26.39 -7.78 38.07
N ASN G 524 -25.14 -7.31 38.09
CA ASN G 524 -24.72 -6.29 39.03
C ASN G 524 -25.10 -4.88 38.61
N TYR G 525 -25.55 -4.68 37.36
CA TYR G 525 -25.83 -3.37 36.81
C TYR G 525 -27.26 -3.18 36.33
N VAL G 526 -28.17 -4.09 36.66
CA VAL G 526 -29.53 -4.12 36.10
C VAL G 526 -30.49 -4.17 37.28
N PRO G 527 -31.63 -3.48 37.26
CA PRO G 527 -32.55 -3.59 38.39
C PRO G 527 -33.11 -5.00 38.53
N SER G 528 -33.42 -5.37 39.78
CA SER G 528 -33.91 -6.69 40.08
C SER G 528 -35.42 -6.77 39.88
N ASN G 529 -35.96 -7.98 40.03
CA ASN G 529 -37.37 -8.20 39.75
C ASN G 529 -38.29 -7.56 40.78
N ILE G 530 -37.79 -7.08 41.91
CA ILE G 530 -38.54 -6.26 42.86
C ILE G 530 -37.95 -4.86 42.96
N GLY G 531 -37.26 -4.40 41.92
CA GLY G 531 -36.80 -3.02 41.86
C GLY G 531 -35.53 -2.72 42.62
N GLY G 532 -34.78 -3.73 43.03
CA GLY G 532 -33.55 -3.48 43.75
C GLY G 532 -32.44 -3.04 42.82
N MET G 533 -31.44 -2.38 43.40
CA MET G 533 -30.22 -2.04 42.68
C MET G 533 -29.02 -2.22 43.59
N LYS G 534 -27.88 -2.51 42.99
CA LYS G 534 -26.58 -2.48 43.66
C LYS G 534 -25.60 -1.76 42.77
N ILE G 535 -24.48 -1.35 43.36
CA ILE G 535 -23.38 -0.73 42.65
C ILE G 535 -22.13 -1.50 43.04
N VAL G 536 -21.70 -2.43 42.21
CA VAL G 536 -20.48 -3.17 42.44
C VAL G 536 -19.28 -2.23 42.28
N TYR G 537 -18.19 -2.56 42.97
CA TYR G 537 -17.00 -1.73 42.89
C TYR G 537 -16.26 -1.99 41.59
N GLU G 538 -15.50 -0.99 41.15
CA GLU G 538 -14.78 -1.02 39.88
C GLU G 538 -13.33 -0.62 40.12
N LYS G 539 -12.42 -1.33 39.47
CA LYS G 539 -11.02 -0.91 39.48
C LYS G 539 -10.87 0.35 38.64
N SER G 540 -9.93 1.20 39.02
CA SER G 540 -9.70 2.47 38.35
C SER G 540 -8.55 2.40 37.35
N GLN G 541 -7.35 2.11 37.84
CA GLN G 541 -6.15 2.22 37.01
C GLN G 541 -5.94 1.00 36.13
N LEU G 542 -6.88 0.73 35.22
CA LEU G 542 -6.83 -0.51 34.45
C LEU G 542 -5.60 -0.59 33.54
N ALA G 543 -5.29 0.47 32.82
CA ALA G 543 -4.31 0.32 31.74
C ALA G 543 -2.89 0.29 32.32
N PRO G 544 -1.95 -0.38 31.67
CA PRO G 544 -0.56 -0.36 32.16
C PRO G 544 0.20 0.87 31.71
N ARG G 545 1.32 1.11 32.38
CA ARG G 545 2.16 2.27 32.15
C ARG G 545 3.61 1.90 32.44
N LYS G 546 4.51 2.35 31.57
CA LYS G 546 5.93 2.14 31.81
C LYS G 546 6.43 3.12 32.87
N LEU G 547 7.19 2.60 33.82
CA LEU G 547 7.75 3.43 34.89
C LEU G 547 9.10 4.02 34.49
N TYR G 548 9.88 3.28 33.72
CA TYR G 548 11.26 3.65 33.46
C TYR G 548 11.70 3.03 32.14
N UNK H 1 -5.30 -45.63 -2.13
CA UNK H 1 -6.26 -45.28 -3.22
C UNK H 1 -6.42 -46.45 -4.19
N UNK H 2 -5.38 -46.73 -4.98
CA UNK H 2 -5.40 -47.85 -5.91
C UNK H 2 -4.08 -48.09 -6.65
N UNK H 3 -3.73 -47.16 -7.55
CA UNK H 3 -2.78 -47.44 -8.62
C UNK H 3 -1.30 -47.29 -8.28
N UNK H 4 -0.46 -47.91 -9.11
CA UNK H 4 0.99 -47.92 -8.96
C UNK H 4 1.66 -48.76 -10.05
N UNK H 5 2.92 -48.47 -10.34
CA UNK H 5 3.66 -49.21 -11.37
C UNK H 5 5.16 -48.86 -11.34
N UNK H 6 5.96 -49.55 -12.16
CA UNK H 6 7.42 -49.35 -12.15
C UNK H 6 8.12 -50.08 -13.30
N UNK H 7 9.43 -49.86 -13.45
CA UNK H 7 10.21 -50.49 -14.51
C UNK H 7 11.70 -50.22 -14.36
N UNK H 8 12.54 -51.27 -14.37
CA UNK H 8 13.98 -51.08 -14.20
C UNK H 8 14.81 -52.33 -14.64
N UNK H 9 15.64 -52.93 -13.78
CA UNK H 9 16.44 -54.13 -14.12
C UNK H 9 17.54 -53.89 -15.14
N UNK H 10 17.84 -52.62 -15.46
CA UNK H 10 18.81 -52.32 -16.50
C UNK H 10 20.25 -52.34 -15.98
N UNK H 11 21.18 -51.68 -16.67
CA UNK H 11 22.58 -51.61 -16.23
C UNK H 11 23.31 -50.30 -16.56
N UNK H 12 22.61 -49.30 -17.09
CA UNK H 12 23.25 -48.02 -17.40
C UNK H 12 22.33 -46.80 -17.57
N UNK H 13 21.01 -46.95 -17.37
CA UNK H 13 20.09 -45.81 -17.47
C UNK H 13 18.70 -46.20 -16.95
N UNK H 14 17.79 -45.22 -16.87
CA UNK H 14 16.44 -45.47 -16.33
C UNK H 14 15.42 -44.41 -16.74
N UNK H 15 14.14 -44.78 -16.70
CA UNK H 15 13.05 -43.89 -17.07
C UNK H 15 11.69 -44.40 -16.62
N UNK H 16 11.64 -45.05 -15.46
CA UNK H 16 10.42 -45.71 -14.97
C UNK H 16 9.27 -44.74 -14.73
N UNK H 17 8.11 -45.28 -14.39
CA UNK H 17 6.93 -44.47 -14.14
C UNK H 17 5.82 -45.27 -13.48
N UNK H 18 4.77 -44.58 -13.03
CA UNK H 18 3.64 -45.21 -12.35
C UNK H 18 2.36 -44.42 -12.58
N UNK H 19 1.27 -45.14 -12.73
CA UNK H 19 -0.02 -44.53 -13.01
C UNK H 19 -0.73 -44.20 -11.70
N UNK H 20 -1.70 -43.30 -11.76
CA UNK H 20 -2.39 -42.79 -10.59
C UNK H 20 -3.82 -43.34 -10.45
N UNK H 21 -4.34 -43.25 -9.24
CA UNK H 21 -5.74 -43.56 -8.97
C UNK H 21 -6.14 -42.90 -7.66
N UNK H 22 -5.81 -41.62 -7.54
CA UNK H 22 -6.08 -40.84 -6.33
C UNK H 22 -6.32 -39.36 -6.62
N UNK H 23 -6.93 -39.06 -7.77
CA UNK H 23 -7.41 -37.72 -8.09
C UNK H 23 -6.33 -36.65 -8.27
N UNK H 24 -5.06 -37.05 -8.38
CA UNK H 24 -3.98 -36.13 -8.67
C UNK H 24 -3.84 -35.07 -7.57
N UNK H 25 -3.17 -33.96 -7.88
CA UNK H 25 -3.17 -32.79 -7.02
C UNK H 25 -2.47 -33.05 -5.68
N UNK H 26 -1.30 -33.67 -5.75
CA UNK H 26 -0.50 -33.92 -4.57
C UNK H 26 0.89 -34.37 -5.00
N UNK H 27 1.82 -34.43 -4.05
CA UNK H 27 3.20 -34.76 -4.35
C UNK H 27 3.43 -36.27 -4.36
N UNK H 28 4.66 -36.68 -4.63
CA UNK H 28 5.04 -38.09 -4.59
C UNK H 28 6.55 -38.19 -4.56
N UNK H 29 7.09 -39.40 -4.38
CA UNK H 29 8.53 -39.58 -4.31
C UNK H 29 8.93 -41.04 -4.51
N UNK H 30 10.15 -41.40 -4.13
CA UNK H 30 10.60 -42.78 -4.23
C UNK H 30 11.84 -43.03 -3.38
N UNK H 31 12.22 -44.31 -3.28
CA UNK H 31 13.33 -44.70 -2.43
C UNK H 31 13.83 -46.11 -2.75
N UNK H 32 15.15 -46.28 -2.70
CA UNK H 32 15.77 -47.61 -2.81
C UNK H 32 15.49 -48.42 -1.55
N UNK H 33 15.56 -49.75 -1.65
CA UNK H 33 15.13 -50.65 -0.58
C UNK H 33 16.05 -51.85 -0.34
N UNK H 34 17.17 -51.94 -1.03
CA UNK H 34 18.08 -53.08 -0.88
C UNK H 34 18.73 -53.08 0.51
N UNK H 35 18.10 -53.75 1.46
CA UNK H 35 18.58 -53.81 2.84
C UNK H 35 18.61 -52.43 3.48
N UNK H 36 17.67 -51.57 3.10
CA UNK H 36 17.65 -50.19 3.57
C UNK H 36 16.33 -49.49 3.24
N UNK H 37 16.29 -48.17 3.42
CA UNK H 37 15.10 -47.37 3.17
C UNK H 37 15.51 -45.94 2.80
N UNK H 38 15.65 -45.67 1.51
CA UNK H 38 16.21 -44.42 1.02
C UNK H 38 15.16 -43.31 1.01
N UNK H 39 15.45 -42.18 0.34
CA UNK H 39 14.57 -41.02 0.40
C UNK H 39 14.72 -40.09 -0.79
N UNK H 40 14.62 -40.64 -1.99
CA UNK H 40 14.69 -39.84 -3.20
C UNK H 40 13.39 -39.06 -3.37
N UNK H 41 13.39 -37.81 -2.89
CA UNK H 41 12.17 -37.02 -2.84
C UNK H 41 11.80 -36.44 -4.21
N UNK H 42 10.61 -35.85 -4.27
CA UNK H 42 10.13 -35.19 -5.49
C UNK H 42 8.93 -34.33 -5.13
N UNK H 43 8.39 -33.59 -6.10
CA UNK H 43 7.27 -32.70 -5.81
C UNK H 43 6.62 -32.12 -7.07
N UNK H 44 5.59 -31.29 -6.85
CA UNK H 44 4.89 -30.63 -7.94
C UNK H 44 5.69 -29.47 -8.55
N UNK H 45 6.76 -29.04 -7.88
CA UNK H 45 7.64 -28.02 -8.43
C UNK H 45 8.87 -27.89 -7.54
N UNK H 46 9.57 -29.00 -7.32
CA UNK H 46 10.72 -29.04 -6.42
C UNK H 46 11.70 -30.13 -6.81
N UNK H 47 12.95 -29.95 -6.40
CA UNK H 47 14.04 -30.79 -6.86
C UNK H 47 14.21 -32.03 -6.00
N UNK H 48 15.11 -32.91 -6.44
CA UNK H 48 15.33 -34.18 -5.76
C UNK H 48 16.27 -34.01 -4.57
N UNK H 49 16.43 -35.10 -3.82
CA UNK H 49 17.25 -35.08 -2.61
C UNK H 49 18.72 -35.34 -2.90
N UNK H 50 18.98 -36.34 -3.75
CA UNK H 50 20.35 -36.75 -4.05
C UNK H 50 21.05 -35.74 -4.95
N UNK H 51 20.28 -35.14 -5.86
CA UNK H 51 20.76 -34.09 -6.76
C UNK H 51 21.83 -34.60 -7.71
N UNK H 52 21.76 -35.88 -8.08
CA UNK H 52 22.76 -36.48 -8.95
C UNK H 52 22.23 -37.76 -9.58
N UNK H 53 22.92 -38.21 -10.63
CA UNK H 53 22.57 -39.43 -11.35
C UNK H 53 21.23 -39.29 -12.08
N UNK H 54 20.14 -39.30 -11.30
CA UNK H 54 18.81 -39.02 -11.82
C UNK H 54 18.49 -37.53 -11.62
N UNK H 55 17.95 -37.16 -10.46
CA UNK H 55 17.59 -35.77 -10.18
C UNK H 55 16.60 -35.18 -11.18
N UNK H 56 15.75 -36.03 -11.77
CA UNK H 56 14.81 -35.59 -12.79
C UNK H 56 13.58 -36.48 -12.84
N UNK H 57 12.41 -35.84 -12.94
CA UNK H 57 11.14 -36.55 -12.97
C UNK H 57 10.07 -35.70 -13.66
N UNK H 58 8.89 -36.28 -13.89
CA UNK H 58 7.79 -35.61 -14.58
C UNK H 58 6.43 -36.06 -14.04
N UNK H 59 5.39 -35.30 -14.34
CA UNK H 59 4.05 -35.56 -13.84
C UNK H 59 2.99 -35.19 -14.88
N UNK H 60 2.29 -36.21 -15.37
CA UNK H 60 1.32 -36.04 -16.45
C UNK H 60 -0.04 -35.60 -15.94
N UNK H 61 -1.07 -35.76 -16.75
CA UNK H 61 -2.44 -35.54 -16.31
C UNK H 61 -2.97 -36.68 -15.44
N UNK H 62 -2.38 -37.86 -15.55
CA UNK H 62 -2.81 -39.01 -14.74
C UNK H 62 -1.67 -39.99 -14.51
N UNK H 63 -0.43 -39.50 -14.43
CA UNK H 63 0.72 -40.38 -14.21
C UNK H 63 1.96 -39.58 -13.82
N UNK H 64 3.04 -40.29 -13.50
CA UNK H 64 4.30 -39.66 -13.09
C UNK H 64 5.47 -40.54 -13.48
N UNK H 65 6.65 -39.94 -13.66
CA UNK H 65 7.82 -40.63 -14.17
C UNK H 65 9.12 -40.12 -13.57
N UNK H 66 10.16 -40.95 -13.63
CA UNK H 66 11.48 -40.61 -13.12
C UNK H 66 12.55 -41.27 -13.98
N UNK H 67 13.69 -40.63 -14.17
CA UNK H 67 14.72 -41.12 -15.10
C UNK H 67 16.12 -40.78 -14.65
N UNK H 68 17.11 -41.38 -15.31
CA UNK H 68 18.50 -41.21 -14.90
C UNK H 68 19.52 -41.75 -15.89
N UNK H 69 20.75 -41.26 -15.74
CA UNK H 69 21.89 -41.76 -16.49
C UNK H 69 22.51 -42.93 -15.71
N UNK H 70 23.79 -43.22 -15.93
CA UNK H 70 24.44 -44.33 -15.23
C UNK H 70 24.67 -44.01 -13.76
N UNK H 71 24.49 -45.01 -12.90
CA UNK H 71 24.72 -44.87 -11.46
C UNK H 71 24.69 -46.23 -10.77
N UNK H 72 25.26 -46.31 -9.58
CA UNK H 72 25.37 -47.56 -8.82
C UNK H 72 24.16 -47.74 -7.91
N UNK H 73 22.98 -47.79 -8.52
CA UNK H 73 21.73 -47.81 -7.77
C UNK H 73 21.31 -49.23 -7.41
N UNK H 74 20.07 -49.38 -6.92
CA UNK H 74 19.51 -50.68 -6.59
C UNK H 74 17.99 -50.68 -6.83
N UNK H 75 17.29 -51.69 -6.31
CA UNK H 75 15.85 -51.79 -6.48
C UNK H 75 15.13 -50.75 -5.62
N UNK H 76 14.06 -50.17 -6.16
CA UNK H 76 13.39 -49.03 -5.55
C UNK H 76 11.92 -49.00 -5.92
N UNK H 77 11.12 -48.32 -5.09
CA UNK H 77 9.69 -48.18 -5.31
C UNK H 77 9.24 -46.76 -5.00
N UNK H 78 8.12 -46.35 -5.60
CA UNK H 78 7.62 -44.99 -5.47
C UNK H 78 6.55 -44.91 -4.39
N UNK H 79 6.18 -43.68 -4.03
CA UNK H 79 5.14 -43.44 -3.03
C UNK H 79 4.40 -42.15 -3.35
N UNK H 80 3.16 -42.04 -2.86
CA UNK H 80 2.26 -40.95 -3.21
C UNK H 80 1.70 -40.22 -1.98
N UNK H 81 1.37 -38.95 -2.16
CA UNK H 81 0.85 -38.11 -1.09
C UNK H 81 1.91 -37.98 0.01
N UNK H 82 1.50 -37.58 1.22
CA UNK H 82 2.42 -37.55 2.35
C UNK H 82 2.90 -38.96 2.64
N UNK H 83 1.96 -39.89 2.64
CA UNK H 83 2.26 -41.30 2.77
C UNK H 83 1.02 -42.13 2.49
N UNK H 84 0.28 -41.77 1.44
CA UNK H 84 -0.99 -42.41 1.14
C UNK H 84 -0.81 -43.87 0.72
N UNK H 85 0.29 -44.19 0.07
CA UNK H 85 0.53 -45.54 -0.43
C UNK H 85 1.93 -45.69 -1.00
N UNK H 86 2.21 -46.90 -1.48
CA UNK H 86 3.49 -47.20 -2.11
C UNK H 86 3.32 -48.31 -3.15
N UNK H 87 4.18 -48.29 -4.16
CA UNK H 87 4.14 -49.27 -5.24
C UNK H 87 5.10 -50.42 -4.97
N UNK H 88 4.95 -51.49 -5.73
CA UNK H 88 5.92 -52.58 -5.68
C UNK H 88 7.17 -52.14 -6.43
N UNK H 89 8.34 -52.44 -5.87
CA UNK H 89 9.58 -51.90 -6.39
C UNK H 89 10.04 -52.60 -7.66
N UNK H 90 10.81 -51.88 -8.47
CA UNK H 90 11.42 -52.44 -9.68
C UNK H 90 12.78 -53.03 -9.33
N UNK H 91 13.36 -53.76 -10.27
CA UNK H 91 14.57 -54.53 -10.01
C UNK H 91 15.84 -53.68 -10.11
N UNK H 92 16.84 -54.06 -9.31
CA UNK H 92 18.09 -53.34 -9.23
C UNK H 92 18.94 -53.54 -10.48
N UNK H 93 20.16 -53.03 -10.44
CA UNK H 93 21.09 -53.17 -11.56
C UNK H 93 21.39 -54.64 -11.80
N UNK H 94 21.63 -55.00 -13.06
CA UNK H 94 21.89 -56.39 -13.43
C UNK H 94 22.71 -56.51 -14.71
N UNK H 95 23.10 -57.74 -15.03
CA UNK H 95 23.87 -58.03 -16.23
C UNK H 95 23.65 -59.48 -16.62
N UNK I 1 21.80 -40.07 12.90
CA UNK I 1 21.17 -38.76 12.56
C UNK I 1 19.65 -38.84 12.67
N UNK I 2 19.05 -39.65 11.80
CA UNK I 2 17.60 -39.67 11.62
C UNK I 2 16.87 -40.75 12.41
N UNK I 3 17.59 -41.66 13.06
CA UNK I 3 16.96 -42.76 13.79
C UNK I 3 17.83 -43.26 14.93
N UNK I 4 17.25 -44.12 15.77
CA UNK I 4 17.95 -44.66 16.94
C UNK I 4 17.48 -46.05 17.39
N UNK I 5 16.26 -46.46 17.04
CA UNK I 5 15.72 -47.73 17.50
C UNK I 5 16.34 -48.90 16.74
N UNK I 6 16.22 -50.10 17.30
CA UNK I 6 16.81 -51.27 16.67
C UNK I 6 16.34 -52.59 17.28
N UNK I 7 16.24 -52.66 18.60
CA UNK I 7 15.98 -53.90 19.34
C UNK I 7 14.70 -54.60 18.89
N UNK I 8 14.80 -55.92 18.73
CA UNK I 8 13.77 -56.70 18.04
C UNK I 8 12.44 -56.78 18.79
N UNK I 9 11.39 -57.15 18.04
CA UNK I 9 10.05 -57.28 18.60
C UNK I 9 9.95 -58.52 19.48
N UNK I 10 8.96 -58.52 20.38
CA UNK I 10 8.77 -59.62 21.32
C UNK I 10 7.30 -59.75 21.73
N UNK I 11 7.00 -60.80 22.50
CA UNK I 11 5.62 -61.13 22.84
C UNK I 11 5.03 -60.34 24.01
N UNK I 12 5.77 -59.37 24.54
CA UNK I 12 5.31 -58.62 25.71
C UNK I 12 4.24 -57.57 25.36
N UNK I 13 4.20 -57.13 24.11
CA UNK I 13 3.17 -56.21 23.62
C UNK I 13 3.25 -54.84 24.29
N UNK I 14 4.48 -54.39 24.56
CA UNK I 14 4.72 -53.07 25.14
C UNK I 14 5.09 -52.06 24.05
N UNK I 15 5.04 -50.77 24.39
CA UNK I 15 5.31 -49.71 23.41
C UNK I 15 6.80 -49.63 23.06
N UNK I 16 7.16 -48.67 22.22
CA UNK I 16 8.55 -48.50 21.81
C UNK I 16 8.83 -47.06 21.36
N UNK I 17 10.11 -46.75 21.13
CA UNK I 17 10.51 -45.39 20.78
C UNK I 17 11.85 -45.28 20.04
N UNK I 18 12.09 -44.09 19.48
CA UNK I 18 13.32 -43.79 18.75
C UNK I 18 13.54 -42.28 18.79
N UNK I 19 14.73 -41.85 18.36
CA UNK I 19 15.14 -40.44 18.48
C UNK I 19 15.94 -39.95 17.29
N UNK I 20 16.07 -38.62 17.18
CA UNK I 20 16.78 -38.01 16.07
C UNK I 20 17.10 -36.54 16.35
N UNK I 21 17.85 -35.92 15.44
CA UNK I 21 18.27 -34.53 15.60
C UNK I 21 17.09 -33.57 15.55
N UNK I 22 17.08 -32.60 16.46
CA UNK I 22 15.94 -31.71 16.63
C UNK I 22 15.74 -30.74 15.47
N UNK I 23 16.85 -30.28 14.88
CA UNK I 23 16.83 -29.28 13.81
C UNK I 23 17.31 -29.87 12.49
N UNK I 24 16.69 -29.44 11.38
CA UNK I 24 17.03 -29.93 10.06
C UNK I 24 16.18 -29.21 8.99
N UNK I 25 16.70 -29.15 7.77
CA UNK I 25 16.01 -28.49 6.69
C UNK I 25 14.91 -29.37 6.12
N UNK I 26 15.23 -30.63 5.89
CA UNK I 26 14.31 -31.54 5.23
C UNK I 26 13.23 -32.05 6.17
N UNK I 27 13.62 -32.46 7.37
CA UNK I 27 12.68 -33.00 8.34
C UNK I 27 13.29 -33.03 9.74
N UNK I 28 13.27 -31.89 10.43
CA UNK I 28 13.77 -31.79 11.79
C UNK I 28 12.90 -32.60 12.76
N UNK I 29 13.46 -33.04 13.87
CA UNK I 29 12.69 -33.73 14.90
C UNK I 29 11.79 -32.76 15.67
N UNK I 30 12.08 -31.46 15.59
CA UNK I 30 11.15 -30.45 16.07
C UNK I 30 9.86 -30.44 15.25
N UNK I 31 9.93 -30.86 13.99
CA UNK I 31 8.76 -30.98 13.14
C UNK I 31 7.96 -32.25 13.47
N UNK I 32 6.99 -32.59 12.62
CA UNK I 32 6.11 -33.72 12.88
C UNK I 32 6.78 -35.05 12.57
N UNK I 33 6.21 -36.13 13.09
CA UNK I 33 6.76 -37.47 12.93
C UNK I 33 6.10 -38.17 11.74
N UNK I 34 6.42 -39.45 11.56
CA UNK I 34 5.87 -40.22 10.45
C UNK I 34 6.24 -41.69 10.59
N UNK I 35 5.54 -42.55 9.83
CA UNK I 35 5.87 -43.97 9.80
C UNK I 35 5.12 -44.69 8.70
N UNK I 36 5.47 -45.95 8.51
CA UNK I 36 4.96 -46.76 7.40
C UNK I 36 4.86 -48.22 7.82
N UNK I 37 4.14 -48.99 7.02
CA UNK I 37 4.00 -50.42 7.27
C UNK I 37 5.32 -51.10 6.98
N UNK I 38 5.75 -51.99 7.87
CA UNK I 38 7.07 -52.62 7.79
C UNK I 38 7.02 -54.11 8.13
N UNK I 39 6.06 -54.80 7.53
CA UNK I 39 5.96 -56.25 7.66
C UNK I 39 6.99 -56.90 6.74
N UNK I 40 6.85 -58.19 6.47
CA UNK I 40 7.73 -58.87 5.52
C UNK I 40 7.59 -58.25 4.13
N UNK I 41 6.39 -57.78 3.81
CA UNK I 41 6.14 -56.93 2.66
C UNK I 41 5.75 -55.55 3.17
N UNK I 42 6.49 -54.53 2.77
CA UNK I 42 6.31 -53.19 3.33
C UNK I 42 5.30 -52.38 2.54
N UNK I 43 4.98 -51.20 3.08
CA UNK I 43 4.06 -50.27 2.44
C UNK I 43 4.30 -48.88 3.02
N UNK I 44 4.01 -47.84 2.23
CA UNK I 44 4.33 -46.48 2.64
C UNK I 44 3.47 -45.96 3.79
N UNK I 45 2.27 -46.52 3.97
CA UNK I 45 1.30 -45.97 4.91
C UNK I 45 1.38 -46.61 6.30
N UNK I 46 1.05 -45.82 7.32
CA UNK I 46 0.92 -46.33 8.68
C UNK I 46 0.07 -45.38 9.52
N UNK I 47 -0.17 -45.75 10.76
CA UNK I 47 -1.02 -44.96 11.64
C UNK I 47 -0.33 -43.73 12.24
N UNK I 48 0.98 -43.57 12.01
CA UNK I 48 1.77 -42.56 12.72
C UNK I 48 1.60 -41.12 12.21
N UNK I 49 0.57 -40.85 11.41
CA UNK I 49 0.13 -39.49 11.18
C UNK I 49 -0.61 -38.96 12.42
N UNK I 50 -1.05 -39.86 13.30
CA UNK I 50 -1.53 -39.51 14.64
C UNK I 50 -0.53 -38.61 15.36
N UNK I 51 -0.98 -37.39 15.69
CA UNK I 51 -0.12 -36.38 16.29
C UNK I 51 1.05 -36.04 15.36
N UNK I 52 0.78 -36.09 14.05
CA UNK I 52 1.81 -35.89 13.04
C UNK I 52 1.12 -35.47 11.76
N UNK I 53 0.35 -34.38 11.86
CA UNK I 53 -0.39 -33.81 10.73
C UNK I 53 -1.51 -34.73 10.22
N UNK I 54 -2.59 -34.13 9.75
CA UNK I 54 -3.78 -34.85 9.29
C UNK I 54 -4.37 -35.65 10.47
N UNK I 55 -4.16 -36.96 10.58
CA UNK I 55 -4.74 -37.72 11.68
C UNK I 55 -4.26 -39.17 11.70
N UNK I 56 -4.58 -39.87 12.78
CA UNK I 56 -4.25 -41.28 12.90
C UNK I 56 -4.98 -42.10 11.86
N UNK I 57 -4.26 -42.94 11.13
CA UNK I 57 -4.89 -43.86 10.21
C UNK I 57 -5.59 -44.93 11.02
N UNK I 58 -6.47 -45.71 10.38
CA UNK I 58 -7.31 -46.68 11.10
C UNK I 58 -6.67 -48.06 11.15
N UNK I 59 -5.39 -48.11 11.49
CA UNK I 59 -4.66 -49.36 11.51
C UNK I 59 -5.03 -50.18 12.75
N UNK I 60 -5.02 -49.54 13.90
CA UNK I 60 -5.25 -50.24 15.16
C UNK I 60 -5.64 -49.28 16.27
N UNK I 61 -6.32 -49.81 17.28
CA UNK I 61 -6.74 -49.02 18.43
C UNK I 61 -5.62 -48.83 19.44
N UNK I 62 -4.72 -49.81 19.55
CA UNK I 62 -3.61 -49.77 20.50
C UNK I 62 -2.28 -50.26 19.91
N UNK I 63 -2.34 -51.14 18.92
CA UNK I 63 -1.15 -51.63 18.25
C UNK I 63 -0.55 -50.63 17.25
N UNK I 64 -1.20 -49.49 17.04
CA UNK I 64 -0.71 -48.45 16.15
C UNK I 64 -0.95 -47.05 16.71
N UNK I 65 -1.08 -46.93 18.03
CA UNK I 65 -1.34 -45.63 18.66
C UNK I 65 -0.05 -44.81 18.74
N UNK I 66 -0.18 -43.50 18.56
CA UNK I 66 0.97 -42.61 18.55
C UNK I 66 1.48 -42.38 19.97
N UNK I 67 2.75 -41.99 20.08
CA UNK I 67 3.36 -41.72 21.38
C UNK I 67 4.56 -40.79 21.28
N UNK I 68 4.57 -39.94 20.27
CA UNK I 68 5.70 -39.06 20.01
C UNK I 68 5.63 -37.82 20.88
N UNK I 69 6.80 -37.31 21.26
CA UNK I 69 6.87 -36.08 22.05
C UNK I 69 8.28 -35.54 22.03
N UNK I 70 8.48 -34.38 22.67
CA UNK I 70 9.79 -33.74 22.80
C UNK I 70 10.31 -33.24 21.47
N UNK I 71 11.45 -32.56 21.53
CA UNK I 71 12.05 -31.94 20.35
C UNK I 71 12.99 -32.86 19.57
N UNK I 72 13.38 -33.99 20.15
CA UNK I 72 14.32 -34.91 19.52
C UNK I 72 13.96 -36.36 19.83
N UNK I 73 12.66 -36.67 19.81
CA UNK I 73 12.19 -38.01 20.16
C UNK I 73 10.87 -38.37 19.47
N UNK I 74 10.56 -39.66 19.45
CA UNK I 74 9.32 -40.18 18.87
C UNK I 74 9.00 -41.55 19.46
N UNK I 75 7.75 -41.97 19.39
CA UNK I 75 7.38 -43.28 19.90
C UNK I 75 5.99 -43.73 19.47
N UNK I 76 5.68 -45.00 19.77
CA UNK I 76 4.41 -45.61 19.39
C UNK I 76 3.98 -46.61 20.45
N UNK I 77 2.68 -46.92 20.45
CA UNK I 77 2.08 -47.77 21.47
C UNK I 77 2.02 -49.23 21.04
N UNK I 78 1.52 -50.08 21.93
CA UNK I 78 1.38 -51.50 21.64
C UNK I 78 0.47 -52.14 22.70
N UNK I 79 -0.19 -53.23 22.34
CA UNK I 79 -1.13 -53.89 23.23
C UNK I 79 -1.50 -55.31 22.79
N UNK I 80 -1.66 -55.52 21.49
CA UNK I 80 -2.05 -56.82 20.94
C UNK I 80 -1.48 -57.02 19.55
N UNK I 81 -1.69 -58.21 19.00
CA UNK I 81 -1.20 -58.57 17.67
C UNK I 81 0.32 -58.50 17.64
N UNK I 82 0.95 -59.21 18.58
CA UNK I 82 2.40 -59.18 18.74
C UNK I 82 3.16 -59.85 17.60
N UNK I 83 2.47 -60.58 16.73
CA UNK I 83 3.09 -61.17 15.54
C UNK I 83 3.64 -60.10 14.60
N UNK I 84 3.02 -58.92 14.58
CA UNK I 84 3.52 -57.81 13.78
C UNK I 84 4.74 -57.20 14.47
N UNK I 85 5.58 -56.51 13.70
CA UNK I 85 6.81 -55.95 14.25
C UNK I 85 7.40 -54.83 13.40
N UNK I 86 6.56 -54.03 12.74
CA UNK I 86 7.01 -53.03 11.78
C UNK I 86 7.96 -51.99 12.36
N UNK I 87 9.11 -51.83 11.70
CA UNK I 87 10.17 -50.90 12.12
C UNK I 87 10.15 -49.55 11.41
N UNK I 88 9.21 -49.33 10.51
CA UNK I 88 9.29 -48.21 9.60
C UNK I 88 8.80 -46.90 10.20
N UNK I 89 9.53 -46.39 11.20
CA UNK I 89 9.26 -45.08 11.75
C UNK I 89 9.89 -44.05 10.82
N UNK I 90 9.46 -42.80 10.92
CA UNK I 90 9.98 -41.77 10.02
C UNK I 90 9.62 -40.38 10.49
N UNK I 91 9.99 -39.38 9.70
CA UNK I 91 9.74 -37.98 10.01
C UNK I 91 8.95 -37.35 8.88
N UNK I 92 8.21 -36.29 9.20
CA UNK I 92 7.34 -35.65 8.23
C UNK I 92 8.12 -34.64 7.39
N UNK I 93 7.70 -34.46 6.14
CA UNK I 93 8.37 -33.57 5.21
C UNK I 93 7.81 -32.16 5.29
N UNK I 94 8.27 -31.29 4.40
CA UNK I 94 7.83 -29.90 4.37
C UNK I 94 6.53 -29.80 3.57
N UNK I 95 6.28 -28.67 2.91
CA UNK I 95 5.16 -28.58 1.98
C UNK I 95 5.31 -29.49 0.76
N UNK I 96 6.54 -29.93 0.48
CA UNK I 96 6.82 -30.97 -0.50
C UNK I 96 7.68 -32.05 0.16
N UNK I 97 7.95 -33.13 -0.59
CA UNK I 97 8.66 -34.28 -0.04
C UNK I 97 10.11 -33.96 0.31
N UNK I 98 10.64 -34.65 1.32
CA UNK I 98 12.03 -34.50 1.73
C UNK I 98 12.48 -35.75 2.50
N UNK I 99 13.78 -35.87 2.71
CA UNK I 99 14.34 -37.05 3.37
C UNK I 99 14.01 -37.07 4.85
N UNK I 100 13.75 -38.27 5.39
CA UNK I 100 13.41 -38.44 6.80
C UNK I 100 13.17 -39.91 7.18
N UNK I 101 14.07 -40.80 6.76
CA UNK I 101 13.89 -42.22 7.00
C UNK I 101 14.32 -42.63 8.42
N UNK I 102 13.87 -43.82 8.86
CA UNK I 102 14.24 -44.36 10.17
C UNK I 102 13.98 -45.87 10.22
N UNK I 103 14.29 -46.50 11.36
CA UNK I 103 14.18 -47.97 11.50
C UNK I 103 13.91 -48.40 12.94
N UNK I 104 13.71 -49.70 13.17
CA UNK I 104 13.33 -50.20 14.49
C UNK I 104 13.34 -51.76 14.62
N UNK I 105 12.32 -52.39 15.23
CA UNK I 105 12.41 -53.77 15.71
C UNK I 105 12.18 -54.89 14.69
N UNK I 106 11.77 -54.54 13.48
CA UNK I 106 11.34 -55.51 12.48
C UNK I 106 12.47 -56.44 12.05
N UNK I 107 12.08 -57.57 11.46
CA UNK I 107 13.05 -58.55 10.98
C UNK I 107 13.72 -58.05 9.72
N GLY J 1 26.23 11.43 -4.17
CA GLY J 1 26.44 10.00 -4.52
C GLY J 1 27.31 9.24 -3.54
N VAL J 2 27.89 8.13 -4.01
CA VAL J 2 28.70 7.28 -3.17
C VAL J 2 30.00 7.97 -2.76
N GLY J 3 30.58 8.76 -3.65
CA GLY J 3 31.94 9.24 -3.45
C GLY J 3 32.07 10.53 -2.66
N ILE J 4 31.15 10.81 -1.74
CA ILE J 4 31.22 11.98 -0.88
C ILE J 4 30.96 11.55 0.55
N SER J 5 31.80 12.00 1.47
CA SER J 5 31.63 11.73 2.89
C SER J 5 30.66 12.72 3.51
N THR J 6 29.85 12.25 4.47
CA THR J 6 28.77 13.02 5.05
C THR J 6 29.07 13.51 6.46
N GLY J 7 30.33 13.48 6.89
CA GLY J 7 30.66 14.00 8.21
C GLY J 7 32.13 13.84 8.48
N THR J 8 32.56 14.43 9.59
CA THR J 8 33.96 14.52 9.95
C THR J 8 34.17 13.99 11.36
N PHE J 9 35.28 13.29 11.54
CA PHE J 9 35.61 12.65 12.81
C PHE J 9 36.23 13.68 13.73
N ASN J 10 35.85 13.66 14.99
CA ASN J 10 36.35 14.60 15.97
C ASN J 10 36.17 14.02 17.36
N ASN J 11 37.22 14.08 18.18
CA ASN J 11 37.15 13.73 19.59
C ASN J 11 37.70 14.84 20.49
N GLN J 12 37.80 16.05 19.97
CA GLN J 12 38.33 17.16 20.77
C GLN J 12 37.37 17.55 21.88
N THR J 13 37.96 17.99 23.00
CA THR J 13 37.25 18.71 24.04
C THR J 13 37.66 20.18 23.98
N GLU J 14 36.69 21.07 23.90
CA GLU J 14 36.92 22.51 23.81
C GLU J 14 36.52 23.18 25.11
N PHE J 15 37.49 23.83 25.75
CA PHE J 15 37.31 24.54 27.01
C PHE J 15 37.21 26.04 26.76
N LYS J 16 36.10 26.46 26.17
CA LYS J 16 35.87 27.88 25.94
C LYS J 16 35.60 28.59 27.27
N PHE J 17 36.54 29.42 27.71
CA PHE J 17 36.34 30.18 28.93
C PHE J 17 35.33 31.30 28.71
N LEU J 18 34.53 31.57 29.73
CA LEU J 18 33.48 32.59 29.69
C LEU J 18 33.59 33.49 30.91
N GLU J 19 32.85 34.59 30.87
CA GLU J 19 32.89 35.57 31.94
C GLU J 19 32.29 35.03 33.23
N ASN J 20 32.71 35.60 34.34
CA ASN J 20 32.16 35.31 35.67
C ASN J 20 32.37 33.86 36.07
N GLY J 21 33.46 33.25 35.63
CA GLY J 21 33.84 31.95 36.15
C GLY J 21 33.01 30.79 35.65
N TRP J 22 32.71 30.76 34.35
CA TRP J 22 32.12 29.60 33.71
C TRP J 22 32.95 29.20 32.52
N VAL J 23 32.95 27.90 32.22
CA VAL J 23 33.63 27.34 31.06
C VAL J 23 32.70 26.34 30.39
N GLU J 24 32.55 26.48 29.08
CA GLU J 24 31.62 25.65 28.30
C GLU J 24 32.37 24.42 27.78
N ILE J 25 32.55 23.46 28.68
CA ILE J 25 33.25 22.22 28.37
C ILE J 25 32.41 21.48 27.35
N THR J 26 32.95 21.34 26.14
CA THR J 26 32.24 20.79 24.98
C THR J 26 33.00 19.58 24.47
N ALA J 27 32.50 18.39 24.80
CA ALA J 27 33.16 17.14 24.45
C ALA J 27 32.63 16.64 23.12
N ASN J 28 33.44 16.74 22.07
CA ASN J 28 33.16 16.04 20.83
C ASN J 28 33.69 14.62 20.95
N SER J 29 33.02 13.68 20.30
CA SER J 29 33.42 12.29 20.36
C SER J 29 32.95 11.60 19.11
N SER J 30 33.67 10.54 18.71
CA SER J 30 33.27 9.78 17.55
C SER J 30 33.93 8.42 17.59
N ARG J 31 33.24 7.43 17.05
CA ARG J 31 33.70 6.05 17.04
C ARG J 31 33.28 5.40 15.74
N LEU J 32 34.04 4.39 15.33
CA LEU J 32 33.61 3.47 14.28
C LEU J 32 32.83 2.34 14.91
N VAL J 33 31.60 2.13 14.46
CA VAL J 33 30.68 1.16 15.03
C VAL J 33 30.48 0.03 14.03
N HIS J 34 30.65 -1.20 14.48
CA HIS J 34 30.52 -2.40 13.65
C HIS J 34 29.26 -3.15 14.05
N LEU J 35 28.41 -3.44 13.08
CA LEU J 35 27.05 -3.92 13.34
C LEU J 35 26.73 -5.06 12.39
N ASN J 36 26.75 -6.28 12.91
CA ASN J 36 26.32 -7.42 12.11
C ASN J 36 24.81 -7.46 12.00
N MET J 37 24.33 -8.25 11.06
CA MET J 37 22.92 -8.58 10.92
C MET J 37 22.38 -9.11 12.23
N PRO J 38 21.09 -8.97 12.53
CA PRO J 38 20.59 -9.56 13.77
C PRO J 38 20.67 -11.07 13.71
N GLU J 39 20.81 -11.68 14.90
CA GLU J 39 20.94 -13.13 14.97
C GLU J 39 19.71 -13.82 14.41
N SER J 40 18.53 -13.25 14.66
CA SER J 40 17.29 -13.72 14.08
C SER J 40 16.43 -12.49 13.84
N GLU J 41 15.49 -12.63 12.91
CA GLU J 41 14.78 -11.47 12.38
C GLU J 41 13.50 -11.16 13.14
N ASN J 42 13.14 -11.96 14.15
CA ASN J 42 11.86 -11.86 14.83
C ASN J 42 12.06 -11.65 16.32
N TYR J 43 11.09 -10.98 16.93
CA TYR J 43 11.09 -10.77 18.37
C TYR J 43 10.82 -12.09 19.07
N ARG J 44 11.56 -12.37 20.14
CA ARG J 44 11.45 -13.60 20.90
C ARG J 44 11.21 -13.28 22.37
N ARG J 45 10.18 -13.88 22.96
CA ARG J 45 9.90 -13.75 24.39
C ARG J 45 10.57 -14.90 25.12
N VAL J 46 11.75 -14.65 25.68
CA VAL J 46 12.57 -15.69 26.31
C VAL J 46 12.55 -15.48 27.80
N VAL J 47 12.32 -16.57 28.54
CA VAL J 47 12.30 -16.60 30.00
C VAL J 47 13.56 -17.29 30.47
N VAL J 48 14.21 -16.71 31.49
CA VAL J 48 15.36 -17.33 32.15
C VAL J 48 14.87 -17.94 33.44
N ASN J 49 15.24 -19.20 33.68
CA ASN J 49 14.84 -19.95 34.87
C ASN J 49 16.04 -20.76 35.33
N ASN J 50 16.87 -20.15 36.20
CA ASN J 50 18.02 -20.85 36.77
C ASN J 50 17.60 -21.61 38.03
N MET J 51 16.65 -22.53 37.85
CA MET J 51 16.02 -23.24 38.96
C MET J 51 17.04 -23.97 39.83
N ASP J 52 17.92 -24.75 39.20
CA ASP J 52 18.78 -25.65 39.96
C ASP J 52 19.76 -24.89 40.85
N LYS J 53 20.41 -23.86 40.32
CA LYS J 53 21.49 -23.24 41.08
C LYS J 53 20.98 -22.43 42.25
N THR J 54 19.73 -21.96 42.20
CA THR J 54 19.09 -21.32 43.34
C THR J 54 18.26 -22.29 44.18
N ALA J 55 18.04 -23.51 43.71
CA ALA J 55 17.31 -24.51 44.50
C ALA J 55 18.17 -25.14 45.58
N VAL J 56 19.49 -25.07 45.46
CA VAL J 56 20.34 -25.39 46.59
C VAL J 56 20.04 -24.41 47.70
N ASN J 57 19.83 -24.92 48.91
CA ASN J 57 19.36 -24.09 50.01
C ASN J 57 20.40 -23.03 50.38
N GLY J 58 19.92 -21.81 50.59
CA GLY J 58 20.77 -20.68 50.89
C GLY J 58 21.29 -19.90 49.69
N ASN J 59 20.88 -20.27 48.47
CA ASN J 59 21.30 -19.60 47.26
C ASN J 59 20.25 -18.64 46.72
N MET J 60 19.61 -17.88 47.59
CA MET J 60 18.61 -16.91 47.13
C MET J 60 19.25 -15.84 46.25
N ALA J 61 20.42 -15.35 46.64
CA ALA J 61 21.02 -14.21 45.96
C ALA J 61 21.41 -14.49 44.52
N LEU J 62 21.54 -15.76 44.14
CA LEU J 62 21.87 -16.12 42.76
C LEU J 62 20.63 -16.20 41.87
N ASP J 63 19.47 -15.74 42.33
CA ASP J 63 18.27 -15.73 41.51
C ASP J 63 18.47 -14.83 40.30
N ASP J 64 18.36 -15.43 39.11
CA ASP J 64 18.46 -14.73 37.83
C ASP J 64 17.18 -14.84 37.01
N ILE J 65 16.08 -15.27 37.61
CA ILE J 65 14.87 -15.51 36.83
C ILE J 65 14.32 -14.19 36.32
N HIS J 66 14.02 -14.15 35.03
CA HIS J 66 13.34 -13.01 34.43
C HIS J 66 12.85 -13.41 33.04
N ALA J 67 12.05 -12.54 32.45
CA ALA J 67 11.57 -12.67 31.09
C ALA J 67 11.93 -11.40 30.33
N GLN J 68 12.33 -11.55 29.08
CA GLN J 68 12.71 -10.43 28.24
C GLN J 68 12.26 -10.67 26.81
N ILE J 69 12.15 -9.58 26.06
CA ILE J 69 11.85 -9.61 24.64
C ILE J 69 13.16 -9.35 23.90
N VAL J 70 13.81 -10.41 23.42
CA VAL J 70 14.97 -10.23 22.57
C VAL J 70 14.50 -9.67 21.24
N THR J 71 15.12 -8.58 20.81
CA THR J 71 14.63 -7.73 19.75
C THR J 71 15.58 -7.75 18.55
N PRO J 72 15.09 -7.66 17.29
CA PRO J 72 16.02 -7.63 16.16
C PRO J 72 16.80 -6.33 15.96
N TRP J 73 16.77 -5.39 16.90
CA TRP J 73 17.47 -4.13 16.81
C TRP J 73 18.64 -4.13 17.77
N SER J 74 19.55 -3.17 17.57
CA SER J 74 20.69 -2.96 18.45
C SER J 74 20.79 -1.48 18.78
N LEU J 75 21.39 -1.20 19.93
CA LEU J 75 21.32 0.11 20.57
C LEU J 75 22.69 0.75 20.61
N VAL J 76 22.79 1.96 20.08
CA VAL J 76 23.90 2.85 20.38
C VAL J 76 23.59 3.57 21.68
N ASP J 77 24.59 3.66 22.55
CA ASP J 77 24.41 4.32 23.84
C ASP J 77 25.73 4.94 24.25
N ALA J 78 25.76 6.27 24.37
CA ALA J 78 26.95 7.01 24.76
C ALA J 78 26.88 7.51 26.19
N ASN J 79 25.97 6.97 26.99
CA ASN J 79 25.68 7.53 28.31
C ASN J 79 26.66 7.02 29.36
N ALA J 80 27.95 7.29 29.17
CA ALA J 80 28.95 6.96 30.19
C ALA J 80 30.11 7.91 30.04
N TRP J 81 30.76 8.25 31.16
CA TRP J 81 31.76 9.31 31.17
C TRP J 81 32.94 8.96 30.28
N GLY J 82 33.35 7.70 30.27
CA GLY J 82 34.51 7.29 29.50
C GLY J 82 34.38 7.51 28.02
N VAL J 83 33.15 7.59 27.50
CA VAL J 83 32.97 7.83 26.08
C VAL J 83 33.43 9.21 25.69
N TRP J 84 33.43 10.17 26.61
CA TRP J 84 33.53 11.58 26.28
C TRP J 84 34.84 12.23 26.66
N PHE J 85 35.38 11.90 27.83
CA PHE J 85 36.58 12.53 28.36
C PHE J 85 37.70 11.52 28.49
N ASN J 86 38.84 11.82 27.91
CA ASN J 86 40.05 11.08 28.18
C ASN J 86 40.55 11.44 29.58
N PRO J 87 41.47 10.65 30.14
CA PRO J 87 41.93 10.95 31.50
C PRO J 87 42.56 12.32 31.68
N GLY J 88 43.17 12.88 30.65
CA GLY J 88 43.72 14.21 30.79
C GLY J 88 42.65 15.26 31.01
N ASP J 89 41.60 15.21 30.20
CA ASP J 89 40.51 16.15 30.36
C ASP J 89 39.81 15.95 31.68
N TRP J 90 39.73 14.69 32.13
CA TRP J 90 39.09 14.43 33.41
C TRP J 90 39.93 14.97 34.55
N GLN J 91 41.26 14.89 34.43
CA GLN J 91 42.14 15.52 35.40
C GLN J 91 41.86 17.01 35.46
N LEU J 92 41.78 17.64 34.31
CA LEU J 92 41.54 19.08 34.27
C LEU J 92 40.21 19.44 34.92
N ILE J 93 39.19 18.63 34.65
CA ILE J 93 37.86 18.89 35.21
C ILE J 93 37.90 18.76 36.73
N VAL J 94 38.32 17.59 37.23
CA VAL J 94 38.20 17.35 38.66
C VAL J 94 39.17 18.23 39.45
N ASN J 95 40.32 18.56 38.89
CA ASN J 95 41.27 19.41 39.60
C ASN J 95 40.85 20.87 39.60
N THR J 96 40.17 21.35 38.57
CA THR J 96 40.01 22.78 38.36
C THR J 96 38.60 23.31 38.57
N MET J 97 37.56 22.49 38.39
CA MET J 97 36.19 22.94 38.45
C MET J 97 35.57 22.62 39.81
N SER J 98 34.39 23.20 40.06
CA SER J 98 33.66 23.09 41.32
C SER J 98 32.23 22.60 41.15
N GLU J 99 31.51 23.09 40.15
CA GLU J 99 30.19 22.62 39.78
C GLU J 99 30.24 22.17 38.33
N LEU J 100 29.35 21.24 37.98
CA LEU J 100 29.21 20.79 36.60
C LEU J 100 27.73 20.73 36.26
N HIS J 101 27.38 21.32 35.12
CA HIS J 101 26.00 21.41 34.65
C HIS J 101 25.97 20.81 33.27
N LEU J 102 24.94 20.01 33.00
CA LEU J 102 24.79 19.33 31.72
C LEU J 102 23.79 20.11 30.89
N VAL J 103 24.19 20.51 29.68
CA VAL J 103 23.51 21.52 28.90
C VAL J 103 22.77 20.91 27.71
N SER J 104 23.48 20.19 26.85
CA SER J 104 22.90 19.76 25.59
C SER J 104 23.66 18.55 25.06
N PHE J 105 23.03 17.87 24.09
CA PHE J 105 23.56 16.64 23.54
C PHE J 105 23.05 16.46 22.12
N GLU J 106 23.88 15.87 21.26
CA GLU J 106 23.45 15.57 19.90
C GLU J 106 24.28 14.42 19.36
N GLN J 107 23.76 13.80 18.31
CA GLN J 107 24.43 12.71 17.61
C GLN J 107 24.18 12.85 16.12
N GLU J 108 25.04 12.22 15.34
CA GLU J 108 24.71 11.94 13.95
C GLU J 108 25.44 10.67 13.53
N ILE J 109 24.77 9.88 12.70
CA ILE J 109 25.34 8.70 12.07
C ILE J 109 25.71 9.11 10.66
N PHE J 110 26.93 8.76 10.24
CA PHE J 110 27.44 9.26 8.96
C PHE J 110 28.42 8.28 8.37
N ASN J 111 28.62 8.42 7.06
CA ASN J 111 29.55 7.62 6.28
C ASN J 111 29.23 6.14 6.41
N VAL J 112 27.94 5.82 6.34
CA VAL J 112 27.51 4.44 6.49
C VAL J 112 28.01 3.60 5.33
N VAL J 113 28.38 2.37 5.64
CA VAL J 113 28.84 1.39 4.66
C VAL J 113 28.21 0.05 5.01
N LEU J 114 27.80 -0.68 3.98
CA LEU J 114 27.29 -2.04 4.14
C LEU J 114 28.04 -2.95 3.19
N LYS J 115 28.18 -4.21 3.58
CA LYS J 115 28.96 -5.19 2.83
C LYS J 115 28.31 -6.56 2.93
N THR J 116 28.80 -7.48 2.11
CA THR J 116 28.31 -8.86 2.08
C THR J 116 29.51 -9.81 2.04
N VAL J 117 29.23 -11.08 2.32
CA VAL J 117 30.26 -12.11 2.48
C VAL J 117 29.88 -13.31 1.61
N SER J 118 30.89 -13.94 1.01
CA SER J 118 30.72 -15.14 0.20
C SER J 118 31.83 -16.13 0.51
N GLU J 119 31.47 -17.40 0.66
CA GLU J 119 32.46 -18.43 0.97
C GLU J 119 33.39 -18.65 -0.22
N THR J 126 37.69 -20.32 3.07
CA THR J 126 37.96 -19.03 2.35
C THR J 126 36.72 -18.15 2.34
N LYS J 127 36.94 -16.85 2.35
CA LYS J 127 35.86 -15.87 2.28
C LYS J 127 36.32 -14.68 1.44
N VAL J 128 35.34 -14.05 0.78
CA VAL J 128 35.57 -12.82 0.02
C VAL J 128 34.47 -11.84 0.37
N TYR J 129 34.83 -10.56 0.48
CA TYR J 129 33.94 -9.50 0.89
C TYR J 129 33.64 -8.59 -0.30
N ASN J 130 32.36 -8.31 -0.51
CA ASN J 130 31.90 -7.50 -1.63
C ASN J 130 31.00 -6.39 -1.13
N ASN J 131 31.12 -5.22 -1.75
CA ASN J 131 30.23 -4.12 -1.44
C ASN J 131 28.84 -4.39 -2.00
N ASP J 132 27.84 -3.87 -1.29
CA ASP J 132 26.46 -3.83 -1.75
C ASP J 132 26.02 -2.38 -1.61
N LEU J 133 26.14 -1.64 -2.70
CA LEU J 133 25.76 -0.23 -2.66
C LEU J 133 24.27 -0.01 -2.50
N THR J 134 23.44 -1.05 -2.63
CA THR J 134 21.99 -0.93 -2.53
C THR J 134 21.42 -1.36 -1.19
N ALA J 135 22.19 -2.05 -0.36
CA ALA J 135 21.71 -2.39 0.98
C ALA J 135 21.53 -1.12 1.81
N SER J 136 20.83 -1.26 2.93
CA SER J 136 20.48 -0.11 3.76
C SER J 136 20.51 -0.49 5.23
N LEU J 137 20.76 0.52 6.07
CA LEU J 137 20.79 0.40 7.51
C LEU J 137 19.56 1.11 8.07
N MET J 138 18.74 0.39 8.82
CA MET J 138 17.55 0.96 9.43
C MET J 138 17.95 1.66 10.72
N VAL J 139 17.51 2.91 10.89
CA VAL J 139 17.89 3.74 12.02
C VAL J 139 16.63 4.41 12.56
N ALA J 140 16.52 4.48 13.88
CA ALA J 140 15.37 5.08 14.54
C ALA J 140 15.81 5.81 15.79
N LEU J 141 15.14 6.94 16.08
CA LEU J 141 15.40 7.74 17.26
C LEU J 141 14.09 7.89 18.04
N ASP J 142 14.06 7.37 19.26
CA ASP J 142 12.89 7.47 20.12
C ASP J 142 12.81 8.89 20.68
N SER J 143 12.32 9.80 19.83
CA SER J 143 12.35 11.21 20.17
C SER J 143 11.41 11.59 21.31
N ASN J 144 10.46 10.73 21.68
CA ASN J 144 9.49 11.01 22.75
C ASN J 144 9.58 10.03 23.91
N ASN J 145 10.59 9.16 23.94
CA ASN J 145 10.77 8.17 25.01
C ASN J 145 9.56 7.24 25.12
N THR J 146 9.08 6.76 23.97
CA THR J 146 8.04 5.75 23.98
C THR J 146 8.56 4.40 24.43
N MET J 147 9.79 4.06 24.06
CA MET J 147 10.35 2.75 24.37
C MET J 147 10.85 2.73 25.80
N PRO J 148 10.95 1.56 26.43
CA PRO J 148 11.49 1.54 27.80
C PRO J 148 12.95 1.94 27.81
N PHE J 149 13.32 2.79 28.77
CA PHE J 149 14.65 3.37 28.80
C PHE J 149 15.62 2.36 29.36
N THR J 150 16.48 1.82 28.50
CA THR J 150 17.49 0.84 28.88
C THR J 150 18.86 1.50 28.86
N PRO J 151 19.44 1.87 30.01
CA PRO J 151 20.82 2.39 30.00
C PRO J 151 21.82 1.25 29.92
N ALA J 152 22.78 1.37 29.01
CA ALA J 152 23.77 0.32 28.81
C ALA J 152 24.88 0.32 29.86
N ALA J 153 24.98 1.36 30.68
CA ALA J 153 26.08 1.42 31.63
C ALA J 153 25.96 0.38 32.72
N MET J 154 24.74 0.04 33.13
CA MET J 154 24.57 -0.91 34.22
C MET J 154 25.05 -2.31 33.86
N ARG J 155 25.08 -2.66 32.58
CA ARG J 155 25.70 -3.88 32.09
C ARG J 155 27.07 -3.66 31.49
N SER J 156 27.55 -2.43 31.44
CA SER J 156 28.78 -2.05 30.75
C SER J 156 28.74 -2.55 29.30
N GLU J 157 27.76 -2.06 28.57
CA GLU J 157 27.62 -2.29 27.14
C GLU J 157 27.45 -0.98 26.37
N THR J 158 28.09 0.08 26.86
CA THR J 158 28.15 1.35 26.13
C THR J 158 29.16 1.25 24.99
N LEU J 159 29.26 2.33 24.22
CA LEU J 159 30.31 2.44 23.22
C LEU J 159 31.67 2.39 23.89
N GLY J 160 32.65 1.85 23.18
CA GLY J 160 33.99 1.75 23.74
C GLY J 160 34.62 3.11 23.97
N PHE J 161 35.51 3.16 24.97
CA PHE J 161 36.04 4.43 25.43
C PHE J 161 37.22 4.91 24.60
N TYR J 162 38.05 4.02 24.12
CA TYR J 162 39.20 4.45 23.33
C TYR J 162 38.73 4.96 21.97
N PRO J 163 39.07 6.19 21.56
CA PRO J 163 38.57 6.67 20.25
C PRO J 163 39.04 5.89 19.04
N TRP J 164 40.19 5.21 19.13
CA TRP J 164 40.80 4.62 17.93
C TRP J 164 40.27 3.23 17.65
N LYS J 165 40.04 2.41 18.66
CA LYS J 165 39.50 1.09 18.44
C LYS J 165 38.05 1.18 17.97
N PRO J 166 37.57 0.21 17.20
CA PRO J 166 36.12 0.16 16.94
C PRO J 166 35.30 -0.22 18.15
N THR J 167 33.99 -0.37 17.95
CA THR J 167 33.07 -0.76 19.00
C THR J 167 31.86 -1.42 18.35
N ILE J 168 31.08 -2.12 19.17
CA ILE J 168 29.84 -2.76 18.71
C ILE J 168 28.69 -2.24 19.58
N PRO J 169 27.46 -2.18 19.08
CA PRO J 169 26.35 -1.71 19.93
C PRO J 169 25.82 -2.83 20.81
N THR J 170 24.94 -2.42 21.71
CA THR J 170 24.17 -3.37 22.52
C THR J 170 23.10 -4.03 21.68
N PRO J 171 23.02 -5.35 21.59
CA PRO J 171 21.79 -5.97 21.08
C PRO J 171 20.68 -5.77 22.11
N TRP J 172 19.57 -5.21 21.66
CA TRP J 172 18.60 -4.64 22.59
C TRP J 172 17.64 -5.68 23.11
N ARG J 173 17.21 -5.49 24.35
CA ARG J 173 16.21 -6.31 24.98
C ARG J 173 15.59 -5.49 26.10
N TYR J 174 14.36 -5.83 26.48
CA TYR J 174 13.67 -5.17 27.58
C TYR J 174 12.83 -6.17 28.34
N TYR J 175 12.50 -5.82 29.57
CA TYR J 175 11.83 -6.78 30.44
C TYR J 175 10.37 -6.93 30.09
N PHE J 176 9.94 -8.16 29.89
CA PHE J 176 8.54 -8.52 29.90
C PHE J 176 8.13 -8.78 31.34
N GLN J 177 6.85 -8.66 31.63
CA GLN J 177 6.40 -8.89 32.99
C GLN J 177 6.36 -10.37 33.31
N TRP J 178 6.58 -10.69 34.58
CA TRP J 178 6.42 -12.05 35.07
C TRP J 178 5.96 -12.03 36.51
N ASP J 179 5.66 -13.22 37.02
CA ASP J 179 5.22 -13.44 38.38
C ASP J 179 6.06 -14.57 38.95
N ARG J 180 6.71 -14.31 40.08
CA ARG J 180 7.66 -15.27 40.63
C ARG J 180 7.77 -15.07 42.13
N THR J 181 8.01 -16.17 42.84
CA THR J 181 8.17 -16.20 44.28
C THR J 181 9.37 -17.05 44.63
N LEU J 182 10.02 -16.71 45.73
CA LEU J 182 11.21 -17.45 46.15
C LEU J 182 11.33 -17.33 47.67
N ILE J 183 10.87 -18.36 48.37
CA ILE J 183 10.90 -18.35 49.83
C ILE J 183 12.34 -18.53 50.29
N PRO J 184 12.88 -17.71 51.18
CA PRO J 184 14.29 -17.87 51.53
C PRO J 184 14.56 -19.12 52.33
N SER J 185 15.83 -19.49 52.37
CA SER J 185 16.29 -20.73 52.99
C SER J 185 17.72 -20.53 53.44
N HIS J 186 18.24 -21.53 54.14
CA HIS J 186 19.65 -21.57 54.49
C HIS J 186 20.10 -23.02 54.47
N THR J 187 21.41 -23.21 54.43
CA THR J 187 21.92 -24.57 54.55
C THR J 187 21.60 -25.04 55.95
N GLY J 188 20.62 -25.93 56.07
CA GLY J 188 20.06 -26.33 57.34
C GLY J 188 18.55 -26.41 57.28
N THR J 189 17.95 -25.66 56.37
CA THR J 189 16.53 -25.87 56.09
C THR J 189 16.31 -27.26 55.53
N SER J 190 15.31 -27.95 56.05
CA SER J 190 15.10 -29.34 55.70
C SER J 190 14.38 -29.46 54.36
N GLY J 191 13.16 -28.96 54.31
CA GLY J 191 12.37 -29.08 53.10
C GLY J 191 12.81 -28.12 52.03
N THR J 192 12.57 -28.50 50.78
CA THR J 192 12.87 -27.62 49.67
C THR J 192 11.95 -26.40 49.73
N PRO J 193 12.46 -25.17 49.71
CA PRO J 193 11.57 -24.02 49.77
C PRO J 193 10.75 -23.88 48.50
N THR J 194 9.63 -23.17 48.64
CA THR J 194 8.79 -22.86 47.49
C THR J 194 9.56 -21.99 46.51
N ASN J 195 9.82 -22.52 45.33
CA ASN J 195 10.63 -21.84 44.30
C ASN J 195 9.94 -22.11 42.98
N ILE J 196 9.06 -21.20 42.57
CA ILE J 196 8.15 -21.42 41.46
C ILE J 196 7.91 -20.14 40.69
N TYR J 197 7.60 -20.30 39.41
CA TYR J 197 7.37 -19.22 38.47
C TYR J 197 5.91 -19.31 38.03
N HIS J 198 5.14 -18.25 38.27
CA HIS J 198 3.70 -18.28 38.12
C HIS J 198 3.21 -17.78 36.76
N GLY J 199 4.10 -17.46 35.83
CA GLY J 199 3.71 -16.96 34.54
C GLY J 199 3.68 -15.43 34.48
N THR J 200 2.66 -14.85 33.85
CA THR J 200 2.58 -13.41 33.63
C THR J 200 1.16 -12.93 33.88
N ASP J 201 1.05 -11.83 34.58
CA ASP J 201 -0.24 -11.19 34.79
C ASP J 201 -0.67 -10.60 33.46
N PRO J 202 -1.86 -10.91 32.92
CA PRO J 202 -2.28 -10.23 31.69
C PRO J 202 -2.42 -8.74 31.83
N ASP J 203 -2.73 -8.25 33.02
CA ASP J 203 -2.97 -6.84 33.20
C ASP J 203 -1.73 -5.98 33.05
N ASP J 204 -0.53 -6.58 33.04
CA ASP J 204 0.73 -5.85 32.95
C ASP J 204 1.46 -6.05 31.64
N VAL J 205 0.96 -6.92 30.75
CA VAL J 205 1.70 -7.32 29.56
C VAL J 205 1.87 -6.12 28.64
N GLN J 206 3.12 -5.81 28.32
CA GLN J 206 3.50 -4.77 27.38
C GLN J 206 4.52 -5.36 26.41
N PHE J 207 4.36 -5.06 25.13
CA PHE J 207 5.22 -5.58 24.09
C PHE J 207 5.33 -4.53 23.01
N TYR J 208 6.49 -3.89 22.93
CA TYR J 208 6.75 -2.82 21.97
C TYR J 208 7.63 -3.36 20.87
N THR J 209 7.27 -3.04 19.63
CA THR J 209 8.13 -3.24 18.47
C THR J 209 8.57 -1.87 17.97
N ILE J 210 9.84 -1.74 17.63
CA ILE J 210 10.39 -0.46 17.17
C ILE J 210 9.65 0.01 15.94
N GLU J 211 9.34 -0.91 15.02
CA GLU J 211 8.72 -0.53 13.76
C GLU J 211 7.36 0.10 13.98
N ASN J 212 6.63 -0.37 14.98
CA ASN J 212 5.30 0.15 15.29
C ASN J 212 5.33 1.40 16.14
N SER J 213 6.49 1.84 16.61
CA SER J 213 6.60 2.84 17.67
C SER J 213 7.29 4.13 17.25
N VAL J 214 8.29 4.07 16.38
CA VAL J 214 9.20 5.18 16.10
C VAL J 214 9.29 5.34 14.58
N PRO J 215 9.47 6.53 14.02
CA PRO J 215 9.82 6.61 12.60
C PRO J 215 11.20 6.03 12.35
N VAL J 216 11.36 5.39 11.19
CA VAL J 216 12.57 4.64 10.85
C VAL J 216 13.09 5.16 9.52
N HIS J 217 14.37 5.54 9.50
CA HIS J 217 15.04 6.04 8.30
C HIS J 217 15.96 4.97 7.75
N LEU J 218 15.85 4.72 6.46
CA LEU J 218 16.60 3.65 5.79
C LEU J 218 17.83 4.22 5.09
N LEU J 219 18.80 4.66 5.88
CA LEU J 219 20.06 5.17 5.35
C LEU J 219 20.74 4.12 4.48
N ARG J 220 20.90 4.43 3.21
CA ARG J 220 21.24 3.39 2.24
C ARG J 220 22.74 3.11 2.19
N THR J 221 23.53 4.02 1.61
CA THR J 221 24.99 3.93 1.67
C THR J 221 25.69 5.28 1.60
N GLY J 222 24.95 6.38 1.55
CA GLY J 222 25.52 7.69 1.31
C GLY J 222 24.81 8.78 2.08
N ASP J 223 24.06 8.42 3.11
CA ASP J 223 23.13 9.31 3.79
C ASP J 223 23.68 9.71 5.14
N GLU J 224 22.95 10.59 5.81
CA GLU J 224 23.25 11.01 7.16
C GLU J 224 21.94 11.12 7.92
N PHE J 225 21.95 10.62 9.15
CA PHE J 225 20.92 10.91 10.14
C PHE J 225 21.57 11.74 11.22
N ALA J 226 20.92 12.84 11.59
CA ALA J 226 21.38 13.71 12.66
C ALA J 226 20.23 13.93 13.63
N THR J 227 20.50 13.74 14.91
CA THR J 227 19.51 14.12 15.89
C THR J 227 19.37 15.62 15.93
N GLY J 228 18.19 16.09 16.30
CA GLY J 228 18.10 17.43 16.84
C GLY J 228 18.88 17.49 18.14
N THR J 229 19.47 18.65 18.42
CA THR J 229 20.25 18.80 19.64
C THR J 229 19.30 18.95 20.82
N PHE J 230 19.27 17.93 21.69
CA PHE J 230 18.43 17.99 22.88
C PHE J 230 19.06 18.91 23.91
N PHE J 231 18.22 19.58 24.70
CA PHE J 231 18.65 20.44 25.80
C PHE J 231 18.13 19.86 27.10
N PHE J 232 19.02 19.70 28.06
CA PHE J 232 18.67 19.08 29.33
C PHE J 232 18.04 20.09 30.27
N ASP J 233 17.51 19.56 31.38
CA ASP J 233 16.91 20.35 32.45
C ASP J 233 17.36 19.84 33.82
N CYS J 234 18.58 19.30 33.90
CA CYS J 234 19.02 18.59 35.09
C CYS J 234 19.41 19.57 36.19
N LYS J 235 19.43 19.05 37.42
CA LYS J 235 19.93 19.80 38.57
C LYS J 235 21.46 19.86 38.52
N PRO J 236 22.08 20.83 39.20
CA PRO J 236 23.53 20.88 39.23
C PRO J 236 24.13 19.79 40.10
N CYS J 237 25.38 19.41 39.77
CA CYS J 237 26.16 18.46 40.53
C CYS J 237 27.45 19.12 41.00
N ARG J 238 27.84 18.84 42.24
CA ARG J 238 29.01 19.46 42.86
C ARG J 238 30.17 18.49 42.84
N LEU J 239 31.34 18.97 42.43
CA LEU J 239 32.56 18.19 42.37
C LEU J 239 33.37 18.27 43.65
N THR J 240 32.70 18.49 44.78
CA THR J 240 33.35 18.68 46.08
C THR J 240 32.61 17.84 47.10
N HIS J 241 33.35 17.39 48.13
CA HIS J 241 32.83 16.48 49.14
C HIS J 241 32.87 17.15 50.52
N THR J 242 31.99 16.68 51.41
CA THR J 242 31.83 17.25 52.73
C THR J 242 32.44 16.31 53.77
N TRP J 243 33.42 16.81 54.52
CA TRP J 243 34.06 16.00 55.54
C TRP J 243 33.26 15.94 56.83
N GLN J 244 32.41 16.93 57.09
CA GLN J 244 31.82 17.11 58.41
C GLN J 244 30.74 16.07 58.67
N THR J 245 31.00 15.17 59.63
CA THR J 245 29.97 14.33 60.21
C THR J 245 29.21 15.10 61.29
N ASN J 246 28.28 14.41 61.95
CA ASN J 246 27.45 15.05 62.97
C ASN J 246 28.29 15.59 64.12
N ARG J 247 29.28 14.82 64.56
CA ARG J 247 30.14 15.23 65.67
C ARG J 247 31.10 16.35 65.31
N ALA J 248 31.09 16.84 64.06
CA ALA J 248 31.97 17.91 63.62
C ALA J 248 31.19 19.13 63.12
N LEU J 249 29.92 19.27 63.48
CA LEU J 249 29.13 20.45 63.14
C LEU J 249 29.02 21.39 64.33
N GLY J 250 29.19 22.68 64.07
CA GLY J 250 28.99 23.71 65.06
C GLY J 250 30.25 24.05 65.82
N LEU J 251 30.15 25.13 66.60
CA LEU J 251 31.29 25.65 67.32
C LEU J 251 31.72 24.67 68.42
N PRO J 252 33.01 24.39 68.60
CA PRO J 252 33.41 23.48 69.69
C PRO J 252 33.14 24.09 71.05
N PRO J 253 33.32 23.32 72.14
CA PRO J 253 33.31 23.96 73.45
C PRO J 253 34.45 24.94 73.63
N GLY J 279 21.61 25.65 80.35
CA GLY J 279 21.94 25.08 79.01
C GLY J 279 20.80 24.27 78.42
N VAL J 280 21.06 23.67 77.26
CA VAL J 280 20.10 22.84 76.55
C VAL J 280 20.82 21.63 75.98
N THR J 281 20.19 20.45 76.13
CA THR J 281 20.60 19.22 75.48
C THR J 281 19.35 18.51 74.97
N GLN J 282 19.51 17.69 73.94
CA GLN J 282 18.33 17.06 73.36
C GLN J 282 17.74 15.99 74.26
N MET J 283 18.58 15.10 74.80
CA MET J 283 18.10 14.12 75.78
C MET J 283 17.73 14.90 77.04
N GLY J 284 16.43 15.04 77.29
CA GLY J 284 15.95 16.01 78.27
C GLY J 284 16.39 15.74 79.69
N ASN J 285 16.57 14.46 80.04
CA ASN J 285 17.04 14.09 81.36
C ASN J 285 18.56 14.16 81.52
N THR J 286 19.31 14.32 80.42
CA THR J 286 20.77 14.20 80.42
C THR J 286 21.38 15.59 80.53
N ASN J 287 21.88 15.93 81.72
CA ASN J 287 22.43 17.25 81.97
C ASN J 287 23.84 17.44 81.41
N TYR J 288 24.52 16.36 81.01
CA TYR J 288 25.90 16.46 80.55
C TYR J 288 25.94 17.00 79.11
N ILE J 289 26.40 18.24 78.95
CA ILE J 289 26.74 18.74 77.62
C ILE J 289 28.04 18.08 77.19
N THR J 290 28.00 17.34 76.08
CA THR J 290 29.17 16.68 75.54
C THR J 290 29.09 16.75 74.02
N GLU J 291 30.20 16.37 73.37
CA GLU J 291 30.18 16.16 71.94
C GLU J 291 29.15 15.12 71.54
N ALA J 292 28.94 14.10 72.37
CA ALA J 292 28.06 13.00 72.04
C ALA J 292 26.58 13.32 72.22
N THR J 293 26.24 14.46 72.84
CA THR J 293 24.86 14.80 73.18
C THR J 293 24.39 16.14 72.67
N ILE J 294 25.29 17.04 72.26
CA ILE J 294 24.91 18.41 71.93
C ILE J 294 24.05 18.42 70.67
N MET J 295 23.15 19.39 70.61
CA MET J 295 22.14 19.45 69.56
C MET J 295 22.74 19.99 68.28
N ARG J 296 23.15 19.07 67.41
CA ARG J 296 23.53 19.46 66.06
C ARG J 296 22.26 19.82 65.28
N PRO J 297 22.34 20.70 64.28
CA PRO J 297 21.10 21.10 63.59
C PRO J 297 20.39 19.98 62.85
N ALA J 298 21.12 19.04 62.27
CA ALA J 298 20.50 18.00 61.46
C ALA J 298 21.42 16.79 61.40
N GLU J 299 20.83 15.64 61.07
CA GLU J 299 21.56 14.39 61.00
C GLU J 299 22.17 14.24 59.61
N VAL J 300 23.49 14.37 59.48
CA VAL J 300 24.12 14.04 58.21
C VAL J 300 24.25 12.53 58.11
N GLY J 301 23.80 11.97 56.99
CA GLY J 301 23.80 10.54 56.78
C GLY J 301 22.60 9.87 57.43
N TYR J 302 22.52 8.56 57.21
CA TYR J 302 21.49 7.74 57.84
C TYR J 302 21.94 6.31 57.88
N SER J 303 21.73 5.67 59.02
CA SER J 303 21.92 4.23 59.10
C SER J 303 20.81 3.56 58.32
N ALA J 304 21.17 2.53 57.55
CA ALA J 304 20.26 1.81 56.69
C ALA J 304 20.46 0.32 56.90
N PRO J 305 19.43 -0.51 56.69
CA PRO J 305 19.60 -1.95 56.94
C PRO J 305 20.45 -2.61 55.88
N TYR J 306 21.68 -2.98 56.22
CA TYR J 306 22.64 -3.37 55.20
C TYR J 306 22.53 -4.84 54.85
N TYR J 307 22.66 -5.12 53.54
CA TYR J 307 22.55 -6.45 52.97
C TYR J 307 21.20 -7.08 53.34
N SER J 308 20.15 -6.29 53.16
CA SER J 308 18.77 -6.73 53.29
C SER J 308 18.13 -6.78 51.91
N PHE J 309 17.29 -7.79 51.71
CA PHE J 309 16.66 -8.08 50.43
C PHE J 309 15.16 -8.12 50.63
N GLU J 310 14.42 -7.55 49.68
CA GLU J 310 12.97 -7.48 49.72
C GLU J 310 12.39 -8.07 48.46
N ALA J 311 11.16 -8.55 48.56
CA ALA J 311 10.49 -9.29 47.50
C ALA J 311 9.20 -8.60 47.10
N SER J 312 8.92 -8.61 45.80
CA SER J 312 7.60 -8.33 45.26
C SER J 312 7.31 -9.38 44.21
N THR J 313 6.34 -9.10 43.33
CA THR J 313 5.88 -10.09 42.38
C THR J 313 6.97 -10.59 41.43
N GLN J 314 8.00 -9.80 41.19
CA GLN J 314 9.04 -10.15 40.25
C GLN J 314 10.16 -10.98 40.86
N GLY J 315 10.23 -11.10 42.18
CA GLY J 315 11.29 -11.81 42.86
C GLY J 315 12.20 -10.87 43.62
N PRO J 316 13.06 -11.42 44.47
CA PRO J 316 13.72 -10.60 45.47
C PRO J 316 14.88 -9.79 44.94
N PHE J 317 15.10 -8.64 45.58
CA PHE J 317 16.08 -7.66 45.16
C PHE J 317 16.67 -7.00 46.40
N LYS J 318 17.93 -6.55 46.27
CA LYS J 318 18.57 -5.84 47.35
C LYS J 318 18.07 -4.40 47.43
N THR J 319 17.81 -3.94 48.64
CA THR J 319 17.46 -2.55 48.80
C THR J 319 18.70 -1.69 48.56
N PRO J 320 18.65 -0.67 47.72
CA PRO J 320 19.82 0.19 47.56
C PRO J 320 19.97 1.14 48.73
N ILE J 321 21.20 1.60 48.95
CA ILE J 321 21.56 2.49 50.03
C ILE J 321 22.21 3.73 49.41
N ALA J 322 21.97 4.89 50.03
CA ALA J 322 22.43 6.14 49.44
C ALA J 322 23.89 6.46 49.75
N ALA J 323 24.48 5.82 50.75
CA ALA J 323 25.84 6.14 51.18
C ALA J 323 26.56 4.86 51.59
N GLY J 324 27.87 4.86 51.39
CA GLY J 324 28.71 3.73 51.75
C GLY J 324 29.31 3.89 53.14
N ARG J 325 30.46 3.23 53.32
CA ARG J 325 31.21 3.33 54.56
C ARG J 325 31.69 4.77 54.77
N ALA J 336 33.90 -3.04 52.51
CA ALA J 336 32.88 -1.97 52.72
C ALA J 336 31.54 -2.34 52.08
N ASP J 337 30.45 -1.88 52.71
CA ASP J 337 29.11 -1.98 52.15
C ASP J 337 28.70 -0.65 51.54
N GLY J 338 27.76 -0.72 50.61
CA GLY J 338 27.15 0.47 50.03
C GLY J 338 27.95 1.20 48.97
N ASN J 339 29.27 1.06 48.94
CA ASN J 339 30.04 1.64 47.86
C ASN J 339 29.81 0.82 46.58
N PRO J 340 29.70 1.45 45.42
CA PRO J 340 29.41 0.67 44.22
C PRO J 340 30.61 -0.12 43.74
N ARG J 341 30.34 -1.31 43.20
CA ARG J 341 31.32 -2.21 42.65
C ARG J 341 31.03 -2.34 41.17
N TYR J 342 32.05 -2.10 40.34
CA TYR J 342 31.94 -2.17 38.89
C TYR J 342 32.80 -3.31 38.39
N ALA J 343 32.32 -3.98 37.34
CA ALA J 343 33.09 -5.00 36.63
C ALA J 343 32.91 -4.78 35.14
N PHE J 344 34.02 -4.73 34.41
CA PHE J 344 34.04 -4.21 33.05
C PHE J 344 35.04 -4.98 32.20
N GLY J 345 34.85 -4.89 30.88
CA GLY J 345 35.64 -5.62 29.92
C GLY J 345 36.66 -4.77 29.19
N ARG J 346 37.19 -5.34 28.10
CA ARG J 346 38.26 -4.70 27.35
C ARG J 346 37.79 -3.44 26.65
N GLN J 347 36.56 -3.45 26.14
CA GLN J 347 36.00 -2.25 25.53
C GLN J 347 35.99 -1.07 26.47
N HIS J 348 35.82 -1.33 27.77
CA HIS J 348 35.50 -0.31 28.76
C HIS J 348 36.52 -0.26 29.88
N GLY J 349 37.80 -0.40 29.56
CA GLY J 349 38.89 -0.01 30.44
C GLY J 349 39.84 -1.11 30.86
N GLN J 350 39.51 -2.38 30.67
CA GLN J 350 40.43 -3.45 31.05
C GLN J 350 41.64 -3.41 30.12
N LYS J 351 42.78 -3.85 30.64
CA LYS J 351 44.02 -3.86 29.86
C LYS J 351 43.83 -4.73 28.63
N THR J 352 43.84 -4.09 27.46
CA THR J 352 43.21 -4.68 26.28
C THR J 352 43.92 -5.93 25.80
N THR J 353 45.23 -6.02 26.00
CA THR J 353 45.99 -7.18 25.55
C THR J 353 46.02 -8.31 26.56
N THR J 354 45.35 -8.18 27.71
CA THR J 354 45.33 -9.26 28.67
C THR J 354 44.46 -10.40 28.16
N THR J 355 44.85 -11.63 28.50
CA THR J 355 44.13 -12.81 28.06
C THR J 355 42.97 -13.11 29.00
N GLY J 356 42.11 -14.04 28.56
CA GLY J 356 41.14 -14.64 29.44
C GLY J 356 39.83 -13.88 29.48
N GLU J 357 38.79 -14.57 29.97
CA GLU J 357 37.44 -14.04 30.06
C GLU J 357 37.17 -13.33 31.38
N THR J 358 38.08 -13.36 32.33
CA THR J 358 37.86 -12.73 33.62
C THR J 358 37.75 -11.22 33.46
N PRO J 359 36.70 -10.57 33.95
CA PRO J 359 36.67 -9.10 33.89
C PRO J 359 37.53 -8.46 34.96
N GLU J 360 38.00 -7.26 34.66
CA GLU J 360 38.58 -6.40 35.68
C GLU J 360 37.47 -5.79 36.50
N ARG J 361 37.76 -5.49 37.76
CA ARG J 361 36.74 -5.00 38.68
C ARG J 361 37.37 -4.12 39.73
N PHE J 362 36.59 -3.18 40.23
CA PHE J 362 37.04 -2.24 41.25
C PHE J 362 35.83 -1.75 42.05
N THR J 363 36.12 -1.21 43.22
CA THR J 363 35.12 -0.60 44.10
C THR J 363 35.49 0.85 44.35
N TYR J 364 34.48 1.71 44.35
CA TYR J 364 34.67 3.16 44.40
C TYR J 364 34.51 3.61 45.84
N ILE J 365 35.61 3.64 46.57
CA ILE J 365 35.59 4.13 47.94
C ILE J 365 35.63 5.64 47.88
N ALA J 366 34.46 6.27 47.99
CA ALA J 366 34.35 7.69 47.78
C ALA J 366 34.95 8.47 48.93
N HIS J 367 35.26 9.74 48.66
CA HIS J 367 35.77 10.62 49.69
C HIS J 367 34.68 11.04 50.67
N GLN J 368 33.44 11.16 50.20
CA GLN J 368 32.40 11.83 50.98
C GLN J 368 32.05 11.02 52.22
N ASP J 369 31.89 11.74 53.33
CA ASP J 369 31.83 11.15 54.67
C ASP J 369 30.44 11.17 55.28
N THR J 370 29.39 11.10 54.46
CA THR J 370 28.04 10.90 55.00
C THR J 370 27.77 9.46 55.41
N GLY J 371 28.74 8.55 55.27
CA GLY J 371 28.55 7.17 55.64
C GLY J 371 28.44 6.98 57.15
N ARG J 372 28.38 5.71 57.54
CA ARG J 372 28.24 5.32 58.94
C ARG J 372 29.14 4.12 59.19
N TYR J 373 29.36 3.86 60.47
CA TYR J 373 30.23 2.80 60.94
C TYR J 373 29.38 1.93 61.87
N PRO J 374 28.78 0.84 61.36
CA PRO J 374 27.88 0.06 62.21
C PRO J 374 28.52 -0.53 63.46
N GLU J 375 29.79 -0.91 63.41
CA GLU J 375 30.41 -1.52 64.57
C GLU J 375 30.64 -0.55 65.71
N GLY J 376 30.48 0.75 65.50
CA GLY J 376 30.62 1.74 66.56
C GLY J 376 29.32 2.24 67.18
N ASP J 377 28.18 1.87 66.61
CA ASP J 377 26.89 2.43 67.02
C ASP J 377 26.25 1.58 68.12
N TRP J 378 25.31 2.18 68.84
CA TRP J 378 24.62 1.47 69.92
C TRP J 378 23.32 2.18 70.26
N ILE J 379 22.47 1.45 70.99
CA ILE J 379 21.22 1.95 71.55
C ILE J 379 21.24 1.64 73.04
N GLN J 380 20.71 2.56 73.85
CA GLN J 380 20.67 2.34 75.29
C GLN J 380 19.40 2.93 75.87
N ASN J 381 19.09 2.48 77.09
CA ASN J 381 17.81 2.70 77.74
C ASN J 381 17.56 4.19 77.95
N ILE J 382 16.27 4.55 78.02
CA ILE J 382 15.84 5.93 78.18
C ILE J 382 16.41 6.57 79.44
N ASN J 383 16.67 5.79 80.49
CA ASN J 383 17.27 6.37 81.68
C ASN J 383 18.68 6.88 81.44
N PHE J 384 19.41 6.26 80.52
CA PHE J 384 20.64 6.83 79.96
C PHE J 384 21.73 7.04 81.01
N ASN J 385 21.83 6.12 81.98
CA ASN J 385 22.95 6.16 82.91
C ASN J 385 24.24 5.76 82.19
N LEU J 386 25.32 6.51 82.45
CA LEU J 386 26.59 6.30 81.75
C LEU J 386 27.26 4.97 82.09
N PRO J 387 27.30 4.49 83.36
CA PRO J 387 27.91 3.18 83.62
C PRO J 387 26.98 2.01 83.24
N VAL J 388 26.54 2.00 81.98
CA VAL J 388 25.37 1.22 81.56
C VAL J 388 25.64 -0.27 81.70
N THR J 389 24.68 -0.96 82.32
CA THR J 389 24.77 -2.41 82.49
C THR J 389 24.24 -3.11 81.25
N ASN J 390 24.59 -4.39 81.14
CA ASN J 390 24.30 -5.17 79.93
C ASN J 390 22.82 -5.27 79.64
N ASP J 391 21.96 -5.22 80.66
CA ASP J 391 20.52 -5.28 80.45
C ASP J 391 19.90 -3.94 80.10
N ASN J 392 20.71 -2.87 79.96
CA ASN J 392 20.23 -1.53 79.62
C ASN J 392 20.84 -0.98 78.33
N VAL J 393 21.56 -1.81 77.57
CA VAL J 393 22.21 -1.37 76.33
C VAL J 393 22.09 -2.49 75.32
N LEU J 394 21.95 -2.09 74.06
CA LEU J 394 21.99 -2.99 72.91
C LEU J 394 23.18 -2.58 72.07
N LEU J 395 24.13 -3.48 71.91
CA LEU J 395 25.37 -3.27 71.19
C LEU J 395 25.37 -4.03 69.87
N PRO J 396 26.33 -3.79 68.99
CA PRO J 396 26.44 -4.64 67.80
C PRO J 396 26.79 -6.09 68.13
N THR J 397 27.36 -6.35 69.30
CA THR J 397 27.78 -7.71 69.66
C THR J 397 26.62 -8.65 69.97
N ASP J 398 25.39 -8.14 70.08
CA ASP J 398 24.31 -8.87 70.72
C ASP J 398 23.47 -9.62 69.70
N PRO J 399 23.12 -10.90 69.88
CA PRO J 399 22.27 -11.58 68.89
C PRO J 399 20.88 -10.97 68.76
N ILE J 400 20.38 -10.98 67.52
CA ILE J 400 18.99 -10.68 67.19
C ILE J 400 18.31 -12.01 66.89
N GLY J 401 17.19 -12.28 67.56
CA GLY J 401 16.46 -13.50 67.30
C GLY J 401 17.23 -14.77 67.61
N GLY J 402 18.21 -14.71 68.49
CA GLY J 402 19.01 -15.87 68.83
C GLY J 402 20.05 -16.26 67.81
N LYS J 403 20.30 -15.44 66.80
CA LYS J 403 21.31 -15.69 65.77
C LYS J 403 22.47 -14.72 65.94
N THR J 404 23.68 -15.25 65.97
CA THR J 404 24.85 -14.43 66.29
C THR J 404 25.34 -13.62 65.09
N GLY J 405 25.14 -14.13 63.88
CA GLY J 405 25.68 -13.46 62.72
C GLY J 405 25.00 -12.17 62.32
N ILE J 406 23.91 -11.79 62.98
CA ILE J 406 23.13 -10.61 62.64
C ILE J 406 22.89 -9.82 63.91
N ASN J 407 23.05 -8.50 63.83
CA ASN J 407 22.91 -7.59 64.96
C ASN J 407 21.91 -6.51 64.59
N TYR J 408 21.66 -5.61 65.55
CA TYR J 408 20.57 -4.66 65.40
C TYR J 408 20.79 -3.70 64.23
N THR J 409 22.04 -3.43 63.89
CA THR J 409 22.32 -2.53 62.78
C THR J 409 21.88 -3.10 61.44
N ASN J 410 21.69 -4.41 61.35
CA ASN J 410 21.17 -4.98 60.12
C ASN J 410 19.72 -4.62 59.85
N ILE J 411 18.94 -4.35 60.90
CA ILE J 411 17.53 -3.98 60.77
C ILE J 411 17.26 -2.50 61.01
N PHE J 412 18.26 -1.73 61.44
CA PHE J 412 18.03 -0.40 61.96
C PHE J 412 17.94 0.61 60.80
N ASN J 413 17.15 1.65 61.00
CA ASN J 413 16.91 2.64 59.93
C ASN J 413 16.57 3.98 60.55
N THR J 414 17.45 4.96 60.35
CA THR J 414 17.34 6.28 60.95
C THR J 414 16.81 7.35 60.00
N TYR J 415 16.40 6.98 58.78
CA TYR J 415 15.95 7.99 57.84
C TYR J 415 14.72 8.70 58.37
N GLY J 416 14.72 10.01 58.28
CA GLY J 416 13.67 10.81 58.85
C GLY J 416 13.74 12.21 58.33
N PRO J 417 12.84 13.08 58.80
CA PRO J 417 12.84 14.46 58.31
C PRO J 417 14.11 15.21 58.61
N LEU J 418 14.81 14.85 59.68
CA LEU J 418 16.02 15.55 60.06
C LEU J 418 17.24 15.14 59.24
N THR J 419 17.12 14.15 58.36
CA THR J 419 18.29 13.59 57.70
C THR J 419 18.62 14.36 56.42
N ALA J 420 19.89 14.31 56.03
CA ALA J 420 20.39 15.00 54.85
C ALA J 420 21.52 14.18 54.23
N LEU J 421 21.71 14.33 52.92
CA LEU J 421 22.58 13.45 52.15
C LEU J 421 23.14 14.20 50.95
N ASN J 422 24.18 13.64 50.36
CA ASN J 422 24.80 14.14 49.14
C ASN J 422 24.45 13.25 47.96
N ASN J 423 24.61 13.82 46.76
CA ASN J 423 24.36 13.09 45.53
C ASN J 423 25.46 12.04 45.33
N VAL J 424 25.18 11.06 44.47
CA VAL J 424 26.21 10.08 44.11
C VAL J 424 27.34 10.81 43.36
N PRO J 425 28.62 10.54 43.64
CA PRO J 425 29.66 11.22 42.88
C PRO J 425 29.73 10.68 41.46
N PRO J 426 30.28 11.44 40.51
CA PRO J 426 30.58 10.84 39.22
C PRO J 426 31.63 9.76 39.37
N VAL J 427 31.49 8.70 38.58
CA VAL J 427 32.44 7.58 38.57
C VAL J 427 33.01 7.48 37.16
N TYR J 428 34.32 7.72 37.04
CA TYR J 428 35.02 7.64 35.77
C TYR J 428 35.68 6.28 35.65
N PRO J 429 35.68 5.62 34.49
CA PRO J 429 35.02 5.88 33.21
C PRO J 429 33.68 5.22 33.09
N ASN J 430 33.33 4.29 33.98
CA ASN J 430 32.20 3.39 33.76
C ASN J 430 30.84 3.96 34.16
N GLY J 431 30.78 5.08 34.88
CA GLY J 431 29.51 5.50 35.47
C GLY J 431 28.57 6.17 34.49
N GLN J 432 27.28 6.13 34.82
CA GLN J 432 26.25 6.85 34.07
C GLN J 432 26.52 8.35 34.07
N ILE J 433 25.96 9.04 33.08
CA ILE J 433 25.93 10.50 33.07
C ILE J 433 24.53 10.96 33.42
N TRP J 434 23.55 10.61 32.57
CA TRP J 434 22.18 11.06 32.71
C TRP J 434 21.27 9.86 32.88
N ASP J 435 20.12 10.06 33.54
CA ASP J 435 19.21 8.94 33.78
C ASP J 435 17.81 9.45 34.03
N LYS J 436 16.83 8.72 33.51
CA LYS J 436 15.43 9.11 33.55
C LYS J 436 14.93 9.20 34.98
N GLU J 437 14.10 10.21 35.24
CA GLU J 437 13.36 10.30 36.50
C GLU J 437 12.10 9.44 36.41
N PHE J 438 11.80 8.72 37.48
CA PHE J 438 10.70 7.77 37.47
C PHE J 438 9.37 8.47 37.27
N ASP J 439 8.47 7.81 36.54
CA ASP J 439 7.15 8.36 36.22
C ASP J 439 6.23 8.47 37.43
N THR J 440 6.55 7.81 38.55
CA THR J 440 5.69 7.78 39.73
C THR J 440 5.35 9.17 40.22
N ASP J 441 4.16 9.31 40.82
CA ASP J 441 3.70 10.62 41.26
C ASP J 441 4.58 11.17 42.39
N LEU J 442 5.01 10.32 43.31
CA LEU J 442 5.99 10.67 44.33
C LEU J 442 7.32 10.11 43.87
N LYS J 443 8.36 10.93 43.91
CA LYS J 443 9.60 10.69 43.20
C LYS J 443 10.76 10.55 44.17
N PRO J 444 11.83 9.83 43.80
CA PRO J 444 12.96 9.70 44.72
C PRO J 444 13.75 10.98 44.84
N ARG J 445 14.37 11.15 46.00
CA ARG J 445 15.23 12.31 46.23
C ARG J 445 16.42 12.30 45.30
N LEU J 446 17.03 11.13 45.11
CA LEU J 446 18.16 10.98 44.21
C LEU J 446 18.15 9.58 43.63
N HIS J 447 18.75 9.45 42.47
CA HIS J 447 19.08 8.15 41.92
C HIS J 447 20.46 7.74 42.40
N VAL J 448 20.62 6.44 42.65
CA VAL J 448 21.87 5.95 43.18
C VAL J 448 22.94 5.81 42.11
N ASN J 449 22.57 5.79 40.84
CA ASN J 449 23.43 5.27 39.79
C ASN J 449 24.00 6.32 38.86
N ALA J 450 23.43 7.52 38.81
CA ALA J 450 23.81 8.57 37.87
C ALA J 450 24.01 9.89 38.60
N PRO J 451 24.97 10.74 38.20
CA PRO J 451 25.03 12.06 38.83
C PRO J 451 23.85 12.94 38.48
N PHE J 452 23.48 13.00 37.21
CA PHE J 452 22.45 13.90 36.71
C PHE J 452 21.18 13.12 36.43
N VAL J 453 20.04 13.66 36.89
CA VAL J 453 18.73 13.04 36.73
C VAL J 453 17.86 13.95 35.90
N CYS J 454 17.12 13.35 34.97
CA CYS J 454 16.26 14.10 34.08
C CYS J 454 15.05 14.65 34.81
N GLN J 455 14.29 15.49 34.11
CA GLN J 455 12.95 15.86 34.49
C GLN J 455 11.93 15.60 33.40
N ASN J 456 12.28 15.90 32.15
CA ASN J 456 11.38 15.73 31.01
C ASN J 456 12.16 15.19 29.81
N ASN J 457 11.78 14.01 29.35
CA ASN J 457 12.08 13.48 28.02
C ASN J 457 13.56 13.54 27.62
N CYS J 458 14.44 13.03 28.48
CA CYS J 458 15.87 13.13 28.22
C CYS J 458 16.30 12.11 27.17
N PRO J 459 17.49 12.36 26.50
CA PRO J 459 17.70 11.95 25.10
C PRO J 459 17.20 10.61 24.62
N GLY J 460 16.66 10.60 23.41
CA GLY J 460 16.09 9.38 22.87
C GLY J 460 17.14 8.32 22.61
N GLN J 461 16.75 7.08 22.83
CA GLN J 461 17.58 5.96 22.41
C GLN J 461 17.67 5.93 20.90
N LEU J 462 18.86 5.62 20.37
CA LEU J 462 19.09 5.50 18.93
C LEU J 462 19.31 4.04 18.60
N PHE J 463 18.38 3.47 17.83
CA PHE J 463 18.40 2.07 17.44
C PHE J 463 18.88 1.94 16.01
N VAL J 464 19.58 0.84 15.73
CA VAL J 464 20.18 0.59 14.42
C VAL J 464 20.01 -0.89 14.08
N LYS J 465 19.95 -1.19 12.79
CA LYS J 465 19.60 -2.52 12.33
C LYS J 465 19.83 -2.60 10.84
N VAL J 466 20.62 -3.57 10.39
CA VAL J 466 20.77 -3.80 8.96
C VAL J 466 19.42 -4.25 8.41
N ALA J 467 19.00 -3.62 7.33
CA ALA J 467 17.74 -4.02 6.72
C ALA J 467 17.89 -5.43 6.16
N PRO J 468 16.81 -6.22 6.11
CA PRO J 468 16.92 -7.55 5.52
C PRO J 468 17.35 -7.48 4.05
N ASN J 469 18.09 -8.49 3.63
CA ASN J 469 18.63 -8.60 2.28
C ASN J 469 18.46 -10.06 1.90
N LEU J 470 17.36 -10.37 1.21
CA LEU J 470 16.94 -11.75 1.04
C LEU J 470 17.60 -12.40 -0.15
N THR J 471 17.62 -13.73 -0.12
CA THR J 471 17.88 -14.51 -1.32
C THR J 471 16.65 -14.48 -2.21
N ASN J 472 16.74 -15.15 -3.36
CA ASN J 472 15.59 -15.31 -4.24
C ASN J 472 14.61 -16.34 -3.76
N GLU J 473 14.94 -17.13 -2.75
CA GLU J 473 14.18 -18.30 -2.39
C GLU J 473 13.10 -18.02 -1.35
N TYR J 474 12.72 -16.77 -1.15
CA TYR J 474 11.79 -16.45 -0.07
C TYR J 474 10.41 -17.01 -0.37
N ASP J 475 9.95 -17.91 0.51
CA ASP J 475 8.64 -18.54 0.43
C ASP J 475 8.00 -18.35 1.79
N PRO J 476 7.28 -17.25 2.02
CA PRO J 476 6.80 -16.97 3.38
C PRO J 476 5.80 -17.97 3.92
N ASP J 477 5.11 -18.72 3.05
CA ASP J 477 4.25 -19.79 3.54
C ASP J 477 5.05 -20.95 4.14
N ALA J 478 6.34 -21.06 3.83
CA ALA J 478 7.19 -22.03 4.49
C ALA J 478 7.54 -21.54 5.90
N SER J 479 7.77 -22.49 6.79
CA SER J 479 8.02 -22.20 8.19
C SER J 479 9.44 -21.73 8.48
N ALA J 480 10.38 -21.95 7.57
CA ALA J 480 11.78 -21.70 7.87
C ALA J 480 12.05 -20.21 8.03
N ASN J 481 12.93 -19.87 8.97
CA ASN J 481 13.45 -18.51 9.05
C ASN J 481 14.13 -18.16 7.74
N MET J 482 14.07 -16.88 7.37
CA MET J 482 14.42 -16.48 6.01
C MET J 482 15.91 -16.73 5.75
N SER J 483 16.22 -17.07 4.50
CA SER J 483 17.60 -17.14 4.05
C SER J 483 18.06 -15.72 3.74
N ARG J 484 18.83 -15.14 4.65
CA ARG J 484 19.42 -13.82 4.41
C ARG J 484 20.72 -13.96 3.64
N ILE J 485 20.99 -12.98 2.79
CA ILE J 485 22.36 -12.77 2.34
C ILE J 485 23.12 -12.22 3.52
N VAL J 486 24.16 -12.94 3.95
CA VAL J 486 24.93 -12.53 5.11
C VAL J 486 25.54 -11.16 4.84
N THR J 487 25.30 -10.23 5.76
CA THR J 487 25.65 -8.84 5.56
C THR J 487 26.03 -8.20 6.88
N TYR J 488 26.88 -7.18 6.80
CA TYR J 488 27.29 -6.42 7.96
C TYR J 488 27.58 -5.01 7.51
N SER J 489 27.68 -4.12 8.48
CA SER J 489 27.73 -2.70 8.20
C SER J 489 28.74 -2.02 9.11
N ASP J 490 29.29 -0.93 8.61
CA ASP J 490 30.10 0.00 9.36
C ASP J 490 29.41 1.35 9.30
N PHE J 491 29.38 2.05 10.43
CA PHE J 491 28.99 3.45 10.41
C PHE J 491 29.78 4.19 11.47
N TRP J 492 30.14 5.43 11.15
CA TRP J 492 30.77 6.31 12.12
C TRP J 492 29.68 7.02 12.90
N TRP J 493 29.70 6.85 14.21
CA TRP J 493 28.91 7.66 15.13
C TRP J 493 29.74 8.85 15.56
N LYS J 494 29.08 9.98 15.78
CA LYS J 494 29.70 11.06 16.52
C LYS J 494 28.63 11.76 17.33
N GLY J 495 29.08 12.51 18.32
CA GLY J 495 28.18 13.34 19.09
C GLY J 495 28.92 14.47 19.77
N LYS J 496 28.14 15.41 20.29
CA LYS J 496 28.61 16.46 21.16
C LYS J 496 27.87 16.34 22.48
N LEU J 497 28.58 16.53 23.57
CA LEU J 497 28.00 16.64 24.89
C LEU J 497 28.52 17.93 25.50
N VAL J 498 27.62 18.86 25.77
CA VAL J 498 27.97 20.22 26.16
C VAL J 498 27.72 20.36 27.64
N PHE J 499 28.78 20.65 28.39
CA PHE J 499 28.71 20.90 29.83
C PHE J 499 29.05 22.35 30.11
N LYS J 500 28.44 22.88 31.16
CA LYS J 500 28.82 24.15 31.76
C LYS J 500 29.31 23.86 33.17
N ALA J 501 30.50 24.37 33.50
CA ALA J 501 31.16 24.13 34.78
C ALA J 501 31.59 25.44 35.39
N LYS J 502 31.57 25.50 36.73
CA LYS J 502 32.06 26.65 37.48
C LYS J 502 33.49 26.41 37.95
N LEU J 503 34.30 27.47 37.92
CA LEU J 503 35.70 27.35 38.32
C LEU J 503 35.84 27.28 39.83
N ARG J 504 36.96 26.71 40.27
CA ARG J 504 37.28 26.61 41.67
C ARG J 504 37.82 27.95 42.18
N ALA J 505 37.71 28.16 43.49
CA ALA J 505 38.20 29.35 44.16
C ALA J 505 39.00 28.94 45.39
N SER J 506 40.09 29.65 45.65
CA SER J 506 41.07 29.28 46.66
C SER J 506 40.68 29.79 48.05
N HIS J 507 39.57 29.30 48.59
CA HIS J 507 39.13 29.79 49.89
C HIS J 507 40.03 29.32 51.02
N THR J 508 40.59 28.13 50.92
CA THR J 508 41.36 27.54 52.00
C THR J 508 42.75 28.12 52.07
N TRP J 509 43.35 28.02 53.25
CA TRP J 509 44.78 28.26 53.37
C TRP J 509 45.58 27.10 52.80
N ASN J 510 45.18 25.87 53.13
CA ASN J 510 45.93 24.71 52.71
C ASN J 510 45.66 24.38 51.24
N PRO J 511 46.57 23.68 50.56
CA PRO J 511 46.23 23.13 49.25
C PRO J 511 45.35 21.91 49.36
N ILE J 512 44.44 21.76 48.41
CA ILE J 512 43.54 20.61 48.37
C ILE J 512 44.24 19.43 47.72
N GLN J 513 43.64 18.25 47.83
CA GLN J 513 44.14 17.08 47.11
C GLN J 513 43.92 17.28 45.62
N GLN J 514 44.79 16.67 44.82
CA GLN J 514 44.72 16.75 43.37
C GLN J 514 44.99 15.40 42.74
N MET J 515 44.23 15.07 41.69
CA MET J 515 44.57 13.95 40.84
C MET J 515 45.88 14.28 40.16
N SER J 516 46.85 13.39 40.27
CA SER J 516 48.19 13.66 39.79
C SER J 516 48.84 12.37 39.36
N ILE J 517 49.86 12.51 38.53
CA ILE J 517 50.68 11.38 38.13
C ILE J 517 51.74 11.19 39.20
N ASN J 518 52.12 9.94 39.46
CA ASN J 518 53.16 9.63 40.41
C ASN J 518 53.88 8.39 39.92
N VAL J 519 54.91 7.99 40.67
CA VAL J 519 55.75 6.87 40.27
C VAL J 519 54.97 5.56 40.18
N ASP J 520 53.87 5.42 40.93
CA ASP J 520 53.13 4.18 40.97
C ASP J 520 52.13 4.06 39.84
N ASN J 521 51.46 5.15 39.48
CA ASN J 521 50.31 5.10 38.58
C ASN J 521 50.61 5.46 37.13
N GLN J 522 51.85 5.87 36.80
CA GLN J 522 52.11 6.45 35.49
C GLN J 522 51.87 5.47 34.35
N PHE J 523 52.28 4.21 34.52
CA PHE J 523 52.15 3.27 33.42
C PHE J 523 50.71 2.81 33.19
N ASN J 524 49.78 3.17 34.06
CA ASN J 524 48.37 2.98 33.73
C ASN J 524 47.88 3.93 32.66
N TYR J 525 48.60 5.03 32.39
CA TYR J 525 48.11 6.10 31.53
C TYR J 525 48.67 6.09 30.11
N VAL J 526 49.54 5.14 29.75
CA VAL J 526 50.23 5.13 28.46
C VAL J 526 50.23 3.72 27.90
N PRO J 527 50.38 3.58 26.58
CA PRO J 527 50.30 2.25 26.00
C PRO J 527 51.52 1.40 26.32
N SER J 528 51.35 0.10 26.10
CA SER J 528 52.38 -0.89 26.36
C SER J 528 53.15 -1.20 25.08
N ASN J 529 54.16 -2.05 25.22
CA ASN J 529 54.95 -2.44 24.06
C ASN J 529 54.10 -3.16 23.03
N ILE J 530 53.26 -4.08 23.47
CA ILE J 530 52.44 -4.89 22.57
C ILE J 530 51.15 -4.18 22.18
N GLY J 531 51.04 -2.90 22.49
CA GLY J 531 49.95 -2.10 21.97
C GLY J 531 48.70 -2.09 22.80
N GLY J 532 48.78 -2.48 24.08
CA GLY J 532 47.63 -2.43 24.95
C GLY J 532 47.44 -1.07 25.57
N MET J 533 46.26 -0.85 26.13
CA MET J 533 45.95 0.34 26.89
C MET J 533 44.99 -0.04 28.00
N LYS J 534 44.97 0.78 29.05
CA LYS J 534 43.98 0.66 30.11
C LYS J 534 43.46 2.05 30.44
N ILE J 535 42.33 2.07 31.14
CA ILE J 535 41.77 3.29 31.71
C ILE J 535 41.53 2.98 33.17
N VAL J 536 42.51 3.29 34.02
CA VAL J 536 42.32 3.14 35.46
C VAL J 536 41.27 4.13 35.92
N TYR J 537 40.47 3.72 36.90
CA TYR J 537 39.43 4.59 37.42
C TYR J 537 40.05 5.81 38.08
N GLU J 538 39.23 6.82 38.31
CA GLU J 538 39.66 8.00 39.03
C GLU J 538 38.52 8.60 39.82
N LYS J 539 38.86 9.34 40.87
CA LYS J 539 37.90 9.95 41.76
C LYS J 539 37.44 11.28 41.18
N SER J 540 36.33 11.80 41.72
CA SER J 540 35.67 12.95 41.11
C SER J 540 35.07 13.94 42.09
N GLN J 541 35.34 13.83 43.39
CA GLN J 541 34.87 14.79 44.39
C GLN J 541 36.02 15.10 45.33
N LEU J 542 37.16 15.47 44.76
CA LEU J 542 38.39 15.60 45.52
C LEU J 542 38.33 16.74 46.54
N ALA J 543 37.83 17.90 46.14
CA ALA J 543 37.99 19.08 46.97
C ALA J 543 37.03 19.05 48.17
N PRO J 544 37.40 19.63 49.31
CA PRO J 544 36.46 19.70 50.44
C PRO J 544 35.47 20.86 50.31
N ARG J 545 34.46 20.82 51.18
CA ARG J 545 33.36 21.79 51.16
C ARG J 545 32.75 21.90 52.55
N LYS J 546 32.46 23.14 52.99
CA LYS J 546 31.80 23.33 54.28
C LYS J 546 30.31 22.99 54.16
N LEU J 547 29.83 22.14 55.06
CA LEU J 547 28.43 21.77 55.06
C LEU J 547 27.57 22.82 55.76
N TYR J 548 28.06 23.35 56.87
CA TYR J 548 27.31 24.34 57.64
C TYR J 548 27.13 25.63 56.86
#